data_9MI3
#
_entry.id   9MI3
#
_cell.length_a   1.00
_cell.length_b   1.00
_cell.length_c   1.00
_cell.angle_alpha   90.00
_cell.angle_beta   90.00
_cell.angle_gamma   90.00
#
_symmetry.space_group_name_H-M   'P 1'
#
loop_
_entity.id
_entity.type
_entity.pdbx_description
1 polymer 'Spike glycoprotein'
2 polymer 'WRAIR-2008 antibody Fab heavy chain'
3 polymer 'WRAIR-2008 antibody Fab light chain'
4 non-polymer 2-acetamido-2-deoxy-beta-D-glucopyranose
#
loop_
_entity_poly.entity_id
_entity_poly.type
_entity_poly.pdbx_seq_one_letter_code
_entity_poly.pdbx_strand_id
1 'polypeptide(L)'
;QCVNLTTRTQLPPAYTNSFTRGVYYPDKVFRSSVLHSTQDLFLPFFSNVTWFHAIHVSGTNGTKRFDNPVLPFNDGVYFA
STEKSNIIRGWIFGTTLDSKTQSLLIVNNATNVVIKVCEFQFCNDPFLGVYYHKNNKSWMESEFRVYSSANNCTFEYVSQ
PFLMDLEGKQGNFKNLREFVFKNIDGYFKIYSKHTPINLVRDLPQGFSALEPLVDLPIGINITRFQTLLALHRSYLTPGD
SSSGWTAGAAAYYVGYLQPRTFLLKYNENGTITDAVDCALDPLSETKCTLKSFTVEKGIYQTSNFRVQPTESIVRFPNIT
NLCPFGEVFNATRFASVYAWNRKRISNCVADYSVLYNSASFSTFKCYGVSPTKLNDLCFTNVYADSFVIRGDEVRQIAPG
QTGKIADYNYKLPDDFTGCVIAWNSNNLDSKVGGNYNYLYRLFRKSNLKPFERDISTEIYQAGSTPCNGVEGFNCYFPLQ
SYGFQPTNGVGYQPYRVVVLSFELLHAPATVCGPKKSTNLVKNKCVNFNFNGLTGTGVLTESNKKFLPFQQFGRDIADTT
DAVRDPQTLEILDITPCSFGGVSVITPGTNTSNQVAVLYQDVNCTEVPVAIHADQLTPTWRVYSTGSNVFQTRAGCLIGA
EHVNNSYECDIPIGAGICASYQTQTNSPGSASSVASQSIIAYTMSLGAENSVAYSNNSIAIPTNFTISVTTEILPVSMTK
TSVDCTMYICGDSTECSNLLLQYGSFCTQLNRALTGIAVEQDKNTQEVFAQVKQIYKTPPIKDFGGFNFSQILPDPSKPS
KRSPIEDLLFNKVTLADAGFIKQYGDCLGDIAARDLICAQKFNGLTVLPPLLTDEMIAQYTSALLAGTITSGWTFGAGPA
LQIPFPMQMAYRFNGIGVTQNVLYENQKLIANQFNSAIGKIQDSLSSTPSALGKLQDVVNQNAQALNTLVKQLSSNFGAI
SSVLNDILSRLDPPEAEVQIDRLITGRLQSLQTYVTQQLIRAAEIRASANLAATKMSECVLGQSKRVDFCGKGYHLMSFP
QSAPHGVVFLHVTYVPAQEKNFTTAPAICHDGKAHFPREGVFVSNGTHWFVTQRNFYEPQIITTDNTFVSGNCDVVIGIV
NNTVYDPLQPELDSFKEELDKYFKNHTSPDVDLGDISGINASVVNIQKEIDRLNEVAKNLNESLIDLQELGKYEQGSGYI
PEAPRDGQAYVRKDGEWVLLSTFLGLEVLFQGPSAWSHPQFEKGGGSGGGSGGSAWSHPQFEKGSHHHHHHHH
;
A,C,K
2 'polypeptide(L)'
;QVRVVQSGAEVKNPGASVKVSCKVSGYTLTELSIHWVRQAPGNGLEWMGGFDPEDGETIYAQKFQGRVTMTEDTSTDTAY
MELSSLRSDDTAVYYCATAGAITGTPRNFYYYYGMDVWGQGTTVTVSSASTKGPSVFPLAPSSKSTSGGTAALGCLVKDY
FPEPVTVSWNSGALTSGVHTFPAVLQSSGLYSLSSVVTVPSSSLGTQTYICNVNHKPSNTKVDKKVEPKSCDK
;
B,E,H
3 'polypeptide(L)'
;DIVMTQTPLSSPVTLGQPASISCRSSQSLVHSDGNTYLSWLQQRPGQPPRLLIYKISNRFSGVPDRFSGSGAGTDFTLKI
SRVEAEDVGVYYCMQVTQFPYTFGQGTKLEIKRTVAAPSVFIFPPSDEQLKSGTASVVCLLNNFYPREAKVQWKVDNALQ
SGNSQESVTEQDSKDSTYSLSSTLTLSKADYEKHKVYACEVTHQGLSSPVTKSFNRGEC
;
D,F,L
#
# COMPACT_ATOMS: atom_id res chain seq x y z
N GLN A 1 60.77 -31.62 19.94
CA GLN A 1 61.22 -31.06 21.25
C GLN A 1 61.22 -29.53 21.18
N CYS A 2 60.38 -28.90 22.00
CA CYS A 2 60.24 -27.45 21.96
C CYS A 2 61.49 -26.80 22.53
N VAL A 3 62.30 -26.20 21.66
CA VAL A 3 63.51 -25.50 22.05
C VAL A 3 63.30 -24.01 21.81
N ASN A 4 63.56 -23.20 22.82
CA ASN A 4 63.32 -21.77 22.77
C ASN A 4 64.63 -21.04 22.52
N LEU A 5 64.64 -20.18 21.49
CA LEU A 5 65.82 -19.40 21.14
C LEU A 5 65.48 -17.95 20.77
N THR A 6 64.20 -17.59 20.75
CA THR A 6 63.81 -16.24 20.34
C THR A 6 64.23 -15.23 21.40
N THR A 7 64.57 -14.02 20.94
CA THR A 7 64.99 -12.95 21.83
C THR A 7 63.76 -12.33 22.49
N ARG A 8 63.96 -11.26 23.27
CA ARG A 8 62.91 -10.64 24.04
C ARG A 8 62.96 -9.13 23.90
N THR A 9 63.10 -8.63 22.68
CA THR A 9 63.09 -7.20 22.41
C THR A 9 62.14 -6.90 21.26
N GLN A 10 61.41 -5.81 21.39
CA GLN A 10 60.44 -5.42 20.37
C GLN A 10 61.15 -4.79 19.17
N LEU A 11 60.40 -4.61 18.09
CA LEU A 11 60.88 -4.02 16.85
C LEU A 11 60.38 -2.59 16.72
N PRO A 12 61.16 -1.66 16.17
CA PRO A 12 60.66 -0.30 15.95
C PRO A 12 59.51 -0.32 14.96
N PRO A 13 58.30 0.07 15.38
CA PRO A 13 57.14 -0.07 14.48
C PRO A 13 57.34 0.67 13.17
N ALA A 14 56.86 0.05 12.10
CA ALA A 14 56.90 0.64 10.77
C ALA A 14 55.51 0.59 10.16
N TYR A 15 55.25 1.51 9.24
CA TYR A 15 53.94 1.64 8.63
C TYR A 15 54.12 1.92 7.13
N THR A 16 53.03 1.76 6.39
CA THR A 16 53.01 2.10 4.98
C THR A 16 51.58 2.03 4.48
N ASN A 17 51.21 2.96 3.60
CA ASN A 17 49.85 3.02 3.09
C ASN A 17 49.54 1.79 2.25
N SER A 18 48.30 1.30 2.38
CA SER A 18 47.91 0.08 1.68
C SER A 18 47.84 0.30 0.17
N PHE A 19 47.35 1.46 -0.26
CA PHE A 19 47.18 1.76 -1.69
C PHE A 19 46.15 0.86 -2.33
N THR A 20 44.97 0.79 -1.73
CA THR A 20 43.77 0.14 -2.29
C THR A 20 43.78 -1.38 -2.15
N ARG A 21 44.70 -1.97 -1.40
CA ARG A 21 44.74 -3.42 -1.27
C ARG A 21 43.58 -3.91 -0.43
N GLY A 22 43.11 -5.12 -0.75
CA GLY A 22 42.13 -5.80 0.10
C GLY A 22 40.72 -5.87 -0.43
N VAL A 23 40.56 -6.14 -1.73
CA VAL A 23 39.26 -6.31 -2.36
C VAL A 23 39.19 -7.71 -2.95
N TYR A 24 38.10 -8.43 -2.68
CA TYR A 24 37.98 -9.84 -3.06
C TYR A 24 36.61 -10.11 -3.65
N TYR A 25 36.49 -11.26 -4.31
CA TYR A 25 35.27 -11.61 -5.02
C TYR A 25 34.20 -12.09 -4.05
N PRO A 26 33.06 -11.41 -3.94
CA PRO A 26 31.92 -11.99 -3.22
C PRO A 26 30.95 -12.71 -4.14
N ASP A 27 30.56 -13.92 -3.74
CA ASP A 27 29.43 -14.63 -4.33
C ASP A 27 29.65 -15.06 -5.77
N LYS A 28 28.57 -15.12 -6.55
CA LYS A 28 28.54 -15.74 -7.87
C LYS A 28 28.82 -14.69 -8.95
N VAL A 29 28.55 -15.03 -10.20
CA VAL A 29 28.99 -14.22 -11.33
C VAL A 29 28.23 -12.89 -11.39
N PHE A 30 28.90 -11.87 -11.92
CA PHE A 30 28.27 -10.62 -12.32
C PHE A 30 29.07 -10.10 -13.51
N ARG A 31 28.57 -10.36 -14.72
CA ARG A 31 29.26 -9.96 -15.94
C ARG A 31 28.71 -8.67 -16.51
N SER A 32 27.85 -7.96 -15.76
CA SER A 32 27.21 -6.77 -16.29
C SER A 32 28.21 -5.74 -16.78
N SER A 33 29.43 -5.78 -16.26
CA SER A 33 30.42 -4.74 -16.49
C SER A 33 29.98 -3.40 -15.90
N VAL A 34 29.00 -3.46 -15.00
CA VAL A 34 28.43 -2.27 -14.37
C VAL A 34 28.56 -2.42 -12.87
N LEU A 35 28.58 -1.26 -12.19
CA LEU A 35 28.75 -1.24 -10.75
C LEU A 35 27.76 -2.18 -10.06
N HIS A 36 28.14 -2.62 -8.86
CA HIS A 36 27.25 -3.41 -8.00
C HIS A 36 27.65 -3.13 -6.55
N SER A 37 26.88 -2.29 -5.88
CA SER A 37 27.17 -1.94 -4.49
C SER A 37 27.02 -3.15 -3.59
N THR A 38 27.93 -3.28 -2.63
CA THR A 38 27.90 -4.37 -1.67
C THR A 38 28.21 -3.83 -0.28
N GLN A 39 27.68 -4.50 0.74
CA GLN A 39 27.88 -4.12 2.13
C GLN A 39 28.62 -5.26 2.81
N ASP A 40 29.95 -5.24 2.71
CA ASP A 40 30.79 -6.26 3.29
C ASP A 40 32.06 -5.61 3.79
N LEU A 41 32.76 -6.29 4.70
CA LEU A 41 33.91 -5.73 5.38
C LEU A 41 35.19 -6.06 4.62
N PHE A 42 36.02 -5.04 4.39
CA PHE A 42 37.26 -5.16 3.67
C PHE A 42 38.32 -4.35 4.41
N LEU A 43 39.44 -4.10 3.74
CA LEU A 43 40.50 -3.26 4.27
C LEU A 43 40.38 -1.87 3.66
N PRO A 44 40.06 -0.83 4.43
CA PRO A 44 39.88 0.49 3.82
C PRO A 44 41.12 0.96 3.09
N PHE A 45 40.90 1.66 1.98
CA PHE A 45 42.00 2.12 1.15
C PHE A 45 42.81 3.19 1.89
N PHE A 46 44.10 3.24 1.60
CA PHE A 46 44.98 4.26 2.16
C PHE A 46 44.98 4.24 3.68
N SER A 47 44.80 3.06 4.27
CA SER A 47 44.95 2.86 5.70
C SER A 47 46.28 2.17 5.94
N ASN A 48 47.14 2.80 6.73
CA ASN A 48 48.50 2.28 6.92
C ASN A 48 48.46 0.91 7.59
N VAL A 49 49.40 0.06 7.20
CA VAL A 49 49.50 -1.30 7.71
C VAL A 49 50.88 -1.48 8.33
N THR A 50 50.94 -2.18 9.45
CA THR A 50 52.22 -2.40 10.14
C THR A 50 53.15 -3.19 9.23
N TRP A 51 54.34 -3.51 9.72
CA TRP A 51 55.34 -4.22 8.92
C TRP A 51 56.24 -4.98 9.89
N PHE A 52 55.91 -6.24 10.16
CA PHE A 52 56.66 -7.03 11.11
C PHE A 52 57.78 -7.79 10.41
N HIS A 53 58.91 -7.90 11.10
CA HIS A 53 60.00 -8.77 10.67
C HIS A 53 59.97 -10.04 11.52
N ALA A 54 59.77 -11.18 10.86
CA ALA A 54 59.81 -12.45 11.58
C ALA A 54 61.17 -12.66 12.23
N ILE A 55 62.24 -12.40 11.50
CA ILE A 55 63.60 -12.43 12.01
C ILE A 55 64.13 -11.01 11.87
N HIS A 56 64.05 -10.23 12.94
CA HIS A 56 64.37 -8.81 12.88
C HIS A 56 65.72 -8.58 12.24
N VAL A 57 65.71 -7.88 11.10
CA VAL A 57 66.93 -7.62 10.34
C VAL A 57 67.53 -6.33 10.89
N SER A 58 68.51 -6.49 11.78
CA SER A 58 69.26 -5.37 12.34
C SER A 58 70.74 -5.71 12.33
N GLY A 59 71.57 -4.72 12.01
CA GLY A 59 73.00 -4.95 11.99
C GLY A 59 73.43 -5.86 10.85
N THR A 60 74.53 -6.58 11.07
CA THR A 60 75.09 -7.43 10.03
C THR A 60 74.11 -8.52 9.62
N ASN A 61 73.42 -9.14 10.58
CA ASN A 61 72.47 -10.20 10.29
C ASN A 61 71.23 -10.01 11.17
N GLY A 62 70.10 -10.46 10.64
CA GLY A 62 68.86 -10.46 11.41
C GLY A 62 68.66 -11.67 12.27
N THR A 63 69.45 -12.72 12.07
CA THR A 63 69.27 -13.96 12.82
C THR A 63 69.50 -13.76 14.31
N LYS A 64 70.15 -12.67 14.72
CA LYS A 64 70.43 -12.43 16.12
C LYS A 64 69.26 -11.81 16.87
N ARG A 65 68.16 -11.51 16.19
CA ARG A 65 67.02 -10.82 16.79
C ARG A 65 65.71 -11.48 16.36
N PHE A 66 65.63 -12.81 16.51
CA PHE A 66 64.38 -13.52 16.21
C PHE A 66 63.22 -12.89 16.99
N ASP A 67 62.13 -12.60 16.29
CA ASP A 67 61.00 -11.93 16.94
C ASP A 67 59.75 -12.13 16.09
N ASN A 68 58.74 -12.78 16.65
CA ASN A 68 57.45 -13.00 16.00
C ASN A 68 56.34 -12.69 17.00
N PRO A 69 56.00 -11.42 17.19
CA PRO A 69 55.00 -11.06 18.19
C PRO A 69 53.65 -11.68 17.89
N VAL A 70 52.89 -11.93 18.96
CA VAL A 70 51.53 -12.43 18.84
C VAL A 70 50.61 -11.25 18.55
N LEU A 71 49.93 -11.30 17.41
CA LEU A 71 49.10 -10.17 17.01
C LEU A 71 47.62 -10.46 17.25
N PRO A 72 46.82 -9.47 17.65
CA PRO A 72 45.38 -9.69 17.75
C PRO A 72 44.78 -9.89 16.35
N PHE A 73 43.73 -10.71 16.29
CA PHE A 73 43.08 -10.99 15.02
C PHE A 73 41.94 -10.01 14.72
N ASN A 74 41.12 -9.70 15.73
CA ASN A 74 40.03 -8.75 15.55
C ASN A 74 38.98 -9.32 14.61
N ASP A 75 38.27 -8.44 13.88
CA ASP A 75 37.23 -8.92 12.97
C ASP A 75 37.81 -9.81 11.88
N GLY A 76 38.83 -9.32 11.18
CA GLY A 76 39.46 -10.07 10.11
C GLY A 76 40.86 -9.56 9.91
N VAL A 77 41.61 -10.28 9.07
CA VAL A 77 43.01 -9.98 8.85
C VAL A 77 43.32 -9.97 7.36
N TYR A 78 44.10 -8.99 6.94
CA TYR A 78 44.74 -8.98 5.63
C TYR A 78 46.22 -9.23 5.86
N PHE A 79 46.70 -10.39 5.42
CA PHE A 79 48.07 -10.83 5.61
C PHE A 79 48.78 -10.81 4.28
N ALA A 80 49.84 -10.01 4.18
CA ALA A 80 50.61 -9.89 2.95
C ALA A 80 52.05 -10.29 3.20
N SER A 81 52.63 -11.02 2.26
CA SER A 81 53.98 -11.54 2.43
C SER A 81 54.70 -11.56 1.09
N THR A 82 56.04 -11.50 1.18
CA THR A 82 56.88 -11.58 -0.01
C THR A 82 58.13 -12.42 0.21
N GLU A 83 58.15 -13.23 1.27
CA GLU A 83 59.33 -14.02 1.59
C GLU A 83 59.69 -14.96 0.44
N LYS A 84 60.97 -14.99 0.09
CA LYS A 84 61.44 -15.93 -0.92
C LYS A 84 61.23 -17.37 -0.47
N SER A 85 61.89 -17.76 0.62
CA SER A 85 61.74 -19.10 1.18
C SER A 85 60.58 -19.12 2.15
N ASN A 86 59.88 -20.25 2.19
CA ASN A 86 58.65 -20.38 2.96
C ASN A 86 58.99 -20.66 4.43
N ILE A 87 59.60 -19.65 5.07
CA ILE A 87 59.77 -19.70 6.51
C ILE A 87 58.42 -19.65 7.21
N ILE A 88 57.54 -18.78 6.74
CA ILE A 88 56.18 -18.67 7.26
C ILE A 88 55.32 -19.63 6.44
N ARG A 89 54.96 -20.76 7.04
CA ARG A 89 54.16 -21.78 6.37
C ARG A 89 53.05 -22.29 7.28
N GLY A 90 52.59 -21.50 8.23
CA GLY A 90 51.56 -21.93 9.16
C GLY A 90 50.77 -20.75 9.70
N TRP A 91 49.73 -21.08 10.45
CA TRP A 91 48.88 -20.08 11.06
C TRP A 91 48.20 -20.68 12.29
N ILE A 92 47.92 -19.82 13.26
CA ILE A 92 47.26 -20.21 14.50
C ILE A 92 46.15 -19.20 14.78
N PHE A 93 45.00 -19.69 15.24
CA PHE A 93 43.88 -18.83 15.58
C PHE A 93 43.29 -19.30 16.90
N GLY A 94 42.77 -18.34 17.66
CA GLY A 94 42.15 -18.65 18.93
C GLY A 94 41.90 -17.40 19.73
N THR A 95 41.17 -17.58 20.83
CA THR A 95 40.86 -16.47 21.71
C THR A 95 41.90 -16.32 22.82
N THR A 96 42.42 -17.43 23.32
CA THR A 96 43.47 -17.42 24.34
C THR A 96 44.70 -18.24 23.97
N LEU A 97 44.57 -19.28 23.15
CA LEU A 97 45.70 -20.07 22.70
C LEU A 97 46.47 -20.70 23.85
N ASP A 98 45.75 -21.11 24.90
CA ASP A 98 46.39 -21.77 26.05
C ASP A 98 45.50 -22.93 26.50
N SER A 99 45.68 -24.09 25.88
CA SER A 99 45.09 -25.35 26.33
C SER A 99 43.60 -25.18 26.67
N LYS A 100 42.92 -24.26 26.00
CA LYS A 100 41.52 -23.99 26.29
C LYS A 100 40.86 -23.42 25.05
N THR A 101 39.53 -23.53 25.02
CA THR A 101 38.66 -22.91 24.02
C THR A 101 38.81 -23.50 22.63
N GLN A 102 39.46 -24.66 22.50
CA GLN A 102 39.52 -25.39 21.22
C GLN A 102 40.14 -24.52 20.13
N SER A 103 41.42 -24.20 20.32
CA SER A 103 42.13 -23.37 19.36
C SER A 103 42.24 -24.07 18.01
N LEU A 104 42.54 -23.28 16.97
CA LEU A 104 42.59 -23.74 15.60
C LEU A 104 44.01 -23.61 15.05
N LEU A 105 44.45 -24.63 14.32
CA LEU A 105 45.79 -24.65 13.73
C LEU A 105 45.70 -24.95 12.25
N ILE A 106 46.57 -24.31 11.47
CA ILE A 106 46.66 -24.54 10.04
C ILE A 106 48.12 -24.68 9.67
N VAL A 107 48.45 -25.73 8.91
CA VAL A 107 49.83 -26.01 8.54
C VAL A 107 49.89 -26.30 7.06
N ASN A 108 50.99 -25.87 6.44
CA ASN A 108 51.22 -26.05 5.00
C ASN A 108 52.39 -26.99 4.81
N ASN A 109 52.18 -28.04 4.03
CA ASN A 109 53.23 -28.99 3.66
C ASN A 109 53.86 -28.55 2.33
N ALA A 110 55.01 -29.14 2.03
CA ALA A 110 55.67 -28.87 0.76
C ALA A 110 54.78 -29.25 -0.43
N THR A 111 53.80 -30.13 -0.23
CA THR A 111 52.90 -30.52 -1.31
C THR A 111 51.46 -30.69 -0.85
N ASN A 112 51.09 -30.20 0.34
CA ASN A 112 49.76 -30.43 0.88
C ASN A 112 49.43 -29.31 1.86
N VAL A 113 48.31 -29.46 2.56
CA VAL A 113 47.87 -28.53 3.58
C VAL A 113 46.92 -29.26 4.52
N VAL A 114 47.07 -29.00 5.82
CA VAL A 114 46.27 -29.67 6.85
C VAL A 114 45.74 -28.62 7.83
N ILE A 115 44.43 -28.64 8.05
CA ILE A 115 43.78 -27.77 9.02
C ILE A 115 43.20 -28.65 10.12
N LYS A 116 43.33 -28.21 11.37
CA LYS A 116 42.92 -29.04 12.48
C LYS A 116 42.46 -28.16 13.64
N VAL A 117 41.60 -28.74 14.48
CA VAL A 117 41.14 -28.08 15.70
C VAL A 117 41.16 -29.08 16.84
N CYS A 118 42.22 -29.05 17.65
CA CYS A 118 42.45 -30.07 18.67
C CYS A 118 42.62 -29.48 20.07
N GLU A 119 42.22 -28.23 20.28
CA GLU A 119 42.41 -27.57 21.57
C GLU A 119 43.87 -27.70 22.02
N PHE A 120 44.75 -27.11 21.22
CA PHE A 120 46.19 -27.34 21.35
C PHE A 120 46.72 -26.74 22.63
N GLN A 121 47.71 -27.42 23.22
CA GLN A 121 48.46 -26.90 24.36
C GLN A 121 49.76 -26.31 23.81
N PHE A 122 49.65 -25.05 23.36
CA PHE A 122 50.77 -24.42 22.66
C PHE A 122 51.99 -24.29 23.55
N CYS A 123 53.15 -24.63 23.00
CA CYS A 123 54.41 -24.28 23.64
C CYS A 123 54.62 -22.78 23.55
N ASN A 124 55.41 -22.24 24.48
CA ASN A 124 55.60 -20.80 24.54
C ASN A 124 56.17 -20.26 23.24
N ASP A 125 56.87 -21.09 22.48
CA ASP A 125 57.45 -20.68 21.20
C ASP A 125 56.74 -21.40 20.07
N PRO A 126 55.99 -20.71 19.20
CA PRO A 126 55.32 -21.39 18.09
C PRO A 126 56.23 -21.64 16.90
N PHE A 127 56.99 -22.73 16.93
CA PHE A 127 57.87 -23.11 15.84
C PHE A 127 57.57 -24.55 15.44
N LEU A 128 58.13 -24.96 14.30
CA LEU A 128 57.92 -26.30 13.77
C LEU A 128 59.23 -27.09 13.73
N GLY A 129 60.24 -26.61 13.01
CA GLY A 129 61.52 -27.28 12.95
C GLY A 129 61.61 -28.22 11.76
N VAL A 130 62.84 -28.38 11.26
CA VAL A 130 63.12 -29.24 10.11
C VAL A 130 64.44 -29.96 10.36
N TYR A 131 64.53 -31.21 9.91
CA TYR A 131 65.68 -32.06 10.16
C TYR A 131 66.09 -32.78 8.88
N TYR A 132 67.28 -33.38 8.94
CA TYR A 132 67.76 -34.28 7.90
C TYR A 132 67.45 -35.71 8.30
N HIS A 133 67.15 -36.55 7.31
CA HIS A 133 66.57 -37.86 7.59
C HIS A 133 67.47 -39.00 7.11
N LYS A 134 68.76 -38.92 7.42
CA LYS A 134 69.68 -40.06 7.30
C LYS A 134 69.82 -40.44 5.83
N ASN A 135 69.63 -41.71 5.47
CA ASN A 135 70.02 -42.18 4.15
C ASN A 135 69.06 -41.70 3.07
N ASN A 136 69.63 -41.27 1.94
CA ASN A 136 68.89 -40.93 0.73
C ASN A 136 67.61 -40.18 1.03
N LYS A 137 67.65 -39.25 1.99
CA LYS A 137 66.50 -38.45 2.35
C LYS A 137 66.98 -37.04 2.68
N SER A 138 66.32 -36.04 2.11
CA SER A 138 66.73 -34.66 2.26
C SER A 138 66.04 -34.04 3.47
N TRP A 139 66.12 -32.72 3.59
CA TRP A 139 65.52 -32.03 4.73
C TRP A 139 64.03 -32.35 4.82
N MET A 140 63.58 -32.65 6.04
CA MET A 140 62.17 -32.87 6.32
C MET A 140 62.02 -33.01 7.83
N GLU A 141 60.92 -32.46 8.35
CA GLU A 141 60.68 -32.46 9.78
C GLU A 141 60.31 -33.87 10.24
N SER A 142 60.93 -34.33 11.32
CA SER A 142 60.54 -35.60 11.90
C SER A 142 59.21 -35.49 12.65
N GLU A 143 59.01 -34.39 13.37
CA GLU A 143 57.79 -34.18 14.12
C GLU A 143 57.50 -32.69 14.23
N PHE A 144 56.22 -32.34 14.15
CA PHE A 144 55.82 -30.97 14.43
C PHE A 144 55.99 -30.67 15.91
N ARG A 145 56.37 -29.43 16.22
CA ARG A 145 56.50 -29.00 17.60
C ARG A 145 55.90 -27.62 17.78
N VAL A 146 54.79 -27.35 17.11
CA VAL A 146 54.09 -26.09 17.31
C VAL A 146 53.48 -26.03 18.71
N TYR A 147 52.97 -27.15 19.19
CA TYR A 147 52.24 -27.19 20.45
C TYR A 147 52.64 -28.41 21.25
N SER A 148 52.36 -28.37 22.55
CA SER A 148 52.71 -29.48 23.42
C SER A 148 51.97 -30.75 23.02
N SER A 149 50.67 -30.64 22.74
CA SER A 149 49.89 -31.82 22.39
C SER A 149 48.55 -31.39 21.82
N ALA A 150 47.95 -32.29 21.03
CA ALA A 150 46.64 -32.09 20.43
C ALA A 150 45.60 -32.88 21.22
N ASN A 151 44.41 -32.30 21.35
CA ASN A 151 43.36 -32.87 22.19
C ASN A 151 42.07 -33.04 21.40
N ASN A 152 41.85 -34.26 20.90
CA ASN A 152 40.61 -34.78 20.32
C ASN A 152 40.36 -34.26 18.90
N CYS A 153 41.07 -33.23 18.43
CA CYS A 153 40.97 -32.78 17.04
C CYS A 153 39.54 -32.80 16.53
N THR A 154 38.67 -31.97 17.11
CA THR A 154 37.26 -31.97 16.73
C THR A 154 37.08 -31.90 15.22
N PHE A 155 37.79 -30.97 14.57
CA PHE A 155 37.73 -30.81 13.12
C PHE A 155 39.06 -31.18 12.50
N GLU A 156 39.00 -31.93 11.40
CA GLU A 156 40.17 -32.35 10.63
C GLU A 156 39.93 -32.01 9.17
N TYR A 157 41.01 -31.72 8.45
CA TYR A 157 40.88 -31.50 7.01
C TYR A 157 42.26 -31.53 6.38
N VAL A 158 42.33 -32.13 5.19
CA VAL A 158 43.56 -32.17 4.40
C VAL A 158 43.21 -31.89 2.94
N SER A 159 44.11 -31.23 2.24
CA SER A 159 43.89 -30.88 0.84
C SER A 159 45.20 -30.44 0.22
N GLN A 160 45.13 -29.92 -1.00
CA GLN A 160 46.31 -29.42 -1.69
C GLN A 160 46.81 -28.14 -1.03
N PRO A 161 48.10 -27.82 -1.19
CA PRO A 161 48.65 -26.66 -0.48
C PRO A 161 48.01 -25.35 -0.92
N PHE A 162 47.83 -24.45 0.03
CA PHE A 162 47.34 -23.12 -0.30
C PHE A 162 48.42 -22.30 -0.99
N LEU A 163 49.64 -22.34 -0.48
CA LEU A 163 50.73 -21.54 -1.01
C LEU A 163 51.33 -22.23 -2.22
N MET A 164 51.61 -21.46 -3.27
CA MET A 164 52.18 -21.99 -4.51
C MET A 164 53.57 -21.40 -4.71
N ASP A 165 54.51 -22.25 -5.11
CA ASP A 165 55.88 -21.85 -5.36
C ASP A 165 56.41 -22.34 -6.71
N LEU A 166 55.56 -22.97 -7.53
CA LEU A 166 56.02 -23.46 -8.82
C LEU A 166 56.48 -22.32 -9.73
N GLU A 167 55.96 -21.12 -9.51
CA GLU A 167 56.34 -19.98 -10.35
C GLU A 167 57.85 -19.77 -10.30
N GLY A 168 58.42 -19.51 -11.47
CA GLY A 168 59.85 -19.26 -11.56
C GLY A 168 60.21 -17.82 -11.29
N LYS A 169 60.72 -17.56 -10.09
CA LYS A 169 61.09 -16.19 -9.71
C LYS A 169 62.51 -15.87 -10.14
N GLN A 170 62.71 -14.67 -10.66
CA GLN A 170 64.00 -14.18 -11.11
C GLN A 170 64.45 -13.05 -10.19
N GLY A 171 65.57 -12.42 -10.55
CA GLY A 171 66.08 -11.30 -9.78
C GLY A 171 65.21 -10.06 -9.85
N ASN A 172 64.27 -10.01 -10.78
CA ASN A 172 63.37 -8.87 -10.93
C ASN A 172 62.01 -9.12 -10.29
N PHE A 173 61.36 -10.23 -10.62
CA PHE A 173 60.02 -10.53 -10.14
C PHE A 173 60.11 -11.42 -8.91
N LYS A 174 59.43 -11.00 -7.84
CA LYS A 174 59.31 -11.78 -6.62
C LYS A 174 57.83 -11.97 -6.31
N ASN A 175 57.45 -13.17 -5.90
CA ASN A 175 56.05 -13.43 -5.65
C ASN A 175 55.56 -12.66 -4.42
N LEU A 176 54.29 -12.24 -4.48
CA LEU A 176 53.61 -11.58 -3.37
C LEU A 176 52.33 -12.36 -3.10
N ARG A 177 52.15 -12.75 -1.83
CA ARG A 177 50.96 -13.48 -1.42
C ARG A 177 50.10 -12.55 -0.58
N GLU A 178 48.80 -12.54 -0.86
CA GLU A 178 47.82 -11.82 -0.07
C GLU A 178 46.74 -12.80 0.38
N PHE A 179 46.35 -12.68 1.64
CA PHE A 179 45.30 -13.52 2.20
C PHE A 179 44.36 -12.67 3.02
N VAL A 180 43.06 -12.94 2.90
CA VAL A 180 42.05 -12.32 3.73
C VAL A 180 41.43 -13.44 4.56
N PHE A 181 41.64 -13.37 5.87
CA PHE A 181 41.09 -14.33 6.81
C PHE A 181 39.92 -13.69 7.54
N LYS A 182 38.75 -14.32 7.44
CA LYS A 182 37.53 -13.79 8.04
C LYS A 182 36.79 -14.92 8.75
N ASN A 183 35.99 -14.55 9.74
CA ASN A 183 35.20 -15.51 10.53
C ASN A 183 33.79 -14.97 10.66
N ILE A 184 32.89 -15.41 9.79
CA ILE A 184 31.52 -14.91 9.73
C ILE A 184 30.58 -16.08 9.93
N ASP A 185 29.62 -15.90 10.84
CA ASP A 185 28.63 -16.95 11.14
C ASP A 185 29.42 -18.14 11.68
N GLY A 186 29.23 -19.34 11.15
CA GLY A 186 30.02 -20.48 11.55
C GLY A 186 31.08 -20.84 10.53
N TYR A 187 31.38 -19.91 9.62
CA TYR A 187 32.26 -20.16 8.49
C TYR A 187 33.53 -19.33 8.62
N PHE A 188 34.68 -20.00 8.53
CA PHE A 188 35.98 -19.36 8.43
C PHE A 188 36.38 -19.34 6.97
N LYS A 189 36.60 -18.14 6.42
CA LYS A 189 36.80 -17.94 5.00
C LYS A 189 38.19 -17.39 4.74
N ILE A 190 38.85 -17.95 3.73
CA ILE A 190 40.20 -17.57 3.34
C ILE A 190 40.16 -17.21 1.86
N TYR A 191 40.44 -15.94 1.55
CA TYR A 191 40.48 -15.47 0.18
C TYR A 191 41.91 -15.11 -0.17
N SER A 192 42.52 -15.88 -1.07
CA SER A 192 43.94 -15.77 -1.34
C SER A 192 44.19 -15.30 -2.77
N LYS A 193 45.32 -14.63 -2.96
CA LYS A 193 45.75 -14.18 -4.27
C LYS A 193 47.27 -14.13 -4.31
N HIS A 194 47.86 -14.80 -5.29
CA HIS A 194 49.30 -14.83 -5.47
C HIS A 194 49.63 -14.12 -6.79
N THR A 195 50.63 -13.24 -6.75
CA THR A 195 50.96 -12.52 -7.99
C THR A 195 52.38 -12.01 -7.94
N PRO A 196 53.10 -11.98 -9.06
CA PRO A 196 54.45 -11.42 -9.05
C PRO A 196 54.42 -9.91 -8.85
N ILE A 197 55.49 -9.39 -8.24
CA ILE A 197 55.69 -7.96 -8.06
C ILE A 197 57.18 -7.68 -8.16
N ASN A 198 57.53 -6.55 -8.76
CA ASN A 198 58.93 -6.18 -8.90
C ASN A 198 59.23 -4.72 -8.62
N LEU A 199 58.23 -3.85 -8.48
CA LEU A 199 58.49 -2.42 -8.42
C LEU A 199 59.31 -2.06 -7.18
N VAL A 200 58.86 -2.48 -6.01
CA VAL A 200 59.47 -2.09 -4.74
C VAL A 200 59.19 -3.17 -3.71
N ARG A 201 59.84 -3.04 -2.54
CA ARG A 201 59.53 -3.91 -1.42
C ARG A 201 58.10 -3.72 -0.94
N ASP A 202 57.55 -2.53 -1.12
CA ASP A 202 56.20 -2.21 -0.67
C ASP A 202 55.20 -2.74 -1.68
N LEU A 203 53.93 -2.35 -1.53
CA LEU A 203 52.86 -2.83 -2.38
C LEU A 203 52.61 -1.81 -3.49
N PRO A 204 52.89 -2.12 -4.75
CA PRO A 204 52.70 -1.13 -5.81
C PRO A 204 51.23 -0.80 -6.04
N GLN A 205 51.01 0.39 -6.57
CA GLN A 205 49.65 0.83 -6.90
C GLN A 205 49.06 -0.04 -8.00
N GLY A 206 47.76 -0.26 -7.93
CA GLY A 206 47.08 -1.10 -8.89
C GLY A 206 45.80 -1.64 -8.30
N PHE A 207 45.29 -2.70 -8.94
CA PHE A 207 44.11 -3.39 -8.46
C PHE A 207 44.25 -4.89 -8.72
N SER A 208 43.63 -5.68 -7.85
CA SER A 208 43.62 -7.13 -7.99
C SER A 208 42.66 -7.69 -6.97
N ALA A 209 41.91 -8.72 -7.36
CA ALA A 209 40.86 -9.29 -6.52
C ALA A 209 41.27 -10.68 -6.05
N LEU A 210 40.93 -10.99 -4.80
CA LEU A 210 41.31 -12.25 -4.18
C LEU A 210 40.18 -13.27 -4.35
N GLU A 211 40.44 -14.33 -5.11
CA GLU A 211 39.48 -15.41 -5.24
C GLU A 211 39.43 -16.22 -3.94
N PRO A 212 38.29 -16.85 -3.66
CA PRO A 212 38.23 -17.70 -2.46
C PRO A 212 38.89 -19.04 -2.69
N LEU A 213 39.62 -19.51 -1.67
CA LEU A 213 40.24 -20.83 -1.71
C LEU A 213 39.35 -21.89 -1.08
N VAL A 214 38.99 -21.71 0.19
CA VAL A 214 38.15 -22.64 0.92
C VAL A 214 37.22 -21.86 1.83
N ASP A 215 36.21 -22.57 2.35
CA ASP A 215 35.24 -22.02 3.29
C ASP A 215 35.01 -23.11 4.34
N LEU A 216 35.81 -23.09 5.40
CA LEU A 216 35.80 -24.18 6.36
C LEU A 216 34.74 -23.94 7.41
N PRO A 217 33.81 -24.86 7.65
CA PRO A 217 32.89 -24.71 8.77
C PRO A 217 33.56 -25.07 10.09
N ILE A 218 33.93 -24.06 10.87
CA ILE A 218 34.58 -24.24 12.16
C ILE A 218 33.82 -23.42 13.19
N GLY A 219 33.36 -24.06 14.25
CA GLY A 219 32.62 -23.38 15.29
C GLY A 219 33.51 -22.87 16.40
N ILE A 220 34.43 -21.97 16.06
CA ILE A 220 35.38 -21.42 17.03
C ILE A 220 35.40 -19.91 16.90
N ASN A 221 35.76 -19.25 18.00
CA ASN A 221 35.89 -17.80 18.06
C ASN A 221 37.35 -17.43 17.98
N ILE A 222 37.67 -16.47 17.13
CA ILE A 222 39.05 -16.03 16.89
C ILE A 222 39.20 -14.60 17.36
N THR A 223 40.12 -14.37 18.29
CA THR A 223 40.46 -13.04 18.77
C THR A 223 41.91 -12.66 18.49
N ARG A 224 42.85 -13.55 18.79
CA ARG A 224 44.27 -13.30 18.56
C ARG A 224 44.85 -14.41 17.71
N PHE A 225 45.62 -14.03 16.70
CA PHE A 225 46.29 -14.97 15.81
C PHE A 225 47.78 -14.69 15.81
N GLN A 226 48.58 -15.73 15.98
CA GLN A 226 50.04 -15.62 16.02
C GLN A 226 50.58 -16.33 14.77
N THR A 227 51.08 -15.55 13.83
CA THR A 227 51.62 -16.12 12.61
C THR A 227 52.62 -17.21 12.93
N LEU A 228 52.31 -18.43 12.52
CA LEU A 228 53.15 -19.59 12.77
C LEU A 228 54.09 -19.79 11.60
N LEU A 229 55.39 -19.84 11.89
CA LEU A 229 56.41 -20.07 10.88
C LEU A 229 57.29 -21.22 11.31
N ALA A 230 57.53 -22.15 10.39
CA ALA A 230 58.36 -23.32 10.66
C ALA A 230 59.81 -22.89 10.70
N LEU A 231 60.24 -22.41 11.86
CA LEU A 231 61.61 -21.96 12.04
C LEU A 231 62.59 -23.02 11.51
N HIS A 232 63.33 -22.64 10.47
CA HIS A 232 64.25 -23.58 9.82
C HIS A 232 65.51 -23.67 10.66
N ARG A 233 65.74 -24.84 11.25
CA ARG A 233 66.91 -25.03 12.10
C ARG A 233 68.18 -25.05 11.27
N SER A 234 68.70 -23.87 10.96
CA SER A 234 69.97 -23.75 10.24
C SER A 234 71.13 -23.67 11.24
N TYR A 235 71.18 -24.68 12.10
CA TYR A 235 72.23 -24.79 13.11
C TYR A 235 73.61 -24.66 12.47
N GLY A 244 69.33 -21.91 15.74
CA GLY A 244 69.99 -21.61 14.48
C GLY A 244 69.01 -21.30 13.37
N TRP A 245 68.00 -20.50 13.69
CA TRP A 245 66.98 -20.15 12.72
C TRP A 245 67.53 -19.11 11.74
N THR A 246 66.94 -19.10 10.54
CA THR A 246 67.40 -18.19 9.49
C THR A 246 66.21 -17.81 8.63
N ALA A 247 66.35 -16.67 7.94
CA ALA A 247 65.30 -16.18 7.07
C ALA A 247 65.87 -15.07 6.20
N GLY A 248 65.50 -15.09 4.92
CA GLY A 248 65.93 -14.05 4.00
C GLY A 248 65.19 -12.76 4.22
N ALA A 249 65.40 -12.14 5.38
CA ALA A 249 64.69 -10.92 5.76
C ALA A 249 63.18 -11.12 5.67
N ALA A 250 62.72 -12.29 6.11
CA ALA A 250 61.30 -12.59 6.08
C ALA A 250 60.52 -11.53 6.86
N ALA A 251 59.48 -11.00 6.23
CA ALA A 251 58.64 -10.00 6.87
C ALA A 251 57.22 -10.16 6.35
N TYR A 252 56.26 -9.70 7.15
CA TYR A 252 54.86 -9.78 6.78
C TYR A 252 54.12 -8.54 7.25
N TYR A 253 53.10 -8.18 6.48
CA TYR A 253 52.26 -7.02 6.77
C TYR A 253 50.89 -7.49 7.21
N VAL A 254 50.39 -6.91 8.29
CA VAL A 254 49.10 -7.26 8.87
C VAL A 254 48.21 -6.02 8.86
N GLY A 255 47.03 -6.14 8.27
CA GLY A 255 46.04 -5.09 8.34
C GLY A 255 44.75 -5.62 8.90
N TYR A 256 43.99 -4.72 9.53
CA TYR A 256 42.74 -5.08 10.19
C TYR A 256 41.57 -4.54 9.37
N LEU A 257 40.63 -5.42 9.07
CA LEU A 257 39.51 -5.08 8.20
C LEU A 257 38.52 -4.17 8.91
N GLN A 258 37.78 -3.41 8.11
CA GLN A 258 36.71 -2.54 8.58
C GLN A 258 35.47 -2.80 7.74
N PRO A 259 34.29 -2.50 8.28
CA PRO A 259 33.05 -2.87 7.57
C PRO A 259 32.57 -1.84 6.55
N ARG A 260 33.44 -1.36 5.66
CA ARG A 260 32.96 -0.50 4.58
C ARG A 260 33.99 -0.41 3.46
N THR A 261 33.70 -1.06 2.33
CA THR A 261 34.25 -0.70 1.01
C THR A 261 33.24 -1.23 0.00
N PHE A 262 32.40 -0.31 -0.54
CA PHE A 262 31.11 -0.72 -1.12
C PHE A 262 31.11 -0.98 -2.63
N LEU A 263 31.37 0.04 -3.43
CA LEU A 263 31.19 -0.12 -4.87
C LEU A 263 32.21 -1.08 -5.44
N LEU A 264 31.78 -1.83 -6.45
CA LEU A 264 32.63 -2.80 -7.14
C LEU A 264 32.34 -2.73 -8.63
N LYS A 265 33.39 -2.62 -9.42
CA LYS A 265 33.29 -2.57 -10.86
C LYS A 265 33.53 -3.95 -11.45
N TYR A 266 33.08 -4.15 -12.69
CA TYR A 266 33.35 -5.38 -13.42
C TYR A 266 33.71 -5.03 -14.84
N ASN A 267 34.51 -5.88 -15.47
CA ASN A 267 34.90 -5.74 -16.86
C ASN A 267 34.19 -6.80 -17.70
N GLU A 268 34.55 -6.86 -18.99
CA GLU A 268 33.87 -7.78 -19.89
C GLU A 268 34.07 -9.22 -19.47
N ASN A 269 35.29 -9.57 -19.04
CA ASN A 269 35.57 -10.95 -18.67
C ASN A 269 34.92 -11.34 -17.36
N GLY A 270 34.65 -10.39 -16.47
CA GLY A 270 34.10 -10.68 -15.17
C GLY A 270 35.04 -10.49 -14.01
N THR A 271 36.04 -9.63 -14.12
CA THR A 271 37.01 -9.37 -13.07
C THR A 271 36.76 -7.99 -12.46
N ILE A 272 37.06 -7.87 -11.17
CA ILE A 272 36.88 -6.60 -10.46
C ILE A 272 38.09 -5.72 -10.74
N THR A 273 38.00 -4.91 -11.79
CA THR A 273 39.14 -4.10 -12.20
C THR A 273 39.34 -2.89 -11.29
N ASP A 274 38.26 -2.28 -10.81
CA ASP A 274 38.35 -1.09 -9.99
C ASP A 274 37.27 -1.12 -8.93
N ALA A 275 37.48 -0.35 -7.86
CA ALA A 275 36.52 -0.26 -6.77
C ALA A 275 36.65 1.10 -6.11
N VAL A 276 35.62 1.44 -5.33
CA VAL A 276 35.55 2.72 -4.63
C VAL A 276 35.23 2.45 -3.16
N ASP A 277 35.65 3.36 -2.30
CA ASP A 277 35.35 3.31 -0.87
C ASP A 277 34.57 4.57 -0.53
N CYS A 278 33.32 4.40 -0.10
CA CYS A 278 32.44 5.55 0.03
C CYS A 278 32.87 6.48 1.16
N ALA A 279 33.40 5.94 2.25
CA ALA A 279 33.72 6.74 3.42
C ALA A 279 35.15 7.28 3.40
N LEU A 280 35.93 7.01 2.35
CA LEU A 280 37.31 7.47 2.32
C LEU A 280 37.39 8.98 2.16
N ASP A 281 36.66 9.54 1.21
CA ASP A 281 36.80 10.94 0.83
C ASP A 281 35.43 11.45 0.40
N PRO A 282 35.15 12.75 0.57
CA PRO A 282 33.86 13.25 0.08
C PRO A 282 33.63 12.97 -1.39
N LEU A 283 34.67 13.06 -2.23
CA LEU A 283 34.51 12.74 -3.64
C LEU A 283 34.09 11.28 -3.81
N SER A 284 34.70 10.37 -3.05
CA SER A 284 34.33 8.97 -3.16
C SER A 284 32.88 8.74 -2.74
N GLU A 285 32.43 9.42 -1.69
CA GLU A 285 31.03 9.29 -1.28
C GLU A 285 30.09 9.83 -2.35
N THR A 286 30.47 10.95 -3.00
CA THR A 286 29.68 11.44 -4.12
C THR A 286 29.61 10.41 -5.23
N LYS A 287 30.74 9.77 -5.54
CA LYS A 287 30.74 8.74 -6.57
C LYS A 287 29.82 7.58 -6.21
N CYS A 288 29.82 7.20 -4.94
CA CYS A 288 28.92 6.13 -4.50
C CYS A 288 27.46 6.56 -4.66
N THR A 289 27.13 7.80 -4.29
CA THR A 289 25.73 8.23 -4.31
C THR A 289 25.16 8.21 -5.73
N LEU A 290 25.93 8.68 -6.71
CA LEU A 290 25.47 8.66 -8.09
C LEU A 290 25.53 7.28 -8.71
N LYS A 291 26.17 6.31 -8.05
CA LYS A 291 26.39 4.98 -8.63
C LYS A 291 27.17 5.07 -9.93
N SER A 292 28.09 6.03 -10.03
CA SER A 292 28.92 6.21 -11.20
C SER A 292 30.32 6.60 -10.79
N PHE A 293 31.30 6.18 -11.59
CA PHE A 293 32.70 6.48 -11.29
C PHE A 293 33.06 7.90 -11.66
N THR A 294 32.48 8.45 -12.72
CA THR A 294 32.80 9.79 -13.20
C THR A 294 31.70 10.75 -12.76
N VAL A 295 32.10 11.89 -12.22
CA VAL A 295 31.18 12.90 -11.71
C VAL A 295 31.41 14.19 -12.47
N GLU A 296 30.34 14.78 -12.98
CA GLU A 296 30.44 16.03 -13.72
C GLU A 296 30.47 17.21 -12.76
N LYS A 297 30.91 18.35 -13.28
CA LYS A 297 30.98 19.57 -12.47
C LYS A 297 29.61 19.88 -11.88
N GLY A 298 29.59 20.21 -10.59
CA GLY A 298 28.34 20.57 -9.97
C GLY A 298 28.45 20.61 -8.45
N ILE A 299 27.28 20.60 -7.82
CA ILE A 299 27.18 20.63 -6.36
C ILE A 299 26.20 19.55 -5.93
N TYR A 300 26.72 18.37 -5.61
CA TYR A 300 25.90 17.19 -5.39
C TYR A 300 25.60 17.02 -3.90
N GLN A 301 24.36 16.70 -3.59
CA GLN A 301 23.94 16.49 -2.22
C GLN A 301 24.13 15.04 -1.82
N THR A 302 24.72 14.83 -0.63
CA THR A 302 25.00 13.49 -0.15
C THR A 302 24.38 13.28 1.23
N SER A 303 24.71 12.17 1.88
CA SER A 303 24.08 11.84 3.16
C SER A 303 24.33 12.94 4.18
N ASN A 304 23.31 13.22 4.98
CA ASN A 304 23.38 14.27 5.99
C ASN A 304 24.29 13.86 7.14
N PHE A 305 24.67 14.84 7.96
CA PHE A 305 25.56 14.64 9.09
C PHE A 305 24.80 14.86 10.39
N ARG A 306 24.92 13.92 11.31
CA ARG A 306 24.28 13.99 12.61
C ARG A 306 25.35 13.85 13.70
N VAL A 307 25.35 14.79 14.65
CA VAL A 307 26.24 14.68 15.79
C VAL A 307 25.90 13.42 16.57
N GLN A 308 26.90 12.85 17.24
CA GLN A 308 26.71 11.60 17.96
C GLN A 308 26.70 11.83 19.46
N PRO A 309 26.01 10.97 20.21
CA PRO A 309 25.96 11.15 21.67
C PRO A 309 27.30 10.89 22.32
N THR A 310 27.50 11.51 23.48
CA THR A 310 28.76 11.39 24.21
C THR A 310 28.72 10.29 25.26
N GLU A 311 27.79 10.39 26.22
CA GLU A 311 27.61 9.33 27.22
C GLU A 311 26.13 9.20 27.53
N SER A 312 25.76 8.03 28.06
CA SER A 312 24.37 7.74 28.36
C SER A 312 23.97 8.25 29.73
N ILE A 313 22.70 8.60 29.87
CA ILE A 313 22.14 9.15 31.10
C ILE A 313 20.89 8.35 31.46
N VAL A 314 20.79 7.94 32.72
CA VAL A 314 19.65 7.15 33.19
C VAL A 314 19.16 7.76 34.50
N ARG A 315 17.88 8.13 34.54
CA ARG A 315 17.25 8.69 35.73
C ARG A 315 16.02 7.87 36.05
N PHE A 316 15.91 7.41 37.28
CA PHE A 316 14.82 6.55 37.73
C PHE A 316 14.32 7.04 39.08
N PRO A 317 13.03 6.87 39.36
CA PRO A 317 12.55 7.06 40.74
C PRO A 317 13.07 5.94 41.63
N ASN A 318 13.58 6.34 42.80
CA ASN A 318 14.27 5.43 43.69
C ASN A 318 13.35 5.06 44.85
N ILE A 319 13.07 3.76 44.99
CA ILE A 319 12.22 3.24 46.05
C ILE A 319 12.91 2.03 46.66
N THR A 320 12.89 1.94 47.99
CA THR A 320 13.59 0.88 48.69
C THR A 320 12.84 -0.45 48.64
N ASN A 321 11.51 -0.40 48.68
CA ASN A 321 10.72 -1.62 48.83
C ASN A 321 10.90 -2.53 47.62
N LEU A 322 10.79 -3.84 47.88
CA LEU A 322 10.84 -4.86 46.84
C LEU A 322 9.43 -5.40 46.61
N CYS A 323 9.04 -5.49 45.34
CA CYS A 323 7.66 -5.86 45.03
C CYS A 323 7.37 -7.28 45.52
N PRO A 324 6.19 -7.53 46.13
CA PRO A 324 5.87 -8.83 46.72
C PRO A 324 5.30 -9.84 45.72
N PHE A 325 5.97 -9.99 44.58
CA PHE A 325 5.52 -10.99 43.61
C PHE A 325 5.61 -12.39 44.21
N GLY A 326 6.68 -12.67 44.96
CA GLY A 326 6.77 -13.95 45.63
C GLY A 326 5.60 -14.19 46.56
N GLU A 327 5.15 -13.14 47.26
CA GLU A 327 3.97 -13.27 48.10
C GLU A 327 2.75 -13.60 47.26
N VAL A 328 2.61 -12.98 46.09
CA VAL A 328 1.46 -13.23 45.23
C VAL A 328 1.44 -14.68 44.78
N PHE A 329 2.60 -15.20 44.36
CA PHE A 329 2.67 -16.55 43.82
C PHE A 329 2.82 -17.62 44.88
N ASN A 330 3.05 -17.25 46.14
CA ASN A 330 3.20 -18.21 47.23
C ASN A 330 1.94 -18.32 48.09
N ALA A 331 0.84 -17.70 47.68
CA ALA A 331 -0.38 -17.77 48.47
C ALA A 331 -0.81 -19.22 48.65
N THR A 332 -1.07 -19.60 49.91
CA THR A 332 -1.45 -20.98 50.20
C THR A 332 -2.78 -21.33 49.55
N ARG A 333 -3.75 -20.42 49.61
CA ARG A 333 -5.09 -20.65 49.10
C ARG A 333 -5.37 -19.74 47.91
N PHE A 334 -5.97 -20.32 46.87
CA PHE A 334 -6.38 -19.59 45.68
C PHE A 334 -7.90 -19.56 45.62
N ALA A 335 -8.45 -18.38 45.39
CA ALA A 335 -9.90 -18.23 45.33
C ALA A 335 -10.46 -18.95 44.10
N SER A 336 -11.78 -19.11 44.09
CA SER A 336 -12.45 -19.73 42.97
C SER A 336 -12.46 -18.80 41.76
N VAL A 337 -12.65 -19.39 40.58
CA VAL A 337 -12.61 -18.61 39.34
C VAL A 337 -13.75 -17.60 39.30
N TYR A 338 -14.93 -17.99 39.80
CA TYR A 338 -16.07 -17.08 39.77
C TYR A 338 -15.81 -15.84 40.62
N ALA A 339 -14.90 -15.91 41.58
CA ALA A 339 -14.45 -14.76 42.35
C ALA A 339 -12.92 -14.77 42.31
N TRP A 340 -12.35 -14.18 41.27
CA TRP A 340 -10.91 -14.09 41.11
C TRP A 340 -10.37 -12.93 41.95
N ASN A 341 -9.24 -13.16 42.60
CA ASN A 341 -8.71 -12.18 43.54
C ASN A 341 -7.82 -11.18 42.80
N ARG A 342 -7.87 -9.92 43.25
CA ARG A 342 -7.11 -8.84 42.64
C ARG A 342 -6.22 -8.19 43.68
N LYS A 343 -4.94 -8.04 43.36
CA LYS A 343 -3.99 -7.37 44.24
C LYS A 343 -3.35 -6.22 43.48
N ARG A 344 -3.20 -5.08 44.14
CA ARG A 344 -2.58 -3.91 43.55
C ARG A 344 -1.19 -3.71 44.16
N ILE A 345 -0.19 -3.55 43.29
CA ILE A 345 1.20 -3.42 43.72
C ILE A 345 1.72 -2.06 43.29
N SER A 346 2.32 -1.34 44.23
CA SER A 346 2.87 -0.02 43.95
C SER A 346 3.93 0.31 44.97
N ASN A 347 4.80 1.26 44.62
CA ASN A 347 5.86 1.75 45.49
C ASN A 347 6.79 0.60 45.92
N CYS A 348 7.43 0.00 44.92
CA CYS A 348 8.33 -1.11 45.14
C CYS A 348 9.22 -1.26 43.93
N VAL A 349 10.28 -2.04 44.09
CA VAL A 349 11.23 -2.35 43.03
C VAL A 349 10.91 -3.75 42.52
N ALA A 350 10.60 -3.85 41.23
CA ALA A 350 10.20 -5.11 40.62
C ALA A 350 11.41 -5.77 39.96
N ASP A 351 11.75 -6.97 40.41
CA ASP A 351 12.84 -7.75 39.85
C ASP A 351 12.23 -8.88 39.04
N TYR A 352 12.06 -8.65 37.74
CA TYR A 352 11.51 -9.67 36.86
C TYR A 352 12.54 -10.72 36.47
N SER A 353 13.82 -10.49 36.75
CA SER A 353 14.84 -11.48 36.42
C SER A 353 14.60 -12.78 37.19
N VAL A 354 14.35 -12.66 38.50
CA VAL A 354 14.09 -13.86 39.30
C VAL A 354 12.78 -14.51 38.86
N LEU A 355 11.78 -13.71 38.49
CA LEU A 355 10.53 -14.26 38.01
C LEU A 355 10.75 -15.09 36.76
N TYR A 356 11.52 -14.56 35.81
CA TYR A 356 11.81 -15.31 34.59
C TYR A 356 12.63 -16.56 34.90
N ASN A 357 13.54 -16.46 35.87
CA ASN A 357 14.38 -17.61 36.21
C ASN A 357 13.52 -18.78 36.67
N SER A 358 12.52 -18.53 37.51
CA SER A 358 11.67 -19.60 38.00
C SER A 358 11.04 -20.35 36.84
N ALA A 359 11.09 -21.67 36.89
CA ALA A 359 10.58 -22.53 35.82
C ALA A 359 9.12 -22.92 36.02
N SER A 360 8.48 -22.46 37.09
CA SER A 360 7.08 -22.79 37.30
C SER A 360 6.20 -22.20 36.22
N PHE A 361 6.62 -21.08 35.62
CA PHE A 361 5.83 -20.38 34.62
C PHE A 361 5.80 -21.22 33.34
N SER A 362 4.69 -21.92 33.11
CA SER A 362 4.58 -22.74 31.90
C SER A 362 4.58 -21.87 30.65
N THR A 363 3.78 -20.82 30.65
CA THR A 363 3.72 -19.87 29.55
C THR A 363 3.87 -18.46 30.12
N PHE A 364 4.77 -17.68 29.53
CA PHE A 364 4.99 -16.30 29.94
C PHE A 364 4.71 -15.34 28.78
N LYS A 365 3.82 -15.75 27.87
CA LYS A 365 3.50 -14.92 26.72
C LYS A 365 2.87 -13.61 27.17
N CYS A 366 3.47 -12.50 26.75
CA CYS A 366 2.93 -11.16 26.99
C CYS A 366 2.50 -10.59 25.65
N TYR A 367 1.25 -10.15 25.57
CA TYR A 367 0.64 -9.77 24.31
C TYR A 367 0.93 -8.33 23.90
N GLY A 368 1.63 -7.56 24.72
CA GLY A 368 2.01 -6.22 24.35
C GLY A 368 3.39 -5.83 24.83
N VAL A 369 4.12 -6.79 25.40
CA VAL A 369 5.43 -6.55 25.98
C VAL A 369 6.31 -7.76 25.69
N SER A 370 7.62 -7.57 25.85
CA SER A 370 8.60 -8.65 25.72
C SER A 370 9.18 -8.99 27.07
N PRO A 371 9.46 -10.27 27.34
CA PRO A 371 9.95 -10.63 28.68
C PRO A 371 11.27 -9.97 29.04
N THR A 372 12.26 -10.03 28.15
CA THR A 372 13.57 -9.46 28.45
C THR A 372 13.49 -7.96 28.66
N LYS A 373 12.68 -7.27 27.85
CA LYS A 373 12.59 -5.81 27.91
C LYS A 373 11.91 -5.31 29.18
N LEU A 374 11.30 -6.18 29.97
CA LEU A 374 10.55 -5.73 31.14
C LEU A 374 11.41 -4.87 32.06
N ASN A 375 12.62 -5.35 32.37
CA ASN A 375 13.46 -4.63 33.32
C ASN A 375 13.85 -3.26 32.79
N ASP A 376 14.01 -3.12 31.48
CA ASP A 376 14.49 -1.86 30.92
C ASP A 376 13.54 -0.71 31.20
N LEU A 377 12.24 -0.95 31.06
CA LEU A 377 11.21 0.05 31.30
C LEU A 377 10.41 -0.32 32.55
N CYS A 378 9.38 0.47 32.84
CA CYS A 378 8.53 0.18 33.98
C CYS A 378 7.19 0.87 33.81
N PHE A 379 6.24 0.47 34.65
CA PHE A 379 4.85 0.96 34.54
C PHE A 379 4.45 1.71 35.81
N THR A 380 3.19 2.12 35.87
CA THR A 380 2.63 2.90 36.96
C THR A 380 1.80 2.03 37.92
N ASN A 381 0.80 1.33 37.40
CA ASN A 381 -0.08 0.49 38.19
C ASN A 381 0.08 -0.96 37.76
N VAL A 382 0.31 -1.84 38.73
CA VAL A 382 0.43 -3.27 38.48
C VAL A 382 -0.69 -3.98 39.24
N TYR A 383 -1.48 -4.76 38.51
CA TYR A 383 -2.58 -5.51 39.09
C TYR A 383 -2.38 -6.99 38.81
N ALA A 384 -2.40 -7.80 39.86
CA ALA A 384 -2.26 -9.24 39.75
C ALA A 384 -3.62 -9.88 40.02
N ASP A 385 -4.15 -10.58 39.02
CA ASP A 385 -5.41 -11.29 39.13
C ASP A 385 -5.12 -12.77 39.24
N SER A 386 -5.48 -13.36 40.38
CA SER A 386 -5.16 -14.75 40.69
C SER A 386 -6.44 -15.57 40.72
N PHE A 387 -6.40 -16.74 40.07
CA PHE A 387 -7.52 -17.67 40.11
C PHE A 387 -7.05 -19.00 39.53
N VAL A 388 -8.00 -19.92 39.33
CA VAL A 388 -7.72 -21.25 38.82
C VAL A 388 -8.64 -21.54 37.65
N ILE A 389 -8.08 -22.08 36.58
CA ILE A 389 -8.82 -22.45 35.37
C ILE A 389 -8.29 -23.79 34.87
N ARG A 390 -9.08 -24.42 34.01
CA ARG A 390 -8.69 -25.72 33.46
C ARG A 390 -7.64 -25.55 32.37
N GLY A 391 -6.95 -26.65 32.07
CA GLY A 391 -5.85 -26.59 31.13
C GLY A 391 -6.29 -26.12 29.76
N ASP A 392 -7.40 -26.68 29.25
CA ASP A 392 -7.91 -26.26 27.96
C ASP A 392 -8.32 -24.79 27.98
N GLU A 393 -8.55 -24.21 29.16
CA GLU A 393 -8.94 -22.82 29.27
C GLU A 393 -7.75 -21.87 29.22
N VAL A 394 -6.53 -22.39 29.22
CA VAL A 394 -5.36 -21.52 29.04
C VAL A 394 -5.48 -20.79 27.71
N ARG A 395 -5.84 -21.52 26.65
CA ARG A 395 -6.13 -20.87 25.38
C ARG A 395 -7.31 -19.92 25.51
N GLN A 396 -8.34 -20.34 26.25
CA GLN A 396 -9.53 -19.50 26.40
C GLN A 396 -9.18 -18.17 27.07
N ILE A 397 -8.36 -18.21 28.11
CA ILE A 397 -7.93 -16.99 28.79
C ILE A 397 -6.79 -16.38 27.98
N ALA A 398 -7.15 -15.51 27.05
CA ALA A 398 -6.20 -14.86 26.15
C ALA A 398 -6.98 -13.89 25.26
N PRO A 399 -6.34 -12.86 24.72
CA PRO A 399 -7.08 -11.92 23.86
C PRO A 399 -7.70 -12.63 22.67
N GLY A 400 -8.96 -12.28 22.39
CA GLY A 400 -9.65 -12.86 21.25
C GLY A 400 -9.78 -14.37 21.31
N GLN A 401 -10.00 -14.92 22.49
CA GLN A 401 -10.19 -16.35 22.68
C GLN A 401 -11.45 -16.60 23.49
N THR A 402 -12.19 -17.63 23.10
CA THR A 402 -13.50 -17.91 23.68
C THR A 402 -13.56 -19.35 24.18
N GLY A 403 -14.51 -19.59 25.08
CA GLY A 403 -14.70 -20.91 25.65
C GLY A 403 -15.87 -20.90 26.60
N LYS A 404 -16.11 -22.07 27.21
CA LYS A 404 -17.24 -22.19 28.11
C LYS A 404 -17.06 -21.29 29.34
N ILE A 405 -15.88 -21.35 29.99
CA ILE A 405 -15.64 -20.48 31.12
C ILE A 405 -15.44 -19.05 30.65
N ALA A 406 -14.69 -18.86 29.56
CA ALA A 406 -14.51 -17.53 29.01
C ALA A 406 -15.85 -16.96 28.57
N ASP A 407 -15.99 -15.65 28.73
CA ASP A 407 -17.22 -14.88 28.48
C ASP A 407 -18.22 -15.05 29.61
N TYR A 408 -18.01 -15.97 30.55
CA TYR A 408 -18.92 -16.20 31.66
C TYR A 408 -18.37 -15.73 32.99
N ASN A 409 -17.06 -15.77 33.18
CA ASN A 409 -16.44 -15.31 34.43
C ASN A 409 -15.23 -14.41 34.24
N TYR A 410 -14.55 -14.45 33.09
CA TYR A 410 -13.35 -13.67 32.90
C TYR A 410 -13.00 -13.59 31.42
N LYS A 411 -12.86 -12.39 30.89
CA LYS A 411 -12.63 -12.18 29.45
C LYS A 411 -11.65 -11.03 29.28
N LEU A 412 -10.46 -11.33 28.79
CA LEU A 412 -9.45 -10.31 28.59
C LEU A 412 -9.82 -9.40 27.42
N PRO A 413 -9.53 -8.10 27.51
CA PRO A 413 -9.72 -7.23 26.35
C PRO A 413 -8.66 -7.46 25.29
N ASP A 414 -9.06 -7.27 24.03
CA ASP A 414 -8.12 -7.45 22.93
C ASP A 414 -7.01 -6.41 22.97
N ASP A 415 -7.34 -5.17 23.34
CA ASP A 415 -6.36 -4.09 23.35
C ASP A 415 -5.48 -4.10 24.60
N PHE A 416 -5.75 -4.98 25.56
CA PHE A 416 -5.00 -4.97 26.81
C PHE A 416 -3.53 -5.28 26.56
N THR A 417 -2.68 -4.77 27.45
CA THR A 417 -1.25 -5.05 27.43
C THR A 417 -0.85 -5.60 28.80
N GLY A 418 -0.25 -6.78 28.80
CA GLY A 418 0.14 -7.40 30.04
C GLY A 418 0.72 -8.79 29.80
N CYS A 419 0.74 -9.60 30.86
CA CYS A 419 1.26 -10.95 30.77
C CYS A 419 0.32 -11.91 31.49
N VAL A 420 0.33 -13.16 31.04
CA VAL A 420 -0.48 -14.22 31.63
C VAL A 420 0.45 -15.38 31.95
N ILE A 421 0.31 -15.93 33.16
CA ILE A 421 1.13 -17.05 33.60
C ILE A 421 0.20 -18.15 34.09
N ALA A 422 0.41 -19.37 33.62
CA ALA A 422 -0.38 -20.52 34.04
C ALA A 422 0.55 -21.68 34.35
N TRP A 423 0.15 -22.51 35.30
CA TRP A 423 0.96 -23.67 35.65
C TRP A 423 0.09 -24.73 36.32
N ASN A 424 0.57 -25.96 36.29
CA ASN A 424 -0.12 -27.06 36.94
C ASN A 424 -0.02 -26.91 38.46
N SER A 425 -1.11 -27.22 39.15
CA SER A 425 -1.18 -27.13 40.60
C SER A 425 -1.74 -28.40 41.21
N ASN A 426 -1.61 -29.52 40.50
CA ASN A 426 -2.12 -30.79 41.02
C ASN A 426 -1.42 -31.17 42.32
N ASN A 427 -0.09 -31.04 42.35
CA ASN A 427 0.67 -31.39 43.55
C ASN A 427 0.30 -30.49 44.72
N LEU A 428 0.18 -29.17 44.46
CA LEU A 428 -0.11 -28.23 45.53
C LEU A 428 -1.53 -28.42 46.07
N ASP A 429 -2.49 -28.71 45.19
CA ASP A 429 -3.88 -28.89 45.58
C ASP A 429 -4.26 -30.35 45.73
N SER A 430 -3.29 -31.26 45.70
CA SER A 430 -3.60 -32.68 45.81
C SER A 430 -4.32 -32.96 47.13
N LYS A 431 -5.34 -33.81 47.05
CA LYS A 431 -6.11 -34.19 48.24
C LYS A 431 -5.23 -34.92 49.25
N GLY A 434 -13.90 -33.76 45.22
CA GLY A 434 -12.74 -32.93 44.93
C GLY A 434 -12.80 -31.59 45.63
N ASN A 435 -12.01 -30.62 45.13
CA ASN A 435 -11.96 -29.29 45.71
C ASN A 435 -13.18 -28.51 45.26
N TYR A 436 -14.31 -28.81 45.91
CA TYR A 436 -15.54 -28.09 45.62
C TYR A 436 -15.47 -26.62 46.01
N ASN A 437 -14.46 -26.21 46.79
CA ASN A 437 -14.23 -24.79 47.01
C ASN A 437 -14.00 -24.09 45.68
N TYR A 438 -13.24 -24.73 44.78
CA TYR A 438 -13.17 -24.26 43.41
C TYR A 438 -14.53 -24.38 42.74
N LEU A 439 -14.82 -23.45 41.84
CA LEU A 439 -16.16 -23.29 41.31
C LEU A 439 -16.08 -22.81 39.87
N TYR A 440 -17.22 -22.90 39.17
CA TYR A 440 -17.28 -22.46 37.77
C TYR A 440 -18.73 -22.23 37.39
N ARG A 441 -19.08 -20.99 37.09
CA ARG A 441 -20.44 -20.65 36.71
C ARG A 441 -20.54 -20.44 35.20
N ASN A 447 -17.78 -9.49 33.82
CA ASN A 447 -16.63 -9.13 33.01
C ASN A 447 -17.02 -8.84 31.57
N LEU A 448 -18.32 -8.66 31.33
CA LEU A 448 -18.77 -8.24 30.00
C LEU A 448 -18.15 -6.91 29.63
N LYS A 449 -18.16 -5.95 30.55
CA LYS A 449 -17.25 -4.83 30.46
C LYS A 449 -15.83 -5.31 30.74
N PRO A 450 -14.82 -4.66 30.16
CA PRO A 450 -13.44 -5.10 30.41
C PRO A 450 -13.09 -5.12 31.89
N PHE A 451 -12.86 -6.32 32.43
CA PHE A 451 -12.48 -6.49 33.83
C PHE A 451 -13.54 -5.90 34.77
N GLU A 452 -14.79 -6.33 34.58
CA GLU A 452 -15.88 -6.01 35.48
C GLU A 452 -16.17 -7.24 36.34
N ARG A 453 -16.14 -7.06 37.66
CA ARG A 453 -16.31 -8.20 38.56
C ARG A 453 -17.72 -8.76 38.48
N ASP A 454 -17.82 -10.08 38.60
CA ASP A 454 -19.10 -10.79 38.52
C ASP A 454 -19.75 -10.81 39.91
N ILE A 455 -20.36 -9.69 40.25
CA ILE A 455 -21.08 -9.57 41.52
C ILE A 455 -22.53 -10.00 41.32
N TYR A 476 -32.44 -23.03 40.10
CA TYR A 476 -31.20 -23.18 39.34
C TYR A 476 -30.04 -22.58 40.12
N PHE A 477 -28.92 -23.29 40.16
CA PHE A 477 -27.73 -22.83 40.86
C PHE A 477 -26.64 -22.51 39.86
N PRO A 478 -26.30 -21.23 39.63
CA PRO A 478 -25.12 -20.94 38.81
C PRO A 478 -23.85 -21.54 39.38
N LEU A 479 -23.78 -21.70 40.70
CA LEU A 479 -22.64 -22.36 41.32
C LEU A 479 -22.54 -23.81 40.87
N GLN A 480 -21.32 -24.26 40.61
CA GLN A 480 -21.07 -25.63 40.19
C GLN A 480 -19.88 -26.20 40.97
N SER A 481 -19.89 -27.52 41.13
CA SER A 481 -18.90 -28.22 41.94
C SER A 481 -17.85 -28.86 41.04
N TYR A 482 -16.58 -28.58 41.32
CA TYR A 482 -15.43 -29.14 40.57
C TYR A 482 -14.91 -30.37 41.30
N GLY A 483 -14.93 -31.54 40.66
CA GLY A 483 -14.43 -32.77 41.25
C GLY A 483 -12.94 -32.92 41.08
N PHE A 484 -12.17 -31.92 41.51
CA PHE A 484 -10.72 -31.97 41.37
C PHE A 484 -10.14 -32.99 42.32
N GLN A 485 -9.62 -34.09 41.77
CA GLN A 485 -8.96 -35.13 42.53
C GLN A 485 -7.69 -35.53 41.80
N PRO A 486 -6.69 -36.05 42.51
CA PRO A 486 -5.44 -36.44 41.83
C PRO A 486 -5.63 -37.51 40.78
N THR A 487 -6.73 -38.28 40.83
CA THR A 487 -6.96 -39.31 39.84
C THR A 487 -7.11 -38.74 38.44
N ASN A 488 -7.44 -37.46 38.31
CA ASN A 488 -7.60 -36.85 37.00
C ASN A 488 -6.31 -36.96 36.19
N GLY A 489 -6.44 -37.39 34.95
CA GLY A 489 -5.28 -37.57 34.09
C GLY A 489 -4.72 -36.27 33.57
N VAL A 490 -5.50 -35.56 32.77
CA VAL A 490 -5.06 -34.29 32.18
C VAL A 490 -6.29 -33.48 31.84
N GLY A 491 -6.16 -32.17 31.84
CA GLY A 491 -7.27 -31.29 31.50
C GLY A 491 -8.29 -31.13 32.61
N TYR A 492 -8.80 -32.23 33.15
CA TYR A 492 -9.74 -32.15 34.25
C TYR A 492 -9.11 -31.48 35.47
N GLN A 493 -7.85 -31.79 35.74
CA GLN A 493 -7.18 -31.25 36.91
C GLN A 493 -7.02 -29.73 36.78
N PRO A 494 -6.95 -29.02 37.90
CA PRO A 494 -6.90 -27.56 37.83
C PRO A 494 -5.54 -27.03 37.40
N TYR A 495 -5.52 -25.76 37.05
CA TYR A 495 -4.29 -25.04 36.71
C TYR A 495 -4.36 -23.65 37.30
N ARG A 496 -3.34 -23.26 38.06
CA ARG A 496 -3.31 -21.93 38.66
C ARG A 496 -2.88 -20.91 37.62
N VAL A 497 -3.59 -19.78 37.58
CA VAL A 497 -3.35 -18.72 36.61
C VAL A 497 -3.26 -17.39 37.34
N VAL A 498 -2.25 -16.60 36.97
CA VAL A 498 -2.07 -15.24 37.46
C VAL A 498 -1.86 -14.34 36.25
N VAL A 499 -2.65 -13.27 36.17
CA VAL A 499 -2.58 -12.30 35.09
C VAL A 499 -2.00 -11.02 35.66
N LEU A 500 -0.87 -10.58 35.12
CA LEU A 500 -0.20 -9.35 35.53
C LEU A 500 -0.52 -8.29 34.50
N SER A 501 -1.40 -7.37 34.86
CA SER A 501 -1.79 -6.26 33.99
C SER A 501 -1.05 -5.01 34.45
N PHE A 502 -0.23 -4.47 33.56
CA PHE A 502 0.53 -3.25 33.83
C PHE A 502 -0.09 -2.12 33.02
N GLU A 503 -0.53 -1.07 33.70
CA GLU A 503 -1.09 0.10 33.04
C GLU A 503 0.03 1.12 32.88
N LEU A 504 0.65 1.14 31.71
CA LEU A 504 1.76 2.05 31.46
C LEU A 504 1.25 3.47 31.32
N LEU A 505 0.68 4.02 32.39
CA LEU A 505 0.16 5.38 32.35
C LEU A 505 1.28 6.38 32.19
N HIS A 506 1.02 7.43 31.40
CA HIS A 506 1.99 8.51 31.21
C HIS A 506 1.93 9.47 32.41
N ALA A 507 2.31 8.93 33.55
CA ALA A 507 2.28 9.63 34.83
C ALA A 507 3.39 9.06 35.70
N PRO A 508 3.59 9.56 36.92
CA PRO A 508 4.66 9.00 37.76
C PRO A 508 4.51 7.49 37.93
N ALA A 509 5.65 6.80 37.88
CA ALA A 509 5.67 5.33 37.91
C ALA A 509 5.97 4.88 39.34
N THR A 510 5.05 4.13 39.92
CA THR A 510 5.21 3.66 41.29
C THR A 510 6.17 2.48 41.36
N VAL A 511 6.13 1.59 40.37
CA VAL A 511 6.96 0.38 40.34
C VAL A 511 7.95 0.52 39.19
N CYS A 512 9.23 0.24 39.47
CA CYS A 512 10.22 0.27 38.41
C CYS A 512 11.31 -0.75 38.71
N GLY A 513 12.07 -1.10 37.66
CA GLY A 513 13.00 -2.18 37.73
C GLY A 513 14.20 -1.87 38.61
N PRO A 514 15.09 -2.86 38.74
CA PRO A 514 16.23 -2.72 39.67
C PRO A 514 17.39 -1.92 39.13
N LYS A 515 17.34 -1.45 37.88
CA LYS A 515 18.50 -0.77 37.31
C LYS A 515 18.83 0.48 38.12
N LYS A 516 20.13 0.74 38.29
CA LYS A 516 20.60 1.87 39.07
C LYS A 516 20.71 3.10 38.18
N SER A 517 20.21 4.22 38.67
CA SER A 517 20.27 5.47 37.93
C SER A 517 21.72 5.97 37.87
N THR A 518 21.89 7.13 37.25
CA THR A 518 23.20 7.76 37.13
C THR A 518 23.02 9.26 37.24
N ASN A 519 24.15 9.96 37.41
CA ASN A 519 24.14 11.41 37.52
C ASN A 519 23.44 12.02 36.33
N LEU A 520 23.07 13.29 36.43
CA LEU A 520 22.38 14.01 35.37
C LEU A 520 23.35 14.97 34.69
N VAL A 521 23.37 14.93 33.36
CA VAL A 521 24.23 15.80 32.56
C VAL A 521 23.34 16.68 31.68
N LYS A 522 23.84 17.85 31.33
CA LYS A 522 23.06 18.83 30.60
C LYS A 522 23.93 19.55 29.58
N ASN A 523 23.26 20.15 28.58
CA ASN A 523 23.87 21.01 27.57
C ASN A 523 24.77 20.26 26.61
N LYS A 524 24.80 18.93 26.66
CA LYS A 524 25.63 18.12 25.78
C LYS A 524 24.80 16.99 25.19
N CYS A 525 24.97 16.75 23.90
CA CYS A 525 24.23 15.69 23.23
C CYS A 525 24.49 14.35 23.89
N VAL A 526 23.47 13.79 24.55
CA VAL A 526 23.63 12.56 25.32
C VAL A 526 22.42 11.67 25.08
N ASN A 527 22.60 10.38 25.35
CA ASN A 527 21.52 9.41 25.30
C ASN A 527 20.89 9.31 26.68
N PHE A 528 19.56 9.43 26.74
CA PHE A 528 18.85 9.54 28.00
C PHE A 528 17.74 8.50 28.09
N ASN A 529 17.46 8.12 29.35
CA ASN A 529 16.35 7.25 29.70
C ASN A 529 15.63 7.87 30.89
N PHE A 530 14.30 7.90 30.85
CA PHE A 530 13.49 8.45 31.94
C PHE A 530 12.28 7.54 32.12
N ASN A 531 12.31 6.71 33.16
CA ASN A 531 11.19 5.84 33.50
C ASN A 531 10.81 4.91 32.35
N GLY A 532 11.73 4.68 31.41
CA GLY A 532 11.47 3.86 30.26
C GLY A 532 11.41 4.61 28.95
N LEU A 533 11.22 5.92 28.98
CA LEU A 533 11.26 6.74 27.77
C LEU A 533 12.71 6.94 27.36
N THR A 534 13.12 6.35 26.24
CA THR A 534 14.49 6.38 25.78
C THR A 534 14.62 7.30 24.57
N GLY A 535 15.66 8.12 24.58
CA GLY A 535 15.88 9.04 23.47
C GLY A 535 17.31 9.51 23.43
N THR A 536 17.58 10.38 22.47
CA THR A 536 18.90 11.01 22.31
C THR A 536 18.70 12.49 22.07
N GLY A 537 19.43 13.31 22.82
CA GLY A 537 19.28 14.74 22.65
C GLY A 537 20.03 15.50 23.73
N VAL A 538 19.75 16.80 23.78
CA VAL A 538 20.36 17.74 24.71
C VAL A 538 19.30 18.16 25.72
N LEU A 539 19.66 18.09 27.00
CA LEU A 539 18.79 18.51 28.09
C LEU A 539 19.17 19.92 28.52
N THR A 540 18.17 20.76 28.74
CA THR A 540 18.41 22.12 29.22
C THR A 540 17.36 22.49 30.26
N GLU A 541 17.69 23.50 31.06
CA GLU A 541 16.71 24.05 31.98
C GLU A 541 15.66 24.84 31.21
N SER A 542 14.41 24.71 31.62
CA SER A 542 13.30 25.34 30.94
C SER A 542 12.28 25.86 31.95
N ASN A 543 11.47 26.82 31.49
CA ASN A 543 10.44 27.45 32.30
C ASN A 543 9.09 27.11 31.68
N LYS A 544 8.53 25.97 32.07
CA LYS A 544 7.20 25.56 31.64
C LYS A 544 6.37 25.27 32.88
N LYS A 545 5.19 25.89 32.96
CA LYS A 545 4.34 25.74 34.14
C LYS A 545 3.65 24.39 34.12
N PHE A 546 4.34 23.35 34.60
CA PHE A 546 3.73 22.03 34.68
C PHE A 546 2.82 21.94 35.89
N LEU A 547 1.65 21.33 35.70
CA LEU A 547 0.73 21.10 36.79
C LEU A 547 1.26 19.99 37.68
N PRO A 548 0.77 19.92 38.93
CA PRO A 548 1.29 18.89 39.85
C PRO A 548 1.14 17.47 39.32
N PHE A 549 0.10 17.20 38.53
CA PHE A 549 -0.11 15.87 37.97
C PHE A 549 0.45 15.71 36.55
N GLN A 550 1.03 16.75 35.98
CA GLN A 550 1.51 16.72 34.60
C GLN A 550 3.00 16.38 34.57
N GLN A 551 3.37 15.44 33.71
CA GLN A 551 4.73 14.92 33.64
C GLN A 551 5.42 15.28 32.34
N PHE A 552 4.85 14.91 31.20
CA PHE A 552 5.48 15.05 29.90
C PHE A 552 4.91 16.24 29.14
N GLY A 553 5.60 16.63 28.08
CA GLY A 553 5.13 17.64 27.16
C GLY A 553 5.25 17.16 25.72
N ARG A 554 4.15 17.16 24.98
CA ARG A 554 4.11 16.55 23.67
C ARG A 554 4.21 17.60 22.58
N ASP A 555 4.86 17.22 21.49
CA ASP A 555 5.02 18.07 20.32
C ASP A 555 3.87 17.81 19.35
N ILE A 556 3.85 18.53 18.23
CA ILE A 556 2.81 18.32 17.23
C ILE A 556 2.89 16.91 16.67
N ALA A 557 4.11 16.44 16.39
CA ALA A 557 4.32 15.13 15.79
C ALA A 557 4.36 14.00 16.80
N ASP A 558 3.78 14.16 17.99
CA ASP A 558 3.68 13.15 19.02
C ASP A 558 5.00 12.95 19.74
N THR A 559 6.09 13.59 19.30
CA THR A 559 7.38 13.40 19.94
C THR A 559 7.41 14.08 21.31
N THR A 560 8.11 13.47 22.25
CA THR A 560 8.28 14.05 23.57
C THR A 560 9.31 15.16 23.54
N ASP A 561 9.01 16.26 24.21
CA ASP A 561 9.91 17.41 24.25
C ASP A 561 10.35 17.77 25.66
N ALA A 562 9.41 17.97 26.59
CA ALA A 562 9.74 18.35 27.95
C ALA A 562 9.40 17.20 28.89
N VAL A 563 10.25 16.99 29.90
CA VAL A 563 10.06 15.97 30.91
C VAL A 563 10.36 16.57 32.28
N ARG A 564 10.11 15.77 33.31
CA ARG A 564 10.41 16.16 34.68
C ARG A 564 11.17 15.02 35.34
N ASP A 565 12.37 15.31 35.81
CA ASP A 565 13.24 14.27 36.34
C ASP A 565 12.60 13.62 37.55
N PRO A 566 12.51 12.29 37.62
CA PRO A 566 11.90 11.67 38.81
C PRO A 566 12.60 12.00 40.11
N GLN A 567 13.94 12.12 40.07
CA GLN A 567 14.67 12.39 41.30
C GLN A 567 14.45 13.84 41.76
N THR A 568 14.55 14.79 40.84
CA THR A 568 14.40 16.20 41.13
C THR A 568 13.28 16.76 40.26
N LEU A 569 12.37 17.50 40.87
CA LEU A 569 11.19 17.99 40.18
C LEU A 569 11.50 19.10 39.19
N GLU A 570 12.75 19.41 38.89
CA GLU A 570 13.04 20.44 37.89
C GLU A 570 12.56 19.98 36.51
N ILE A 571 12.19 20.95 35.68
CA ILE A 571 11.65 20.69 34.35
C ILE A 571 12.79 20.73 33.35
N LEU A 572 12.97 19.64 32.61
CA LEU A 572 14.02 19.53 31.61
C LEU A 572 13.41 19.62 30.21
N ASP A 573 14.05 20.38 29.34
CA ASP A 573 13.65 20.52 27.95
C ASP A 573 14.61 19.72 27.07
N ILE A 574 14.06 18.87 26.22
CA ILE A 574 14.82 17.99 25.35
C ILE A 574 14.86 18.61 23.97
N THR A 575 16.04 18.65 23.35
CA THR A 575 16.20 19.15 22.00
C THR A 575 17.00 18.14 21.19
N PRO A 576 16.80 18.12 19.87
CA PRO A 576 17.55 17.19 19.03
C PRO A 576 18.98 17.67 18.80
N CYS A 577 19.90 16.71 18.73
CA CYS A 577 21.30 17.06 18.50
C CYS A 577 21.47 17.62 17.09
N SER A 578 22.40 18.55 16.97
CA SER A 578 22.53 19.32 15.73
C SER A 578 22.73 18.40 14.53
N PHE A 579 22.04 18.71 13.44
CA PHE A 579 22.15 17.95 12.21
C PHE A 579 21.87 18.88 11.04
N GLY A 580 22.29 18.45 9.85
CA GLY A 580 22.10 19.24 8.66
C GLY A 580 22.56 18.48 7.44
N GLY A 581 22.29 19.07 6.28
CA GLY A 581 22.71 18.48 5.03
C GLY A 581 24.15 18.79 4.69
N VAL A 582 24.75 17.91 3.90
CA VAL A 582 26.13 18.06 3.43
C VAL A 582 26.10 18.06 1.91
N SER A 583 26.70 19.07 1.30
CA SER A 583 26.70 19.21 -0.15
C SER A 583 28.13 19.37 -0.64
N VAL A 584 28.54 18.50 -1.56
CA VAL A 584 29.91 18.47 -2.07
C VAL A 584 29.95 19.25 -3.37
N ILE A 585 30.71 20.33 -3.38
CA ILE A 585 30.95 21.12 -4.59
C ILE A 585 32.20 20.58 -5.26
N THR A 586 32.05 20.08 -6.49
CA THR A 586 33.15 19.43 -7.17
C THR A 586 33.23 19.87 -8.63
N PRO A 587 34.41 20.26 -9.11
CA PRO A 587 34.61 20.35 -10.56
C PRO A 587 34.66 18.96 -11.16
N GLY A 588 34.51 18.90 -12.47
CA GLY A 588 34.47 17.61 -13.14
C GLY A 588 35.62 16.71 -12.74
N THR A 589 35.33 15.44 -12.42
CA THR A 589 36.40 14.52 -12.05
C THR A 589 37.45 14.42 -13.16
N ASN A 590 37.04 14.68 -14.41
CA ASN A 590 38.01 14.79 -15.49
C ASN A 590 38.99 15.92 -15.25
N THR A 591 38.64 16.87 -14.37
CA THR A 591 39.50 18.00 -14.02
C THR A 591 39.69 18.00 -12.51
N SER A 592 40.82 17.46 -12.05
CA SER A 592 41.18 17.50 -10.64
C SER A 592 40.21 16.69 -9.79
N ASN A 593 40.69 16.21 -8.65
CA ASN A 593 39.88 15.50 -7.66
C ASN A 593 39.77 16.28 -6.36
N GLN A 594 39.88 17.60 -6.44
CA GLN A 594 39.79 18.47 -5.28
C GLN A 594 38.36 19.02 -5.19
N VAL A 595 37.78 18.94 -4.00
CA VAL A 595 36.37 19.31 -3.79
C VAL A 595 36.25 20.11 -2.51
N ALA A 596 35.14 20.84 -2.40
CA ALA A 596 34.77 21.59 -1.21
C ALA A 596 33.50 21.01 -0.62
N VAL A 597 33.28 21.23 0.67
CA VAL A 597 32.14 20.68 1.38
C VAL A 597 31.38 21.80 2.07
N LEU A 598 30.07 21.82 1.88
CA LEU A 598 29.17 22.80 2.46
C LEU A 598 28.31 22.11 3.51
N TYR A 599 28.39 22.57 4.76
CA TYR A 599 27.50 22.15 5.82
C TYR A 599 26.40 23.18 5.92
N GLN A 600 25.19 22.80 5.51
CA GLN A 600 24.12 23.77 5.29
C GLN A 600 23.52 24.26 6.60
N ASP A 601 23.43 25.58 6.74
CA ASP A 601 22.72 26.21 7.85
C ASP A 601 23.22 25.70 9.20
N VAL A 602 24.54 25.78 9.40
CA VAL A 602 25.15 25.51 10.69
C VAL A 602 26.27 26.50 10.90
N ASN A 603 26.73 26.58 12.15
CA ASN A 603 27.80 27.50 12.49
C ASN A 603 29.16 26.81 12.37
N CYS A 604 30.12 27.56 11.84
CA CYS A 604 31.45 26.99 11.61
C CYS A 604 32.09 26.49 12.89
N THR A 605 31.65 26.99 14.05
CA THR A 605 32.13 26.45 15.31
C THR A 605 31.57 25.07 15.57
N GLU A 606 30.32 24.82 15.18
CA GLU A 606 29.69 23.53 15.39
C GLU A 606 30.16 22.46 14.42
N VAL A 607 30.70 22.86 13.26
CA VAL A 607 31.13 21.86 12.27
C VAL A 607 32.23 20.97 12.81
N PRO A 608 33.34 21.48 13.35
CA PRO A 608 34.40 20.57 13.83
C PRO A 608 33.93 19.60 14.89
N VAL A 609 33.03 20.04 15.79
CA VAL A 609 32.52 19.14 16.81
C VAL A 609 31.54 18.14 16.21
N ALA A 610 31.09 18.34 14.98
CA ALA A 610 30.18 17.41 14.35
C ALA A 610 30.91 16.11 13.99
N ILE A 611 30.40 14.99 14.50
CA ILE A 611 31.03 13.70 14.25
C ILE A 611 30.90 13.31 12.78
N HIS A 612 29.77 13.64 12.17
CA HIS A 612 29.50 13.25 10.79
C HIS A 612 29.60 11.74 10.65
N TRP A 620 42.49 19.09 5.52
CA TRP A 620 41.54 20.01 6.14
C TRP A 620 40.12 19.46 6.09
N ARG A 621 40.00 18.15 5.90
CA ARG A 621 38.68 17.54 5.73
C ARG A 621 37.90 17.54 7.03
N VAL A 622 38.42 16.90 8.07
CA VAL A 622 37.68 16.69 9.31
C VAL A 622 38.00 17.79 10.31
N TYR A 623 39.28 17.92 10.66
CA TYR A 623 39.70 18.80 11.74
C TYR A 623 39.48 20.30 11.46
N SER A 624 38.86 20.72 10.36
CA SER A 624 38.61 22.13 10.11
C SER A 624 39.92 22.89 9.95
N THR A 625 39.87 24.09 9.38
CA THR A 625 41.07 24.87 9.10
C THR A 625 40.77 26.35 9.22
N GLY A 626 41.65 27.08 9.89
CA GLY A 626 41.53 28.53 9.91
C GLY A 626 41.66 29.13 8.52
N SER A 627 42.57 28.59 7.71
CA SER A 627 42.63 28.93 6.30
C SER A 627 41.66 28.05 5.53
N ASN A 628 40.98 28.65 4.56
CA ASN A 628 40.00 27.95 3.74
C ASN A 628 38.80 27.50 4.59
N VAL A 629 38.19 28.47 5.28
CA VAL A 629 36.91 28.29 5.92
C VAL A 629 36.10 29.57 5.70
N PHE A 630 34.84 29.42 5.29
CA PHE A 630 34.02 30.55 4.91
C PHE A 630 32.64 30.40 5.52
N GLN A 631 32.03 31.53 5.85
CA GLN A 631 30.69 31.58 6.41
C GLN A 631 29.72 32.10 5.34
N THR A 632 28.48 31.62 5.37
CA THR A 632 27.50 32.02 4.39
C THR A 632 26.12 31.81 4.96
N ARG A 633 25.15 32.58 4.44
CA ARG A 633 23.78 32.45 4.90
C ARG A 633 23.22 31.05 4.63
N ALA A 634 23.84 30.30 3.72
CA ALA A 634 23.46 28.93 3.47
C ALA A 634 24.13 27.94 4.41
N GLY A 635 25.33 28.27 4.90
CA GLY A 635 26.01 27.39 5.83
C GLY A 635 27.50 27.71 5.88
N CYS A 636 28.26 26.75 6.39
CA CYS A 636 29.70 26.89 6.51
C CYS A 636 30.39 26.06 5.44
N LEU A 637 31.29 26.71 4.70
CA LEU A 637 31.92 26.12 3.52
C LEU A 637 33.39 25.89 3.82
N ILE A 638 33.85 24.66 3.62
CA ILE A 638 35.21 24.25 3.94
C ILE A 638 35.87 23.74 2.67
N GLY A 639 37.08 24.22 2.39
CA GLY A 639 37.80 23.85 1.20
C GLY A 639 37.75 24.87 0.08
N ALA A 640 37.16 26.04 0.32
CA ALA A 640 37.09 27.10 -0.68
C ALA A 640 37.54 28.40 -0.04
N GLU A 641 38.26 29.21 -0.82
CA GLU A 641 38.82 30.46 -0.32
C GLU A 641 38.04 31.64 -0.87
N HIS A 642 37.74 32.59 0.02
CA HIS A 642 36.92 33.74 -0.33
C HIS A 642 37.66 34.62 -1.35
N VAL A 643 36.88 35.43 -2.07
CA VAL A 643 37.43 36.33 -3.08
C VAL A 643 36.54 37.56 -3.15
N ASN A 644 37.15 38.69 -3.52
CA ASN A 644 36.43 39.95 -3.62
C ASN A 644 35.98 40.29 -5.04
N ASN A 645 36.68 39.80 -6.05
CA ASN A 645 36.23 40.00 -7.42
C ASN A 645 34.90 39.29 -7.66
N SER A 646 34.09 39.86 -8.53
CA SER A 646 32.79 39.30 -8.87
C SER A 646 32.79 38.85 -10.32
N TYR A 647 32.40 37.59 -10.54
CA TYR A 647 32.32 36.99 -11.86
C TYR A 647 30.91 36.44 -12.08
N GLU A 648 30.72 35.78 -13.21
CA GLU A 648 29.47 35.08 -13.46
C GLU A 648 29.38 33.83 -12.59
N CYS A 649 28.16 33.39 -12.32
CA CYS A 649 27.96 32.20 -11.51
C CYS A 649 28.34 30.95 -12.30
N ASP A 650 29.05 30.03 -11.64
CA ASP A 650 29.42 28.75 -12.25
C ASP A 650 28.76 27.59 -11.53
N ILE A 651 29.00 27.41 -10.24
CA ILE A 651 28.33 26.41 -9.42
C ILE A 651 27.58 27.14 -8.31
N PRO A 652 26.29 27.41 -8.49
CA PRO A 652 25.59 28.26 -7.53
C PRO A 652 25.46 27.62 -6.15
N ILE A 653 26.20 28.16 -5.18
CA ILE A 653 26.09 27.67 -3.80
C ILE A 653 24.78 28.11 -3.19
N GLY A 654 24.40 29.36 -3.38
CA GLY A 654 23.13 29.88 -2.91
C GLY A 654 23.30 31.14 -2.09
N ALA A 655 22.16 31.78 -1.83
CA ALA A 655 22.11 33.02 -1.05
C ALA A 655 22.99 34.10 -1.67
N GLY A 656 23.22 34.04 -2.97
CA GLY A 656 24.04 35.00 -3.66
C GLY A 656 25.51 34.62 -3.80
N ILE A 657 25.89 33.44 -3.32
CA ILE A 657 27.28 32.99 -3.36
C ILE A 657 27.43 31.91 -4.43
N CYS A 658 28.42 32.08 -5.29
CA CYS A 658 28.71 31.13 -6.37
C CYS A 658 30.17 30.72 -6.31
N ALA A 659 30.43 29.45 -6.60
CA ALA A 659 31.77 28.89 -6.57
C ALA A 659 32.28 28.66 -7.99
N SER A 660 33.59 28.47 -8.10
CA SER A 660 34.19 28.16 -9.39
C SER A 660 35.56 27.54 -9.15
N TYR A 661 36.13 27.00 -10.23
CA TYR A 661 37.45 26.36 -10.23
C TYR A 661 38.31 27.07 -11.28
N GLN A 662 38.95 28.16 -10.86
CA GLN A 662 39.74 29.00 -11.76
C GLN A 662 41.17 29.08 -11.28
N THR A 663 42.10 29.13 -12.22
CA THR A 663 43.51 29.23 -11.89
C THR A 663 43.78 30.54 -11.16
N GLN A 664 44.62 30.46 -10.14
CA GLN A 664 44.96 31.64 -9.33
C GLN A 664 46.47 31.76 -9.18
N SER A 676 48.27 25.61 -7.89
CA SER A 676 48.02 26.49 -9.03
C SER A 676 46.53 26.61 -9.30
N GLN A 677 45.74 25.67 -8.80
CA GLN A 677 44.29 25.65 -8.96
C GLN A 677 43.63 25.47 -7.61
N SER A 678 42.49 26.13 -7.43
CA SER A 678 41.75 26.07 -6.17
C SER A 678 40.30 26.40 -6.45
N ILE A 679 39.44 26.09 -5.48
CA ILE A 679 38.02 26.40 -5.57
C ILE A 679 37.79 27.73 -4.87
N ILE A 680 37.23 28.69 -5.60
CA ILE A 680 37.00 30.04 -5.09
C ILE A 680 35.51 30.27 -4.97
N ALA A 681 35.06 30.72 -3.81
CA ALA A 681 33.67 31.05 -3.56
C ALA A 681 33.54 32.55 -3.42
N TYR A 682 32.70 33.16 -4.26
CA TYR A 682 32.59 34.61 -4.34
C TYR A 682 31.13 35.00 -4.45
N THR A 683 30.89 36.29 -4.62
CA THR A 683 29.55 36.84 -4.81
C THR A 683 29.30 37.08 -6.29
N MET A 684 28.26 36.45 -6.83
CA MET A 684 28.00 36.52 -8.26
C MET A 684 27.67 37.96 -8.64
N SER A 685 27.97 38.29 -9.90
CA SER A 685 27.77 39.63 -10.43
C SER A 685 26.56 39.64 -11.34
N LEU A 686 25.67 40.60 -11.12
CA LEU A 686 24.50 40.73 -11.99
C LEU A 686 24.93 41.10 -13.41
N GLY A 687 25.91 41.97 -13.55
CA GLY A 687 26.39 42.36 -14.85
C GLY A 687 27.23 43.62 -14.76
N ALA A 688 27.73 44.04 -15.91
CA ALA A 688 28.58 45.21 -15.98
C ALA A 688 27.73 46.47 -15.84
N GLU A 689 28.09 47.31 -14.87
CA GLU A 689 27.30 48.53 -14.66
C GLU A 689 27.38 49.44 -15.88
N ASN A 690 26.26 50.10 -16.15
CA ASN A 690 26.14 51.00 -17.28
C ASN A 690 25.30 52.19 -16.85
N SER A 691 25.41 53.28 -17.61
CA SER A 691 24.62 54.47 -17.33
C SER A 691 24.36 55.20 -18.62
N VAL A 692 23.09 55.45 -18.93
CA VAL A 692 22.71 56.13 -20.15
C VAL A 692 22.72 57.63 -19.89
N ALA A 693 23.42 58.37 -20.75
CA ALA A 693 23.54 59.81 -20.57
C ALA A 693 22.24 60.51 -20.89
N TYR A 694 21.23 60.34 -20.03
CA TYR A 694 19.93 60.95 -20.28
C TYR A 694 20.03 62.47 -20.20
N SER A 695 19.35 63.13 -21.13
CA SER A 695 19.30 64.59 -21.15
C SER A 695 18.09 65.01 -21.96
N ASN A 696 17.32 65.95 -21.43
CA ASN A 696 15.98 66.20 -21.92
C ASN A 696 15.94 66.75 -23.34
N ASN A 697 17.09 66.93 -23.98
CA ASN A 697 17.14 67.24 -25.41
C ASN A 697 18.32 66.53 -26.05
N SER A 698 18.40 65.21 -25.85
CA SER A 698 19.48 64.41 -26.42
C SER A 698 18.91 63.08 -26.91
N ILE A 699 19.19 62.74 -28.18
CA ILE A 699 18.78 61.47 -28.76
C ILE A 699 19.98 60.84 -29.45
N ALA A 700 19.90 59.52 -29.64
CA ALA A 700 20.98 58.74 -30.24
C ALA A 700 20.39 57.81 -31.28
N ILE A 701 20.67 58.07 -32.55
CA ILE A 701 20.10 57.35 -33.68
C ILE A 701 21.20 56.47 -34.28
N PRO A 702 21.03 55.15 -34.33
CA PRO A 702 22.11 54.30 -34.86
C PRO A 702 22.34 54.51 -36.34
N THR A 703 23.59 54.32 -36.76
CA THR A 703 24.00 54.59 -38.13
C THR A 703 24.30 53.33 -38.94
N ASN A 704 24.40 52.17 -38.30
CA ASN A 704 24.75 50.93 -38.98
C ASN A 704 24.10 49.77 -38.25
N PHE A 705 23.93 48.66 -38.95
CA PHE A 705 23.14 47.56 -38.40
C PHE A 705 23.88 46.24 -38.46
N THR A 706 23.21 45.15 -38.09
CA THR A 706 23.79 43.84 -38.15
C THR A 706 22.67 42.82 -38.28
N ILE A 707 22.97 41.73 -38.98
CA ILE A 707 22.06 40.59 -39.15
C ILE A 707 22.63 39.43 -38.37
N SER A 708 21.86 38.93 -37.40
CA SER A 708 22.35 37.88 -36.50
C SER A 708 21.40 36.70 -36.54
N VAL A 709 21.96 35.51 -36.70
CA VAL A 709 21.21 34.26 -36.71
C VAL A 709 21.46 33.55 -35.39
N THR A 710 20.42 33.34 -34.62
CA THR A 710 20.53 32.72 -33.30
C THR A 710 19.69 31.46 -33.25
N THR A 711 20.23 30.40 -32.68
CA THR A 711 19.56 29.12 -32.65
C THR A 711 18.60 29.05 -31.47
N GLU A 712 17.63 28.15 -31.57
CA GLU A 712 16.71 27.88 -30.47
C GLU A 712 16.20 26.46 -30.57
N ILE A 713 16.44 25.66 -29.53
CA ILE A 713 16.10 24.24 -29.53
C ILE A 713 14.84 24.05 -28.70
N LEU A 714 13.94 23.17 -29.17
CA LEU A 714 12.72 22.86 -28.44
C LEU A 714 12.44 21.37 -28.51
N PRO A 715 12.06 20.73 -27.41
CA PRO A 715 11.50 19.37 -27.50
C PRO A 715 10.12 19.38 -28.12
N VAL A 716 9.75 18.25 -28.72
CA VAL A 716 8.45 18.14 -29.38
C VAL A 716 7.77 16.82 -29.06
N SER A 717 8.50 15.86 -28.52
CA SER A 717 7.92 14.56 -28.18
C SER A 717 8.97 13.74 -27.47
N MET A 718 8.55 12.58 -26.96
CA MET A 718 9.42 11.66 -26.26
C MET A 718 9.09 10.24 -26.70
N THR A 719 9.82 9.28 -26.15
CA THR A 719 9.66 7.89 -26.59
C THR A 719 8.27 7.37 -26.26
N LYS A 720 7.77 6.49 -27.11
CA LYS A 720 6.46 5.88 -26.94
C LYS A 720 6.59 4.51 -26.29
N THR A 721 6.99 4.52 -25.03
CA THR A 721 7.13 3.27 -24.30
C THR A 721 5.76 2.67 -24.00
N SER A 722 5.74 1.36 -23.81
CA SER A 722 4.53 0.66 -23.43
C SER A 722 4.92 -0.56 -22.60
N VAL A 723 4.22 -0.74 -21.48
CA VAL A 723 4.51 -1.80 -20.52
C VAL A 723 3.27 -2.67 -20.38
N ASP A 724 3.48 -3.98 -20.34
CA ASP A 724 2.41 -4.94 -20.14
C ASP A 724 2.44 -5.37 -18.68
N CYS A 725 1.49 -4.85 -17.90
CA CYS A 725 1.55 -5.04 -16.45
C CYS A 725 1.48 -6.51 -16.08
N THR A 726 0.63 -7.29 -16.74
CA THR A 726 0.45 -8.68 -16.35
C THR A 726 1.76 -9.46 -16.46
N MET A 727 2.66 -9.03 -17.34
CA MET A 727 3.93 -9.71 -17.51
C MET A 727 5.01 -9.15 -16.60
N TYR A 728 5.05 -7.83 -16.44
CA TYR A 728 6.02 -7.22 -15.55
C TYR A 728 5.82 -7.69 -14.11
N ILE A 729 4.57 -7.67 -13.63
CA ILE A 729 4.31 -7.99 -12.23
C ILE A 729 4.49 -9.48 -11.97
N CYS A 730 3.96 -10.33 -12.86
CA CYS A 730 3.93 -11.77 -12.61
C CYS A 730 4.96 -12.55 -13.42
N GLY A 731 5.41 -12.03 -14.54
CA GLY A 731 6.42 -12.72 -15.32
C GLY A 731 5.97 -14.07 -15.86
N ASP A 732 4.74 -14.15 -16.32
CA ASP A 732 4.22 -15.37 -16.96
C ASP A 732 4.22 -16.55 -15.98
N SER A 733 3.55 -16.35 -14.85
CA SER A 733 3.32 -17.39 -13.86
C SER A 733 1.82 -17.46 -13.60
N THR A 734 1.29 -18.69 -13.49
CA THR A 734 -0.16 -18.85 -13.37
C THR A 734 -0.67 -18.45 -12.00
N GLU A 735 0.04 -18.86 -10.94
CA GLU A 735 -0.41 -18.52 -9.59
C GLU A 735 -0.49 -17.02 -9.40
N CYS A 736 0.58 -16.31 -9.77
CA CYS A 736 0.57 -14.85 -9.67
C CYS A 736 -0.47 -14.24 -10.58
N SER A 737 -0.64 -14.79 -11.77
CA SER A 737 -1.63 -14.23 -12.69
C SER A 737 -3.03 -14.34 -12.13
N ASN A 738 -3.32 -15.41 -11.40
CA ASN A 738 -4.63 -15.51 -10.75
C ASN A 738 -4.73 -14.56 -9.56
N LEU A 739 -3.70 -14.52 -8.72
CA LEU A 739 -3.75 -13.63 -7.56
C LEU A 739 -3.92 -12.18 -7.96
N LEU A 740 -3.39 -11.80 -9.13
CA LEU A 740 -3.50 -10.42 -9.58
C LEU A 740 -4.90 -10.05 -10.04
N LEU A 741 -5.81 -11.03 -10.19
CA LEU A 741 -7.15 -10.72 -10.65
C LEU A 741 -7.98 -10.07 -9.56
N GLN A 742 -7.71 -10.39 -8.29
CA GLN A 742 -8.52 -9.86 -7.20
C GLN A 742 -8.41 -8.34 -7.13
N TYR A 743 -7.24 -7.79 -7.43
CA TYR A 743 -7.01 -6.36 -7.26
C TYR A 743 -7.87 -5.50 -8.18
N GLY A 744 -8.50 -6.09 -9.19
CA GLY A 744 -9.46 -5.35 -9.99
C GLY A 744 -8.95 -5.00 -11.37
N SER A 745 -9.17 -3.75 -11.78
CA SER A 745 -8.82 -3.28 -13.12
C SER A 745 -7.71 -2.24 -13.08
N PHE A 746 -6.66 -2.51 -12.30
CA PHE A 746 -5.52 -1.60 -12.29
C PHE A 746 -4.74 -1.66 -13.60
N CYS A 747 -4.47 -2.87 -14.09
CA CYS A 747 -3.64 -3.02 -15.27
C CYS A 747 -4.29 -2.37 -16.49
N THR A 748 -5.61 -2.54 -16.64
CA THR A 748 -6.27 -1.97 -17.81
C THR A 748 -6.18 -0.45 -17.80
N GLN A 749 -6.35 0.17 -16.64
CA GLN A 749 -6.28 1.63 -16.58
C GLN A 749 -4.85 2.16 -16.54
N LEU A 750 -3.86 1.31 -16.31
CA LEU A 750 -2.48 1.70 -16.59
C LEU A 750 -2.21 1.68 -18.09
N ASN A 751 -2.68 0.65 -18.77
CA ASN A 751 -2.49 0.54 -20.21
C ASN A 751 -3.22 1.65 -20.94
N ARG A 752 -4.42 2.02 -20.46
CA ARG A 752 -5.13 3.14 -21.07
C ARG A 752 -4.33 4.43 -20.96
N ALA A 753 -3.73 4.68 -19.80
CA ALA A 753 -2.94 5.90 -19.63
C ALA A 753 -1.72 5.90 -20.55
N LEU A 754 -1.01 4.78 -20.61
CA LEU A 754 0.18 4.71 -21.46
C LEU A 754 -0.19 4.87 -22.93
N THR A 755 -1.29 4.27 -23.37
CA THR A 755 -1.72 4.44 -24.75
C THR A 755 -2.12 5.90 -25.03
N GLY A 756 -2.75 6.55 -24.06
CA GLY A 756 -3.05 7.97 -24.23
C GLY A 756 -1.79 8.78 -24.42
N ILE A 757 -0.76 8.51 -23.62
CA ILE A 757 0.51 9.22 -23.77
C ILE A 757 1.07 8.99 -25.17
N ALA A 758 1.08 7.72 -25.61
CA ALA A 758 1.66 7.41 -26.92
C ALA A 758 0.94 8.14 -28.05
N VAL A 759 -0.40 8.17 -28.00
CA VAL A 759 -1.15 8.87 -29.03
C VAL A 759 -0.87 10.36 -28.97
N GLU A 760 -0.71 10.92 -27.76
CA GLU A 760 -0.34 12.33 -27.67
C GLU A 760 0.99 12.59 -28.36
N GLN A 761 1.96 11.68 -28.18
CA GLN A 761 3.26 11.87 -28.81
C GLN A 761 3.13 11.83 -30.32
N ASP A 762 2.31 10.92 -30.85
CA ASP A 762 2.08 10.91 -32.30
C ASP A 762 1.37 12.18 -32.76
N LYS A 763 0.57 12.80 -31.89
CA LYS A 763 -0.17 13.99 -32.27
C LYS A 763 0.73 15.23 -32.29
N ASN A 764 1.70 15.32 -31.36
CA ASN A 764 2.53 16.51 -31.28
C ASN A 764 3.30 16.75 -32.58
N THR A 765 3.87 15.68 -33.14
CA THR A 765 4.69 15.82 -34.33
C THR A 765 3.88 16.32 -35.52
N GLN A 766 2.62 15.90 -35.64
CA GLN A 766 1.77 16.42 -36.70
C GLN A 766 1.26 17.82 -36.39
N GLU A 767 1.14 18.17 -35.11
CA GLU A 767 0.80 19.55 -34.77
C GLU A 767 1.90 20.50 -35.22
N VAL A 768 3.15 20.10 -35.05
CA VAL A 768 4.27 20.99 -35.36
C VAL A 768 4.55 21.01 -36.86
N PHE A 769 4.97 19.88 -37.42
CA PHE A 769 5.53 19.85 -38.76
C PHE A 769 4.48 19.88 -39.86
N ALA A 770 3.30 19.30 -39.61
CA ALA A 770 2.34 19.04 -40.67
C ALA A 770 1.40 20.21 -40.93
N GLN A 771 1.86 21.44 -40.71
CA GLN A 771 1.05 22.62 -40.98
C GLN A 771 0.99 22.97 -42.45
N VAL A 772 1.76 22.31 -43.30
CA VAL A 772 1.83 22.63 -44.72
C VAL A 772 0.85 21.74 -45.47
N LYS A 773 0.06 22.35 -46.35
CA LYS A 773 -0.96 21.60 -47.09
C LYS A 773 -0.32 20.67 -48.12
N GLN A 774 0.64 21.18 -48.89
CA GLN A 774 1.21 20.46 -50.00
C GLN A 774 2.73 20.45 -49.88
N ILE A 775 3.35 19.46 -50.52
CA ILE A 775 4.80 19.32 -50.54
C ILE A 775 5.35 20.17 -51.69
N TYR A 776 6.26 21.07 -51.38
CA TYR A 776 6.85 21.97 -52.35
C TYR A 776 8.24 21.48 -52.76
N LYS A 777 8.68 21.96 -53.92
CA LYS A 777 9.99 21.59 -54.46
C LYS A 777 10.74 22.87 -54.82
N THR A 778 11.96 23.00 -54.31
CA THR A 778 12.77 24.16 -54.63
C THR A 778 13.26 24.07 -56.07
N PRO A 779 13.39 25.20 -56.76
CA PRO A 779 13.80 25.16 -58.16
C PRO A 779 15.20 24.61 -58.30
N PRO A 780 15.51 23.93 -59.42
CA PRO A 780 16.87 23.39 -59.59
C PRO A 780 17.95 24.47 -59.60
N ILE A 781 17.66 25.64 -60.16
CA ILE A 781 18.65 26.70 -60.27
C ILE A 781 18.58 27.58 -59.03
N LYS A 782 19.72 27.82 -58.41
CA LYS A 782 19.83 28.58 -57.17
C LYS A 782 20.41 29.95 -57.51
N ASP A 783 19.54 30.95 -57.61
CA ASP A 783 19.94 32.33 -57.90
C ASP A 783 19.08 33.25 -57.05
N PHE A 784 19.49 33.45 -55.80
CA PHE A 784 18.72 34.23 -54.83
C PHE A 784 19.33 35.60 -54.59
N GLY A 785 20.01 36.15 -55.58
CA GLY A 785 20.56 37.49 -55.47
C GLY A 785 21.61 37.64 -54.39
N GLY A 786 22.48 36.65 -54.25
CA GLY A 786 23.55 36.71 -53.27
C GLY A 786 23.32 35.77 -52.10
N PHE A 787 22.09 35.69 -51.62
CA PHE A 787 21.79 34.84 -50.48
C PHE A 787 22.08 33.40 -50.84
N ASN A 788 22.61 32.65 -49.88
CA ASN A 788 23.13 31.31 -50.11
C ASN A 788 22.60 30.38 -49.03
N PHE A 789 21.70 29.47 -49.41
CA PHE A 789 21.02 28.59 -48.48
C PHE A 789 21.58 27.17 -48.49
N SER A 790 22.76 26.96 -49.07
CA SER A 790 23.23 25.59 -49.29
C SER A 790 23.27 24.80 -48.00
N GLN A 791 23.50 25.46 -46.87
CA GLN A 791 23.68 24.76 -45.61
C GLN A 791 22.36 24.26 -45.04
N ILE A 792 21.24 24.91 -45.35
CA ILE A 792 19.96 24.56 -44.77
C ILE A 792 19.15 23.67 -45.70
N LEU A 793 19.20 23.92 -47.00
CA LEU A 793 18.39 23.17 -47.95
C LEU A 793 18.90 21.75 -48.10
N PRO A 794 18.06 20.84 -48.59
CA PRO A 794 18.48 19.45 -48.72
C PRO A 794 19.69 19.31 -49.63
N ASP A 795 20.54 18.33 -49.31
CA ASP A 795 21.70 18.04 -50.12
C ASP A 795 21.41 16.79 -50.95
N PRO A 796 21.20 16.91 -52.28
CA PRO A 796 20.84 15.72 -53.06
C PRO A 796 21.92 14.65 -53.07
N SER A 797 23.19 15.02 -52.92
CA SER A 797 24.27 14.05 -53.01
C SER A 797 24.12 12.97 -51.95
N LYS A 798 23.83 13.36 -50.72
CA LYS A 798 23.65 12.40 -49.66
C LYS A 798 22.40 11.56 -49.93
N PRO A 799 22.35 10.33 -49.42
CA PRO A 799 21.19 9.47 -49.72
C PRO A 799 19.87 10.08 -49.28
N SER A 800 19.86 10.78 -48.15
CA SER A 800 18.66 11.35 -47.59
C SER A 800 18.57 12.84 -47.95
N LYS A 801 17.46 13.46 -47.54
CA LYS A 801 17.25 14.89 -47.77
C LYS A 801 17.84 15.76 -46.67
N ARG A 802 18.41 15.15 -45.62
CA ARG A 802 18.91 15.92 -44.50
C ARG A 802 20.03 16.84 -44.95
N SER A 803 19.93 18.11 -44.57
CA SER A 803 20.91 19.12 -44.92
C SER A 803 22.12 18.99 -44.01
N PRO A 804 23.23 19.65 -44.35
CA PRO A 804 24.43 19.54 -43.50
C PRO A 804 24.19 19.88 -42.04
N ILE A 805 23.48 20.98 -41.76
CA ILE A 805 23.20 21.33 -40.37
C ILE A 805 22.36 20.26 -39.72
N GLU A 806 21.39 19.72 -40.45
CA GLU A 806 20.59 18.62 -39.90
C GLU A 806 21.48 17.43 -39.59
N ASP A 807 22.50 17.18 -40.42
CA ASP A 807 23.42 16.09 -40.11
C ASP A 807 24.19 16.34 -38.82
N LEU A 808 24.68 17.57 -38.62
CA LEU A 808 25.37 17.88 -37.38
C LEU A 808 24.44 17.69 -36.18
N LEU A 809 23.21 18.17 -36.30
CA LEU A 809 22.26 18.05 -35.19
C LEU A 809 21.98 16.58 -34.89
N PHE A 810 21.85 15.76 -35.93
CA PHE A 810 21.56 14.34 -35.70
C PHE A 810 22.76 13.62 -35.09
N ASN A 811 23.98 14.07 -35.40
CA ASN A 811 25.14 13.44 -34.78
C ASN A 811 25.34 13.88 -33.34
N LYS A 812 25.07 15.14 -33.02
CA LYS A 812 25.34 15.64 -31.67
C LYS A 812 24.49 14.92 -30.63
N VAL A 813 23.20 14.74 -30.91
CA VAL A 813 22.29 14.12 -29.95
C VAL A 813 22.47 12.61 -30.01
N THR A 814 22.79 12.01 -28.87
CA THR A 814 23.03 10.58 -28.76
C THR A 814 21.72 9.89 -28.37
N LEU A 815 21.24 9.02 -29.25
CA LEU A 815 20.00 8.29 -29.00
C LEU A 815 20.16 7.19 -27.96
N ALA A 816 21.35 7.03 -27.40
CA ALA A 816 21.61 6.02 -26.38
C ALA A 816 21.50 4.63 -26.99
N ASP A 817 22.25 3.67 -26.44
CA ASP A 817 22.30 2.32 -26.98
C ASP A 817 21.40 1.41 -26.15
N ALA A 818 20.69 0.52 -26.85
CA ALA A 818 19.82 -0.49 -26.25
C ALA A 818 18.62 0.10 -25.54
N GLY A 819 18.28 1.36 -25.81
CA GLY A 819 17.04 1.94 -25.30
C GLY A 819 17.09 2.30 -23.83
N PHE A 820 17.20 1.30 -22.97
CA PHE A 820 17.17 1.53 -21.52
C PHE A 820 18.50 2.10 -21.05
N ILE A 837 15.21 -0.40 -30.63
CA ILE A 837 16.27 -0.23 -29.65
C ILE A 837 15.72 -0.57 -28.27
N CYS A 838 16.32 -1.57 -27.62
CA CYS A 838 15.85 -2.02 -26.32
C CYS A 838 16.89 -2.95 -25.71
N ALA A 839 17.20 -2.75 -24.43
CA ALA A 839 18.14 -3.61 -23.73
C ALA A 839 17.44 -4.83 -23.13
N GLN A 840 16.49 -4.60 -22.23
CA GLN A 840 15.75 -5.66 -21.56
C GLN A 840 14.31 -5.62 -22.05
N LYS A 841 14.07 -6.23 -23.22
CA LYS A 841 12.72 -6.42 -23.71
C LYS A 841 12.05 -7.63 -23.08
N PHE A 842 12.82 -8.42 -22.32
CA PHE A 842 12.30 -9.65 -21.73
C PHE A 842 11.41 -9.40 -20.52
N ASN A 843 11.41 -8.19 -19.96
CA ASN A 843 10.67 -7.90 -18.74
C ASN A 843 9.30 -7.30 -18.99
N GLY A 844 8.88 -7.18 -20.25
CA GLY A 844 7.56 -6.69 -20.59
C GLY A 844 7.54 -5.29 -21.14
N LEU A 845 8.61 -4.52 -20.96
CA LEU A 845 8.67 -3.18 -21.50
C LEU A 845 9.01 -3.22 -22.99
N THR A 846 8.47 -2.26 -23.73
CA THR A 846 8.66 -2.22 -25.18
C THR A 846 8.59 -0.79 -25.65
N VAL A 847 9.15 -0.54 -26.84
CA VAL A 847 9.18 0.78 -27.44
C VAL A 847 8.54 0.70 -28.81
N LEU A 848 7.59 1.60 -29.08
CA LEU A 848 6.87 1.61 -30.34
C LEU A 848 7.42 2.66 -31.27
N PRO A 849 7.38 2.45 -32.58
CA PRO A 849 7.99 3.39 -33.52
C PRO A 849 7.08 4.58 -33.81
N PRO A 850 7.63 5.77 -34.02
CA PRO A 850 6.80 6.92 -34.37
C PRO A 850 6.19 6.79 -35.76
N LEU A 851 5.04 7.44 -35.94
CA LEU A 851 4.33 7.33 -37.21
C LEU A 851 5.09 7.99 -38.35
N LEU A 852 5.54 9.22 -38.16
CA LEU A 852 6.23 9.97 -39.21
C LEU A 852 7.72 9.63 -39.14
N THR A 853 8.19 8.80 -40.06
CA THR A 853 9.59 8.44 -40.07
C THR A 853 10.45 9.65 -40.39
N ASP A 854 11.73 9.57 -40.01
CA ASP A 854 12.61 10.72 -40.15
C ASP A 854 12.65 11.24 -41.58
N GLU A 855 12.48 10.36 -42.57
CA GLU A 855 12.41 10.83 -43.95
C GLU A 855 11.19 11.73 -44.16
N MET A 856 10.05 11.37 -43.58
CA MET A 856 8.85 12.19 -43.73
C MET A 856 9.02 13.53 -43.01
N ILE A 857 9.65 13.52 -41.83
CA ILE A 857 9.93 14.77 -41.14
C ILE A 857 10.84 15.65 -41.99
N ALA A 858 11.85 15.04 -42.62
CA ALA A 858 12.73 15.80 -43.49
C ALA A 858 11.97 16.38 -44.68
N GLN A 859 11.06 15.61 -45.27
CA GLN A 859 10.27 16.12 -46.39
C GLN A 859 9.41 17.29 -45.95
N TYR A 860 8.79 17.20 -44.78
CA TYR A 860 7.97 18.30 -44.28
C TYR A 860 8.81 19.56 -44.09
N THR A 861 9.96 19.42 -43.42
CA THR A 861 10.78 20.61 -43.18
C THR A 861 11.28 21.19 -44.49
N SER A 862 11.61 20.34 -45.46
CA SER A 862 12.06 20.84 -46.75
C SER A 862 10.94 21.56 -47.49
N ALA A 863 9.71 21.05 -47.40
CA ALA A 863 8.59 21.74 -48.04
C ALA A 863 8.37 23.12 -47.41
N LEU A 864 8.40 23.17 -46.07
CA LEU A 864 8.26 24.46 -45.39
C LEU A 864 9.36 25.42 -45.83
N LEU A 865 10.59 24.94 -45.87
CA LEU A 865 11.74 25.78 -46.16
C LEU A 865 11.85 26.15 -47.63
N ALA A 866 11.20 25.40 -48.52
CA ALA A 866 11.18 25.74 -49.93
C ALA A 866 9.99 26.61 -50.32
N GLY A 867 8.91 26.58 -49.53
CA GLY A 867 7.86 27.56 -49.72
C GLY A 867 8.17 28.89 -49.07
N THR A 868 8.99 28.88 -48.01
CA THR A 868 9.40 30.14 -47.40
C THR A 868 10.32 30.94 -48.32
N ILE A 869 11.13 30.27 -49.12
CA ILE A 869 12.13 30.96 -49.92
C ILE A 869 11.49 31.65 -51.11
N THR A 870 10.61 30.96 -51.83
CA THR A 870 10.03 31.50 -53.05
C THR A 870 8.71 32.24 -52.78
N SER A 871 7.80 31.62 -52.03
CA SER A 871 6.51 32.23 -51.76
C SER A 871 6.58 33.24 -50.62
N GLY A 872 7.05 32.81 -49.46
CA GLY A 872 7.27 33.71 -48.34
C GLY A 872 6.28 33.54 -47.20
N TRP A 873 5.56 34.61 -46.91
CA TRP A 873 4.53 34.61 -45.86
C TRP A 873 3.14 34.33 -46.41
N THR A 874 3.02 34.04 -47.71
CA THR A 874 1.73 33.86 -48.34
C THR A 874 1.31 32.41 -48.49
N PHE A 875 2.23 31.46 -48.39
CA PHE A 875 1.85 30.07 -48.57
C PHE A 875 1.12 29.51 -47.36
N GLY A 876 1.07 30.26 -46.26
CA GLY A 876 0.34 29.85 -45.08
C GLY A 876 -1.01 30.50 -44.90
N ALA A 877 -1.48 31.27 -45.90
CA ALA A 877 -2.76 31.97 -45.80
C ALA A 877 -3.52 31.91 -47.11
N GLY A 878 -3.37 30.83 -47.86
CA GLY A 878 -4.03 30.71 -49.15
C GLY A 878 -3.18 30.00 -50.17
N PRO A 879 -3.32 30.38 -51.45
CA PRO A 879 -2.47 29.79 -52.49
C PRO A 879 -1.09 30.45 -52.52
N ALA A 880 -0.06 29.62 -52.50
CA ALA A 880 1.30 30.14 -52.48
C ALA A 880 1.56 31.01 -53.71
N LEU A 881 2.12 32.20 -53.47
CA LEU A 881 2.37 33.17 -54.53
C LEU A 881 3.87 33.42 -54.62
N GLN A 882 4.44 33.18 -55.80
CA GLN A 882 5.87 33.35 -55.99
C GLN A 882 6.26 34.82 -55.86
N ILE A 883 7.50 35.05 -55.45
CA ILE A 883 8.04 36.40 -55.34
C ILE A 883 9.55 36.31 -55.17
N PRO A 884 10.35 37.13 -55.88
CA PRO A 884 11.81 37.02 -55.75
C PRO A 884 12.25 37.26 -54.31
N PHE A 885 13.29 36.54 -53.89
CA PHE A 885 13.76 36.67 -52.52
C PHE A 885 14.24 38.08 -52.18
N PRO A 886 15.04 38.76 -53.02
CA PRO A 886 15.45 40.12 -52.67
C PRO A 886 14.30 41.09 -52.54
N MET A 887 13.12 40.76 -53.07
CA MET A 887 11.93 41.56 -52.80
C MET A 887 11.26 41.13 -51.50
N GLN A 888 11.27 39.83 -51.19
CA GLN A 888 10.69 39.39 -49.94
C GLN A 888 11.43 40.01 -48.76
N MET A 889 12.76 40.10 -48.85
CA MET A 889 13.49 40.73 -47.76
C MET A 889 13.17 42.21 -47.65
N ALA A 890 12.99 42.90 -48.77
CA ALA A 890 12.61 44.29 -48.72
C ALA A 890 11.22 44.49 -48.12
N TYR A 891 10.33 43.51 -48.26
CA TYR A 891 9.05 43.60 -47.57
C TYR A 891 9.17 43.29 -46.09
N ARG A 892 10.06 42.37 -45.71
CA ARG A 892 10.29 42.09 -44.30
C ARG A 892 11.10 43.18 -43.60
N PHE A 893 11.75 44.08 -44.35
CA PHE A 893 12.38 45.25 -43.74
C PHE A 893 11.35 46.29 -43.34
N ASN A 894 10.27 46.43 -44.10
CA ASN A 894 9.20 47.35 -43.71
C ASN A 894 8.48 46.89 -42.45
N GLY A 895 8.56 45.60 -42.12
CA GLY A 895 7.92 45.12 -40.91
C GLY A 895 8.51 45.70 -39.66
N ILE A 896 9.82 45.97 -39.65
CA ILE A 896 10.51 46.45 -38.46
C ILE A 896 10.69 47.96 -38.45
N GLY A 897 10.11 48.67 -39.41
CA GLY A 897 10.19 50.12 -39.41
C GLY A 897 11.38 50.71 -40.12
N VAL A 898 12.04 49.96 -40.99
CA VAL A 898 13.15 50.45 -41.81
C VAL A 898 12.66 50.48 -43.25
N THR A 899 12.71 51.67 -43.88
CA THR A 899 12.25 51.79 -45.26
C THR A 899 12.90 50.71 -46.12
N GLN A 900 12.30 50.42 -47.27
CA GLN A 900 12.82 49.32 -48.09
C GLN A 900 14.13 49.69 -48.77
N ASN A 901 14.31 50.96 -49.11
CA ASN A 901 15.51 51.35 -49.84
C ASN A 901 16.77 51.10 -49.06
N VAL A 902 16.68 50.87 -47.75
CA VAL A 902 17.87 50.55 -46.97
C VAL A 902 18.50 49.24 -47.47
N LEU A 903 17.70 48.33 -48.03
CA LEU A 903 18.23 47.03 -48.41
C LEU A 903 18.78 47.02 -49.83
N TYR A 904 17.96 47.42 -50.80
CA TYR A 904 18.39 47.37 -52.20
C TYR A 904 19.68 48.13 -52.41
N GLU A 905 19.92 49.17 -51.61
CA GLU A 905 21.18 49.90 -51.73
C GLU A 905 22.32 49.12 -51.07
N ASN A 906 22.03 48.36 -50.02
CA ASN A 906 23.02 47.57 -49.30
C ASN A 906 22.77 46.08 -49.47
N GLN A 907 22.33 45.67 -50.67
CA GLN A 907 21.95 44.27 -50.87
C GLN A 907 23.16 43.35 -50.72
N LYS A 908 24.28 43.72 -51.33
CA LYS A 908 25.47 42.86 -51.33
C LYS A 908 26.03 42.68 -49.92
N LEU A 909 26.17 43.78 -49.19
CA LEU A 909 26.70 43.71 -47.84
C LEU A 909 25.80 42.87 -46.93
N ILE A 910 24.49 43.09 -47.04
CA ILE A 910 23.55 42.32 -46.23
C ILE A 910 23.63 40.84 -46.57
N ALA A 911 23.76 40.52 -47.87
CA ALA A 911 23.87 39.13 -48.27
C ALA A 911 25.12 38.49 -47.68
N ASN A 912 26.26 39.20 -47.70
CA ASN A 912 27.48 38.64 -47.12
C ASN A 912 27.35 38.46 -45.61
N GLN A 913 26.75 39.44 -44.92
CA GLN A 913 26.54 39.28 -43.49
C GLN A 913 25.68 38.06 -43.20
N PHE A 914 24.61 37.87 -43.98
CA PHE A 914 23.75 36.71 -43.77
C PHE A 914 24.51 35.42 -44.02
N ASN A 915 25.33 35.37 -45.07
CA ASN A 915 26.07 34.14 -45.38
C ASN A 915 27.05 33.81 -44.26
N SER A 916 27.80 34.81 -43.78
CA SER A 916 28.74 34.56 -42.69
C SER A 916 28.00 34.13 -41.42
N ALA A 917 26.87 34.77 -41.13
CA ALA A 917 26.10 34.39 -39.95
C ALA A 917 25.63 32.95 -40.04
N ILE A 918 25.16 32.53 -41.22
CA ILE A 918 24.76 31.14 -41.40
C ILE A 918 25.95 30.22 -41.21
N GLY A 919 27.10 30.61 -41.74
CA GLY A 919 28.28 29.77 -41.63
C GLY A 919 28.72 29.55 -40.19
N LYS A 920 28.71 30.62 -39.39
CA LYS A 920 29.15 30.49 -38.00
C LYS A 920 28.32 29.50 -37.21
N ILE A 921 27.07 29.24 -37.62
CA ILE A 921 26.20 28.36 -36.83
C ILE A 921 26.78 26.95 -36.78
N GLN A 922 27.27 26.46 -37.92
CA GLN A 922 27.83 25.10 -37.93
C GLN A 922 29.03 25.00 -37.01
N ASP A 923 29.92 26.00 -37.05
CA ASP A 923 31.08 25.96 -36.17
C ASP A 923 30.67 26.06 -34.70
N SER A 924 29.71 26.92 -34.39
CA SER A 924 29.25 27.03 -33.01
C SER A 924 28.67 25.72 -32.51
N LEU A 925 27.86 25.07 -33.35
CA LEU A 925 27.29 23.78 -32.96
C LEU A 925 28.36 22.71 -32.80
N SER A 926 29.35 22.68 -33.70
CA SER A 926 30.36 21.64 -33.66
C SER A 926 31.28 21.79 -32.47
N SER A 927 31.69 23.03 -32.17
CA SER A 927 32.69 23.23 -31.12
C SER A 927 32.18 22.73 -29.77
N THR A 928 30.96 23.09 -29.40
CA THR A 928 30.39 22.74 -28.11
C THR A 928 29.47 21.54 -28.29
N PRO A 929 29.75 20.47 -27.55
CA PRO A 929 28.92 19.27 -27.62
C PRO A 929 27.70 19.34 -26.70
N SER A 930 27.59 20.37 -25.87
CA SER A 930 26.47 20.52 -24.95
C SER A 930 25.41 21.49 -25.47
N ALA A 931 25.47 21.86 -26.75
CA ALA A 931 24.49 22.78 -27.30
C ALA A 931 23.08 22.18 -27.26
N LEU A 932 22.97 20.90 -27.65
CA LEU A 932 21.68 20.22 -27.66
C LEU A 932 21.36 19.68 -26.27
N GLY A 933 21.34 20.60 -25.31
CA GLY A 933 21.12 20.20 -23.93
C GLY A 933 19.73 19.66 -23.68
N LYS A 934 18.71 20.30 -24.25
CA LYS A 934 17.33 19.97 -23.90
C LYS A 934 16.92 18.61 -24.43
N LEU A 935 17.22 18.33 -25.70
CA LEU A 935 16.84 17.04 -26.28
C LEU A 935 17.56 15.90 -25.58
N GLN A 936 18.86 16.06 -25.33
CA GLN A 936 19.61 15.02 -24.62
C GLN A 936 19.10 14.84 -23.21
N ASP A 937 18.67 15.94 -22.57
CA ASP A 937 18.10 15.82 -21.24
C ASP A 937 16.81 15.01 -21.26
N VAL A 938 15.97 15.24 -22.27
CA VAL A 938 14.75 14.44 -22.41
C VAL A 938 15.10 12.96 -22.54
N VAL A 939 16.07 12.65 -23.41
CA VAL A 939 16.46 11.26 -23.61
C VAL A 939 16.95 10.64 -22.32
N ASN A 940 17.80 11.37 -21.59
CA ASN A 940 18.35 10.84 -20.36
C ASN A 940 17.27 10.63 -19.31
N GLN A 941 16.30 11.55 -19.21
CA GLN A 941 15.23 11.37 -18.24
C GLN A 941 14.45 10.10 -18.53
N ASN A 942 14.07 9.90 -19.79
CA ASN A 942 13.30 8.70 -20.12
C ASN A 942 14.11 7.43 -19.85
N ALA A 943 15.38 7.42 -20.26
CA ALA A 943 16.21 6.24 -20.04
C ALA A 943 16.39 5.95 -18.55
N GLN A 944 16.61 6.99 -17.75
CA GLN A 944 16.76 6.81 -16.32
C GLN A 944 15.49 6.24 -15.70
N ALA A 945 14.33 6.76 -16.12
CA ALA A 945 13.07 6.24 -15.58
C ALA A 945 12.91 4.76 -15.90
N LEU A 946 13.17 4.38 -17.15
CA LEU A 946 13.03 2.98 -17.52
C LEU A 946 14.01 2.11 -16.76
N ASN A 947 15.26 2.57 -16.61
CA ASN A 947 16.25 1.77 -15.92
C ASN A 947 15.89 1.57 -14.45
N THR A 948 15.39 2.62 -13.80
CA THR A 948 14.94 2.48 -12.41
C THR A 948 13.79 1.50 -12.31
N LEU A 949 12.82 1.60 -13.23
CA LEU A 949 11.68 0.68 -13.20
C LEU A 949 12.15 -0.76 -13.36
N VAL A 950 13.15 -0.98 -14.22
CA VAL A 950 13.65 -2.34 -14.43
C VAL A 950 14.40 -2.85 -13.21
N LYS A 951 15.24 -2.00 -12.60
CA LYS A 951 15.95 -2.42 -11.40
C LYS A 951 15.00 -2.74 -10.26
N GLN A 952 13.85 -2.08 -10.22
CA GLN A 952 12.89 -2.33 -9.14
C GLN A 952 12.48 -3.79 -9.02
N LEU A 953 12.84 -4.65 -9.98
CA LEU A 953 12.45 -6.04 -9.93
C LEU A 953 13.36 -6.90 -9.05
N SER A 954 14.45 -6.34 -8.54
CA SER A 954 15.35 -7.10 -7.69
C SER A 954 15.03 -6.99 -6.20
N SER A 955 14.23 -6.01 -5.81
CA SER A 955 13.86 -5.84 -4.42
C SER A 955 12.84 -6.90 -4.00
N ASN A 956 12.82 -7.20 -2.71
CA ASN A 956 11.92 -8.23 -2.19
C ASN A 956 10.79 -7.66 -1.33
N PHE A 957 10.77 -6.36 -1.07
CA PHE A 957 9.66 -5.71 -0.40
C PHE A 957 9.20 -6.47 0.85
N GLY A 958 10.10 -7.25 1.46
CA GLY A 958 9.77 -8.05 2.61
C GLY A 958 9.60 -9.53 2.34
N ALA A 959 9.47 -9.93 1.08
CA ALA A 959 9.36 -11.35 0.75
C ALA A 959 10.71 -12.04 0.96
N ILE A 960 10.67 -13.37 1.06
CA ILE A 960 11.90 -14.10 1.29
C ILE A 960 12.86 -14.01 0.10
N SER A 961 12.34 -13.71 -1.09
CA SER A 961 13.19 -13.62 -2.27
C SER A 961 12.50 -12.73 -3.29
N SER A 962 13.28 -12.27 -4.27
CA SER A 962 12.78 -11.39 -5.32
C SER A 962 12.57 -12.13 -6.64
N VAL A 963 12.59 -13.47 -6.62
CA VAL A 963 12.39 -14.27 -7.81
C VAL A 963 11.17 -15.15 -7.58
N LEU A 964 10.18 -15.03 -8.47
CA LEU A 964 8.94 -15.79 -8.31
C LEU A 964 9.21 -17.28 -8.40
N ASN A 965 10.10 -17.70 -9.30
CA ASN A 965 10.35 -19.12 -9.49
C ASN A 965 10.87 -19.76 -8.21
N ASP A 966 11.80 -19.10 -7.52
CA ASP A 966 12.36 -19.65 -6.30
C ASP A 966 11.28 -19.80 -5.23
N ILE A 967 10.46 -18.77 -5.05
CA ILE A 967 9.40 -18.83 -4.04
C ILE A 967 8.45 -19.97 -4.36
N LEU A 968 8.06 -20.09 -5.62
CA LEU A 968 7.12 -21.15 -6.00
C LEU A 968 7.72 -22.53 -5.78
N SER A 969 8.99 -22.72 -6.17
CA SER A 969 9.60 -24.04 -6.06
C SER A 969 9.80 -24.43 -4.61
N ARG A 970 10.22 -23.49 -3.75
CA ARG A 970 10.51 -23.83 -2.37
C ARG A 970 9.24 -24.00 -1.53
N LEU A 971 8.15 -23.32 -1.89
CA LEU A 971 6.97 -23.26 -1.04
C LEU A 971 5.73 -23.72 -1.79
N ASP A 972 4.80 -24.31 -1.05
CA ASP A 972 3.51 -24.69 -1.58
C ASP A 972 2.60 -23.47 -1.67
N PRO A 973 1.54 -23.53 -2.48
CA PRO A 973 0.69 -22.36 -2.69
C PRO A 973 0.14 -21.80 -1.39
N PRO A 974 -0.27 -22.66 -0.43
CA PRO A 974 -0.84 -22.10 0.81
C PRO A 974 0.07 -21.12 1.52
N GLU A 975 1.39 -21.37 1.51
CA GLU A 975 2.35 -20.44 2.09
C GLU A 975 2.97 -19.51 1.06
N ALA A 976 2.92 -19.88 -0.23
CA ALA A 976 3.46 -19.02 -1.27
C ALA A 976 2.57 -17.82 -1.55
N GLU A 977 1.28 -17.91 -1.27
CA GLU A 977 0.40 -16.77 -1.50
C GLU A 977 0.84 -15.57 -0.67
N VAL A 978 1.19 -15.79 0.59
CA VAL A 978 1.57 -14.68 1.46
C VAL A 978 2.82 -13.98 0.92
N GLN A 979 3.82 -14.76 0.51
CA GLN A 979 5.04 -14.16 -0.02
C GLN A 979 4.75 -13.42 -1.33
N ILE A 980 4.01 -14.05 -2.24
CA ILE A 980 3.80 -13.44 -3.55
C ILE A 980 2.98 -12.17 -3.45
N ASP A 981 2.10 -12.08 -2.45
CA ASP A 981 1.26 -10.89 -2.35
C ASP A 981 2.10 -9.63 -2.11
N ARG A 982 3.14 -9.73 -1.29
CA ARG A 982 3.98 -8.57 -1.04
C ARG A 982 4.70 -8.13 -2.31
N LEU A 983 5.20 -9.07 -3.10
CA LEU A 983 5.84 -8.72 -4.36
C LEU A 983 4.84 -8.06 -5.30
N ILE A 984 3.61 -8.58 -5.36
CA ILE A 984 2.59 -7.99 -6.22
C ILE A 984 2.32 -6.55 -5.81
N THR A 985 2.15 -6.32 -4.50
CA THR A 985 1.88 -4.97 -4.03
C THR A 985 3.04 -4.04 -4.35
N GLY A 986 4.27 -4.48 -4.10
CA GLY A 986 5.41 -3.61 -4.36
C GLY A 986 5.55 -3.26 -5.83
N ARG A 987 5.43 -4.25 -6.71
CA ARG A 987 5.59 -4.00 -8.14
C ARG A 987 4.43 -3.19 -8.70
N LEU A 988 3.22 -3.40 -8.20
CA LEU A 988 2.10 -2.57 -8.61
C LEU A 988 2.32 -1.12 -8.21
N GLN A 989 2.82 -0.90 -7.00
CA GLN A 989 3.13 0.46 -6.56
C GLN A 989 4.20 1.10 -7.44
N SER A 990 5.23 0.33 -7.80
CA SER A 990 6.29 0.85 -8.66
C SER A 990 5.77 1.22 -10.04
N LEU A 991 4.90 0.38 -10.61
CA LEU A 991 4.30 0.71 -11.91
C LEU A 991 3.46 1.98 -11.81
N GLN A 992 2.68 2.12 -10.74
CA GLN A 992 1.87 3.33 -10.59
C GLN A 992 2.77 4.57 -10.52
N THR A 993 3.86 4.48 -9.77
CA THR A 993 4.80 5.60 -9.69
C THR A 993 5.32 5.96 -11.07
N TYR A 994 5.74 4.95 -11.84
CA TYR A 994 6.28 5.22 -13.16
C TYR A 994 5.25 5.90 -14.05
N VAL A 995 4.01 5.41 -14.03
CA VAL A 995 2.99 5.96 -14.91
C VAL A 995 2.66 7.39 -14.52
N THR A 996 2.57 7.69 -13.22
CA THR A 996 2.26 9.06 -12.82
C THR A 996 3.37 10.01 -13.24
N GLN A 997 4.63 9.61 -13.04
CA GLN A 997 5.73 10.47 -13.46
C GLN A 997 5.70 10.70 -14.96
N GLN A 998 5.37 9.65 -15.73
CA GLN A 998 5.28 9.81 -17.18
C GLN A 998 4.14 10.74 -17.57
N LEU A 999 3.02 10.68 -16.85
CA LEU A 999 1.91 11.59 -17.16
C LEU A 999 2.32 13.05 -16.95
N ILE A 1000 3.00 13.33 -15.84
CA ILE A 1000 3.44 14.71 -15.59
C ILE A 1000 4.47 15.13 -16.65
N ARG A 1001 5.44 14.27 -16.95
CA ARG A 1001 6.45 14.61 -17.93
C ARG A 1001 5.84 14.82 -19.32
N ALA A 1002 4.85 14.01 -19.68
CA ALA A 1002 4.17 14.17 -20.95
C ALA A 1002 3.39 15.47 -21.00
N ALA A 1003 2.80 15.88 -19.88
CA ALA A 1003 2.15 17.19 -19.83
C ALA A 1003 3.15 18.30 -20.11
N GLU A 1004 4.34 18.21 -19.52
CA GLU A 1004 5.38 19.20 -19.79
C GLU A 1004 5.76 19.22 -21.27
N ILE A 1005 5.98 18.04 -21.86
CA ILE A 1005 6.38 17.98 -23.26
C ILE A 1005 5.28 18.52 -24.15
N ARG A 1006 4.02 18.26 -23.80
CA ARG A 1006 2.91 18.78 -24.59
C ARG A 1006 2.87 20.30 -24.51
N ALA A 1007 3.14 20.85 -23.33
CA ALA A 1007 3.20 22.31 -23.20
C ALA A 1007 4.31 22.89 -24.05
N SER A 1008 5.41 22.15 -24.24
CA SER A 1008 6.47 22.63 -25.13
C SER A 1008 6.14 22.45 -26.61
N ALA A 1009 5.44 21.36 -26.96
CA ALA A 1009 5.02 21.16 -28.34
C ALA A 1009 4.03 22.23 -28.75
N ASN A 1010 3.16 22.65 -27.83
CA ASN A 1010 2.20 23.70 -28.12
C ASN A 1010 2.87 25.06 -28.32
N LEU A 1011 4.10 25.23 -27.86
CA LEU A 1011 4.86 26.45 -28.14
C LEU A 1011 5.70 26.33 -29.40
N ALA A 1012 6.21 25.13 -29.70
CA ALA A 1012 6.87 24.91 -30.97
C ALA A 1012 5.90 25.11 -32.12
N ALA A 1013 4.67 24.62 -31.97
CA ALA A 1013 3.65 24.76 -33.00
C ALA A 1013 3.19 26.19 -33.18
N THR A 1014 3.42 27.06 -32.19
CA THR A 1014 3.10 28.48 -32.32
C THR A 1014 4.26 29.26 -32.91
N LYS A 1015 5.49 28.91 -32.53
CA LYS A 1015 6.67 29.49 -33.18
C LYS A 1015 6.67 29.17 -34.66
N MET A 1016 6.28 27.95 -35.03
CA MET A 1016 6.21 27.60 -36.44
C MET A 1016 5.18 28.45 -37.17
N SER A 1017 4.03 28.68 -36.55
CA SER A 1017 2.95 29.38 -37.23
C SER A 1017 3.25 30.86 -37.39
N GLU A 1018 3.83 31.49 -36.37
CA GLU A 1018 3.99 32.94 -36.37
C GLU A 1018 5.36 33.41 -36.83
N CYS A 1019 6.39 32.56 -36.73
CA CYS A 1019 7.73 32.92 -37.17
C CYS A 1019 7.99 32.46 -38.61
N VAL A 1020 7.82 31.17 -38.87
CA VAL A 1020 8.15 30.63 -40.18
C VAL A 1020 7.15 31.11 -41.23
N LEU A 1021 5.86 31.05 -40.91
CA LEU A 1021 4.81 31.38 -41.87
C LEU A 1021 4.43 32.86 -41.85
N GLY A 1022 5.17 33.68 -41.13
CA GLY A 1022 4.90 35.12 -41.12
C GLY A 1022 5.88 35.80 -40.21
N GLN A 1023 5.89 37.13 -40.30
CA GLN A 1023 6.79 37.94 -39.48
C GLN A 1023 6.10 38.30 -38.18
N SER A 1024 6.83 38.21 -37.08
CA SER A 1024 6.28 38.36 -35.73
C SER A 1024 6.64 39.71 -35.14
N LYS A 1025 5.64 40.38 -34.54
CA LYS A 1025 5.85 41.66 -33.87
C LYS A 1025 6.04 41.52 -32.37
N ARG A 1026 5.89 40.33 -31.81
CA ARG A 1026 6.04 40.14 -30.38
C ARG A 1026 7.52 40.21 -30.01
N VAL A 1027 7.80 40.90 -28.90
CA VAL A 1027 9.18 41.20 -28.51
C VAL A 1027 9.81 39.98 -27.85
N ASP A 1028 11.07 39.71 -28.21
CA ASP A 1028 11.83 38.60 -27.64
C ASP A 1028 11.08 37.30 -27.73
N PHE A 1029 10.12 37.22 -28.65
CA PHE A 1029 9.45 35.95 -28.92
C PHE A 1029 10.20 35.17 -29.98
N CYS A 1030 10.56 35.83 -31.08
CA CYS A 1030 11.22 35.18 -32.20
C CYS A 1030 12.63 35.72 -32.40
N GLY A 1031 13.37 35.87 -31.32
CA GLY A 1031 14.77 36.21 -31.39
C GLY A 1031 15.07 37.58 -30.80
N LYS A 1032 16.28 37.71 -30.26
CA LYS A 1032 16.74 39.01 -29.78
C LYS A 1032 16.96 39.95 -30.96
N GLY A 1033 16.37 41.13 -30.88
CA GLY A 1033 16.37 42.06 -31.99
C GLY A 1033 15.03 42.09 -32.70
N TYR A 1034 15.00 42.77 -33.84
CA TYR A 1034 13.80 42.88 -34.63
C TYR A 1034 13.73 41.70 -35.60
N HIS A 1035 12.73 40.85 -35.44
CA HIS A 1035 12.65 39.60 -36.18
C HIS A 1035 12.56 39.85 -37.68
N LEU A 1036 13.22 39.00 -38.48
CA LEU A 1036 13.10 39.05 -39.92
C LEU A 1036 12.47 37.79 -40.50
N MET A 1037 12.92 36.61 -40.10
CA MET A 1037 12.36 35.36 -40.61
C MET A 1037 12.87 34.22 -39.73
N SER A 1038 12.60 32.99 -40.14
CA SER A 1038 13.09 31.83 -39.40
C SER A 1038 13.11 30.63 -40.34
N PHE A 1039 13.83 29.59 -39.91
CA PHE A 1039 13.98 28.37 -40.67
C PHE A 1039 13.89 27.18 -39.72
N PRO A 1040 13.03 26.22 -39.99
CA PRO A 1040 12.98 25.04 -39.13
C PRO A 1040 14.02 23.99 -39.50
N GLN A 1041 14.41 23.21 -38.52
CA GLN A 1041 15.23 22.03 -38.74
C GLN A 1041 14.78 20.98 -37.74
N SER A 1042 14.97 19.72 -38.09
CA SER A 1042 14.52 18.60 -37.27
C SER A 1042 15.69 17.98 -36.53
N ALA A 1043 15.52 17.75 -35.24
CA ALA A 1043 16.50 17.08 -34.42
C ALA A 1043 15.81 15.93 -33.71
N PRO A 1044 16.56 14.94 -33.25
CA PRO A 1044 15.92 13.79 -32.60
C PRO A 1044 14.99 14.20 -31.47
N HIS A 1045 13.69 14.01 -31.66
CA HIS A 1045 12.67 14.33 -30.66
C HIS A 1045 12.56 15.84 -30.43
N GLY A 1046 12.71 16.64 -31.48
CA GLY A 1046 12.60 18.07 -31.28
C GLY A 1046 12.85 18.84 -32.56
N VAL A 1047 12.76 20.15 -32.43
CA VAL A 1047 12.87 21.07 -33.56
C VAL A 1047 13.79 22.22 -33.19
N VAL A 1048 14.59 22.65 -34.15
CA VAL A 1048 15.57 23.71 -33.96
C VAL A 1048 15.24 24.85 -34.92
N PHE A 1049 14.98 26.03 -34.39
CA PHE A 1049 14.71 27.20 -35.21
C PHE A 1049 15.97 28.05 -35.29
N LEU A 1050 16.16 28.70 -36.43
CA LEU A 1050 17.31 29.59 -36.67
C LEU A 1050 16.77 30.99 -36.87
N HIS A 1051 16.52 31.70 -35.79
CA HIS A 1051 15.87 32.99 -35.87
C HIS A 1051 16.84 34.02 -36.43
N VAL A 1052 16.45 34.68 -37.52
CA VAL A 1052 17.24 35.76 -38.11
C VAL A 1052 16.69 37.08 -37.60
N THR A 1053 17.57 37.95 -37.11
CA THR A 1053 17.14 39.17 -36.46
C THR A 1053 18.02 40.33 -36.89
N TYR A 1054 17.46 41.52 -36.80
CA TYR A 1054 18.13 42.78 -37.12
C TYR A 1054 18.47 43.50 -35.82
N VAL A 1055 19.69 44.04 -35.75
CA VAL A 1055 20.19 44.65 -34.52
C VAL A 1055 21.02 45.88 -34.86
N PRO A 1056 20.67 47.08 -34.41
CA PRO A 1056 21.53 48.25 -34.66
C PRO A 1056 22.84 48.14 -33.88
N ALA A 1057 23.89 48.76 -34.42
CA ALA A 1057 25.22 48.57 -33.87
C ALA A 1057 25.89 49.87 -33.43
N GLN A 1058 26.06 50.83 -34.34
CA GLN A 1058 26.88 52.02 -34.09
C GLN A 1058 25.97 53.21 -33.85
N GLU A 1059 26.07 53.80 -32.65
CA GLU A 1059 25.18 54.86 -32.23
C GLU A 1059 25.84 56.21 -32.47
N LYS A 1060 25.18 57.27 -31.99
CA LYS A 1060 25.68 58.63 -32.11
C LYS A 1060 24.98 59.48 -31.05
N ASN A 1061 25.14 60.79 -31.15
CA ASN A 1061 24.45 61.74 -30.29
C ASN A 1061 23.88 62.85 -31.14
N PHE A 1062 22.72 63.37 -30.73
CA PHE A 1062 22.08 64.45 -31.49
C PHE A 1062 21.23 65.28 -30.55
N THR A 1063 20.82 66.44 -31.04
CA THR A 1063 19.93 67.35 -30.33
C THR A 1063 18.58 67.34 -31.04
N THR A 1064 17.51 67.10 -30.27
CA THR A 1064 16.18 66.90 -30.82
C THR A 1064 15.19 67.85 -30.17
N ALA A 1065 14.24 68.34 -30.96
CA ALA A 1065 13.20 69.23 -30.47
C ALA A 1065 11.85 68.74 -30.98
N PRO A 1066 10.83 68.65 -30.12
CA PRO A 1066 9.60 67.94 -30.51
C PRO A 1066 8.83 68.59 -31.65
N ALA A 1067 9.06 69.86 -31.94
CA ALA A 1067 8.32 70.54 -32.98
C ALA A 1067 9.21 71.56 -33.64
N ILE A 1068 8.70 72.21 -34.68
CA ILE A 1068 9.43 73.26 -35.38
C ILE A 1068 8.44 74.28 -35.93
N CYS A 1069 8.47 75.49 -35.38
CA CYS A 1069 7.54 76.54 -35.80
C CYS A 1069 8.15 77.31 -36.96
N HIS A 1070 7.52 77.21 -38.14
CA HIS A 1070 8.04 77.89 -39.32
C HIS A 1070 7.72 79.38 -39.31
N ASP A 1071 6.43 79.72 -39.38
CA ASP A 1071 5.99 81.11 -39.35
C ASP A 1071 4.79 81.24 -38.42
N GLY A 1072 4.90 80.62 -37.25
CA GLY A 1072 3.86 80.67 -36.24
C GLY A 1072 3.00 79.43 -36.16
N LYS A 1073 3.30 78.38 -36.92
CA LYS A 1073 2.55 77.15 -36.91
C LYS A 1073 3.48 76.00 -36.58
N ALA A 1074 3.20 75.28 -35.50
CA ALA A 1074 4.05 74.17 -35.13
C ALA A 1074 4.01 73.10 -36.21
N HIS A 1075 5.12 72.39 -36.36
CA HIS A 1075 5.22 71.26 -37.27
C HIS A 1075 5.71 70.04 -36.51
N PHE A 1076 5.09 68.89 -36.79
CA PHE A 1076 5.53 67.62 -36.21
C PHE A 1076 5.84 66.70 -37.37
N PRO A 1077 6.89 65.87 -37.28
CA PRO A 1077 7.22 65.00 -38.41
C PRO A 1077 6.20 63.89 -38.57
N ARG A 1078 5.91 63.54 -39.82
CA ARG A 1078 4.95 62.47 -40.08
C ARG A 1078 5.48 61.13 -39.60
N GLU A 1079 6.70 60.79 -39.99
CA GLU A 1079 7.26 59.46 -39.77
C GLU A 1079 8.60 59.50 -39.06
N GLY A 1080 9.44 60.49 -39.33
CA GLY A 1080 10.75 60.58 -38.73
C GLY A 1080 10.76 61.33 -37.41
N VAL A 1081 11.96 61.68 -36.97
CA VAL A 1081 12.16 62.50 -35.79
C VAL A 1081 13.19 63.57 -36.14
N PHE A 1082 13.04 64.74 -35.51
CA PHE A 1082 13.97 65.83 -35.75
C PHE A 1082 15.29 65.56 -35.05
N VAL A 1083 16.40 65.93 -35.73
CA VAL A 1083 17.73 65.86 -35.15
C VAL A 1083 18.58 66.89 -35.85
N SER A 1084 19.55 67.44 -35.13
CA SER A 1084 20.46 68.44 -35.68
C SER A 1084 21.90 68.05 -35.37
N ASN A 1085 22.77 68.26 -36.35
CA ASN A 1085 24.20 68.03 -36.18
C ASN A 1085 24.93 69.30 -35.73
N GLY A 1086 24.19 70.32 -35.28
CA GLY A 1086 24.75 71.54 -34.79
C GLY A 1086 24.50 72.75 -35.68
N THR A 1087 24.15 72.54 -36.94
CA THR A 1087 23.95 73.64 -37.87
C THR A 1087 22.63 73.56 -38.63
N HIS A 1088 22.19 72.36 -38.98
CA HIS A 1088 20.96 72.17 -39.75
C HIS A 1088 20.07 71.18 -39.02
N TRP A 1089 18.78 71.22 -39.33
CA TRP A 1089 17.79 70.34 -38.74
C TRP A 1089 17.24 69.40 -39.81
N PHE A 1090 17.25 68.10 -39.51
CA PHE A 1090 16.86 67.06 -40.44
C PHE A 1090 15.86 66.12 -39.75
N VAL A 1091 14.84 65.70 -40.48
CA VAL A 1091 13.94 64.66 -40.02
C VAL A 1091 14.46 63.32 -40.55
N THR A 1092 14.76 62.41 -39.65
CA THR A 1092 15.39 61.15 -40.02
C THR A 1092 14.58 59.98 -39.49
N GLN A 1093 14.74 58.83 -40.14
CA GLN A 1093 14.11 57.61 -39.66
C GLN A 1093 14.47 57.38 -38.20
N ARG A 1094 13.76 56.48 -37.54
CA ARG A 1094 13.96 56.24 -36.12
C ARG A 1094 14.81 55.01 -35.83
N ASN A 1095 15.30 54.31 -36.86
CA ASN A 1095 16.10 53.11 -36.66
C ASN A 1095 17.32 53.02 -37.56
N PHE A 1096 17.57 54.00 -38.43
CA PHE A 1096 18.74 53.96 -39.30
C PHE A 1096 19.02 55.39 -39.74
N TYR A 1097 20.07 55.98 -39.19
CA TYR A 1097 20.35 57.40 -39.42
C TYR A 1097 20.36 57.70 -40.91
N GLU A 1098 19.51 58.63 -41.32
CA GLU A 1098 19.43 59.05 -42.72
C GLU A 1098 18.84 60.45 -42.80
N PRO A 1099 19.66 61.49 -42.82
CA PRO A 1099 19.12 62.85 -42.80
C PRO A 1099 18.36 63.20 -44.07
N GLN A 1100 17.35 64.05 -43.92
CA GLN A 1100 16.56 64.52 -45.04
C GLN A 1100 16.16 65.95 -44.79
N ILE A 1101 16.38 66.83 -45.78
CA ILE A 1101 15.97 68.22 -45.66
C ILE A 1101 14.51 68.26 -45.27
N ILE A 1102 14.18 69.14 -44.34
CA ILE A 1102 12.80 69.25 -43.85
C ILE A 1102 11.96 69.99 -44.87
N THR A 1103 10.75 69.48 -45.09
CA THR A 1103 9.82 70.06 -46.05
C THR A 1103 8.41 69.65 -45.64
N THR A 1104 7.42 70.34 -46.22
CA THR A 1104 6.05 70.12 -45.81
C THR A 1104 5.57 68.69 -46.07
N ASP A 1105 6.25 67.95 -46.94
CA ASP A 1105 5.79 66.60 -47.29
C ASP A 1105 5.81 65.68 -46.10
N ASN A 1106 6.86 65.74 -45.27
CA ASN A 1106 7.03 64.84 -44.15
C ASN A 1106 6.68 65.49 -42.81
N THR A 1107 6.04 66.66 -42.82
CA THR A 1107 5.64 67.35 -41.60
C THR A 1107 4.18 67.74 -41.70
N PHE A 1108 3.48 67.70 -40.56
CA PHE A 1108 2.09 68.13 -40.49
C PHE A 1108 1.92 69.13 -39.35
N VAL A 1109 0.95 70.02 -39.51
CA VAL A 1109 0.79 71.21 -38.68
C VAL A 1109 -0.34 71.01 -37.69
N SER A 1110 -0.18 71.56 -36.49
CA SER A 1110 -1.24 71.53 -35.49
C SER A 1110 -0.94 72.53 -34.39
N GLY A 1111 -1.68 73.64 -34.36
CA GLY A 1111 -1.58 74.59 -33.26
C GLY A 1111 -0.64 75.74 -33.55
N ASN A 1112 -0.17 76.36 -32.46
CA ASN A 1112 0.73 77.51 -32.51
C ASN A 1112 1.93 77.25 -31.61
N CYS A 1113 2.95 78.11 -31.75
CA CYS A 1113 4.22 77.86 -31.08
C CYS A 1113 4.09 77.91 -29.58
N ASP A 1114 3.28 78.84 -29.06
CA ASP A 1114 3.26 79.10 -27.62
C ASP A 1114 2.80 77.88 -26.83
N VAL A 1115 1.82 77.15 -27.34
CA VAL A 1115 1.22 76.06 -26.58
C VAL A 1115 2.25 74.97 -26.28
N VAL A 1116 3.05 74.60 -27.29
CA VAL A 1116 3.94 73.45 -27.17
C VAL A 1116 5.12 73.80 -26.28
N ILE A 1117 5.89 72.79 -25.88
CA ILE A 1117 7.12 72.97 -25.12
C ILE A 1117 8.28 72.43 -25.94
N GLY A 1118 9.41 73.16 -25.93
CA GLY A 1118 10.59 72.71 -26.61
C GLY A 1118 10.64 73.01 -28.10
N ILE A 1119 9.61 73.66 -28.63
CA ILE A 1119 9.61 73.99 -30.06
C ILE A 1119 10.75 74.96 -30.35
N VAL A 1120 11.41 74.77 -31.48
CA VAL A 1120 12.59 75.54 -31.86
C VAL A 1120 12.40 76.11 -33.26
N ASN A 1121 12.76 77.38 -33.44
CA ASN A 1121 12.60 78.02 -34.74
C ASN A 1121 13.47 77.34 -35.78
N ASN A 1122 12.96 77.28 -37.01
CA ASN A 1122 13.69 76.76 -38.15
C ASN A 1122 12.97 77.21 -39.42
N THR A 1123 13.53 76.84 -40.56
CA THR A 1123 12.92 77.12 -41.86
C THR A 1123 12.52 75.80 -42.50
N VAL A 1124 11.25 75.71 -42.91
CA VAL A 1124 10.71 74.53 -43.58
C VAL A 1124 10.53 74.87 -45.05
N TYR A 1125 11.22 74.14 -45.92
CA TYR A 1125 11.19 74.43 -47.33
C TYR A 1125 9.80 74.19 -47.91
N ASP A 1126 9.50 74.91 -48.98
CA ASP A 1126 8.23 74.78 -49.68
C ASP A 1126 8.47 74.23 -51.07
N PRO A 1127 8.14 72.97 -51.36
CA PRO A 1127 8.41 72.43 -52.70
C PRO A 1127 7.70 73.17 -53.81
N LEU A 1128 6.50 73.69 -53.55
CA LEU A 1128 5.72 74.36 -54.60
C LEU A 1128 6.24 75.75 -54.92
N GLN A 1129 6.91 76.38 -53.97
CA GLN A 1129 7.40 77.75 -54.19
C GLN A 1129 8.39 77.84 -55.34
N PRO A 1130 9.45 77.03 -55.41
CA PRO A 1130 10.35 77.13 -56.57
C PRO A 1130 9.65 76.86 -57.88
N GLU A 1131 8.69 75.93 -57.88
CA GLU A 1131 7.94 75.66 -59.10
C GLU A 1131 7.16 76.89 -59.54
N LEU A 1132 6.52 77.58 -58.60
CA LEU A 1132 5.85 78.83 -58.94
C LEU A 1132 6.85 79.85 -59.48
N ASP A 1133 8.00 79.98 -58.82
CA ASP A 1133 9.03 80.90 -59.29
C ASP A 1133 9.58 80.45 -60.64
N SER A 1134 9.75 79.14 -60.82
CA SER A 1134 10.28 78.60 -62.07
C SER A 1134 9.40 79.00 -63.25
N GLN B 1 77.29 -26.28 19.43
CA GLN B 1 78.14 -27.14 20.30
C GLN B 1 77.75 -28.61 20.13
N VAL B 2 78.72 -29.49 20.26
CA VAL B 2 78.53 -30.92 20.03
C VAL B 2 79.20 -31.70 21.16
N ARG B 3 78.51 -32.73 21.66
CA ARG B 3 79.06 -33.62 22.66
C ARG B 3 78.69 -35.05 22.30
N VAL B 4 79.36 -36.00 22.97
CA VAL B 4 79.10 -37.43 22.75
C VAL B 4 79.19 -38.15 24.09
N VAL B 5 78.37 -39.19 24.24
CA VAL B 5 78.33 -40.00 25.45
C VAL B 5 78.48 -41.45 25.06
N GLN B 6 79.04 -42.26 25.95
CA GLN B 6 79.36 -43.66 25.66
C GLN B 6 79.27 -44.47 26.95
N SER B 7 79.45 -45.78 26.81
CA SER B 7 79.36 -46.70 27.94
C SER B 7 80.64 -46.65 28.78
N GLY B 8 80.62 -47.40 29.88
CA GLY B 8 81.72 -47.37 30.83
C GLY B 8 82.78 -48.43 30.62
N ALA B 9 82.39 -49.70 30.58
CA ALA B 9 83.36 -50.78 30.47
C ALA B 9 82.63 -52.07 30.11
N GLU B 10 83.41 -53.10 29.79
CA GLU B 10 82.87 -54.41 29.44
C GLU B 10 83.81 -55.49 29.96
N VAL B 11 83.23 -56.57 30.47
CA VAL B 11 83.97 -57.74 30.94
C VAL B 11 83.47 -58.94 30.16
N LYS B 12 84.34 -59.54 29.35
CA LYS B 12 83.96 -60.63 28.46
C LYS B 12 85.10 -61.63 28.38
N ASN B 13 84.96 -62.59 27.48
CA ASN B 13 85.95 -63.63 27.24
C ASN B 13 86.13 -63.79 25.74
N PRO B 14 87.26 -64.37 25.31
CA PRO B 14 87.47 -64.55 23.87
C PRO B 14 86.37 -65.39 23.23
N GLY B 15 85.99 -65.01 22.01
CA GLY B 15 84.97 -65.74 21.28
C GLY B 15 83.56 -65.55 21.80
N ALA B 16 83.28 -64.44 22.46
CA ALA B 16 81.97 -64.16 23.01
C ALA B 16 81.48 -62.78 22.56
N SER B 17 80.16 -62.64 22.46
CA SER B 17 79.59 -61.39 22.01
C SER B 17 79.62 -60.34 23.12
N VAL B 18 79.88 -59.09 22.72
CA VAL B 18 79.93 -57.95 23.61
C VAL B 18 79.12 -56.83 22.97
N LYS B 19 78.58 -55.94 23.78
CA LYS B 19 77.77 -54.84 23.28
C LYS B 19 78.28 -53.54 23.87
N VAL B 20 78.55 -52.56 23.00
CA VAL B 20 79.11 -51.27 23.40
C VAL B 20 78.21 -50.16 22.86
N SER B 21 77.87 -49.20 23.70
CA SER B 21 76.91 -48.17 23.37
C SER B 21 77.60 -46.89 22.90
N CYS B 22 76.84 -46.07 22.17
CA CYS B 22 77.34 -44.76 21.75
C CYS B 22 76.14 -43.85 21.51
N LYS B 23 76.35 -42.54 21.72
CA LYS B 23 75.30 -41.56 21.51
C LYS B 23 75.93 -40.20 21.24
N VAL B 24 75.26 -39.40 20.42
CA VAL B 24 75.75 -38.07 20.02
C VAL B 24 74.73 -37.06 20.50
N SER B 25 75.13 -36.21 21.45
CA SER B 25 74.31 -35.12 21.94
C SER B 25 74.88 -33.79 21.45
N GLY B 26 74.19 -32.71 21.80
CA GLY B 26 74.54 -31.39 21.27
C GLY B 26 74.03 -31.27 19.84
N TYR B 27 74.65 -32.01 18.93
CA TYR B 27 74.09 -32.26 17.61
C TYR B 27 73.48 -33.65 17.62
N THR B 28 72.18 -33.73 17.39
CA THR B 28 71.49 -35.01 17.46
C THR B 28 72.16 -36.03 16.53
N LEU B 29 71.96 -37.31 16.86
CA LEU B 29 72.56 -38.36 16.05
C LEU B 29 72.11 -38.27 14.61
N THR B 30 70.94 -37.68 14.35
CA THR B 30 70.49 -37.48 12.98
C THR B 30 71.37 -36.48 12.25
N GLU B 31 71.85 -35.45 12.96
CA GLU B 31 72.64 -34.40 12.32
C GLU B 31 73.93 -34.94 11.71
N LEU B 32 74.38 -36.12 12.14
CA LEU B 32 75.62 -36.69 11.65
C LEU B 32 75.43 -38.21 11.54
N SER B 33 76.53 -38.92 11.26
CA SER B 33 76.51 -40.38 11.16
C SER B 33 77.68 -40.92 11.98
N ILE B 34 77.37 -41.77 12.95
CA ILE B 34 78.40 -42.28 13.86
C ILE B 34 79.28 -43.29 13.14
N HIS B 35 80.59 -43.20 13.37
CA HIS B 35 81.54 -44.20 12.94
C HIS B 35 82.06 -44.91 14.19
N TRP B 36 81.65 -46.17 14.38
CA TRP B 36 82.14 -46.95 15.51
C TRP B 36 83.62 -47.20 15.32
N VAL B 37 84.45 -46.46 16.04
CA VAL B 37 85.90 -46.50 15.88
C VAL B 37 86.52 -46.91 17.20
N ARG B 38 87.52 -47.78 17.12
CA ARG B 38 88.08 -48.45 18.29
C ARG B 38 89.59 -48.26 18.32
N GLN B 39 90.16 -48.26 19.52
CA GLN B 39 91.60 -48.08 19.68
C GLN B 39 92.06 -48.76 20.96
N ALA B 40 93.36 -49.02 21.04
CA ALA B 40 93.99 -49.54 22.25
C ALA B 40 94.44 -48.36 23.11
N PRO B 41 95.06 -48.60 24.28
CA PRO B 41 95.53 -47.48 25.09
C PRO B 41 96.69 -46.75 24.41
N GLY B 42 96.43 -45.54 23.93
CA GLY B 42 97.45 -44.81 23.19
C GLY B 42 97.88 -45.48 21.90
N ASN B 43 96.92 -46.00 21.13
CA ASN B 43 97.19 -46.66 19.87
C ASN B 43 96.34 -46.05 18.77
N GLY B 44 96.61 -46.45 17.54
CA GLY B 44 95.85 -45.95 16.41
C GLY B 44 94.41 -46.44 16.45
N LEU B 45 93.52 -45.60 15.93
CA LEU B 45 92.10 -45.94 15.91
C LEU B 45 91.81 -46.93 14.79
N GLU B 46 91.12 -48.02 15.15
CA GLU B 46 90.66 -49.02 14.19
C GLU B 46 89.23 -48.70 13.78
N TRP B 47 88.98 -48.65 12.48
CA TRP B 47 87.67 -48.28 11.94
C TRP B 47 86.75 -49.50 11.99
N MET B 48 86.39 -49.87 13.23
CA MET B 48 85.57 -51.06 13.42
C MET B 48 84.20 -50.90 12.78
N GLY B 49 83.60 -49.73 12.90
CA GLY B 49 82.28 -49.50 12.34
C GLY B 49 82.10 -48.09 11.81
N GLY B 50 81.69 -47.98 10.55
CA GLY B 50 81.44 -46.69 9.95
C GLY B 50 80.05 -46.59 9.35
N PHE B 51 79.22 -45.69 9.89
CA PHE B 51 77.88 -45.48 9.37
C PHE B 51 77.99 -44.56 8.16
N ASP B 52 78.18 -45.16 7.00
CA ASP B 52 78.42 -44.38 5.79
C ASP B 52 77.21 -43.52 5.46
N PRO B 53 77.37 -42.20 5.32
CA PRO B 53 76.23 -41.39 4.87
C PRO B 53 75.71 -41.79 3.50
N GLU B 54 76.60 -42.24 2.61
CA GLU B 54 76.16 -42.67 1.29
C GLU B 54 75.35 -43.97 1.37
N ASP B 55 75.84 -44.93 2.15
CA ASP B 55 75.13 -46.20 2.31
C ASP B 55 74.13 -46.17 3.46
N GLY B 56 74.32 -45.27 4.42
CA GLY B 56 73.41 -45.22 5.55
C GLY B 56 73.41 -46.46 6.40
N GLU B 57 74.56 -47.09 6.56
CA GLU B 57 74.67 -48.31 7.36
C GLU B 57 76.12 -48.47 7.80
N THR B 58 76.33 -49.36 8.76
CA THR B 58 77.64 -49.56 9.36
C THR B 58 78.43 -50.59 8.56
N ILE B 59 79.63 -50.20 8.13
CA ILE B 59 80.56 -51.08 7.45
C ILE B 59 81.71 -51.39 8.40
N TYR B 60 82.27 -52.60 8.29
CA TYR B 60 83.19 -53.12 9.28
C TYR B 60 84.64 -52.92 8.85
N ALA B 61 85.57 -53.30 9.73
CA ALA B 61 86.99 -53.16 9.48
C ALA B 61 87.55 -54.41 8.82
N GLN B 62 88.57 -54.21 7.97
CA GLN B 62 89.20 -55.34 7.29
C GLN B 62 90.06 -56.16 8.25
N LYS B 63 90.74 -55.49 9.18
CA LYS B 63 91.61 -56.20 10.11
C LYS B 63 90.81 -57.16 10.99
N PHE B 64 89.65 -56.73 11.47
CA PHE B 64 88.83 -57.54 12.42
C PHE B 64 87.44 -57.74 11.81
N GLN B 65 87.38 -58.21 10.55
CA GLN B 65 86.12 -58.43 9.86
C GLN B 65 85.44 -59.70 10.39
N GLY B 66 84.15 -59.81 10.10
CA GLY B 66 83.38 -60.96 10.54
C GLY B 66 83.29 -61.07 12.05
N ARG B 67 83.15 -59.94 12.75
CA ARG B 67 83.24 -59.93 14.20
C ARG B 67 82.24 -59.00 14.85
N VAL B 68 81.35 -58.35 14.10
CA VAL B 68 80.55 -57.25 14.64
C VAL B 68 79.24 -57.14 13.89
N THR B 69 78.20 -56.73 14.61
CA THR B 69 76.92 -56.29 14.05
C THR B 69 76.47 -55.07 14.85
N MET B 70 75.22 -54.65 14.68
CA MET B 70 74.74 -53.46 15.38
C MET B 70 73.25 -53.58 15.65
N THR B 71 72.79 -52.80 16.64
CA THR B 71 71.38 -52.74 17.01
C THR B 71 71.10 -51.32 17.50
N GLU B 72 70.13 -50.66 16.87
CA GLU B 72 69.82 -49.27 17.20
C GLU B 72 68.31 -49.07 17.27
N ASP B 73 67.89 -48.17 18.15
CA ASP B 73 66.49 -47.80 18.29
C ASP B 73 66.36 -46.29 18.13
N THR B 74 65.33 -45.88 17.40
CA THR B 74 65.09 -44.48 17.09
C THR B 74 64.25 -43.78 18.16
N SER B 75 63.27 -44.46 18.73
CA SER B 75 62.43 -43.83 19.75
C SER B 75 63.25 -43.49 20.99
N THR B 76 64.08 -44.43 21.45
CA THR B 76 64.94 -44.21 22.60
C THR B 76 66.31 -43.64 22.21
N ASP B 77 66.64 -43.59 20.92
CA ASP B 77 67.90 -43.04 20.44
C ASP B 77 69.09 -43.73 21.12
N THR B 78 69.02 -45.05 21.27
CA THR B 78 70.10 -45.84 21.84
C THR B 78 70.72 -46.69 20.75
N ALA B 79 72.04 -46.53 20.55
CA ALA B 79 72.76 -47.24 19.52
C ALA B 79 73.83 -48.11 20.16
N TYR B 80 73.83 -49.41 19.84
CA TYR B 80 74.79 -50.36 20.36
C TYR B 80 75.44 -51.10 19.20
N MET B 81 76.71 -51.40 19.36
CA MET B 81 77.45 -52.26 18.45
C MET B 81 77.77 -53.56 19.15
N GLU B 82 77.40 -54.67 18.52
CA GLU B 82 77.60 -56.01 19.07
C GLU B 82 78.87 -56.57 18.44
N LEU B 83 79.99 -56.31 19.10
CA LEU B 83 81.28 -56.80 18.68
C LEU B 83 81.54 -58.19 19.27
N SER B 84 82.70 -58.76 18.96
CA SER B 84 83.07 -60.06 19.50
C SER B 84 84.59 -60.18 19.51
N SER B 85 85.08 -61.17 20.26
CA SER B 85 86.50 -61.50 20.34
C SER B 85 87.35 -60.24 20.48
N LEU B 86 87.08 -59.50 21.55
CA LEU B 86 87.83 -58.29 21.84
C LEU B 86 89.30 -58.65 22.10
N ARG B 87 90.14 -57.63 22.16
CA ARG B 87 91.58 -57.81 22.28
C ARG B 87 92.14 -56.73 23.19
N SER B 88 93.47 -56.74 23.36
CA SER B 88 94.14 -55.60 23.98
C SER B 88 94.02 -54.36 23.12
N ASP B 89 93.96 -54.53 21.80
CA ASP B 89 93.62 -53.40 20.92
C ASP B 89 92.26 -52.83 21.26
N ASP B 90 91.38 -53.63 21.86
CA ASP B 90 90.08 -53.18 22.32
C ASP B 90 90.06 -52.81 23.80
N THR B 91 91.04 -53.28 24.57
CA THR B 91 91.09 -53.00 26.00
C THR B 91 91.53 -51.56 26.23
N ALA B 92 90.66 -50.62 25.92
CA ALA B 92 90.95 -49.20 26.11
C ALA B 92 89.62 -48.44 26.07
N VAL B 93 89.72 -47.12 26.12
CA VAL B 93 88.54 -46.27 26.14
C VAL B 93 87.97 -46.19 24.73
N TYR B 94 86.74 -46.67 24.57
CA TYR B 94 86.06 -46.69 23.28
C TYR B 94 85.56 -45.30 22.95
N TYR B 95 86.25 -44.60 22.07
CA TYR B 95 85.82 -43.28 21.63
C TYR B 95 85.07 -43.40 20.30
N CYS B 96 83.83 -42.96 20.27
CA CYS B 96 83.02 -42.95 19.06
C CYS B 96 82.75 -41.51 18.65
N ALA B 97 83.01 -41.21 17.38
CA ALA B 97 82.75 -39.89 16.83
C ALA B 97 81.93 -40.04 15.57
N THR B 98 81.42 -38.93 15.06
CA THR B 98 80.48 -38.94 13.95
C THR B 98 80.88 -37.92 12.90
N ALA B 99 80.60 -38.25 11.64
CA ALA B 99 80.85 -37.39 10.50
C ALA B 99 79.58 -36.63 10.14
N GLY B 100 79.68 -35.32 9.99
CA GLY B 100 78.53 -34.47 9.76
C GLY B 100 78.58 -33.79 8.41
N ALA B 101 77.40 -33.53 7.86
CA ALA B 101 77.25 -32.79 6.61
C ALA B 101 76.55 -31.47 6.92
N ILE B 102 77.19 -30.37 6.55
CA ILE B 102 76.68 -29.03 6.80
C ILE B 102 76.43 -28.35 5.46
N THR B 103 75.23 -27.79 5.29
CA THR B 103 74.87 -27.09 4.08
C THR B 103 73.87 -26.00 4.43
N GLY B 104 73.77 -25.00 3.56
CA GLY B 104 72.80 -23.94 3.75
C GLY B 104 71.39 -24.47 3.59
N THR B 105 70.42 -23.59 3.37
CA THR B 105 69.06 -24.03 3.12
C THR B 105 68.98 -25.03 1.97
N PRO B 106 69.61 -24.81 0.83
CA PRO B 106 69.69 -25.86 -0.19
C PRO B 106 70.81 -26.84 0.10
N ARG B 107 70.77 -27.96 -0.61
CA ARG B 107 71.79 -29.01 -0.47
C ARG B 107 72.92 -28.79 -1.48
N ASN B 108 73.52 -27.60 -1.40
CA ASN B 108 74.57 -27.24 -2.35
C ASN B 108 75.76 -28.18 -2.22
N PHE B 109 76.19 -28.46 -0.99
CA PHE B 109 77.34 -29.31 -0.77
C PHE B 109 77.26 -29.90 0.64
N TYR B 110 77.69 -31.14 0.78
CA TYR B 110 77.69 -31.85 2.05
C TYR B 110 79.12 -32.09 2.50
N TYR B 111 79.43 -31.72 3.74
CA TYR B 111 80.75 -31.93 4.29
C TYR B 111 80.86 -33.33 4.90
N TYR B 112 82.09 -33.73 5.18
CA TYR B 112 82.39 -35.03 5.79
C TYR B 112 83.40 -34.77 6.92
N TYR B 113 82.88 -34.49 8.12
CA TYR B 113 83.76 -34.25 9.25
C TYR B 113 84.59 -35.48 9.58
N GLY B 114 84.12 -36.66 9.19
CA GLY B 114 84.80 -37.90 9.52
C GLY B 114 84.56 -38.29 10.97
N MET B 115 85.10 -37.49 11.88
CA MET B 115 84.93 -37.72 13.32
C MET B 115 84.88 -36.35 13.99
N ASP B 116 83.67 -35.85 14.20
CA ASP B 116 83.46 -34.47 14.64
C ASP B 116 83.53 -34.30 16.15
N VAL B 117 82.84 -35.17 16.89
CA VAL B 117 82.64 -34.99 18.32
C VAL B 117 82.99 -36.29 19.04
N TRP B 118 83.54 -36.15 20.25
CA TRP B 118 84.06 -37.27 21.01
C TRP B 118 83.54 -37.23 22.44
N GLY B 119 83.45 -38.40 23.06
CA GLY B 119 82.93 -38.51 24.42
C GLY B 119 83.88 -39.20 25.38
N GLN B 120 83.39 -39.54 26.57
CA GLN B 120 84.24 -40.17 27.57
C GLN B 120 84.75 -41.53 27.10
N GLY B 121 83.84 -42.40 26.66
CA GLY B 121 84.22 -43.67 26.09
C GLY B 121 84.06 -44.85 27.04
N THR B 122 84.16 -46.04 26.45
CA THR B 122 83.92 -47.30 27.15
C THR B 122 85.19 -48.14 27.20
N THR B 123 85.40 -48.81 28.32
CA THR B 123 86.53 -49.71 28.49
C THR B 123 86.15 -51.13 28.08
N VAL B 124 87.16 -52.00 27.97
CA VAL B 124 86.95 -53.40 27.64
C VAL B 124 88.02 -54.22 28.36
N THR B 125 87.64 -55.44 28.74
CA THR B 125 88.55 -56.36 29.41
C THR B 125 88.31 -57.77 28.88
N VAL B 126 89.38 -58.42 28.43
CA VAL B 126 89.32 -59.79 27.92
C VAL B 126 90.20 -60.65 28.82
N SER B 127 89.61 -61.70 29.39
CA SER B 127 90.32 -62.65 30.22
C SER B 127 89.94 -64.06 29.80
N SER B 128 90.93 -64.94 29.71
CA SER B 128 90.70 -66.32 29.33
C SER B 128 89.73 -67.00 30.28
N GLN C 1 -26.76 6.20 65.06
CA GLN C 1 -28.07 5.49 64.97
C GLN C 1 -29.08 6.37 64.24
N CYS C 2 -29.32 6.05 62.96
CA CYS C 2 -30.22 6.86 62.15
C CYS C 2 -31.64 6.78 62.68
N VAL C 3 -32.38 7.87 62.52
CA VAL C 3 -33.79 7.94 62.85
C VAL C 3 -34.55 8.41 61.61
N ASN C 4 -35.79 7.96 61.49
CA ASN C 4 -36.58 8.19 60.28
C ASN C 4 -37.38 9.48 60.42
N LEU C 5 -36.98 10.51 59.68
CA LEU C 5 -37.69 11.78 59.68
C LEU C 5 -37.94 12.36 58.29
N THR C 6 -37.48 11.70 57.23
CA THR C 6 -37.53 12.29 55.90
C THR C 6 -38.96 12.41 55.40
N THR C 7 -39.23 13.48 54.66
CA THR C 7 -40.51 13.71 54.01
C THR C 7 -40.32 13.70 52.50
N ARG C 8 -41.30 13.18 51.77
CA ARG C 8 -41.17 12.93 50.34
C ARG C 8 -42.38 13.45 49.57
N THR C 9 -42.78 14.70 49.84
CA THR C 9 -43.85 15.32 49.07
C THR C 9 -43.29 15.88 47.77
N GLN C 10 -44.10 15.82 46.72
CA GLN C 10 -43.63 16.21 45.40
C GLN C 10 -43.38 17.71 45.32
N LEU C 11 -42.40 18.10 44.50
CA LEU C 11 -42.05 19.50 44.28
C LEU C 11 -41.64 19.65 42.83
N PRO C 12 -42.07 20.70 42.13
CA PRO C 12 -41.67 20.90 40.74
C PRO C 12 -40.23 21.40 40.66
N PRO C 13 -39.31 20.59 40.15
CA PRO C 13 -37.91 21.03 40.09
C PRO C 13 -37.73 22.19 39.12
N ALA C 14 -36.75 23.03 39.41
CA ALA C 14 -36.39 24.12 38.53
C ALA C 14 -35.28 23.69 37.58
N TYR C 15 -35.16 24.40 36.47
CA TYR C 15 -34.15 24.14 35.45
C TYR C 15 -33.30 25.38 35.27
N THR C 16 -32.17 25.21 34.58
CA THR C 16 -31.39 26.36 34.14
C THR C 16 -30.50 25.93 32.98
N ASN C 17 -29.97 26.92 32.26
CA ASN C 17 -29.16 26.67 31.08
C ASN C 17 -27.70 26.62 31.49
N SER C 18 -27.16 25.40 31.56
CA SER C 18 -25.74 25.21 31.79
C SER C 18 -24.98 25.53 30.51
N PHE C 19 -24.11 26.52 30.56
CA PHE C 19 -23.33 26.97 29.42
C PHE C 19 -21.85 26.96 29.77
N THR C 20 -21.04 26.46 28.84
CA THR C 20 -19.58 26.40 28.97
C THR C 20 -19.17 25.95 30.38
N ARG C 21 -19.61 24.74 30.73
CA ARG C 21 -19.21 24.12 31.99
C ARG C 21 -19.06 22.62 31.79
N GLY C 22 -18.04 22.05 32.43
CA GLY C 22 -17.85 20.60 32.42
C GLY C 22 -16.78 20.10 31.47
N VAL C 23 -15.62 20.76 31.46
CA VAL C 23 -14.49 20.35 30.64
C VAL C 23 -13.27 20.17 31.55
N TYR C 24 -12.61 19.02 31.43
CA TYR C 24 -11.50 18.66 32.32
C TYR C 24 -10.25 18.35 31.50
N TYR C 25 -9.14 18.20 32.21
CA TYR C 25 -7.81 18.19 31.61
C TYR C 25 -7.42 16.80 31.11
N PRO C 26 -6.44 16.73 30.19
CA PRO C 26 -5.81 15.46 29.84
C PRO C 26 -4.70 15.09 30.81
N ASP C 27 -3.96 14.01 30.50
CA ASP C 27 -2.90 13.56 31.38
C ASP C 27 -1.63 14.39 31.23
N LYS C 28 -1.20 14.63 30.00
CA LYS C 28 0.09 15.25 29.71
C LYS C 28 -0.07 16.73 29.41
N VAL C 29 1.04 17.38 29.10
CA VAL C 29 1.08 18.81 28.82
C VAL C 29 1.02 19.01 27.32
N PHE C 30 0.04 19.78 26.87
CA PHE C 30 0.02 20.32 25.52
C PHE C 30 0.20 21.83 25.63
N ARG C 31 1.23 22.35 24.98
CA ARG C 31 1.65 23.73 25.17
C ARG C 31 1.34 24.55 23.92
N SER C 32 0.53 25.60 24.10
CA SER C 32 0.24 26.57 23.05
C SER C 32 -0.34 25.94 21.79
N SER C 33 -0.79 24.68 21.85
CA SER C 33 -1.42 24.03 20.72
C SER C 33 -2.85 24.53 20.65
N VAL C 34 -3.14 25.42 19.69
CA VAL C 34 -4.41 26.11 19.66
C VAL C 34 -5.57 25.13 19.62
N LEU C 35 -5.36 23.94 19.05
CA LEU C 35 -6.40 22.95 18.92
C LEU C 35 -5.90 21.59 19.37
N HIS C 36 -6.83 20.79 19.88
CA HIS C 36 -6.60 19.36 20.06
C HIS C 36 -7.96 18.69 20.19
N SER C 37 -8.40 18.01 19.14
CA SER C 37 -9.68 17.32 19.17
C SER C 37 -9.64 16.20 20.20
N THR C 38 -10.71 16.08 20.99
CA THR C 38 -10.78 15.05 22.01
C THR C 38 -12.21 14.55 22.14
N GLN C 39 -12.38 13.23 22.07
CA GLN C 39 -13.69 12.59 22.18
C GLN C 39 -13.80 11.96 23.56
N ASP C 40 -14.83 12.36 24.32
CA ASP C 40 -15.01 11.83 25.66
C ASP C 40 -16.41 12.20 26.14
N LEU C 41 -16.72 11.78 27.36
CA LEU C 41 -17.99 12.15 27.98
C LEU C 41 -17.87 13.53 28.61
N PHE C 42 -18.73 14.44 28.22
CA PHE C 42 -18.71 15.81 28.72
C PHE C 42 -20.13 16.26 29.02
N LEU C 43 -20.27 17.52 29.41
CA LEU C 43 -21.59 18.11 29.62
C LEU C 43 -21.89 19.06 28.48
N PRO C 44 -22.79 18.72 27.55
CA PRO C 44 -23.01 19.60 26.40
C PRO C 44 -23.40 21.00 26.83
N PHE C 45 -22.88 22.00 26.12
CA PHE C 45 -23.12 23.39 26.49
C PHE C 45 -24.59 23.75 26.29
N PHE C 46 -25.05 24.71 27.08
CA PHE C 46 -26.42 25.22 26.98
C PHE C 46 -27.42 24.08 27.08
N SER C 47 -27.25 23.25 28.10
CA SER C 47 -28.14 22.13 28.36
C SER C 47 -29.04 22.45 29.54
N ASN C 48 -30.11 21.67 29.67
CA ASN C 48 -31.04 21.82 30.79
C ASN C 48 -30.46 21.10 32.00
N VAL C 49 -29.82 21.86 32.88
CA VAL C 49 -29.27 21.32 34.13
C VAL C 49 -30.26 21.62 35.24
N THR C 50 -30.56 20.61 36.05
CA THR C 50 -31.61 20.78 37.04
C THR C 50 -31.12 21.63 38.20
N TRP C 51 -32.05 21.97 39.08
CA TRP C 51 -31.75 22.73 40.28
C TRP C 51 -32.56 22.12 41.42
N PHE C 52 -31.90 21.79 42.52
CA PHE C 52 -32.55 21.12 43.64
C PHE C 52 -32.36 21.95 44.90
N HIS C 53 -33.43 22.08 45.67
CA HIS C 53 -33.35 22.55 47.05
C HIS C 53 -33.20 21.31 47.92
N ALA C 54 -31.97 21.05 48.36
CA ALA C 54 -31.71 19.89 49.19
C ALA C 54 -32.67 19.85 50.38
N ILE C 55 -32.95 21.01 50.96
CA ILE C 55 -33.95 21.17 52.00
C ILE C 55 -34.85 22.32 51.55
N HIS C 56 -35.90 21.99 50.79
CA HIS C 56 -36.77 23.03 50.26
C HIS C 56 -37.64 23.57 51.39
N VAL C 57 -37.12 24.55 52.12
CA VAL C 57 -37.84 25.14 53.24
C VAL C 57 -39.17 25.67 52.72
N SER C 58 -40.27 25.09 53.21
CA SER C 58 -41.59 25.48 52.73
C SER C 58 -41.87 26.95 53.07
N GLY C 59 -41.71 27.31 54.33
CA GLY C 59 -41.76 28.70 54.74
C GLY C 59 -40.37 29.17 55.09
N THR C 60 -39.85 30.16 54.35
CA THR C 60 -38.43 30.49 54.41
C THR C 60 -37.92 30.56 55.85
N ASN C 61 -38.79 30.86 56.80
CA ASN C 61 -38.44 30.91 58.21
C ASN C 61 -39.31 29.93 58.99
N GLY C 62 -38.67 29.09 59.80
CA GLY C 62 -39.40 28.24 60.72
C GLY C 62 -39.99 26.99 60.13
N THR C 63 -39.42 26.46 59.05
CA THR C 63 -39.89 25.21 58.48
C THR C 63 -38.74 24.50 57.79
N LYS C 64 -38.81 23.16 57.80
CA LYS C 64 -37.83 22.32 57.13
C LYS C 64 -38.55 21.18 56.44
N ARG C 65 -38.07 20.80 55.25
CA ARG C 65 -38.61 19.67 54.52
C ARG C 65 -37.44 18.89 53.92
N PHE C 66 -37.16 17.71 54.47
CA PHE C 66 -36.04 16.90 54.06
C PHE C 66 -36.43 16.14 52.79
N ASP C 67 -35.94 16.61 51.64
CA ASP C 67 -36.33 16.03 50.36
C ASP C 67 -35.10 16.06 49.44
N ASN C 68 -34.40 14.93 49.36
CA ASN C 68 -33.22 14.78 48.51
C ASN C 68 -33.35 13.47 47.74
N PRO C 69 -34.06 13.47 46.63
CA PRO C 69 -34.37 12.21 45.95
C PRO C 69 -33.14 11.51 45.42
N VAL C 70 -33.23 10.19 45.35
CA VAL C 70 -32.17 9.36 44.78
C VAL C 70 -32.22 9.54 43.26
N LEU C 71 -31.23 10.24 42.70
CA LEU C 71 -31.25 10.56 41.29
C LEU C 71 -30.45 9.53 40.49
N PRO C 72 -30.82 9.30 39.23
CA PRO C 72 -30.07 8.33 38.41
C PRO C 72 -28.68 8.86 38.08
N PHE C 73 -27.68 8.00 38.21
CA PHE C 73 -26.31 8.43 37.94
C PHE C 73 -26.03 8.51 36.44
N ASN C 74 -26.63 7.64 35.64
CA ASN C 74 -26.42 7.65 34.20
C ASN C 74 -24.96 7.36 33.89
N ASP C 75 -24.49 7.80 32.72
CA ASP C 75 -23.09 7.60 32.36
C ASP C 75 -22.17 8.32 33.34
N GLY C 76 -22.49 9.58 33.65
CA GLY C 76 -21.70 10.35 34.58
C GLY C 76 -22.47 11.59 34.97
N VAL C 77 -22.08 12.19 36.09
CA VAL C 77 -22.81 13.30 36.68
C VAL C 77 -21.88 14.48 36.86
N TYR C 78 -22.33 15.65 36.41
CA TYR C 78 -21.74 16.93 36.79
C TYR C 78 -22.53 17.46 37.97
N PHE C 79 -21.91 17.48 39.14
CA PHE C 79 -22.53 17.90 40.39
C PHE C 79 -21.93 19.24 40.79
N ALA C 80 -22.78 20.26 40.91
CA ALA C 80 -22.33 21.61 41.27
C ALA C 80 -22.99 21.99 42.58
N SER C 81 -22.20 22.54 43.50
CA SER C 81 -22.68 22.93 44.81
C SER C 81 -22.16 24.32 45.15
N THR C 82 -22.97 25.06 45.91
CA THR C 82 -22.63 26.39 46.38
C THR C 82 -23.30 26.61 47.73
N GLU C 83 -22.48 26.70 48.78
CA GLU C 83 -23.02 26.81 50.13
C GLU C 83 -21.93 27.17 51.13
N LYS C 84 -22.26 27.99 52.13
CA LYS C 84 -21.28 28.34 53.15
C LYS C 84 -20.98 27.16 54.07
N SER C 85 -22.01 26.37 54.40
CA SER C 85 -21.86 25.26 55.32
C SER C 85 -21.45 24.00 54.54
N ASN C 86 -21.51 22.84 55.20
CA ASN C 86 -21.17 21.57 54.58
C ASN C 86 -22.37 20.64 54.61
N ILE C 87 -23.53 21.14 54.16
CA ILE C 87 -24.75 20.36 54.23
C ILE C 87 -24.61 19.06 53.45
N ILE C 88 -23.80 19.06 52.40
CA ILE C 88 -23.51 17.85 51.64
C ILE C 88 -22.05 17.49 51.85
N ARG C 89 -21.77 16.66 52.86
CA ARG C 89 -20.40 16.25 53.12
C ARG C 89 -19.88 15.36 51.99
N GLY C 90 -20.71 14.46 51.48
CA GLY C 90 -20.26 13.54 50.45
C GLY C 90 -21.35 13.03 49.55
N TRP C 91 -21.11 11.87 48.94
CA TRP C 91 -22.03 11.26 47.99
C TRP C 91 -22.04 9.76 48.23
N ILE C 92 -23.07 9.09 47.72
CA ILE C 92 -23.13 7.64 47.74
C ILE C 92 -23.56 7.17 46.36
N PHE C 93 -22.86 6.17 45.83
CA PHE C 93 -23.12 5.64 44.50
C PHE C 93 -23.49 4.16 44.62
N GLY C 94 -24.22 3.68 43.62
CA GLY C 94 -24.51 2.25 43.59
C GLY C 94 -25.26 1.84 42.35
N THR C 95 -25.18 0.55 42.00
CA THR C 95 -25.94 0.04 40.88
C THR C 95 -27.42 0.35 41.05
N THR C 96 -27.96 0.03 42.24
CA THR C 96 -29.34 0.36 42.55
C THR C 96 -29.51 0.79 44.01
N LEU C 97 -28.42 0.92 44.77
CA LEU C 97 -28.51 1.05 46.21
C LEU C 97 -29.38 -0.06 46.78
N ASP C 98 -29.13 -1.28 46.29
CA ASP C 98 -30.01 -2.41 46.57
C ASP C 98 -29.99 -2.79 48.05
N SER C 99 -29.03 -2.28 48.82
CA SER C 99 -28.92 -2.49 50.26
C SER C 99 -28.56 -3.92 50.63
N LYS C 100 -28.30 -4.80 49.65
CA LYS C 100 -27.89 -6.16 49.92
C LYS C 100 -26.79 -6.62 48.98
N THR C 101 -26.12 -5.70 48.28
CA THR C 101 -25.03 -6.02 47.37
C THR C 101 -23.93 -4.98 47.56
N GLN C 102 -22.85 -5.15 46.80
CA GLN C 102 -21.71 -4.25 46.92
C GLN C 102 -22.05 -2.88 46.35
N SER C 103 -21.53 -1.83 46.99
CA SER C 103 -21.72 -0.47 46.56
C SER C 103 -20.65 0.40 47.21
N LEU C 104 -20.48 1.60 46.65
CA LEU C 104 -19.45 2.53 47.07
C LEU C 104 -20.02 3.53 48.08
N LEU C 105 -19.12 4.12 48.86
CA LEU C 105 -19.51 5.18 49.79
C LEU C 105 -18.31 6.09 50.02
N ILE C 106 -18.55 7.39 49.97
CA ILE C 106 -17.52 8.41 50.15
C ILE C 106 -18.02 9.40 51.19
N VAL C 107 -17.16 9.74 52.15
CA VAL C 107 -17.52 10.74 53.15
C VAL C 107 -16.30 11.57 53.50
N ASN C 108 -16.47 12.89 53.51
CA ASN C 108 -15.39 13.83 53.79
C ASN C 108 -15.59 14.40 55.18
N ASN C 109 -14.55 14.31 56.01
CA ASN C 109 -14.56 14.89 57.34
C ASN C 109 -13.83 16.23 57.33
N ALA C 110 -13.87 16.92 58.47
CA ALA C 110 -13.15 18.19 58.57
C ALA C 110 -11.64 17.98 58.52
N THR C 111 -11.19 16.74 58.74
CA THR C 111 -9.76 16.46 58.73
C THR C 111 -9.32 15.72 57.47
N ASN C 112 -10.13 14.79 57.00
CA ASN C 112 -9.73 13.90 55.91
C ASN C 112 -10.97 13.40 55.19
N VAL C 113 -10.77 12.54 54.21
CA VAL C 113 -11.83 11.87 53.48
C VAL C 113 -11.59 10.37 53.53
N VAL C 114 -12.67 9.60 53.70
CA VAL C 114 -12.61 8.15 53.74
C VAL C 114 -13.60 7.58 52.72
N ILE C 115 -13.14 6.60 51.96
CA ILE C 115 -13.91 5.97 50.89
C ILE C 115 -13.85 4.47 51.11
N LYS C 116 -14.97 3.80 50.85
CA LYS C 116 -15.02 2.36 51.04
C LYS C 116 -16.10 1.76 50.16
N VAL C 117 -15.79 0.60 49.58
CA VAL C 117 -16.72 -0.15 48.75
C VAL C 117 -17.02 -1.45 49.46
N CYS C 118 -18.27 -1.61 49.90
CA CYS C 118 -18.66 -2.76 50.71
C CYS C 118 -20.11 -3.08 50.45
N GLU C 119 -20.60 -4.16 51.04
CA GLU C 119 -22.01 -4.50 51.00
C GLU C 119 -22.73 -3.69 52.08
N PHE C 120 -23.62 -2.80 51.66
CA PHE C 120 -24.24 -1.83 52.55
C PHE C 120 -25.69 -2.21 52.80
N GLN C 121 -26.13 -2.00 54.05
CA GLN C 121 -27.54 -2.08 54.42
C GLN C 121 -27.98 -0.65 54.70
N PHE C 122 -28.67 -0.05 53.72
CA PHE C 122 -28.96 1.37 53.78
C PHE C 122 -30.14 1.64 54.71
N CYS C 123 -29.91 2.49 55.71
CA CYS C 123 -31.01 3.07 56.46
C CYS C 123 -31.92 3.85 55.51
N ASN C 124 -33.24 3.71 55.69
CA ASN C 124 -34.17 4.31 54.75
C ASN C 124 -33.97 5.82 54.63
N ASP C 125 -33.45 6.45 55.68
CA ASP C 125 -33.20 7.89 55.70
C ASP C 125 -31.74 8.12 56.09
N PRO C 126 -30.81 7.87 55.18
CA PRO C 126 -29.39 7.96 55.51
C PRO C 126 -28.85 9.38 55.43
N PHE C 127 -29.00 10.17 56.50
CA PHE C 127 -28.57 11.55 56.51
C PHE C 127 -27.56 11.85 57.61
N LEU C 128 -26.91 10.82 58.15
CA LEU C 128 -25.83 11.03 59.12
C LEU C 128 -26.33 11.68 60.40
N GLY C 129 -25.48 11.78 61.41
CA GLY C 129 -25.86 12.43 62.66
C GLY C 129 -24.64 12.86 63.44
N VAL C 130 -24.83 13.86 64.30
CA VAL C 130 -23.76 14.37 65.15
C VAL C 130 -24.37 14.82 66.48
N TYR C 131 -23.50 15.31 67.36
CA TYR C 131 -23.92 15.73 68.69
C TYR C 131 -22.76 16.47 69.36
N TYR C 132 -23.00 16.93 70.57
CA TYR C 132 -21.97 17.52 71.41
C TYR C 132 -21.46 16.49 72.40
N HIS C 133 -20.15 16.30 72.44
CA HIS C 133 -19.56 15.24 73.24
C HIS C 133 -19.68 15.57 74.72
N LYS C 134 -19.75 14.51 75.54
CA LYS C 134 -19.70 14.69 76.98
C LYS C 134 -18.41 15.38 77.40
N ASN C 135 -17.29 14.96 76.83
CA ASN C 135 -16.02 15.65 77.06
C ASN C 135 -16.02 16.96 76.28
N ASN C 136 -14.95 17.74 76.48
CA ASN C 136 -14.83 19.04 75.83
C ASN C 136 -14.53 18.88 74.35
N LYS C 137 -15.50 18.36 73.59
CA LYS C 137 -15.40 18.24 72.15
C LYS C 137 -16.70 18.73 71.52
N SER C 138 -16.61 19.16 70.26
CA SER C 138 -17.74 19.84 69.63
C SER C 138 -18.67 18.88 68.88
N TRP C 139 -18.16 18.18 67.88
CA TRP C 139 -19.02 17.36 67.02
C TRP C 139 -18.34 16.04 66.70
N MET C 140 -19.17 15.02 66.46
CA MET C 140 -18.69 13.69 66.11
C MET C 140 -19.73 13.03 65.21
N GLU C 141 -19.27 12.51 64.07
CA GLU C 141 -20.15 11.83 63.12
C GLU C 141 -20.20 10.33 63.39
N SER C 142 -20.55 9.95 64.62
CA SER C 142 -20.54 8.55 65.04
C SER C 142 -21.89 7.89 64.75
N GLU C 143 -22.27 7.92 63.47
CA GLU C 143 -23.50 7.31 62.99
C GLU C 143 -23.14 6.17 62.07
N PHE C 144 -23.75 5.00 62.30
CA PHE C 144 -23.37 3.78 61.59
C PHE C 144 -24.57 3.00 61.08
N ARG C 145 -25.77 3.59 61.08
CA ARG C 145 -26.93 2.93 60.51
C ARG C 145 -27.20 3.37 59.07
N VAL C 146 -26.75 4.57 58.68
CA VAL C 146 -26.74 4.94 57.27
C VAL C 146 -26.19 3.79 56.45
N TYR C 147 -25.07 3.22 56.89
CA TYR C 147 -24.56 1.96 56.40
C TYR C 147 -24.77 0.95 57.52
N SER C 148 -25.99 0.39 57.57
CA SER C 148 -26.36 -0.48 58.67
C SER C 148 -25.61 -1.80 58.66
N SER C 149 -24.91 -2.12 57.58
CA SER C 149 -24.15 -3.37 57.50
C SER C 149 -22.94 -3.15 56.60
N ALA C 150 -21.75 -3.39 57.13
CA ALA C 150 -20.51 -3.37 56.35
C ALA C 150 -19.74 -4.65 56.70
N ASN C 151 -20.11 -5.75 56.05
CA ASN C 151 -19.55 -7.05 56.38
C ASN C 151 -18.30 -7.38 55.59
N ASN C 152 -18.22 -6.95 54.33
CA ASN C 152 -17.04 -7.20 53.50
C ASN C 152 -16.79 -5.97 52.64
N CYS C 153 -15.62 -5.37 52.81
CA CYS C 153 -15.22 -4.17 52.06
C CYS C 153 -14.17 -4.57 51.04
N THR C 154 -14.55 -4.60 49.77
CA THR C 154 -13.63 -4.95 48.70
C THR C 154 -12.58 -3.88 48.46
N PHE C 155 -12.74 -2.69 49.03
CA PHE C 155 -11.77 -1.63 48.85
C PHE C 155 -11.95 -0.60 49.96
N GLU C 156 -10.82 -0.16 50.52
CA GLU C 156 -10.80 0.89 51.54
C GLU C 156 -9.80 1.95 51.11
N TYR C 157 -10.00 3.18 51.59
CA TYR C 157 -9.09 4.26 51.24
C TYR C 157 -9.32 5.44 52.15
N VAL C 158 -8.24 6.15 52.46
CA VAL C 158 -8.28 7.36 53.28
C VAL C 158 -7.24 8.34 52.73
N SER C 159 -7.58 9.62 52.73
CA SER C 159 -6.65 10.62 52.24
C SER C 159 -7.11 12.00 52.69
N GLN C 160 -6.49 13.04 52.15
CA GLN C 160 -6.88 14.40 52.48
C GLN C 160 -8.25 14.72 51.89
N PRO C 161 -9.02 15.61 52.52
CA PRO C 161 -10.42 15.81 52.10
C PRO C 161 -10.53 16.25 50.65
N PHE C 162 -11.55 15.72 49.97
CA PHE C 162 -11.90 16.26 48.65
C PHE C 162 -12.43 17.68 48.78
N LEU C 163 -13.38 17.89 49.70
CA LEU C 163 -13.90 19.22 49.98
C LEU C 163 -13.06 19.92 51.05
N MET C 164 -11.74 19.88 50.85
CA MET C 164 -10.80 20.42 51.83
C MET C 164 -10.85 21.94 51.92
N ASP C 165 -11.54 22.60 50.99
CA ASP C 165 -11.62 24.06 50.97
C ASP C 165 -12.91 24.49 51.67
N LEU C 166 -12.76 25.24 52.76
CA LEU C 166 -13.88 25.83 53.48
C LEU C 166 -13.82 27.34 53.33
N GLU C 167 -14.97 27.94 53.02
CA GLU C 167 -15.04 29.37 52.74
C GLU C 167 -15.11 30.13 54.06
N GLY C 168 -13.99 30.74 54.45
CA GLY C 168 -13.95 31.54 55.66
C GLY C 168 -13.51 32.98 55.40
N LYS C 169 -12.71 33.18 54.35
CA LYS C 169 -12.19 34.52 54.08
C LYS C 169 -13.27 35.44 53.54
N GLN C 170 -14.09 34.96 52.60
CA GLN C 170 -15.11 35.76 51.95
C GLN C 170 -16.45 35.03 52.05
N GLY C 171 -17.29 35.47 53.00
CA GLY C 171 -18.59 34.84 53.16
C GLY C 171 -19.48 35.05 51.96
N ASN C 172 -19.42 36.24 51.36
CA ASN C 172 -20.28 36.55 50.22
C ASN C 172 -20.00 35.60 49.04
N PHE C 173 -18.72 35.35 48.77
CA PHE C 173 -18.36 34.41 47.71
C PHE C 173 -18.60 32.98 48.17
N LYS C 174 -19.32 32.22 47.36
CA LYS C 174 -19.52 30.79 47.59
C LYS C 174 -18.66 30.01 46.61
N ASN C 175 -17.82 29.13 47.15
CA ASN C 175 -16.95 28.32 46.30
C ASN C 175 -17.80 27.49 45.35
N LEU C 176 -17.74 27.81 44.06
CA LEU C 176 -18.53 27.11 43.04
C LEU C 176 -17.93 25.72 42.87
N ARG C 177 -18.28 24.82 43.78
CA ARG C 177 -17.65 23.50 43.81
C ARG C 177 -18.24 22.63 42.71
N GLU C 178 -17.41 22.22 41.76
CA GLU C 178 -17.84 21.38 40.66
C GLU C 178 -17.15 20.03 40.75
N PHE C 179 -17.89 18.97 40.43
CA PHE C 179 -17.35 17.62 40.41
C PHE C 179 -17.90 16.90 39.19
N VAL C 180 -17.05 16.10 38.56
CA VAL C 180 -17.44 15.33 37.39
C VAL C 180 -17.19 13.87 37.74
N PHE C 181 -18.21 13.21 38.28
CA PHE C 181 -18.08 11.81 38.68
C PHE C 181 -18.42 10.93 37.48
N LYS C 182 -17.45 10.14 37.03
CA LYS C 182 -17.68 9.25 35.90
C LYS C 182 -17.08 7.88 36.18
N ASN C 183 -17.66 6.86 35.56
CA ASN C 183 -17.17 5.49 35.64
C ASN C 183 -17.10 4.95 34.21
N ILE C 184 -16.00 5.22 33.52
CA ILE C 184 -15.83 4.76 32.15
C ILE C 184 -15.23 3.37 32.11
N ASP C 185 -14.12 3.15 32.83
CA ASP C 185 -13.51 1.83 32.94
C ASP C 185 -12.39 1.91 33.96
N GLY C 186 -12.24 0.84 34.74
CA GLY C 186 -11.15 0.76 35.70
C GLY C 186 -11.38 1.59 36.94
N TYR C 187 -11.29 2.91 36.80
CA TYR C 187 -11.34 3.83 37.92
C TYR C 187 -12.61 4.67 37.87
N PHE C 188 -13.21 4.87 39.04
CA PHE C 188 -14.31 5.82 39.21
C PHE C 188 -13.70 7.21 39.30
N LYS C 189 -13.50 7.82 38.14
CA LYS C 189 -12.73 9.07 38.08
C LYS C 189 -13.55 10.25 38.59
N ILE C 190 -12.87 11.14 39.30
CA ILE C 190 -13.46 12.33 39.90
C ILE C 190 -12.57 13.51 39.55
N TYR C 191 -13.15 14.54 38.94
CA TYR C 191 -12.44 15.76 38.59
C TYR C 191 -13.15 16.93 39.25
N SER C 192 -12.39 17.77 39.95
CA SER C 192 -12.97 18.88 40.68
C SER C 192 -12.13 20.14 40.50
N LYS C 193 -12.83 21.27 40.37
CA LYS C 193 -12.20 22.58 40.38
C LYS C 193 -13.00 23.49 41.30
N HIS C 194 -12.29 24.36 42.01
CA HIS C 194 -12.90 25.28 42.97
C HIS C 194 -12.69 26.71 42.50
N THR C 195 -13.75 27.51 42.52
CA THR C 195 -13.64 28.90 42.12
C THR C 195 -14.73 29.70 42.84
N PRO C 196 -14.38 30.77 43.55
CA PRO C 196 -15.41 31.54 44.26
C PRO C 196 -16.32 32.28 43.28
N ILE C 197 -17.56 32.49 43.70
CA ILE C 197 -18.54 33.24 42.92
C ILE C 197 -19.44 34.00 43.88
N ASN C 198 -19.63 35.29 43.62
CA ASN C 198 -20.53 36.11 44.41
C ASN C 198 -21.50 36.92 43.56
N LEU C 199 -21.06 37.41 42.40
CA LEU C 199 -21.89 38.32 41.62
C LEU C 199 -23.15 37.63 41.12
N VAL C 200 -23.04 36.40 40.64
CA VAL C 200 -24.12 35.72 39.94
C VAL C 200 -24.66 34.61 40.83
N ARG C 201 -25.97 34.64 41.09
CA ARG C 201 -26.61 33.53 41.78
C ARG C 201 -26.52 32.26 40.96
N ASP C 202 -26.77 32.35 39.65
CA ASP C 202 -26.67 31.21 38.75
C ASP C 202 -25.21 31.00 38.37
N LEU C 203 -24.97 30.12 37.42
CA LEU C 203 -23.60 29.85 36.99
C LEU C 203 -23.07 31.06 36.22
N PRO C 204 -21.92 31.62 36.61
CA PRO C 204 -21.42 32.81 35.92
C PRO C 204 -20.97 32.53 34.51
N GLN C 205 -20.42 33.54 33.83
CA GLN C 205 -19.94 33.42 32.47
C GLN C 205 -18.41 33.28 32.37
N GLY C 206 -17.96 32.30 31.60
CA GLY C 206 -16.54 32.04 31.42
C GLY C 206 -16.24 30.56 31.49
N PHE C 207 -14.98 30.24 31.23
CA PHE C 207 -14.49 28.88 31.22
C PHE C 207 -13.64 28.60 32.46
N SER C 208 -13.65 27.34 32.88
CA SER C 208 -12.83 26.89 34.00
C SER C 208 -12.71 25.39 33.92
N ALA C 209 -11.49 24.88 33.74
CA ALA C 209 -11.26 23.45 33.57
C ALA C 209 -11.12 22.76 34.92
N LEU C 210 -11.35 21.45 34.90
CA LEU C 210 -11.31 20.63 36.11
C LEU C 210 -10.20 19.60 35.99
N GLU C 211 -9.35 19.51 37.01
CA GLU C 211 -8.25 18.57 37.03
C GLU C 211 -8.55 17.40 37.95
N PRO C 212 -8.05 16.21 37.64
CA PRO C 212 -8.43 15.03 38.43
C PRO C 212 -7.92 15.11 39.86
N LEU C 213 -8.66 14.45 40.76
CA LEU C 213 -8.28 14.33 42.16
C LEU C 213 -7.77 12.95 42.51
N VAL C 214 -8.53 11.91 42.20
CA VAL C 214 -8.15 10.54 42.54
C VAL C 214 -8.58 9.58 41.44
N ASP C 215 -8.22 8.31 41.59
CA ASP C 215 -8.58 7.28 40.63
C ASP C 215 -8.66 5.96 41.40
N LEU C 216 -9.88 5.55 41.76
CA LEU C 216 -10.06 4.39 42.60
C LEU C 216 -10.49 3.21 41.77
N PRO C 217 -9.68 2.16 41.64
CA PRO C 217 -10.11 0.99 40.87
C PRO C 217 -11.15 0.15 41.61
N ILE C 218 -12.33 0.72 41.85
CA ILE C 218 -13.35 0.00 42.60
C ILE C 218 -13.91 -1.15 41.79
N GLY C 219 -14.12 -0.95 40.49
CA GLY C 219 -14.69 -1.99 39.65
C GLY C 219 -16.17 -2.22 39.83
N ILE C 220 -16.90 -1.23 40.35
CA ILE C 220 -18.32 -1.36 40.58
C ILE C 220 -19.08 -0.72 39.42
N ASN C 221 -20.31 -1.17 39.21
CA ASN C 221 -21.21 -0.59 38.22
C ASN C 221 -22.18 0.34 38.93
N ILE C 222 -22.23 1.59 38.48
CA ILE C 222 -23.03 2.63 39.11
C ILE C 222 -24.11 3.07 38.13
N THR C 223 -25.36 3.01 38.57
CA THR C 223 -26.49 3.54 37.81
C THR C 223 -27.30 4.57 38.59
N ARG C 224 -27.33 4.49 39.92
CA ARG C 224 -28.05 5.45 40.73
C ARG C 224 -27.16 5.95 41.86
N PHE C 225 -27.16 7.27 42.05
CA PHE C 225 -26.38 7.90 43.10
C PHE C 225 -27.26 8.89 43.86
N GLN C 226 -27.02 8.99 45.16
CA GLN C 226 -27.72 9.93 46.02
C GLN C 226 -26.69 10.78 46.76
N THR C 227 -26.87 12.10 46.72
CA THR C 227 -26.06 12.96 47.56
C THR C 227 -26.24 12.56 49.01
N LEU C 228 -25.15 12.44 49.73
CA LEU C 228 -25.23 12.06 51.14
C LEU C 228 -25.70 13.25 51.95
N LEU C 229 -26.85 13.09 52.59
CA LEU C 229 -27.55 14.19 53.25
C LEU C 229 -26.91 14.39 54.62
N ALA C 230 -25.68 14.91 54.62
CA ALA C 230 -24.86 14.95 55.82
C ALA C 230 -24.75 16.39 56.29
N LEU C 231 -25.55 16.75 57.30
CA LEU C 231 -25.37 18.00 58.00
C LEU C 231 -25.67 17.78 59.48
N HIS C 232 -25.12 18.66 60.29
CA HIS C 232 -25.34 18.59 61.73
C HIS C 232 -26.82 18.66 62.06
N ARG C 233 -27.26 17.81 63.00
CA ARG C 233 -28.60 17.95 63.55
C ARG C 233 -28.66 19.21 64.39
N SER C 234 -29.40 20.20 63.92
CA SER C 234 -29.51 21.47 64.63
C SER C 234 -30.53 21.44 65.76
N TYR C 235 -31.21 20.31 65.97
CA TYR C 235 -32.20 20.14 67.02
C TYR C 235 -33.05 21.40 67.19
N LEU C 236 -33.70 21.77 66.10
CA LEU C 236 -34.49 22.99 66.04
C LEU C 236 -35.97 22.66 66.21
N TRP C 245 -33.84 16.04 63.81
CA TRP C 245 -32.80 16.01 62.80
C TRP C 245 -33.10 17.04 61.71
N THR C 246 -32.55 18.24 61.89
CA THR C 246 -32.73 19.34 60.96
C THR C 246 -31.38 19.76 60.39
N ALA C 247 -31.40 20.28 59.16
CA ALA C 247 -30.18 20.59 58.44
C ALA C 247 -30.27 21.92 57.71
N GLY C 248 -31.01 22.88 58.25
CA GLY C 248 -31.07 24.20 57.65
C GLY C 248 -31.55 24.16 56.21
N ALA C 249 -30.88 24.92 55.35
CA ALA C 249 -31.24 25.04 53.96
C ALA C 249 -30.01 24.87 53.08
N ALA C 250 -30.23 24.37 51.87
CA ALA C 250 -29.13 24.12 50.93
C ALA C 250 -29.74 23.87 49.56
N ALA C 251 -28.88 23.89 48.54
CA ALA C 251 -29.31 23.63 47.18
C ALA C 251 -28.10 23.22 46.36
N TYR C 252 -28.36 22.54 45.25
CA TYR C 252 -27.27 22.12 44.36
C TYR C 252 -27.85 21.80 42.99
N TYR C 253 -26.97 21.78 41.99
CA TYR C 253 -27.35 21.57 40.61
C TYR C 253 -26.76 20.25 40.11
N VAL C 254 -27.49 19.58 39.23
CA VAL C 254 -27.09 18.28 38.71
C VAL C 254 -27.29 18.28 37.20
N GLY C 255 -26.31 17.73 36.48
CA GLY C 255 -26.44 17.50 35.06
C GLY C 255 -25.87 16.14 34.70
N TYR C 256 -26.32 15.63 33.56
CA TYR C 256 -25.91 14.31 33.09
C TYR C 256 -25.06 14.44 31.83
N LEU C 257 -23.97 13.69 31.79
CA LEU C 257 -23.00 13.78 30.70
C LEU C 257 -23.49 13.02 29.47
N GLN C 258 -22.93 13.38 28.33
CA GLN C 258 -23.16 12.73 27.05
C GLN C 258 -21.83 12.54 26.35
N PRO C 259 -21.73 11.56 25.45
CA PRO C 259 -20.49 11.36 24.67
C PRO C 259 -20.37 12.37 23.54
N ARG C 260 -19.44 13.30 23.68
CA ARG C 260 -19.25 14.36 22.71
C ARG C 260 -17.78 14.48 22.37
N THR C 261 -17.51 15.08 21.21
CA THR C 261 -16.15 15.38 20.77
C THR C 261 -15.99 16.90 20.78
N PHE C 262 -15.02 17.37 21.57
CA PHE C 262 -14.77 18.80 21.74
C PHE C 262 -13.44 19.17 21.09
N LEU C 263 -13.22 20.48 20.99
CA LEU C 263 -11.96 21.03 20.53
C LEU C 263 -11.48 22.00 21.59
N LEU C 264 -10.27 21.79 22.10
CA LEU C 264 -9.76 22.52 23.26
C LEU C 264 -8.63 23.45 22.83
N LYS C 265 -8.60 24.65 23.41
CA LYS C 265 -7.53 25.61 23.16
C LYS C 265 -6.68 25.71 24.42
N TYR C 266 -5.39 25.43 24.27
CA TYR C 266 -4.46 25.50 25.40
C TYR C 266 -3.74 26.83 25.39
N ASN C 267 -3.73 27.50 26.53
CA ASN C 267 -3.05 28.78 26.66
C ASN C 267 -1.53 28.57 26.68
N GLU C 268 -0.79 29.67 26.56
CA GLU C 268 0.66 29.58 26.60
C GLU C 268 1.14 28.92 27.89
N ASN C 269 0.38 29.05 28.98
CA ASN C 269 0.72 28.46 30.26
C ASN C 269 0.05 27.10 30.45
N GLY C 270 -0.36 26.45 29.36
CA GLY C 270 -0.97 25.13 29.46
C GLY C 270 -2.30 25.11 30.18
N THR C 271 -3.18 26.07 29.86
CA THR C 271 -4.50 26.14 30.46
C THR C 271 -5.56 26.05 29.36
N ILE C 272 -6.65 25.34 29.65
CA ILE C 272 -7.75 25.17 28.68
C ILE C 272 -8.65 26.39 28.84
N THR C 273 -8.32 27.46 28.11
CA THR C 273 -9.08 28.71 28.23
C THR C 273 -10.41 28.63 27.48
N ASP C 274 -10.44 27.97 26.33
CA ASP C 274 -11.64 27.94 25.51
C ASP C 274 -11.87 26.54 24.95
N ALA C 275 -13.14 26.24 24.68
CA ALA C 275 -13.50 24.95 24.12
C ALA C 275 -14.68 25.14 23.16
N VAL C 276 -14.79 24.22 22.23
CA VAL C 276 -15.85 24.24 21.22
C VAL C 276 -16.49 22.87 21.16
N ASP C 277 -17.83 22.85 21.15
CA ASP C 277 -18.60 21.62 21.04
C ASP C 277 -19.11 21.48 19.60
N CYS C 278 -18.80 20.36 18.97
CA CYS C 278 -19.02 20.23 17.54
C CYS C 278 -20.50 20.03 17.18
N ALA C 279 -21.29 19.47 18.07
CA ALA C 279 -22.68 19.12 17.77
C ALA C 279 -23.68 20.14 18.30
N LEU C 280 -23.21 21.31 18.73
CA LEU C 280 -24.12 22.30 19.30
C LEU C 280 -24.95 22.99 18.23
N ASP C 281 -24.34 23.34 17.10
CA ASP C 281 -25.02 24.10 16.07
C ASP C 281 -24.17 24.12 14.80
N PRO C 282 -24.72 24.53 13.65
CA PRO C 282 -23.90 24.51 12.42
C PRO C 282 -22.61 25.29 12.55
N LEU C 283 -22.63 26.45 13.21
CA LEU C 283 -21.42 27.25 13.31
C LEU C 283 -20.33 26.51 14.07
N SER C 284 -20.69 25.87 15.19
CA SER C 284 -19.69 25.15 15.97
C SER C 284 -19.14 23.95 15.20
N GLU C 285 -19.99 23.24 14.46
CA GLU C 285 -19.49 22.11 13.68
C GLU C 285 -18.57 22.58 12.57
N THR C 286 -18.90 23.72 11.94
CA THR C 286 -17.98 24.30 10.97
C THR C 286 -16.64 24.62 11.61
N LYS C 287 -16.67 25.19 12.81
CA LYS C 287 -15.43 25.50 13.52
C LYS C 287 -14.62 24.24 13.78
N CYS C 288 -15.29 23.16 14.16
CA CYS C 288 -14.59 21.90 14.39
C CYS C 288 -13.97 21.38 13.10
N THR C 289 -14.71 21.44 11.99
CA THR C 289 -14.22 20.84 10.74
C THR C 289 -12.95 21.53 10.26
N LEU C 290 -12.92 22.87 10.31
CA LEU C 290 -11.72 23.60 9.91
C LEU C 290 -10.59 23.49 10.92
N LYS C 291 -10.85 22.92 12.10
CA LYS C 291 -9.86 22.89 13.18
C LYS C 291 -9.40 24.30 13.53
N SER C 292 -10.32 25.24 13.54
CA SER C 292 -10.01 26.62 13.90
C SER C 292 -11.20 27.23 14.61
N PHE C 293 -10.92 28.24 15.44
CA PHE C 293 -11.94 28.94 16.19
C PHE C 293 -12.48 30.17 15.47
N THR C 294 -11.92 30.52 14.31
CA THR C 294 -12.38 31.65 13.52
C THR C 294 -12.64 31.18 12.11
N VAL C 295 -13.80 31.54 11.57
CA VAL C 295 -14.24 31.10 10.25
C VAL C 295 -14.48 32.34 9.38
N GLU C 296 -13.92 32.33 8.18
CA GLU C 296 -14.11 33.44 7.26
C GLU C 296 -15.39 33.25 6.45
N LYS C 297 -15.85 34.35 5.85
CA LYS C 297 -17.08 34.32 5.08
C LYS C 297 -16.99 33.27 3.99
N GLY C 298 -18.04 32.48 3.83
CA GLY C 298 -18.10 31.51 2.77
C GLY C 298 -19.09 30.40 3.07
N ILE C 299 -19.07 29.40 2.19
CA ILE C 299 -19.93 28.23 2.30
C ILE C 299 -19.02 27.01 2.47
N TYR C 300 -19.16 26.33 3.61
CA TYR C 300 -18.28 25.22 3.98
C TYR C 300 -19.09 23.93 4.06
N GLN C 301 -18.58 22.88 3.44
CA GLN C 301 -19.23 21.56 3.52
C GLN C 301 -18.80 20.89 4.81
N THR C 302 -19.63 21.02 5.85
CA THR C 302 -19.26 20.50 7.16
C THR C 302 -19.29 18.97 7.18
N SER C 303 -20.35 18.37 6.67
CA SER C 303 -20.50 16.91 6.74
C SER C 303 -21.65 16.49 5.82
N ASN C 304 -22.08 15.24 5.97
CA ASN C 304 -23.17 14.67 5.21
C ASN C 304 -24.18 14.08 6.18
N PHE C 305 -25.46 14.26 5.88
CA PHE C 305 -26.54 13.77 6.72
C PHE C 305 -27.18 12.55 6.07
N ARG C 306 -27.43 11.51 6.88
CA ARG C 306 -28.13 10.32 6.48
C ARG C 306 -29.31 10.10 7.41
N VAL C 307 -30.49 9.86 6.83
CA VAL C 307 -31.66 9.57 7.65
C VAL C 307 -31.44 8.28 8.43
N GLN C 308 -32.06 8.19 9.61
CA GLN C 308 -31.83 7.04 10.46
C GLN C 308 -32.99 6.05 10.37
N PRO C 309 -32.72 4.77 10.61
CA PRO C 309 -33.80 3.77 10.53
C PRO C 309 -34.80 3.94 11.65
N THR C 310 -36.04 3.51 11.38
CA THR C 310 -37.14 3.64 12.33
C THR C 310 -37.35 2.37 13.16
N GLU C 311 -37.41 1.21 12.50
CA GLU C 311 -37.65 -0.05 13.19
C GLU C 311 -36.99 -1.17 12.41
N SER C 312 -36.78 -2.30 13.08
CA SER C 312 -36.10 -3.45 12.51
C SER C 312 -37.13 -4.53 12.19
N ILE C 313 -37.08 -5.06 10.97
CA ILE C 313 -37.98 -6.11 10.50
C ILE C 313 -37.14 -7.28 10.05
N VAL C 314 -37.49 -8.48 10.50
CA VAL C 314 -36.73 -9.70 10.22
C VAL C 314 -37.67 -10.72 9.58
N ARG C 315 -37.23 -11.31 8.47
CA ARG C 315 -37.99 -12.33 7.78
C ARG C 315 -37.13 -13.56 7.59
N PHE C 316 -37.72 -14.73 7.85
CA PHE C 316 -37.01 -15.99 7.82
C PHE C 316 -37.95 -17.08 7.33
N PRO C 317 -37.49 -18.00 6.47
CA PRO C 317 -38.27 -19.21 6.23
C PRO C 317 -38.47 -19.97 7.53
N ASN C 318 -39.70 -20.38 7.79
CA ASN C 318 -40.05 -21.07 9.01
C ASN C 318 -40.47 -22.50 8.68
N ILE C 319 -39.79 -23.47 9.28
CA ILE C 319 -40.10 -24.88 9.10
C ILE C 319 -40.26 -25.50 10.48
N THR C 320 -41.33 -26.28 10.64
CA THR C 320 -41.61 -26.88 11.95
C THR C 320 -40.51 -27.83 12.38
N ASN C 321 -39.99 -28.62 11.43
CA ASN C 321 -39.00 -29.63 11.76
C ASN C 321 -37.77 -28.99 12.41
N LEU C 322 -37.23 -29.66 13.42
CA LEU C 322 -35.99 -29.27 14.07
C LEU C 322 -34.87 -30.18 13.59
N CYS C 323 -33.76 -29.59 13.18
CA CYS C 323 -32.70 -30.35 12.55
C CYS C 323 -32.15 -31.40 13.51
N PRO C 324 -31.95 -32.66 13.05
CA PRO C 324 -31.43 -33.72 13.93
C PRO C 324 -29.91 -33.70 14.08
N PHE C 325 -29.37 -32.56 14.51
CA PHE C 325 -27.93 -32.45 14.70
C PHE C 325 -27.44 -33.45 15.73
N GLY C 326 -28.18 -33.61 16.83
CA GLY C 326 -27.78 -34.57 17.85
C GLY C 326 -27.70 -35.98 17.31
N GLU C 327 -28.62 -36.35 16.42
CA GLU C 327 -28.63 -37.71 15.88
C GLU C 327 -27.31 -38.04 15.19
N VAL C 328 -26.65 -37.05 14.59
CA VAL C 328 -25.36 -37.30 13.95
C VAL C 328 -24.33 -37.75 14.97
N PHE C 329 -24.30 -37.11 16.13
CA PHE C 329 -23.33 -37.46 17.17
C PHE C 329 -23.80 -38.61 18.04
N ASN C 330 -25.06 -39.02 17.93
CA ASN C 330 -25.58 -40.10 18.76
C ASN C 330 -25.28 -41.49 18.19
N ALA C 331 -24.70 -41.58 17.01
CA ALA C 331 -24.39 -42.88 16.42
C ALA C 331 -23.47 -43.66 17.35
N THR C 332 -23.82 -44.93 17.59
CA THR C 332 -23.03 -45.75 18.48
C THR C 332 -21.61 -45.96 17.94
N ARG C 333 -21.51 -46.27 16.65
CA ARG C 333 -20.24 -46.55 16.01
C ARG C 333 -20.09 -45.67 14.77
N PHE C 334 -18.95 -45.00 14.65
CA PHE C 334 -18.63 -44.24 13.46
C PHE C 334 -17.93 -45.13 12.44
N ALA C 335 -18.04 -44.74 11.17
CA ALA C 335 -17.42 -45.50 10.11
C ALA C 335 -15.90 -45.41 10.19
N SER C 336 -15.23 -46.22 9.38
CA SER C 336 -13.78 -46.19 9.33
C SER C 336 -13.28 -44.89 8.69
N VAL C 337 -12.05 -44.52 9.04
CA VAL C 337 -11.51 -43.27 8.54
C VAL C 337 -11.38 -43.31 7.02
N TYR C 338 -10.91 -44.43 6.48
CA TYR C 338 -10.73 -44.53 5.03
C TYR C 338 -12.06 -44.41 4.29
N ALA C 339 -13.19 -44.64 4.98
CA ALA C 339 -14.53 -44.45 4.40
C ALA C 339 -15.34 -43.65 5.41
N TRP C 340 -15.26 -42.32 5.31
CA TRP C 340 -16.00 -41.42 6.19
C TRP C 340 -17.44 -41.29 5.73
N ASN C 341 -18.34 -41.05 6.68
CA ASN C 341 -19.76 -41.04 6.39
C ASN C 341 -20.26 -39.60 6.23
N ARG C 342 -21.12 -39.39 5.23
CA ARG C 342 -21.65 -38.08 4.91
C ARG C 342 -23.16 -38.09 5.07
N LYS C 343 -23.69 -37.12 5.82
CA LYS C 343 -25.12 -36.99 6.03
C LYS C 343 -25.55 -35.56 5.70
N ARG C 344 -26.61 -35.44 4.90
CA ARG C 344 -27.14 -34.15 4.49
C ARG C 344 -28.30 -33.75 5.37
N ILE C 345 -28.31 -32.49 5.81
CA ILE C 345 -29.38 -31.96 6.65
C ILE C 345 -30.05 -30.82 5.90
N SER C 346 -31.37 -30.89 5.80
CA SER C 346 -32.14 -29.85 5.11
C SER C 346 -33.59 -29.94 5.55
N ASN C 347 -34.34 -28.88 5.25
CA ASN C 347 -35.76 -28.80 5.58
C ASN C 347 -35.98 -29.00 7.08
N CYS C 348 -35.44 -28.08 7.86
CA CYS C 348 -35.51 -28.14 9.31
C CYS C 348 -34.97 -26.84 9.87
N VAL C 349 -35.05 -26.69 11.19
CA VAL C 349 -34.52 -25.53 11.90
C VAL C 349 -33.46 -26.02 12.86
N ALA C 350 -32.25 -25.45 12.74
CA ALA C 350 -31.10 -25.87 13.52
C ALA C 350 -30.88 -24.90 14.66
N ASP C 351 -30.83 -25.43 15.88
CA ASP C 351 -30.58 -24.62 17.07
C ASP C 351 -29.09 -24.72 17.39
N TYR C 352 -28.28 -24.00 16.60
CA TYR C 352 -26.84 -23.98 16.84
C TYR C 352 -26.51 -23.45 18.22
N SER C 353 -27.38 -22.61 18.77
CA SER C 353 -27.14 -22.09 20.11
C SER C 353 -27.13 -23.22 21.13
N VAL C 354 -28.07 -24.15 21.03
CA VAL C 354 -28.11 -25.29 21.93
C VAL C 354 -26.86 -26.15 21.75
N LEU C 355 -26.47 -26.40 20.50
CA LEU C 355 -25.29 -27.22 20.25
C LEU C 355 -24.05 -26.59 20.84
N TYR C 356 -23.88 -25.28 20.67
CA TYR C 356 -22.71 -24.62 21.20
C TYR C 356 -22.72 -24.60 22.72
N ASN C 357 -23.87 -24.26 23.32
CA ASN C 357 -23.98 -24.26 24.77
C ASN C 357 -23.76 -25.66 25.32
N SER C 358 -24.22 -26.68 24.59
CA SER C 358 -23.96 -28.06 24.97
C SER C 358 -22.51 -28.39 24.66
N ALA C 359 -21.59 -27.70 25.32
CA ALA C 359 -20.17 -27.79 24.99
C ALA C 359 -19.56 -29.10 25.46
N SER C 360 -19.95 -30.20 24.81
CA SER C 360 -19.32 -31.49 25.07
C SER C 360 -18.09 -31.73 24.22
N PHE C 361 -17.76 -30.81 23.31
CA PHE C 361 -16.64 -30.98 22.40
C PHE C 361 -15.44 -30.18 22.88
N SER C 362 -14.25 -30.74 22.66
CA SER C 362 -13.02 -30.09 23.09
C SER C 362 -12.69 -28.90 22.20
N THR C 363 -12.46 -29.14 20.92
CA THR C 363 -12.18 -28.09 19.95
C THR C 363 -13.34 -27.99 18.96
N PHE C 364 -13.95 -26.81 18.89
CA PHE C 364 -15.08 -26.53 18.00
C PHE C 364 -14.80 -25.16 17.37
N LYS C 365 -14.10 -25.17 16.24
CA LYS C 365 -13.73 -23.94 15.55
C LYS C 365 -14.19 -23.99 14.10
N CYS C 366 -14.63 -22.83 13.61
CA CYS C 366 -15.05 -22.66 12.23
C CYS C 366 -14.13 -21.65 11.56
N TYR C 367 -13.56 -22.04 10.42
CA TYR C 367 -12.55 -21.22 9.77
C TYR C 367 -13.13 -20.15 8.85
N GLY C 368 -14.43 -20.20 8.57
CA GLY C 368 -15.06 -19.20 7.72
C GLY C 368 -16.16 -18.44 8.42
N VAL C 369 -16.47 -18.84 9.65
CA VAL C 369 -17.56 -18.24 10.42
C VAL C 369 -17.15 -18.16 11.87
N SER C 370 -17.82 -17.29 12.62
CA SER C 370 -17.61 -17.21 14.06
C SER C 370 -18.69 -17.99 14.79
N PRO C 371 -18.35 -18.73 15.84
CA PRO C 371 -19.37 -19.57 16.50
C PRO C 371 -20.55 -18.77 17.04
N THR C 372 -20.31 -17.57 17.55
CA THR C 372 -21.41 -16.77 18.10
C THR C 372 -22.40 -16.39 17.01
N LYS C 373 -21.91 -16.01 15.83
CA LYS C 373 -22.78 -15.58 14.73
C LYS C 373 -23.54 -16.74 14.10
N LEU C 374 -23.19 -17.99 14.41
CA LEU C 374 -23.83 -19.12 13.75
C LEU C 374 -25.33 -19.15 14.02
N ASN C 375 -25.73 -18.89 15.27
CA ASN C 375 -27.14 -19.00 15.61
C ASN C 375 -28.00 -18.07 14.77
N ASP C 376 -27.53 -16.84 14.55
CA ASP C 376 -28.30 -15.89 13.74
C ASP C 376 -28.22 -16.24 12.27
N LEU C 377 -27.04 -16.60 11.79
CA LEU C 377 -26.84 -16.82 10.37
C LEU C 377 -27.60 -18.06 9.89
N CYS C 378 -27.95 -18.06 8.60
CA CYS C 378 -28.69 -19.15 8.00
C CYS C 378 -27.89 -19.74 6.84
N PHE C 379 -28.08 -21.04 6.60
CA PHE C 379 -27.32 -21.78 5.60
C PHE C 379 -28.26 -22.49 4.64
N THR C 380 -27.74 -22.82 3.45
CA THR C 380 -28.52 -23.48 2.43
C THR C 380 -28.34 -25.00 2.46
N ASN C 381 -27.12 -25.48 2.30
CA ASN C 381 -26.82 -26.90 2.31
C ASN C 381 -25.85 -27.20 3.45
N VAL C 382 -26.23 -28.14 4.31
CA VAL C 382 -25.43 -28.54 5.45
C VAL C 382 -25.08 -30.01 5.29
N TYR C 383 -23.78 -30.31 5.30
CA TYR C 383 -23.31 -31.68 5.19
C TYR C 383 -22.38 -31.98 6.35
N ALA C 384 -22.68 -33.05 7.09
CA ALA C 384 -21.88 -33.48 8.22
C ALA C 384 -21.09 -34.72 7.82
N ASP C 385 -19.77 -34.63 7.90
CA ASP C 385 -18.88 -35.74 7.61
C ASP C 385 -18.30 -36.26 8.92
N SER C 386 -18.63 -37.49 9.26
CA SER C 386 -18.22 -38.11 10.52
C SER C 386 -17.20 -39.20 10.25
N PHE C 387 -16.15 -39.24 11.06
CA PHE C 387 -15.14 -40.29 10.97
C PHE C 387 -14.27 -40.23 12.23
N VAL C 388 -13.18 -40.98 12.24
CA VAL C 388 -12.27 -41.05 13.37
C VAL C 388 -10.85 -40.82 12.87
N ILE C 389 -10.08 -40.06 13.64
CA ILE C 389 -8.69 -39.75 13.31
C ILE C 389 -7.83 -39.86 14.56
N ARG C 390 -6.57 -39.47 14.45
CA ARG C 390 -5.67 -39.45 15.59
C ARG C 390 -5.56 -38.02 16.15
N GLY C 391 -5.16 -37.94 17.42
CA GLY C 391 -5.04 -36.63 18.04
C GLY C 391 -4.04 -35.74 17.34
N ASP C 392 -2.87 -36.29 17.02
CA ASP C 392 -1.89 -35.53 16.24
C ASP C 392 -2.41 -35.22 14.84
N GLU C 393 -3.40 -35.98 14.36
CA GLU C 393 -4.02 -35.69 13.08
C GLU C 393 -5.09 -34.61 13.17
N VAL C 394 -5.39 -34.13 14.39
CA VAL C 394 -6.36 -33.03 14.53
C VAL C 394 -5.88 -31.83 13.72
N ARG C 395 -4.59 -31.50 13.83
CA ARG C 395 -4.05 -30.41 13.00
C ARG C 395 -4.15 -30.76 11.52
N GLN C 396 -3.93 -32.03 11.18
CA GLN C 396 -3.93 -32.43 9.78
C GLN C 396 -5.28 -32.14 9.14
N ILE C 397 -6.37 -32.43 9.85
CA ILE C 397 -7.71 -32.12 9.35
C ILE C 397 -7.98 -30.65 9.64
N ALA C 398 -7.58 -29.79 8.71
CA ALA C 398 -7.69 -28.34 8.86
C ALA C 398 -7.22 -27.68 7.57
N PRO C 399 -7.68 -26.47 7.29
CA PRO C 399 -7.25 -25.81 6.05
C PRO C 399 -5.73 -25.64 6.01
N GLY C 400 -5.16 -25.88 4.83
CA GLY C 400 -3.74 -25.72 4.64
C GLY C 400 -2.87 -26.61 5.51
N GLN C 401 -3.44 -27.68 6.06
CA GLN C 401 -2.72 -28.60 6.92
C GLN C 401 -2.62 -29.96 6.23
N THR C 402 -1.42 -30.50 6.17
CA THR C 402 -1.15 -31.76 5.50
C THR C 402 -0.61 -32.79 6.49
N GLY C 403 -0.90 -34.06 6.21
CA GLY C 403 -0.42 -35.15 7.04
C GLY C 403 -0.62 -36.46 6.31
N LYS C 404 0.06 -37.49 6.83
CA LYS C 404 0.03 -38.77 6.14
C LYS C 404 -1.39 -39.30 6.01
N ILE C 405 -2.11 -39.38 7.14
CA ILE C 405 -3.48 -39.89 7.10
C ILE C 405 -4.35 -38.96 6.25
N ALA C 406 -4.28 -37.67 6.53
CA ALA C 406 -5.12 -36.71 5.80
C ALA C 406 -4.79 -36.74 4.31
N ASP C 407 -3.50 -36.74 3.97
CA ASP C 407 -3.12 -36.74 2.57
C ASP C 407 -3.58 -38.01 1.86
N TYR C 408 -3.43 -39.16 2.50
CA TYR C 408 -3.72 -40.42 1.81
C TYR C 408 -5.20 -40.57 1.52
N ASN C 409 -6.06 -40.28 2.49
CA ASN C 409 -7.48 -40.60 2.38
C ASN C 409 -8.39 -39.38 2.30
N TYR C 410 -8.31 -38.46 3.26
CA TYR C 410 -9.25 -37.35 3.36
C TYR C 410 -8.48 -36.06 3.60
N LYS C 411 -8.59 -35.13 2.66
CA LYS C 411 -7.91 -33.84 2.72
C LYS C 411 -8.94 -32.73 2.71
N LEU C 412 -8.87 -31.85 3.70
CA LEU C 412 -9.79 -30.72 3.79
C LEU C 412 -9.43 -29.68 2.73
N PRO C 413 -10.42 -29.09 2.05
CA PRO C 413 -10.10 -28.15 0.96
C PRO C 413 -9.28 -26.97 1.46
N ASP C 414 -8.40 -26.48 0.58
CA ASP C 414 -7.52 -25.37 0.95
C ASP C 414 -8.34 -24.16 1.40
N ASP C 415 -9.40 -23.83 0.66
CA ASP C 415 -10.29 -22.73 1.01
C ASP C 415 -11.71 -23.27 1.10
N PHE C 416 -12.38 -22.97 2.21
CA PHE C 416 -13.74 -23.45 2.45
C PHE C 416 -14.39 -22.56 3.50
N THR C 417 -15.55 -22.98 3.98
CA THR C 417 -16.26 -22.24 5.03
C THR C 417 -17.08 -23.26 5.82
N GLY C 418 -16.56 -23.69 6.96
CA GLY C 418 -17.25 -24.68 7.76
C GLY C 418 -16.65 -24.76 9.16
N CYS C 419 -17.08 -25.77 9.89
CA CYS C 419 -16.64 -26.01 11.26
C CYS C 419 -16.04 -27.40 11.36
N VAL C 420 -15.00 -27.53 12.18
CA VAL C 420 -14.35 -28.81 12.46
C VAL C 420 -14.45 -29.05 13.95
N ILE C 421 -15.13 -30.12 14.35
CA ILE C 421 -15.35 -30.45 15.76
C ILE C 421 -14.58 -31.72 16.06
N ALA C 422 -13.62 -31.61 16.98
CA ALA C 422 -12.83 -32.75 17.43
C ALA C 422 -12.78 -32.73 18.95
N TRP C 423 -12.62 -33.92 19.53
CA TRP C 423 -12.61 -34.05 20.98
C TRP C 423 -11.92 -35.36 21.35
N ASN C 424 -11.48 -35.41 22.60
CA ASN C 424 -10.85 -36.62 23.13
C ASN C 424 -11.95 -37.64 23.36
N SER C 425 -12.31 -38.38 22.30
CA SER C 425 -13.38 -39.36 22.35
C SER C 425 -12.92 -40.69 22.93
N ASN C 426 -11.79 -40.69 23.64
CA ASN C 426 -11.27 -41.95 24.18
C ASN C 426 -12.29 -42.60 25.10
N ASN C 427 -12.90 -41.83 26.01
CA ASN C 427 -13.88 -42.39 26.92
C ASN C 427 -15.03 -43.02 26.16
N LEU C 428 -15.58 -42.29 25.19
CA LEU C 428 -16.61 -42.87 24.33
C LEU C 428 -16.05 -44.02 23.52
N ASP C 429 -14.83 -43.87 23.00
CA ASP C 429 -14.18 -44.94 22.24
C ASP C 429 -13.54 -45.98 23.15
N SER C 430 -13.47 -45.73 24.45
CA SER C 430 -12.88 -46.69 25.37
C SER C 430 -13.81 -47.88 25.57
N LYS C 431 -13.29 -48.92 26.20
CA LYS C 431 -14.05 -50.14 26.45
C LYS C 431 -13.82 -50.65 27.86
N GLY C 434 -6.96 -54.72 18.72
CA GLY C 434 -7.57 -53.42 18.89
C GLY C 434 -8.81 -53.23 18.04
N ASN C 435 -9.19 -51.98 17.80
CA ASN C 435 -10.36 -51.66 16.99
C ASN C 435 -9.97 -51.77 15.52
N TYR C 436 -9.85 -53.01 15.06
CA TYR C 436 -9.48 -53.25 13.66
C TYR C 436 -10.49 -52.65 12.70
N ASN C 437 -11.72 -52.39 13.15
CA ASN C 437 -12.68 -51.69 12.30
C ASN C 437 -12.13 -50.36 11.82
N TYR C 438 -11.37 -49.67 12.67
CA TYR C 438 -10.69 -48.45 12.27
C TYR C 438 -9.45 -48.80 11.46
N LEU C 439 -9.44 -48.38 10.20
CA LEU C 439 -8.32 -48.68 9.30
C LEU C 439 -8.05 -47.45 8.45
N TYR C 440 -6.80 -47.00 8.46
CA TYR C 440 -6.38 -45.81 7.74
C TYR C 440 -5.61 -46.22 6.49
N ARG C 441 -6.18 -45.92 5.32
CA ARG C 441 -5.55 -46.24 4.05
C ARG C 441 -4.73 -45.07 3.54
N ASN C 447 -3.92 -37.34 -4.81
CA ASN C 447 -5.29 -37.80 -5.01
C ASN C 447 -6.30 -36.89 -4.32
N LEU C 448 -5.80 -35.90 -3.59
CA LEU C 448 -6.68 -35.02 -2.83
C LEU C 448 -7.62 -34.28 -3.76
N LYS C 449 -8.89 -34.24 -3.41
CA LYS C 449 -9.90 -33.51 -4.14
C LYS C 449 -10.89 -32.92 -3.13
N PRO C 450 -11.67 -31.92 -3.54
CA PRO C 450 -12.75 -31.44 -2.66
C PRO C 450 -13.60 -32.58 -2.15
N PHE C 451 -13.51 -32.86 -0.85
CA PHE C 451 -14.17 -34.03 -0.26
C PHE C 451 -13.85 -35.28 -1.06
N GLU C 452 -12.55 -35.62 -1.08
CA GLU C 452 -12.06 -36.74 -1.86
C GLU C 452 -12.88 -38.00 -1.60
N ARG C 453 -13.55 -38.49 -2.63
CA ARG C 453 -14.36 -39.72 -2.53
C ARG C 453 -13.46 -40.89 -2.87
N ASP C 454 -12.96 -41.57 -1.83
CA ASP C 454 -12.05 -42.71 -2.01
C ASP C 454 -12.87 -43.89 -2.50
N ILE C 455 -13.18 -43.86 -3.79
CA ILE C 455 -14.00 -44.91 -4.39
C ILE C 455 -13.28 -46.24 -4.26
N TYR C 476 -0.08 -43.70 -5.36
CA TYR C 476 0.47 -43.92 -4.02
C TYR C 476 -0.65 -43.96 -2.99
N PHE C 477 -0.95 -45.17 -2.51
CA PHE C 477 -2.04 -45.36 -1.55
C PHE C 477 -1.68 -46.51 -0.62
N PRO C 478 -0.90 -46.24 0.42
CA PRO C 478 -0.60 -47.28 1.40
C PRO C 478 -1.84 -47.64 2.22
N LEU C 479 -1.85 -48.88 2.70
CA LEU C 479 -2.96 -49.41 3.50
C LEU C 479 -2.40 -49.94 4.82
N GLN C 480 -2.98 -49.46 5.93
CA GLN C 480 -2.60 -49.92 7.25
C GLN C 480 -3.79 -49.73 8.18
N SER C 481 -3.74 -50.38 9.34
CA SER C 481 -4.83 -50.37 10.30
C SER C 481 -4.31 -49.95 11.67
N TYR C 482 -5.13 -49.22 12.41
CA TYR C 482 -4.78 -48.80 13.76
C TYR C 482 -5.28 -49.83 14.77
N GLY C 483 -4.39 -50.26 15.66
CA GLY C 483 -4.75 -51.17 16.72
C GLY C 483 -5.10 -50.46 18.02
N PHE C 484 -6.12 -49.61 17.99
CA PHE C 484 -6.51 -48.87 19.18
C PHE C 484 -6.86 -49.84 20.31
N GLN C 485 -6.32 -49.56 21.49
CA GLN C 485 -6.59 -50.35 22.69
C GLN C 485 -6.82 -49.40 23.85
N PRO C 486 -7.61 -49.82 24.85
CA PRO C 486 -7.82 -48.95 26.02
C PRO C 486 -6.57 -48.67 26.81
N THR C 487 -5.52 -49.50 26.67
CA THR C 487 -4.29 -49.28 27.41
C THR C 487 -3.65 -47.95 27.04
N ASN C 488 -3.69 -47.59 25.75
CA ASN C 488 -3.08 -46.35 25.30
C ASN C 488 -3.68 -45.16 26.04
N GLY C 489 -2.82 -44.25 26.49
CA GLY C 489 -3.25 -43.06 27.17
C GLY C 489 -2.66 -41.81 26.56
N VAL C 490 -2.23 -41.91 25.30
CA VAL C 490 -1.60 -40.81 24.58
C VAL C 490 -2.23 -40.72 23.19
N GLY C 491 -1.65 -39.88 22.34
CA GLY C 491 -2.18 -39.66 21.00
C GLY C 491 -2.57 -40.90 20.25
N TYR C 492 -2.01 -42.06 20.62
CA TYR C 492 -2.37 -43.30 19.94
C TYR C 492 -3.86 -43.56 20.00
N GLN C 493 -4.55 -43.02 21.01
CA GLN C 493 -5.97 -43.25 21.16
C GLN C 493 -6.74 -42.62 19.98
N PRO C 494 -7.93 -43.13 19.69
CA PRO C 494 -8.73 -42.54 18.61
C PRO C 494 -9.39 -41.24 19.04
N TYR C 495 -9.86 -40.50 18.03
CA TYR C 495 -10.57 -39.24 18.26
C TYR C 495 -11.66 -39.11 17.22
N ARG C 496 -12.91 -39.10 17.68
CA ARG C 496 -14.04 -38.91 16.77
C ARG C 496 -14.10 -37.46 16.30
N VAL C 497 -14.24 -37.30 14.99
CA VAL C 497 -14.20 -35.97 14.38
C VAL C 497 -15.40 -35.81 13.44
N VAL C 498 -15.98 -34.62 13.46
CA VAL C 498 -17.12 -34.28 12.62
C VAL C 498 -16.85 -32.94 11.94
N VAL C 499 -16.99 -32.90 10.61
CA VAL C 499 -16.79 -31.69 9.83
C VAL C 499 -18.14 -31.27 9.30
N LEU C 500 -18.58 -30.07 9.68
CA LEU C 500 -19.85 -29.52 9.23
C LEU C 500 -19.56 -28.48 8.16
N SER C 501 -19.89 -28.81 6.91
CA SER C 501 -19.69 -27.91 5.79
C SER C 501 -21.03 -27.27 5.45
N PHE C 502 -21.07 -25.95 5.51
CA PHE C 502 -22.25 -25.16 5.14
C PHE C 502 -21.94 -24.42 3.85
N GLU C 503 -22.86 -24.48 2.90
CA GLU C 503 -22.71 -23.80 1.62
C GLU C 503 -23.70 -22.64 1.60
N LEU C 504 -23.21 -21.43 1.86
CA LEU C 504 -24.05 -20.23 1.84
C LEU C 504 -24.38 -19.84 0.40
N LEU C 505 -25.11 -20.72 -0.27
CA LEU C 505 -25.44 -20.50 -1.66
C LEU C 505 -26.49 -19.39 -1.80
N HIS C 506 -26.59 -18.87 -3.02
CA HIS C 506 -27.51 -17.78 -3.31
C HIS C 506 -28.82 -18.34 -3.86
N ALA C 507 -29.48 -19.10 -3.00
CA ALA C 507 -30.71 -19.80 -3.34
C ALA C 507 -31.53 -19.96 -2.06
N PRO C 508 -32.74 -20.51 -2.12
CA PRO C 508 -33.52 -20.71 -0.89
C PRO C 508 -32.73 -21.52 0.12
N ALA C 509 -32.82 -21.11 1.39
CA ALA C 509 -32.01 -21.67 2.45
C ALA C 509 -32.80 -22.75 3.19
N THR C 510 -32.24 -23.95 3.24
CA THR C 510 -32.93 -25.08 3.86
C THR C 510 -32.92 -24.99 5.38
N VAL C 511 -31.77 -24.66 5.97
CA VAL C 511 -31.59 -24.67 7.41
C VAL C 511 -31.27 -23.25 7.86
N CYS C 512 -32.10 -22.70 8.74
CA CYS C 512 -31.88 -21.38 9.32
C CYS C 512 -31.82 -21.49 10.84
N GLY C 513 -31.55 -20.36 11.47
CA GLY C 513 -31.38 -20.31 12.90
C GLY C 513 -32.71 -20.38 13.64
N PRO C 514 -32.61 -20.57 14.96
CA PRO C 514 -33.84 -20.72 15.77
C PRO C 514 -34.67 -19.46 15.85
N LYS C 515 -34.11 -18.29 15.56
CA LYS C 515 -34.85 -17.05 15.78
C LYS C 515 -36.15 -17.04 14.99
N LYS C 516 -37.04 -16.12 15.35
CA LYS C 516 -38.38 -16.04 14.80
C LYS C 516 -38.55 -14.74 14.02
N SER C 517 -39.34 -14.81 12.96
CA SER C 517 -39.55 -13.67 12.09
C SER C 517 -40.38 -12.60 12.80
N THR C 518 -40.65 -11.52 12.06
CA THR C 518 -41.52 -10.44 12.50
C THR C 518 -42.36 -9.99 11.32
N ASN C 519 -43.16 -8.95 11.56
CA ASN C 519 -44.01 -8.41 10.50
C ASN C 519 -43.17 -7.73 9.44
N LEU C 520 -43.76 -7.56 8.27
CA LEU C 520 -43.12 -6.90 7.14
C LEU C 520 -43.63 -5.48 6.99
N VAL C 521 -42.71 -4.55 6.75
CA VAL C 521 -43.03 -3.13 6.60
C VAL C 521 -42.47 -2.65 5.27
N LYS C 522 -43.05 -1.55 4.77
CA LYS C 522 -42.68 -1.05 3.45
C LYS C 522 -42.73 0.48 3.45
N ASN C 523 -42.02 1.06 2.49
CA ASN C 523 -42.06 2.49 2.19
C ASN C 523 -41.51 3.36 3.30
N LYS C 524 -40.80 2.78 4.27
CA LYS C 524 -40.20 3.53 5.36
C LYS C 524 -38.79 3.02 5.61
N CYS C 525 -37.86 3.95 5.88
CA CYS C 525 -36.48 3.59 6.13
C CYS C 525 -36.40 2.70 7.36
N VAL C 526 -36.09 1.41 7.16
CA VAL C 526 -36.09 0.44 8.23
C VAL C 526 -34.87 -0.47 8.08
N ASN C 527 -34.45 -1.07 9.19
CA ASN C 527 -33.41 -2.07 9.15
C ASN C 527 -34.01 -3.45 8.89
N PHE C 528 -33.39 -4.20 7.98
CA PHE C 528 -33.96 -5.46 7.51
C PHE C 528 -32.92 -6.57 7.57
N ASN C 529 -33.42 -7.80 7.68
CA ASN C 529 -32.61 -9.01 7.67
C ASN C 529 -33.39 -10.07 6.91
N PHE C 530 -32.87 -10.50 5.76
CA PHE C 530 -33.52 -11.51 4.93
C PHE C 530 -32.61 -12.71 4.78
N ASN C 531 -33.05 -13.86 5.30
CA ASN C 531 -32.33 -15.12 5.11
C ASN C 531 -30.91 -15.06 5.64
N GLY C 532 -30.57 -14.01 6.38
CA GLY C 532 -29.23 -13.85 6.93
C GLY C 532 -28.45 -12.68 6.39
N LEU C 533 -28.90 -12.01 5.33
CA LEU C 533 -28.24 -10.80 4.83
C LEU C 533 -28.94 -9.59 5.45
N THR C 534 -28.13 -8.71 6.04
CA THR C 534 -28.63 -7.57 6.81
C THR C 534 -28.34 -6.27 6.07
N GLY C 535 -29.25 -5.32 6.23
CA GLY C 535 -29.07 -4.02 5.61
C GLY C 535 -30.03 -3.00 6.18
N THR C 536 -29.98 -1.81 5.61
CA THR C 536 -30.86 -0.72 5.99
C THR C 536 -31.40 -0.05 4.73
N GLY C 537 -32.70 0.20 4.69
CA GLY C 537 -33.28 0.84 3.53
C GLY C 537 -34.79 0.74 3.53
N VAL C 538 -35.36 1.08 2.39
CA VAL C 538 -36.80 1.09 2.17
C VAL C 538 -37.14 0.00 1.16
N LEU C 539 -38.28 -0.65 1.40
CA LEU C 539 -38.75 -1.75 0.56
C LEU C 539 -39.94 -1.28 -0.27
N THR C 540 -39.98 -1.71 -1.53
CA THR C 540 -41.05 -1.32 -2.44
C THR C 540 -41.42 -2.50 -3.31
N GLU C 541 -42.61 -2.44 -3.91
CA GLU C 541 -43.02 -3.44 -4.88
C GLU C 541 -42.38 -3.13 -6.23
N SER C 542 -41.96 -4.17 -6.94
CA SER C 542 -41.22 -4.01 -8.18
C SER C 542 -41.73 -5.00 -9.22
N ASN C 543 -41.20 -4.86 -10.43
CA ASN C 543 -41.56 -5.68 -11.58
C ASN C 543 -40.35 -6.43 -12.11
N LYS C 544 -39.57 -7.01 -11.21
CA LYS C 544 -38.31 -7.63 -11.61
C LYS C 544 -38.56 -8.82 -12.53
N LYS C 545 -39.59 -9.62 -12.25
CA LYS C 545 -39.83 -10.85 -12.99
C LYS C 545 -38.71 -11.86 -12.75
N PHE C 546 -38.51 -12.23 -11.50
CA PHE C 546 -37.53 -13.24 -11.14
C PHE C 546 -37.92 -14.60 -11.72
N LEU C 547 -36.91 -15.41 -12.00
CA LEU C 547 -37.14 -16.79 -12.42
C LEU C 547 -37.32 -17.69 -11.21
N PRO C 548 -37.93 -18.86 -11.39
CA PRO C 548 -38.23 -19.72 -10.23
C PRO C 548 -37.01 -20.07 -9.40
N PHE C 549 -35.83 -20.17 -10.01
CA PHE C 549 -34.61 -20.53 -9.30
C PHE C 549 -33.82 -19.31 -8.84
N GLN C 550 -34.34 -18.11 -9.03
CA GLN C 550 -33.62 -16.87 -8.77
C GLN C 550 -34.13 -16.21 -7.49
N GLN C 551 -33.20 -15.78 -6.64
CA GLN C 551 -33.52 -15.24 -5.32
C GLN C 551 -33.18 -13.75 -5.20
N PHE C 552 -31.92 -13.38 -5.45
CA PHE C 552 -31.45 -12.03 -5.23
C PHE C 552 -31.11 -11.34 -6.55
N GLY C 553 -31.35 -10.02 -6.59
CA GLY C 553 -30.80 -9.19 -7.64
C GLY C 553 -29.41 -8.70 -7.28
N ARG C 554 -28.81 -7.94 -8.18
CA ARG C 554 -27.47 -7.41 -7.95
C ARG C 554 -27.32 -6.07 -8.63
N ASP C 555 -26.35 -5.30 -8.15
CA ASP C 555 -26.02 -3.98 -8.66
C ASP C 555 -24.62 -4.01 -9.26
N ILE C 556 -24.20 -2.89 -9.85
CA ILE C 556 -22.88 -2.82 -10.45
C ILE C 556 -21.80 -3.01 -9.38
N ALA C 557 -21.97 -2.35 -8.24
CA ALA C 557 -21.01 -2.41 -7.14
C ALA C 557 -21.14 -3.66 -6.29
N ASP C 558 -21.81 -4.70 -6.78
CA ASP C 558 -21.98 -5.96 -6.05
C ASP C 558 -22.84 -5.79 -4.81
N THR C 559 -23.78 -4.85 -4.82
CA THR C 559 -24.66 -4.59 -3.68
C THR C 559 -26.06 -5.10 -3.98
N THR C 560 -26.63 -5.84 -3.04
CA THR C 560 -27.97 -6.37 -3.22
C THR C 560 -28.98 -5.23 -3.35
N ASP C 561 -29.88 -5.35 -4.34
CA ASP C 561 -30.91 -4.34 -4.52
C ASP C 561 -32.24 -4.96 -4.96
N ALA C 562 -32.48 -6.21 -4.61
CA ALA C 562 -33.77 -6.85 -4.84
C ALA C 562 -33.75 -8.20 -4.14
N VAL C 563 -34.84 -8.53 -3.47
CA VAL C 563 -34.97 -9.79 -2.75
C VAL C 563 -36.36 -10.36 -2.97
N ARG C 564 -36.55 -11.58 -2.49
CA ARG C 564 -37.85 -12.24 -2.51
C ARG C 564 -38.15 -12.70 -1.09
N ASP C 565 -39.22 -12.18 -0.51
CA ASP C 565 -39.54 -12.47 0.87
C ASP C 565 -39.68 -13.98 1.05
N PRO C 566 -38.94 -14.60 1.98
CA PRO C 566 -39.02 -16.06 2.09
C PRO C 566 -40.42 -16.58 2.39
N GLN C 567 -41.18 -15.89 3.23
CA GLN C 567 -42.51 -16.39 3.60
C GLN C 567 -43.51 -16.19 2.45
N THR C 568 -43.50 -15.02 1.83
CA THR C 568 -44.35 -14.72 0.69
C THR C 568 -43.47 -14.39 -0.51
N LEU C 569 -43.74 -15.03 -1.63
CA LEU C 569 -42.86 -14.95 -2.79
C LEU C 569 -42.93 -13.62 -3.51
N GLU C 570 -43.55 -12.57 -2.97
CA GLU C 570 -43.55 -11.28 -3.64
C GLU C 570 -42.13 -10.73 -3.72
N ILE C 571 -41.87 -9.96 -4.78
CA ILE C 571 -40.55 -9.40 -5.05
C ILE C 571 -40.46 -8.02 -4.43
N LEU C 572 -39.40 -7.79 -3.66
CA LEU C 572 -39.17 -6.53 -2.97
C LEU C 572 -37.94 -5.85 -3.54
N ASP C 573 -38.04 -4.55 -3.75
CA ASP C 573 -36.93 -3.73 -4.23
C ASP C 573 -36.43 -2.87 -3.08
N ILE C 574 -35.12 -2.87 -2.88
CA ILE C 574 -34.46 -2.21 -1.75
C ILE C 574 -33.84 -0.92 -2.24
N THR C 575 -34.02 0.15 -1.47
CA THR C 575 -33.44 1.44 -1.79
C THR C 575 -32.76 2.02 -0.56
N PRO C 576 -31.60 2.65 -0.71
CA PRO C 576 -30.96 3.28 0.46
C PRO C 576 -31.75 4.49 0.93
N CYS C 577 -31.67 4.75 2.23
CA CYS C 577 -32.38 5.88 2.81
C CYS C 577 -31.73 7.20 2.39
N SER C 578 -32.52 8.26 2.38
CA SER C 578 -32.08 9.53 1.82
C SER C 578 -30.84 10.04 2.55
N PHE C 579 -29.92 10.62 1.77
CA PHE C 579 -28.70 11.19 2.32
C PHE C 579 -28.26 12.35 1.43
N GLY C 580 -27.45 13.23 1.99
CA GLY C 580 -26.92 14.33 1.20
C GLY C 580 -26.00 15.21 2.03
N GLY C 581 -25.13 15.92 1.32
CA GLY C 581 -24.22 16.83 1.99
C GLY C 581 -24.93 18.02 2.57
N VAL C 582 -24.35 18.59 3.63
CA VAL C 582 -24.86 19.77 4.30
C VAL C 582 -23.80 20.85 4.21
N SER C 583 -24.18 22.01 3.69
CA SER C 583 -23.25 23.13 3.52
C SER C 583 -23.70 24.32 4.35
N VAL C 584 -22.83 24.80 5.21
CA VAL C 584 -23.13 25.93 6.08
C VAL C 584 -22.67 27.20 5.37
N ILE C 585 -23.62 28.10 5.10
CA ILE C 585 -23.32 29.42 4.57
C ILE C 585 -23.18 30.36 5.76
N THR C 586 -22.01 30.99 5.91
CA THR C 586 -21.75 31.81 7.07
C THR C 586 -21.02 33.09 6.69
N PRO C 587 -21.46 34.25 7.17
CA PRO C 587 -20.61 35.43 7.11
C PRO C 587 -19.47 35.30 8.11
N GLY C 588 -18.46 36.15 7.96
CA GLY C 588 -17.32 36.08 8.84
C GLY C 588 -17.73 36.05 10.29
N THR C 589 -17.15 35.14 11.08
CA THR C 589 -17.52 35.07 12.49
C THR C 589 -17.30 36.41 13.18
N ASN C 590 -16.35 37.21 12.70
CA ASN C 590 -16.19 38.55 13.23
C ASN C 590 -17.44 39.37 13.02
N THR C 591 -18.06 39.27 11.84
CA THR C 591 -19.25 40.06 11.56
C THR C 591 -20.43 39.60 12.40
N SER C 592 -20.64 38.28 12.49
CA SER C 592 -21.78 37.76 13.22
C SER C 592 -21.59 36.27 13.43
N ASN C 593 -22.49 35.69 14.24
CA ASN C 593 -22.53 34.26 14.49
C ASN C 593 -23.83 33.63 14.03
N GLN C 594 -24.48 34.23 13.04
CA GLN C 594 -25.71 33.70 12.45
C GLN C 594 -25.40 33.10 11.09
N VAL C 595 -25.91 31.89 10.84
CA VAL C 595 -25.58 31.12 9.64
C VAL C 595 -26.84 30.51 9.06
N ALA C 596 -26.73 30.04 7.82
CA ALA C 596 -27.79 29.33 7.13
C ALA C 596 -27.28 27.96 6.70
N VAL C 597 -28.20 27.03 6.47
CA VAL C 597 -27.84 25.65 6.16
C VAL C 597 -28.49 25.24 4.85
N LEU C 598 -27.70 24.64 3.96
CA LEU C 598 -28.14 24.15 2.67
C LEU C 598 -28.06 22.64 2.67
N TYR C 599 -29.19 21.99 2.41
CA TYR C 599 -29.24 20.55 2.23
C TYR C 599 -29.21 20.26 0.73
N GLN C 600 -28.18 19.56 0.28
CA GLN C 600 -27.89 19.43 -1.14
C GLN C 600 -28.88 18.49 -1.81
N ASP C 601 -29.66 19.02 -2.76
CA ASP C 601 -30.52 18.21 -3.61
C ASP C 601 -31.39 17.26 -2.79
N VAL C 602 -32.02 17.80 -1.76
CA VAL C 602 -32.92 17.04 -0.91
C VAL C 602 -34.27 17.74 -0.88
N ASN C 603 -35.31 16.96 -0.63
CA ASN C 603 -36.66 17.51 -0.64
C ASN C 603 -36.92 18.30 0.64
N CYS C 604 -37.40 19.54 0.48
CA CYS C 604 -37.70 20.36 1.65
C CYS C 604 -38.70 19.67 2.56
N THR C 605 -39.58 18.84 1.99
CA THR C 605 -40.52 18.09 2.82
C THR C 605 -39.81 17.01 3.62
N GLU C 606 -38.64 16.56 3.17
CA GLU C 606 -37.90 15.52 3.86
C GLU C 606 -36.78 16.03 4.75
N VAL C 607 -36.37 17.29 4.58
CA VAL C 607 -35.29 17.84 5.42
C VAL C 607 -35.61 17.71 6.90
N PRO C 608 -36.82 18.02 7.38
CA PRO C 608 -37.10 17.86 8.81
C PRO C 608 -36.86 16.44 9.30
N VAL C 609 -37.08 15.43 8.46
CA VAL C 609 -36.84 14.06 8.87
C VAL C 609 -35.34 13.81 9.07
N ALA C 610 -34.50 14.60 8.41
CA ALA C 610 -33.07 14.35 8.43
C ALA C 610 -32.50 14.51 9.83
N ILE C 611 -31.44 13.76 10.11
CA ILE C 611 -30.67 13.89 11.34
C ILE C 611 -29.20 14.07 10.97
N HIS C 612 -28.61 15.17 11.39
CA HIS C 612 -27.23 15.50 11.05
C HIS C 612 -26.27 14.56 11.76
N TRP C 620 -28.27 17.39 16.99
CA TRP C 620 -28.18 18.72 16.40
C TRP C 620 -29.42 19.54 16.73
N ARG C 621 -29.76 20.48 15.87
CA ARG C 621 -30.93 21.33 16.06
C ARG C 621 -31.84 21.26 14.85
N VAL C 622 -33.14 21.40 15.10
CA VAL C 622 -34.10 21.45 14.01
C VAL C 622 -33.79 22.63 13.10
N TYR C 623 -33.42 23.76 13.70
CA TYR C 623 -32.99 24.95 12.96
C TYR C 623 -34.17 25.59 12.21
N SER C 624 -35.29 25.73 12.90
CA SER C 624 -36.44 26.47 12.39
C SER C 624 -36.91 25.91 11.04
N THR C 625 -37.04 24.59 10.97
CA THR C 625 -37.57 23.97 9.76
C THR C 625 -39.02 24.39 9.56
N GLY C 626 -39.39 24.60 8.30
CA GLY C 626 -40.74 25.04 7.97
C GLY C 626 -40.95 26.54 8.04
N SER C 627 -40.51 27.18 9.13
CA SER C 627 -40.73 28.62 9.28
C SER C 627 -39.98 29.41 8.22
N ASN C 628 -38.72 29.05 7.94
CA ASN C 628 -37.90 29.72 6.94
C ASN C 628 -37.33 28.64 6.02
N VAL C 629 -37.96 28.46 4.86
CA VAL C 629 -37.55 27.45 3.89
C VAL C 629 -37.56 28.07 2.51
N PHE C 630 -36.53 27.79 1.73
CA PHE C 630 -36.42 28.23 0.36
C PHE C 630 -35.98 27.05 -0.49
N GLN C 631 -36.47 27.00 -1.73
CA GLN C 631 -36.20 25.90 -2.63
C GLN C 631 -35.29 26.39 -3.76
N THR C 632 -34.38 25.53 -4.20
CA THR C 632 -33.54 25.86 -5.34
C THR C 632 -33.02 24.57 -5.94
N ARG C 633 -32.57 24.67 -7.20
CA ARG C 633 -32.08 23.49 -7.90
C ARG C 633 -30.88 22.86 -7.21
N ALA C 634 -30.17 23.63 -6.38
CA ALA C 634 -29.08 23.08 -5.59
C ALA C 634 -29.58 22.29 -4.39
N GLY C 635 -30.71 22.68 -3.82
CA GLY C 635 -31.27 21.95 -2.69
C GLY C 635 -32.22 22.83 -1.91
N CYS C 636 -32.36 22.49 -0.62
CA CYS C 636 -33.27 23.18 0.29
C CYS C 636 -32.46 24.06 1.23
N LEU C 637 -32.78 25.35 1.27
CA LEU C 637 -32.02 26.33 2.03
C LEU C 637 -32.86 26.79 3.22
N ILE C 638 -32.28 26.73 4.42
CA ILE C 638 -32.96 27.05 5.65
C ILE C 638 -32.17 28.13 6.39
N GLY C 639 -32.87 29.14 6.88
CA GLY C 639 -32.23 30.25 7.54
C GLY C 639 -31.92 31.43 6.65
N ALA C 640 -32.39 31.41 5.40
CA ALA C 640 -32.15 32.49 4.47
C ALA C 640 -33.47 33.04 3.96
N GLU C 641 -33.51 34.33 3.71
CA GLU C 641 -34.72 35.04 3.31
C GLU C 641 -34.64 35.39 1.83
N HIS C 642 -35.63 34.94 1.06
CA HIS C 642 -35.66 35.18 -0.37
C HIS C 642 -35.81 36.67 -0.66
N VAL C 643 -35.42 37.07 -1.86
CA VAL C 643 -35.47 38.46 -2.27
C VAL C 643 -35.69 38.53 -3.77
N ASN C 644 -36.38 39.59 -4.21
CA ASN C 644 -36.65 39.80 -5.63
C ASN C 644 -35.63 40.69 -6.32
N ASN C 645 -34.95 41.56 -5.58
CA ASN C 645 -33.89 42.37 -6.16
C ASN C 645 -32.70 41.49 -6.52
N SER C 646 -31.92 41.94 -7.50
CA SER C 646 -30.75 41.23 -7.96
C SER C 646 -29.51 42.08 -7.73
N TYR C 647 -28.53 41.52 -7.06
CA TYR C 647 -27.26 42.18 -6.78
C TYR C 647 -26.12 41.34 -7.35
N GLU C 648 -24.89 41.73 -7.03
CA GLU C 648 -23.74 40.92 -7.39
C GLU C 648 -23.66 39.71 -6.46
N CYS C 649 -22.84 38.74 -6.84
CA CYS C 649 -22.68 37.53 -6.06
C CYS C 649 -21.67 37.74 -4.95
N ASP C 650 -22.01 37.28 -3.75
CA ASP C 650 -21.10 37.34 -2.61
C ASP C 650 -20.67 35.96 -2.15
N ILE C 651 -21.61 35.10 -1.75
CA ILE C 651 -21.33 33.71 -1.43
C ILE C 651 -22.12 32.84 -2.40
N PRO C 652 -21.47 32.33 -3.45
CA PRO C 652 -22.22 31.63 -4.49
C PRO C 652 -22.79 30.29 -4.03
N ILE C 653 -24.11 30.24 -3.82
CA ILE C 653 -24.75 28.99 -3.44
C ILE C 653 -24.76 28.01 -4.61
N GLY C 654 -25.10 28.49 -5.80
CA GLY C 654 -25.09 27.64 -6.98
C GLY C 654 -26.38 27.70 -7.78
N ALA C 655 -26.32 27.20 -9.02
CA ALA C 655 -27.48 27.18 -9.90
C ALA C 655 -28.06 28.57 -10.08
N GLY C 656 -27.21 29.59 -10.06
CA GLY C 656 -27.64 30.96 -10.22
C GLY C 656 -28.03 31.67 -8.94
N ILE C 657 -28.02 30.98 -7.81
CA ILE C 657 -28.45 31.55 -6.53
C ILE C 657 -27.20 31.98 -5.76
N CYS C 658 -27.19 33.23 -5.30
CA CYS C 658 -26.11 33.78 -4.52
C CYS C 658 -26.65 34.37 -3.23
N ALA C 659 -25.90 34.21 -2.14
CA ALA C 659 -26.31 34.68 -0.82
C ALA C 659 -25.46 35.88 -0.40
N SER C 660 -25.94 36.58 0.62
CA SER C 660 -25.22 37.71 1.18
C SER C 660 -25.74 37.97 2.58
N TYR C 661 -25.02 38.82 3.32
CA TYR C 661 -25.36 39.20 4.68
C TYR C 661 -25.59 40.71 4.70
N GLN C 662 -26.86 41.11 4.63
CA GLN C 662 -27.24 42.51 4.54
C GLN C 662 -27.96 42.97 5.81
N THR C 663 -28.01 44.29 5.97
CA THR C 663 -28.63 44.93 7.12
C THR C 663 -29.91 45.62 6.69
N GLN C 664 -30.97 45.42 7.47
CA GLN C 664 -32.27 46.03 7.18
C GLN C 664 -33.25 45.77 8.32
N SER C 676 -31.28 43.32 12.93
CA SER C 676 -31.19 44.33 11.87
C SER C 676 -30.44 43.79 10.65
N GLN C 677 -29.83 42.61 10.80
CA GLN C 677 -29.12 41.96 9.71
C GLN C 677 -29.66 40.55 9.54
N SER C 678 -29.62 40.06 8.30
CA SER C 678 -30.06 38.71 8.01
C SER C 678 -29.39 38.23 6.73
N ILE C 679 -29.43 36.92 6.52
CA ILE C 679 -28.85 36.32 5.32
C ILE C 679 -29.92 36.26 4.24
N ILE C 680 -29.63 36.87 3.09
CA ILE C 680 -30.57 36.96 1.98
C ILE C 680 -30.01 36.14 0.82
N ALA C 681 -30.85 35.27 0.27
CA ALA C 681 -30.51 34.45 -0.89
C ALA C 681 -31.32 34.94 -2.08
N TYR C 682 -30.63 35.30 -3.17
CA TYR C 682 -31.27 35.91 -4.32
C TYR C 682 -30.67 35.34 -5.60
N THR C 683 -31.09 35.89 -6.73
CA THR C 683 -30.58 35.52 -8.04
C THR C 683 -29.56 36.55 -8.50
N MET C 684 -28.34 36.09 -8.77
CA MET C 684 -27.27 37.01 -9.13
C MET C 684 -27.59 37.71 -10.44
N SER C 685 -27.02 38.91 -10.60
CA SER C 685 -27.24 39.74 -11.76
C SER C 685 -25.98 39.76 -12.61
N LEU C 686 -26.14 39.55 -13.92
CA LEU C 686 -24.99 39.58 -14.82
C LEU C 686 -24.38 40.98 -14.85
N GLY C 687 -25.21 42.01 -14.89
CA GLY C 687 -24.72 43.37 -14.91
C GLY C 687 -25.82 44.33 -15.29
N ALA C 688 -25.48 45.61 -15.22
CA ALA C 688 -26.45 46.65 -15.55
C ALA C 688 -26.90 46.51 -16.99
N GLU C 689 -28.20 46.60 -17.21
CA GLU C 689 -28.73 46.52 -18.56
C GLU C 689 -28.24 47.71 -19.37
N ASN C 690 -28.12 47.52 -20.68
CA ASN C 690 -27.62 48.57 -21.54
C ASN C 690 -28.11 48.34 -22.95
N SER C 691 -28.01 49.37 -23.77
CA SER C 691 -28.37 49.31 -25.17
C SER C 691 -27.52 50.31 -25.93
N VAL C 692 -27.36 50.07 -27.23
CA VAL C 692 -26.59 50.96 -28.10
C VAL C 692 -27.49 51.40 -29.24
N ALA C 693 -27.60 52.72 -29.43
CA ALA C 693 -28.50 53.28 -30.43
C ALA C 693 -27.89 53.09 -31.81
N TYR C 694 -27.97 51.85 -32.29
CA TYR C 694 -27.46 51.54 -33.61
C TYR C 694 -28.29 52.23 -34.68
N SER C 695 -27.62 52.72 -35.72
CA SER C 695 -28.30 53.36 -36.83
C SER C 695 -27.34 53.50 -38.01
N ASN C 696 -27.78 53.04 -39.18
CA ASN C 696 -26.88 52.83 -40.30
C ASN C 696 -26.18 54.10 -40.79
N ASN C 697 -26.47 55.25 -40.19
CA ASN C 697 -25.71 56.47 -40.46
C ASN C 697 -25.52 57.25 -39.16
N SER C 698 -24.94 56.60 -38.16
CA SER C 698 -24.69 57.25 -36.88
C SER C 698 -23.40 56.70 -36.29
N ILE C 699 -22.46 57.60 -35.93
CA ILE C 699 -21.20 57.20 -35.33
C ILE C 699 -21.01 58.01 -34.06
N ALA C 700 -20.09 57.55 -33.21
CA ALA C 700 -19.77 58.23 -31.95
C ALA C 700 -18.27 58.30 -31.77
N ILE C 701 -17.73 59.50 -31.64
CA ILE C 701 -16.29 59.72 -31.60
C ILE C 701 -15.93 60.35 -30.26
N PRO C 702 -15.09 59.71 -29.44
CA PRO C 702 -14.73 60.30 -28.15
C PRO C 702 -14.04 61.66 -28.30
N THR C 703 -14.33 62.56 -27.34
CA THR C 703 -13.74 63.88 -27.32
C THR C 703 -12.72 64.08 -26.22
N ASN C 704 -12.63 63.16 -25.25
CA ASN C 704 -11.72 63.29 -24.14
C ASN C 704 -11.30 61.91 -23.67
N PHE C 705 -10.14 61.84 -23.02
CA PHE C 705 -9.55 60.55 -22.68
C PHE C 705 -9.20 60.46 -21.20
N THR C 706 -8.53 59.37 -20.83
CA THR C 706 -8.10 59.17 -19.45
C THR C 706 -6.93 58.21 -19.45
N ILE C 707 -6.03 58.40 -18.49
CA ILE C 707 -4.88 57.53 -18.27
C ILE C 707 -5.11 56.79 -16.98
N SER C 708 -5.12 55.46 -17.03
CA SER C 708 -5.43 54.65 -15.87
C SER C 708 -4.34 53.63 -15.64
N VAL C 709 -3.90 53.52 -14.39
CA VAL C 709 -2.86 52.58 -13.99
C VAL C 709 -3.54 51.46 -13.21
N THR C 710 -3.47 50.24 -13.72
CA THR C 710 -4.10 49.09 -13.09
C THR C 710 -3.04 48.09 -12.68
N THR C 711 -3.19 47.53 -11.48
CA THR C 711 -2.21 46.58 -10.99
C THR C 711 -2.51 45.18 -11.48
N GLU C 712 -1.48 44.35 -11.54
CA GLU C 712 -1.64 42.95 -11.89
C GLU C 712 -0.59 42.13 -11.15
N ILE C 713 -1.03 41.22 -10.30
CA ILE C 713 -0.15 40.41 -9.47
C ILE C 713 0.03 39.05 -10.12
N LEU C 714 1.22 38.47 -10.00
CA LEU C 714 1.49 37.15 -10.54
C LEU C 714 2.47 36.41 -9.63
N PRO C 715 2.21 35.13 -9.34
CA PRO C 715 3.25 34.31 -8.72
C PRO C 715 4.37 33.99 -9.69
N VAL C 716 5.55 33.72 -9.15
CA VAL C 716 6.72 33.42 -9.99
C VAL C 716 7.52 32.26 -9.44
N SER C 717 7.29 31.87 -8.19
CA SER C 717 8.02 30.75 -7.60
C SER C 717 7.45 30.47 -6.23
N MET C 718 7.83 29.32 -5.67
CA MET C 718 7.39 28.90 -4.36
C MET C 718 8.59 28.42 -3.56
N THR C 719 8.37 28.21 -2.27
CA THR C 719 9.46 27.89 -1.36
C THR C 719 10.17 26.62 -1.80
N LYS C 720 11.49 26.61 -1.67
CA LYS C 720 12.31 25.44 -1.98
C LYS C 720 12.46 24.62 -0.71
N THR C 721 11.76 23.50 -0.65
CA THR C 721 11.79 22.63 0.51
C THR C 721 12.46 21.31 0.14
N SER C 722 13.23 20.77 1.08
CA SER C 722 13.88 19.48 0.91
C SER C 722 13.57 18.61 2.12
N VAL C 723 13.14 17.38 1.86
CA VAL C 723 12.79 16.42 2.90
C VAL C 723 13.74 15.25 2.80
N ASP C 724 14.33 14.86 3.91
CA ASP C 724 15.24 13.72 3.97
C ASP C 724 14.40 12.48 4.28
N CYS C 725 14.26 11.60 3.28
CA CYS C 725 13.37 10.47 3.41
C CYS C 725 13.68 9.64 4.64
N THR C 726 14.95 9.25 4.82
CA THR C 726 15.30 8.33 5.89
C THR C 726 15.05 8.96 7.25
N MET C 727 15.44 10.22 7.42
CA MET C 727 15.26 10.89 8.70
C MET C 727 13.78 10.99 9.04
N TYR C 728 12.94 11.31 8.05
CA TYR C 728 11.51 11.43 8.29
C TYR C 728 10.89 10.07 8.63
N ILE C 729 11.16 9.06 7.83
CA ILE C 729 10.47 7.78 7.99
C ILE C 729 10.95 7.06 9.25
N CYS C 730 12.26 6.96 9.43
CA CYS C 730 12.82 6.15 10.50
C CYS C 730 13.28 6.96 11.70
N GLY C 731 13.60 8.24 11.53
CA GLY C 731 13.99 9.06 12.65
C GLY C 731 15.28 8.61 13.32
N ASP C 732 16.26 8.20 12.52
CA ASP C 732 17.58 7.83 13.03
C ASP C 732 17.48 6.63 13.98
N SER C 733 16.91 5.54 13.45
CA SER C 733 16.85 4.26 14.13
C SER C 733 17.45 3.21 13.21
N THR C 734 18.32 2.37 13.76
CA THR C 734 19.05 1.42 12.92
C THR C 734 18.14 0.31 12.39
N GLU C 735 17.25 -0.22 13.23
CA GLU C 735 16.38 -1.29 12.77
C GLU C 735 15.50 -0.82 11.62
N CYS C 736 14.84 0.33 11.78
CA CYS C 736 14.00 0.85 10.72
C CYS C 736 14.84 1.19 9.49
N SER C 737 16.04 1.72 9.68
CA SER C 737 16.88 2.06 8.54
C SER C 737 17.22 0.81 7.73
N ASN C 738 17.51 -0.30 8.41
CA ASN C 738 17.77 -1.55 7.69
C ASN C 738 16.52 -2.06 7.00
N LEU C 739 15.37 -2.01 7.68
CA LEU C 739 14.14 -2.51 7.06
C LEU C 739 13.79 -1.70 5.81
N LEU C 740 14.02 -0.40 5.84
CA LEU C 740 13.66 0.44 4.70
C LEU C 740 14.47 0.11 3.46
N LEU C 741 15.56 -0.64 3.60
CA LEU C 741 16.38 -0.97 2.44
C LEU C 741 15.65 -1.92 1.49
N GLN C 742 14.86 -2.84 2.04
CA GLN C 742 14.19 -3.82 1.20
C GLN C 742 13.26 -3.16 0.19
N TYR C 743 12.64 -2.05 0.56
CA TYR C 743 11.66 -1.41 -0.30
C TYR C 743 12.26 -0.80 -1.55
N GLY C 744 13.53 -0.97 -1.88
CA GLY C 744 14.04 -0.53 -3.16
C GLY C 744 14.64 0.87 -3.13
N SER C 745 14.37 1.65 -4.17
CA SER C 745 14.95 2.99 -4.27
C SER C 745 13.87 4.05 -4.43
N PHE C 746 12.83 4.00 -3.59
CA PHE C 746 11.86 5.09 -3.55
C PHE C 746 12.50 6.37 -3.06
N CYS C 747 13.39 6.26 -2.07
CA CYS C 747 13.98 7.45 -1.45
C CYS C 747 14.74 8.28 -2.46
N THR C 748 15.58 7.64 -3.28
CA THR C 748 16.42 8.40 -4.21
C THR C 748 15.57 9.13 -5.23
N GLN C 749 14.51 8.48 -5.73
CA GLN C 749 13.68 9.16 -6.72
C GLN C 749 12.82 10.25 -6.10
N LEU C 750 12.40 10.09 -4.84
CA LEU C 750 11.75 11.20 -4.15
C LEU C 750 12.68 12.40 -4.05
N ASN C 751 13.93 12.16 -3.66
CA ASN C 751 14.88 13.26 -3.55
C ASN C 751 15.18 13.87 -4.90
N ARG C 752 15.26 13.05 -5.96
CA ARG C 752 15.45 13.58 -7.30
C ARG C 752 14.31 14.49 -7.71
N ALA C 753 13.07 14.09 -7.41
CA ALA C 753 11.93 14.93 -7.77
C ALA C 753 11.98 16.26 -7.02
N LEU C 754 12.25 16.21 -5.72
CA LEU C 754 12.30 17.45 -4.94
C LEU C 754 13.43 18.35 -5.41
N THR C 755 14.58 17.79 -5.73
CA THR C 755 15.68 18.60 -6.24
C THR C 755 15.34 19.21 -7.60
N GLY C 756 14.62 18.47 -8.44
CA GLY C 756 14.18 19.04 -9.70
C GLY C 756 13.28 20.24 -9.49
N ILE C 757 12.34 20.14 -8.55
CA ILE C 757 11.46 21.28 -8.26
C ILE C 757 12.28 22.46 -7.77
N ALA C 758 13.22 22.19 -6.84
CA ALA C 758 14.01 23.27 -6.26
C ALA C 758 14.81 23.99 -7.32
N VAL C 759 15.41 23.26 -8.27
CA VAL C 759 16.14 23.92 -9.34
C VAL C 759 15.19 24.68 -10.26
N GLU C 760 13.98 24.14 -10.49
CA GLU C 760 13.03 24.84 -11.33
C GLU C 760 12.71 26.22 -10.78
N GLN C 761 12.63 26.35 -9.46
CA GLN C 761 12.29 27.66 -8.89
C GLN C 761 13.36 28.70 -9.22
N ASP C 762 14.63 28.34 -9.04
CA ASP C 762 15.71 29.24 -9.41
C ASP C 762 15.72 29.53 -10.90
N LYS C 763 15.30 28.56 -11.71
CA LYS C 763 15.17 28.83 -13.14
C LYS C 763 14.08 29.86 -13.42
N ASN C 764 12.94 29.75 -12.73
CA ASN C 764 11.83 30.67 -12.96
C ASN C 764 12.22 32.10 -12.61
N THR C 765 12.89 32.28 -11.48
CA THR C 765 13.23 33.64 -11.05
C THR C 765 14.13 34.32 -12.07
N GLN C 766 15.13 33.61 -12.59
CA GLN C 766 16.02 34.19 -13.58
C GLN C 766 15.35 34.35 -14.93
N GLU C 767 14.43 33.47 -15.28
CA GLU C 767 13.68 33.66 -16.52
C GLU C 767 12.88 34.96 -16.47
N VAL C 768 12.28 35.26 -15.33
CA VAL C 768 11.45 36.45 -15.23
C VAL C 768 12.31 37.70 -15.14
N PHE C 769 13.16 37.79 -14.12
CA PHE C 769 13.78 39.06 -13.78
C PHE C 769 15.04 39.37 -14.57
N ALA C 770 15.73 38.37 -15.10
CA ALA C 770 17.03 38.56 -15.72
C ALA C 770 16.93 38.75 -17.23
N GLN C 771 15.88 39.40 -17.71
CA GLN C 771 15.73 39.65 -19.13
C GLN C 771 16.95 40.39 -19.68
N VAL C 772 17.35 41.47 -19.01
CA VAL C 772 18.49 42.29 -19.40
C VAL C 772 19.64 41.97 -18.45
N LYS C 773 20.83 41.75 -19.00
CA LYS C 773 21.98 41.33 -18.23
C LYS C 773 22.99 42.44 -18.01
N GLN C 774 22.62 43.69 -18.28
CA GLN C 774 23.48 44.85 -18.03
C GLN C 774 22.74 45.82 -17.12
N ILE C 775 23.34 46.14 -16.00
CA ILE C 775 22.69 46.96 -14.98
C ILE C 775 22.80 48.43 -15.37
N TYR C 776 21.66 49.11 -15.41
CA TYR C 776 21.59 50.53 -15.72
C TYR C 776 21.43 51.34 -14.43
N LYS C 777 21.51 52.66 -14.58
CA LYS C 777 21.39 53.56 -13.45
C LYS C 777 20.73 54.84 -13.90
N THR C 778 19.73 55.28 -13.14
CA THR C 778 19.00 56.49 -13.46
C THR C 778 19.85 57.72 -13.15
N PRO C 779 19.70 58.80 -13.92
CA PRO C 779 20.51 59.99 -13.68
C PRO C 779 20.15 60.63 -12.36
N PRO C 780 21.08 61.36 -11.72
CA PRO C 780 20.74 62.03 -10.46
C PRO C 780 19.61 63.04 -10.60
N ILE C 781 19.54 63.75 -11.72
CA ILE C 781 18.50 64.76 -11.92
C ILE C 781 17.23 64.09 -12.40
N LYS C 782 16.10 64.64 -11.96
CA LYS C 782 14.79 64.01 -12.16
C LYS C 782 13.85 64.92 -12.94
N ASP C 783 14.33 65.51 -14.04
CA ASP C 783 13.51 66.40 -14.86
C ASP C 783 12.93 65.60 -16.02
N PHE C 784 11.81 64.93 -15.79
CA PHE C 784 11.18 64.08 -16.79
C PHE C 784 9.99 64.77 -17.46
N GLY C 785 10.02 66.11 -17.51
CA GLY C 785 8.99 66.84 -18.23
C GLY C 785 7.64 66.89 -17.53
N GLY C 786 7.60 66.69 -16.22
CA GLY C 786 6.36 66.73 -15.48
C GLY C 786 6.05 65.39 -14.83
N PHE C 787 6.32 64.30 -15.54
CA PHE C 787 6.05 62.98 -15.01
C PHE C 787 6.89 62.76 -13.76
N ASN C 788 6.32 62.06 -12.79
CA ASN C 788 6.92 61.93 -11.47
C ASN C 788 6.97 60.45 -11.10
N PHE C 789 8.18 59.91 -10.98
CA PHE C 789 8.37 58.49 -10.72
C PHE C 789 8.85 58.20 -9.30
N SER C 790 8.77 59.18 -8.39
CA SER C 790 9.37 59.00 -7.08
C SER C 790 8.86 57.76 -6.38
N GLN C 791 7.61 57.38 -6.64
CA GLN C 791 6.99 56.27 -5.92
C GLN C 791 7.47 54.91 -6.41
N ILE C 792 8.06 54.81 -7.60
CA ILE C 792 8.46 53.54 -8.17
C ILE C 792 9.98 53.38 -8.14
N LEU C 793 10.73 54.45 -8.35
CA LEU C 793 12.18 54.36 -8.39
C LEU C 793 12.74 54.13 -7.00
N PRO C 794 13.97 53.61 -6.90
CA PRO C 794 14.54 53.29 -5.59
C PRO C 794 14.66 54.53 -4.72
N ASP C 795 14.49 54.34 -3.42
CA ASP C 795 14.70 55.38 -2.42
C ASP C 795 15.99 55.09 -1.67
N PRO C 796 17.06 55.86 -1.87
CA PRO C 796 18.35 55.52 -1.21
C PRO C 796 18.31 55.58 0.30
N SER C 797 17.30 56.23 0.90
CA SER C 797 17.31 56.44 2.35
C SER C 797 17.33 55.12 3.10
N LYS C 798 16.49 54.17 2.70
CA LYS C 798 16.39 52.92 3.42
C LYS C 798 17.67 52.10 3.27
N PRO C 799 17.98 51.26 4.25
CA PRO C 799 19.18 50.39 4.09
C PRO C 799 19.08 49.48 2.89
N SER C 800 17.89 48.97 2.58
CA SER C 800 17.62 48.22 1.36
C SER C 800 16.93 49.15 0.39
N LYS C 801 17.54 49.34 -0.79
CA LYS C 801 17.11 50.37 -1.73
C LYS C 801 15.88 49.88 -2.48
N ARG C 802 14.77 49.78 -1.76
CA ARG C 802 13.48 49.40 -2.31
C ARG C 802 12.58 50.62 -2.38
N SER C 803 11.78 50.70 -3.44
CA SER C 803 10.91 51.84 -3.62
C SER C 803 9.75 51.79 -2.63
N PRO C 804 9.05 52.91 -2.42
CA PRO C 804 7.95 52.90 -1.45
C PRO C 804 6.87 51.87 -1.74
N ILE C 805 6.43 51.77 -3.00
CA ILE C 805 5.38 50.79 -3.32
C ILE C 805 5.87 49.39 -3.03
N GLU C 806 7.15 49.12 -3.31
CA GLU C 806 7.70 47.82 -2.95
C GLU C 806 7.63 47.59 -1.45
N ASP C 807 7.84 48.64 -0.66
CA ASP C 807 7.70 48.50 0.79
C ASP C 807 6.28 48.14 1.19
N LEU C 808 5.29 48.81 0.57
CA LEU C 808 3.91 48.48 0.88
C LEU C 808 3.59 47.03 0.51
N LEU C 809 4.05 46.59 -0.65
CA LEU C 809 3.78 45.22 -1.07
C LEU C 809 4.41 44.22 -0.11
N PHE C 810 5.66 44.49 0.29
CA PHE C 810 6.32 43.56 1.21
C PHE C 810 5.61 43.51 2.55
N ASN C 811 5.19 44.66 3.09
CA ASN C 811 4.48 44.65 4.35
C ASN C 811 3.14 43.93 4.24
N LYS C 812 2.42 44.15 3.13
CA LYS C 812 1.12 43.49 2.98
C LYS C 812 1.27 41.99 2.89
N VAL C 813 2.27 41.50 2.14
CA VAL C 813 2.44 40.06 2.01
C VAL C 813 3.12 39.44 3.22
N THR C 814 3.73 40.23 4.10
CA THR C 814 4.36 39.67 5.30
C THR C 814 3.45 38.67 6.00
N LEU C 815 2.13 38.84 5.89
CA LEU C 815 1.22 37.89 6.52
C LEU C 815 1.55 36.47 6.09
N ALA C 816 1.99 36.30 4.85
CA ALA C 816 2.39 34.98 4.38
C ALA C 816 3.46 34.37 5.28
N ASP C 817 4.52 35.12 5.54
CA ASP C 817 5.62 34.61 6.34
C ASP C 817 5.19 34.32 7.78
N ALA C 818 4.05 34.82 8.21
CA ALA C 818 3.54 34.62 9.56
C ALA C 818 2.29 33.74 9.52
N GLY C 819 1.71 33.53 10.70
CA GLY C 819 0.52 32.71 10.82
C GLY C 819 0.83 31.35 11.41
N PHE C 820 0.48 30.29 10.68
CA PHE C 820 0.72 28.92 11.11
C PHE C 820 2.02 28.36 10.58
N ILE C 821 2.82 29.15 9.86
CA ILE C 821 4.14 28.75 9.38
C ILE C 821 5.17 29.70 9.96
N LYS C 822 6.18 29.15 10.61
CA LYS C 822 7.25 29.95 11.20
C LYS C 822 6.68 31.08 12.05
N GLN C 840 18.87 23.09 11.09
CA GLN C 840 18.26 22.47 12.26
C GLN C 840 16.76 22.71 12.29
N LYS C 841 16.01 21.79 11.69
CA LYS C 841 14.56 21.86 11.67
C LYS C 841 13.95 20.57 12.21
N PHE C 842 12.64 20.41 12.05
CA PHE C 842 11.91 19.31 12.66
C PHE C 842 11.76 18.15 11.68
N ASN C 843 12.12 16.95 12.13
CA ASN C 843 11.81 15.72 11.42
C ASN C 843 12.36 15.73 9.99
N GLY C 844 13.53 16.32 9.82
CA GLY C 844 14.21 16.28 8.54
C GLY C 844 13.50 16.98 7.40
N LEU C 845 12.80 18.08 7.69
CA LEU C 845 12.24 18.95 6.67
C LEU C 845 12.96 20.29 6.76
N THR C 846 13.54 20.74 5.65
CA THR C 846 14.31 21.97 5.66
C THR C 846 13.94 22.83 4.46
N VAL C 847 14.30 24.11 4.55
CA VAL C 847 14.00 25.09 3.51
C VAL C 847 15.31 25.68 3.03
N LEU C 848 15.53 25.65 1.73
CA LEU C 848 16.77 26.16 1.15
C LEU C 848 16.59 27.60 0.70
N PRO C 849 17.64 28.42 0.74
CA PRO C 849 17.49 29.83 0.39
C PRO C 849 17.53 30.03 -1.12
N PRO C 850 16.80 31.01 -1.64
CA PRO C 850 16.85 31.27 -3.09
C PRO C 850 18.18 31.85 -3.52
N LEU C 851 18.52 31.61 -4.80
CA LEU C 851 19.79 32.09 -5.32
C LEU C 851 19.81 33.61 -5.40
N LEU C 852 18.92 34.20 -6.20
CA LEU C 852 18.87 35.65 -6.34
C LEU C 852 18.26 36.27 -5.09
N THR C 853 19.07 36.52 -4.07
CA THR C 853 18.57 37.10 -2.84
C THR C 853 18.04 38.50 -3.09
N ASP C 854 17.05 38.89 -2.29
CA ASP C 854 16.55 40.26 -2.35
C ASP C 854 17.70 41.25 -2.30
N GLU C 855 17.49 42.40 -2.92
CA GLU C 855 18.49 43.41 -3.21
C GLU C 855 19.33 43.01 -4.41
N MET C 856 19.15 41.81 -4.95
CA MET C 856 19.52 41.48 -6.33
C MET C 856 18.31 41.46 -7.24
N ILE C 857 17.18 40.94 -6.74
CA ILE C 857 15.91 41.09 -7.44
C ILE C 857 15.55 42.56 -7.54
N ALA C 858 15.70 43.29 -6.43
CA ALA C 858 15.42 44.71 -6.43
C ALA C 858 16.33 45.45 -7.40
N GLN C 859 17.60 45.06 -7.46
CA GLN C 859 18.54 45.69 -8.39
C GLN C 859 18.14 45.43 -9.84
N TYR C 860 17.72 44.21 -10.14
CA TYR C 860 17.25 43.89 -11.49
C TYR C 860 16.05 44.75 -11.86
N THR C 861 15.08 44.86 -10.95
CA THR C 861 13.90 45.64 -11.26
C THR C 861 14.25 47.11 -11.43
N SER C 862 15.19 47.62 -10.62
CA SER C 862 15.61 49.01 -10.77
C SER C 862 16.31 49.22 -12.11
N ALA C 863 17.13 48.27 -12.56
CA ALA C 863 17.76 48.40 -13.87
C ALA C 863 16.72 48.41 -14.99
N LEU C 864 15.75 47.51 -14.91
CA LEU C 864 14.68 47.48 -15.91
C LEU C 864 13.94 48.81 -15.93
N LEU C 865 13.61 49.32 -14.76
CA LEU C 865 12.81 50.53 -14.65
C LEU C 865 13.60 51.79 -14.98
N ALA C 866 14.94 51.73 -14.91
CA ALA C 866 15.77 52.86 -15.30
C ALA C 866 16.15 52.83 -16.77
N GLY C 867 16.11 51.66 -17.40
CA GLY C 867 16.23 51.60 -18.85
C GLY C 867 14.93 51.89 -19.57
N THR C 868 13.79 51.62 -18.92
CA THR C 868 12.51 51.93 -19.53
C THR C 868 12.27 53.44 -19.59
N ILE C 869 12.88 54.20 -18.69
CA ILE C 869 12.58 55.62 -18.58
C ILE C 869 13.38 56.41 -19.60
N THR C 870 14.68 56.16 -19.69
CA THR C 870 15.56 56.94 -20.55
C THR C 870 15.65 56.36 -21.97
N SER C 871 15.81 55.04 -22.08
CA SER C 871 16.02 54.40 -23.37
C SER C 871 14.72 54.04 -24.07
N GLY C 872 13.72 53.59 -23.34
CA GLY C 872 12.43 53.24 -23.94
C GLY C 872 12.30 51.74 -24.13
N TRP C 873 11.91 51.33 -25.33
CA TRP C 873 11.86 49.92 -25.68
C TRP C 873 13.06 49.49 -26.51
N THR C 874 14.05 50.37 -26.71
CA THR C 874 15.20 50.04 -27.52
C THR C 874 16.27 49.28 -26.75
N PHE C 875 16.19 49.23 -25.43
CA PHE C 875 17.23 48.55 -24.66
C PHE C 875 17.04 47.05 -24.62
N GLY C 876 15.93 46.54 -25.14
CA GLY C 876 15.70 45.11 -25.23
C GLY C 876 15.90 44.52 -26.61
N ALA C 877 16.40 45.31 -27.57
CA ALA C 877 16.62 44.83 -28.93
C ALA C 877 17.94 45.34 -29.49
N GLY C 878 18.95 45.52 -28.64
CA GLY C 878 20.22 46.04 -29.08
C GLY C 878 20.86 46.93 -28.05
N PRO C 879 21.63 47.92 -28.49
CA PRO C 879 22.24 48.87 -27.56
C PRO C 879 21.24 49.94 -27.14
N ALA C 880 21.14 50.17 -25.83
CA ALA C 880 20.19 51.15 -25.31
C ALA C 880 20.50 52.52 -25.87
N LEU C 881 19.46 53.20 -26.36
CA LEU C 881 19.59 54.52 -26.96
C LEU C 881 18.77 55.51 -26.16
N GLN C 882 19.43 56.58 -25.70
CA GLN C 882 18.75 57.59 -24.91
C GLN C 882 17.68 58.31 -25.74
N ILE C 883 16.64 58.77 -25.06
CA ILE C 883 15.58 59.56 -25.69
C ILE C 883 14.78 60.25 -24.60
N PRO C 884 14.49 61.54 -24.72
CA PRO C 884 13.73 62.22 -23.66
C PRO C 884 12.38 61.56 -23.45
N PHE C 885 11.95 61.50 -22.19
CA PHE C 885 10.69 60.83 -21.89
C PHE C 885 9.48 61.45 -22.58
N PRO C 886 9.30 62.78 -22.61
CA PRO C 886 8.14 63.33 -23.30
C PRO C 886 8.11 63.01 -24.79
N MET C 887 9.24 62.65 -25.39
CA MET C 887 9.22 62.13 -26.74
C MET C 887 8.89 60.64 -26.78
N GLN C 888 9.33 59.89 -25.77
CA GLN C 888 8.96 58.48 -25.71
C GLN C 888 7.46 58.32 -25.62
N MET C 889 6.79 59.16 -24.82
CA MET C 889 5.34 59.05 -24.74
C MET C 889 4.69 59.43 -26.06
N ALA C 890 5.26 60.38 -26.78
CA ALA C 890 4.70 60.71 -28.08
C ALA C 890 4.84 59.55 -29.06
N TYR C 891 5.94 58.81 -28.97
CA TYR C 891 6.08 57.61 -29.79
C TYR C 891 5.08 56.53 -29.38
N ARG C 892 4.83 56.37 -28.08
CA ARG C 892 3.89 55.36 -27.61
C ARG C 892 2.44 55.76 -27.84
N PHE C 893 2.15 57.04 -28.08
CA PHE C 893 0.82 57.45 -28.48
C PHE C 893 0.51 57.05 -29.91
N ASN C 894 1.51 56.98 -30.77
CA ASN C 894 1.30 56.52 -32.14
C ASN C 894 0.99 55.03 -32.21
N GLY C 895 1.36 54.26 -31.19
CA GLY C 895 1.12 52.83 -31.22
C GLY C 895 -0.31 52.43 -30.97
N ILE C 896 -1.17 53.39 -30.61
CA ILE C 896 -2.58 53.13 -30.36
C ILE C 896 -3.48 53.85 -31.34
N GLY C 897 -2.93 54.55 -32.32
CA GLY C 897 -3.73 55.21 -33.32
C GLY C 897 -4.11 56.65 -33.01
N VAL C 898 -3.42 57.29 -32.08
CA VAL C 898 -3.64 58.70 -31.76
C VAL C 898 -2.40 59.47 -32.19
N THR C 899 -2.58 60.47 -33.06
CA THR C 899 -1.44 61.24 -33.55
C THR C 899 -0.63 61.77 -32.38
N GLN C 900 0.60 62.21 -32.63
CA GLN C 900 1.47 62.62 -31.53
C GLN C 900 1.10 63.99 -30.99
N ASN C 901 0.53 64.86 -31.81
CA ASN C 901 0.23 66.21 -31.33
C ASN C 901 -0.75 66.20 -30.17
N VAL C 902 -1.49 65.11 -29.98
CA VAL C 902 -2.40 65.02 -28.84
C VAL C 902 -1.65 65.13 -27.52
N LEU C 903 -0.39 64.70 -27.49
CA LEU C 903 0.35 64.72 -26.23
C LEU C 903 0.98 66.09 -25.97
N TYR C 904 1.87 66.52 -26.85
CA TYR C 904 2.60 67.77 -26.60
C TYR C 904 1.65 68.93 -26.35
N GLU C 905 0.47 68.92 -26.98
CA GLU C 905 -0.49 69.99 -26.73
C GLU C 905 -1.16 69.82 -25.38
N ASN C 906 -1.32 68.58 -24.90
CA ASN C 906 -1.91 68.29 -23.60
C ASN C 906 -0.90 67.66 -22.66
N GLN C 907 0.35 68.12 -22.70
CA GLN C 907 1.41 67.45 -21.95
C GLN C 907 1.19 67.59 -20.45
N LYS C 908 0.91 68.81 -19.98
CA LYS C 908 0.80 69.05 -18.54
C LYS C 908 -0.39 68.30 -17.95
N LEU C 909 -1.55 68.35 -18.62
CA LEU C 909 -2.72 67.65 -18.13
C LEU C 909 -2.48 66.16 -18.05
N ILE C 910 -1.87 65.58 -19.08
CA ILE C 910 -1.60 64.15 -19.08
C ILE C 910 -0.62 63.80 -17.96
N ALA C 911 0.38 64.67 -17.74
CA ALA C 911 1.33 64.41 -16.68
C ALA C 911 0.65 64.40 -15.31
N ASN C 912 -0.27 65.35 -15.07
CA ASN C 912 -0.97 65.38 -13.81
C ASN C 912 -1.89 64.16 -13.64
N GLN C 913 -2.57 63.76 -14.72
CA GLN C 913 -3.39 62.55 -14.64
C GLN C 913 -2.54 61.35 -14.29
N PHE C 914 -1.36 61.24 -14.91
CA PHE C 914 -0.47 60.12 -14.61
C PHE C 914 -0.02 60.16 -13.15
N ASN C 915 0.34 61.35 -12.66
CA ASN C 915 0.80 61.45 -11.27
C ASN C 915 -0.29 61.04 -10.29
N SER C 916 -1.51 61.54 -10.50
CA SER C 916 -2.60 61.17 -9.61
C SER C 916 -2.91 59.68 -9.69
N ALA C 917 -2.88 59.12 -10.91
CA ALA C 917 -3.12 57.69 -11.06
C ALA C 917 -2.10 56.87 -10.32
N ILE C 918 -0.82 57.27 -10.40
CA ILE C 918 0.22 56.58 -9.65
C ILE C 918 -0.04 56.71 -8.16
N GLY C 919 -0.43 57.90 -7.71
CA GLY C 919 -0.66 58.10 -6.29
C GLY C 919 -1.77 57.23 -5.74
N LYS C 920 -2.87 57.10 -6.48
CA LYS C 920 -4.00 56.31 -6.00
C LYS C 920 -3.61 54.86 -5.75
N ILE C 921 -2.57 54.35 -6.42
CA ILE C 921 -2.23 52.94 -6.28
C ILE C 921 -1.82 52.62 -4.86
N GLN C 922 -1.03 53.50 -4.24
CA GLN C 922 -0.60 53.25 -2.87
C GLN C 922 -1.80 53.17 -1.93
N ASP C 923 -2.74 54.10 -2.06
CA ASP C 923 -3.93 54.07 -1.21
C ASP C 923 -4.75 52.81 -1.47
N SER C 924 -4.93 52.44 -2.74
CA SER C 924 -5.70 51.25 -3.06
C SER C 924 -5.07 50.02 -2.44
N LEU C 925 -3.75 49.91 -2.52
CA LEU C 925 -3.07 48.76 -1.92
C LEU C 925 -3.17 48.79 -0.40
N SER C 926 -3.04 49.97 0.20
CA SER C 926 -3.02 50.05 1.67
C SER C 926 -4.40 49.75 2.25
N SER C 927 -5.46 50.25 1.63
CA SER C 927 -6.79 50.12 2.21
C SER C 927 -7.20 48.66 2.34
N THR C 928 -6.99 47.89 1.29
CA THR C 928 -7.45 46.50 1.22
C THR C 928 -6.27 45.56 1.42
N PRO C 929 -6.38 44.67 2.41
CA PRO C 929 -5.33 43.67 2.62
C PRO C 929 -5.42 42.54 1.61
N SER C 930 -6.60 42.27 1.07
CA SER C 930 -6.79 41.18 0.12
C SER C 930 -6.18 41.48 -1.25
N ALA C 931 -5.70 42.69 -1.49
CA ALA C 931 -5.15 43.03 -2.80
C ALA C 931 -4.07 42.03 -3.21
N LEU C 932 -3.22 41.63 -2.26
CA LEU C 932 -2.15 40.67 -2.52
C LEU C 932 -2.59 39.24 -2.23
N GLY C 933 -3.83 38.91 -2.56
CA GLY C 933 -4.31 37.57 -2.26
C GLY C 933 -3.53 36.49 -2.98
N LYS C 934 -3.36 36.64 -4.29
CA LYS C 934 -2.73 35.58 -5.09
C LYS C 934 -1.44 35.10 -4.45
N LEU C 935 -0.45 35.99 -4.35
CA LEU C 935 0.81 35.62 -3.72
C LEU C 935 0.56 34.99 -2.36
N GLN C 936 -0.23 35.67 -1.52
CA GLN C 936 -0.51 35.12 -0.19
C GLN C 936 -1.01 33.70 -0.29
N ASP C 937 -1.97 33.47 -1.18
CA ASP C 937 -2.53 32.13 -1.33
C ASP C 937 -1.42 31.11 -1.50
N VAL C 938 -0.49 31.38 -2.43
CA VAL C 938 0.60 30.45 -2.67
C VAL C 938 1.19 30.00 -1.34
N VAL C 939 1.60 30.95 -0.51
CA VAL C 939 2.29 30.59 0.72
C VAL C 939 1.45 29.62 1.53
N ASN C 940 0.18 29.95 1.74
CA ASN C 940 -0.66 29.07 2.54
C ASN C 940 -0.65 27.66 1.95
N GLN C 941 -0.88 27.55 0.64
CA GLN C 941 -0.95 26.24 0.01
C GLN C 941 0.28 25.42 0.37
N ASN C 942 1.45 26.06 0.40
CA ASN C 942 2.65 25.33 0.76
C ASN C 942 2.65 25.02 2.26
N ALA C 943 2.50 26.06 3.08
CA ALA C 943 2.61 25.87 4.52
C ALA C 943 1.67 24.78 5.00
N GLN C 944 0.39 24.90 4.65
CA GLN C 944 -0.58 23.89 5.06
C GLN C 944 -0.07 22.50 4.75
N ALA C 945 0.41 22.29 3.51
CA ALA C 945 0.87 20.97 3.13
C ALA C 945 1.89 20.46 4.13
N LEU C 946 2.92 21.26 4.39
CA LEU C 946 3.95 20.84 5.33
C LEU C 946 3.34 20.44 6.65
N ASN C 947 2.46 21.30 7.20
CA ASN C 947 1.84 20.96 8.48
C ASN C 947 1.21 19.58 8.40
N THR C 948 0.39 19.34 7.38
CA THR C 948 -0.25 18.05 7.26
C THR C 948 0.78 16.95 7.32
N LEU C 949 1.84 17.06 6.52
CA LEU C 949 2.87 16.03 6.49
C LEU C 949 3.38 15.76 7.90
N VAL C 950 3.69 16.81 8.65
CA VAL C 950 4.24 16.62 9.99
C VAL C 950 3.24 15.86 10.85
N LYS C 951 1.97 16.24 10.79
CA LYS C 951 0.97 15.57 11.63
C LYS C 951 0.89 14.10 11.29
N GLN C 952 1.20 13.71 10.05
CA GLN C 952 1.14 12.31 9.67
C GLN C 952 2.07 11.45 10.50
N LEU C 953 2.94 12.04 11.31
CA LEU C 953 3.83 11.28 12.16
C LEU C 953 3.19 10.84 13.47
N SER C 954 1.94 11.24 13.73
CA SER C 954 1.25 10.89 14.97
C SER C 954 0.16 9.85 14.76
N SER C 955 0.11 9.20 13.60
CA SER C 955 -0.94 8.26 13.26
C SER C 955 -0.43 6.83 13.40
N ASN C 956 -1.29 5.96 13.93
CA ASN C 956 -0.90 4.57 14.16
C ASN C 956 -0.71 3.81 12.86
N PHE C 957 -1.57 4.06 11.88
CA PHE C 957 -1.64 3.27 10.65
C PHE C 957 -1.89 1.79 10.92
N GLY C 958 -2.26 1.43 12.15
CA GLY C 958 -2.47 0.05 12.54
C GLY C 958 -1.47 -0.46 13.55
N ALA C 959 -0.34 0.21 13.72
CA ALA C 959 0.64 -0.20 14.70
C ALA C 959 0.14 0.07 16.12
N ILE C 960 0.78 -0.57 17.10
CA ILE C 960 0.36 -0.37 18.48
C ILE C 960 0.61 1.06 18.93
N SER C 961 1.61 1.73 18.36
CA SER C 961 1.93 3.09 18.74
C SER C 961 2.54 3.82 17.55
N SER C 962 2.50 5.15 17.62
CA SER C 962 3.05 6.00 16.57
C SER C 962 4.46 6.50 16.89
N VAL C 963 5.05 6.03 17.98
CA VAL C 963 6.39 6.43 18.39
C VAL C 963 7.31 5.23 18.21
N LEU C 964 8.31 5.38 17.35
CA LEU C 964 9.20 4.26 17.05
C LEU C 964 9.96 3.82 18.29
N ASN C 965 10.39 4.77 19.12
CA ASN C 965 11.16 4.42 20.31
C ASN C 965 10.37 3.51 21.24
N ASP C 966 9.08 3.81 21.43
CA ASP C 966 8.26 2.99 22.32
C ASP C 966 8.14 1.56 21.80
N ILE C 967 7.88 1.41 20.50
CA ILE C 967 7.76 0.08 19.91
C ILE C 967 9.07 -0.68 20.11
N LEU C 968 10.19 -0.02 19.82
CA LEU C 968 11.48 -0.69 19.94
C LEU C 968 11.76 -1.09 21.38
N SER C 969 11.44 -0.22 22.34
CA SER C 969 11.77 -0.49 23.73
C SER C 969 10.78 -1.44 24.41
N ARG C 970 9.63 -1.71 23.81
CA ARG C 970 8.69 -2.66 24.40
C ARG C 970 8.70 -4.03 23.73
N LEU C 971 9.28 -4.15 22.53
CA LEU C 971 9.19 -5.38 21.76
C LEU C 971 10.56 -5.77 21.23
N ASP C 972 10.78 -7.07 21.11
CA ASP C 972 11.98 -7.59 20.48
C ASP C 972 11.87 -7.48 18.97
N PRO C 973 13.00 -7.54 18.26
CA PRO C 973 12.97 -7.33 16.81
C PRO C 973 12.03 -8.29 16.10
N PRO C 974 11.99 -9.57 16.52
CA PRO C 974 11.10 -10.52 15.81
C PRO C 974 9.65 -10.07 15.75
N GLU C 975 9.16 -9.45 16.82
CA GLU C 975 7.80 -8.92 16.83
C GLU C 975 7.73 -7.44 16.49
N ALA C 976 8.85 -6.72 16.62
CA ALA C 976 8.87 -5.30 16.29
C ALA C 976 8.90 -5.08 14.78
N GLU C 977 9.38 -6.04 14.00
CA GLU C 977 9.40 -5.88 12.55
C GLU C 977 7.98 -5.72 12.01
N VAL C 978 7.05 -6.53 12.51
CA VAL C 978 5.67 -6.47 12.02
C VAL C 978 5.08 -5.09 12.28
N GLN C 979 5.26 -4.57 13.49
CA GLN C 979 4.72 -3.25 13.82
C GLN C 979 5.39 -2.16 12.97
N ILE C 980 6.71 -2.22 12.83
CA ILE C 980 7.41 -1.14 12.13
C ILE C 980 7.08 -1.15 10.65
N ASP C 981 6.76 -2.30 10.07
CA ASP C 981 6.44 -2.34 8.65
C ASP C 981 5.23 -1.47 8.33
N ARG C 982 4.22 -1.48 9.19
CA ARG C 982 3.03 -0.68 8.93
C ARG C 982 3.33 0.81 8.99
N LEU C 983 4.14 1.23 9.97
CA LEU C 983 4.53 2.63 10.03
C LEU C 983 5.35 3.03 8.80
N ILE C 984 6.25 2.16 8.37
CA ILE C 984 7.06 2.46 7.18
C ILE C 984 6.16 2.63 5.96
N THR C 985 5.22 1.71 5.78
CA THR C 985 4.32 1.80 4.63
C THR C 985 3.49 3.07 4.68
N GLY C 986 2.94 3.39 5.85
CA GLY C 986 2.11 4.58 5.95
C GLY C 986 2.89 5.85 5.67
N ARG C 987 4.08 5.98 6.25
CA ARG C 987 4.85 7.20 6.06
C ARG C 987 5.39 7.30 4.65
N LEU C 988 5.75 6.18 4.02
CA LEU C 988 6.15 6.21 2.63
C LEU C 988 5.00 6.66 1.74
N GLN C 989 3.79 6.16 2.01
CA GLN C 989 2.63 6.60 1.25
C GLN C 989 2.38 8.10 1.43
N SER C 990 2.52 8.60 2.65
CA SER C 990 2.33 10.02 2.90
C SER C 990 3.37 10.87 2.17
N LEU C 991 4.63 10.44 2.17
CA LEU C 991 5.65 11.17 1.42
C LEU C 991 5.34 11.17 -0.07
N GLN C 992 4.89 10.03 -0.61
CA GLN C 992 4.55 9.99 -2.03
C GLN C 992 3.42 10.96 -2.35
N THR C 993 2.39 10.99 -1.49
CA THR C 993 1.30 11.94 -1.70
C THR C 993 1.81 13.38 -1.71
N TYR C 994 2.67 13.71 -0.75
CA TYR C 994 3.19 15.07 -0.67
C TYR C 994 3.97 15.43 -1.93
N VAL C 995 4.83 14.53 -2.38
CA VAL C 995 5.67 14.83 -3.55
C VAL C 995 4.82 14.98 -4.80
N THR C 996 3.82 14.13 -4.98
CA THR C 996 2.97 14.26 -6.16
C THR C 996 2.22 15.59 -6.16
N GLN C 997 1.66 15.96 -5.01
CA GLN C 997 0.96 17.24 -4.94
C GLN C 997 1.92 18.38 -5.24
N GLN C 998 3.14 18.32 -4.73
CA GLN C 998 4.12 19.37 -5.02
C GLN C 998 4.48 19.42 -6.50
N LEU C 999 4.57 18.26 -7.16
CA LEU C 999 4.88 18.26 -8.59
C LEU C 999 3.78 18.95 -9.38
N ILE C 1000 2.52 18.63 -9.07
CA ILE C 1000 1.41 19.28 -9.77
C ILE C 1000 1.40 20.78 -9.49
N ARG C 1001 1.60 21.16 -8.23
CA ARG C 1001 1.58 22.58 -7.88
C ARG C 1001 2.74 23.32 -8.54
N ALA C 1002 3.90 22.68 -8.64
CA ALA C 1002 5.04 23.31 -9.30
C ALA C 1002 4.79 23.50 -10.78
N ALA C 1003 4.12 22.53 -11.43
CA ALA C 1003 3.74 22.74 -12.82
C ALA C 1003 2.80 23.93 -12.95
N GLU C 1004 1.84 24.06 -12.03
CA GLU C 1004 0.95 25.21 -12.05
C GLU C 1004 1.71 26.52 -11.91
N ILE C 1005 2.68 26.57 -10.99
CA ILE C 1005 3.44 27.79 -10.77
C ILE C 1005 4.32 28.11 -11.98
N ARG C 1006 4.87 27.08 -12.61
CA ARG C 1006 5.67 27.30 -13.81
C ARG C 1006 4.83 27.87 -14.94
N ALA C 1007 3.56 27.46 -15.01
CA ALA C 1007 2.68 28.05 -16.02
C ALA C 1007 2.47 29.55 -15.80
N SER C 1008 2.66 30.07 -14.59
CA SER C 1008 2.57 31.50 -14.33
C SER C 1008 3.90 32.20 -14.44
N ALA C 1009 4.99 31.50 -14.13
CA ALA C 1009 6.32 32.05 -14.40
C ALA C 1009 6.52 32.27 -15.90
N ASN C 1010 6.05 31.33 -16.72
CA ASN C 1010 6.16 31.46 -18.16
C ASN C 1010 5.27 32.56 -18.73
N LEU C 1011 4.27 33.01 -17.99
CA LEU C 1011 3.46 34.14 -18.41
C LEU C 1011 3.99 35.46 -17.89
N ALA C 1012 4.59 35.46 -16.69
CA ALA C 1012 5.28 36.65 -16.21
C ALA C 1012 6.47 36.99 -17.10
N ALA C 1013 7.22 35.96 -17.50
CA ALA C 1013 8.36 36.16 -18.40
C ALA C 1013 7.94 36.64 -19.79
N THR C 1014 6.67 36.49 -20.15
CA THR C 1014 6.16 37.01 -21.41
C THR C 1014 5.61 38.42 -21.25
N LYS C 1015 4.93 38.70 -20.14
CA LYS C 1015 4.50 40.05 -19.85
C LYS C 1015 5.68 40.99 -19.74
N MET C 1016 6.79 40.51 -19.16
CA MET C 1016 7.99 41.33 -19.07
C MET C 1016 8.59 41.60 -20.44
N SER C 1017 8.55 40.60 -21.33
CA SER C 1017 9.15 40.77 -22.64
C SER C 1017 8.32 41.66 -23.54
N GLU C 1018 7.00 41.58 -23.47
CA GLU C 1018 6.14 42.29 -24.42
C GLU C 1018 5.54 43.56 -23.86
N CYS C 1019 5.21 43.61 -22.57
CA CYS C 1019 4.66 44.84 -21.99
C CYS C 1019 5.76 45.79 -21.56
N VAL C 1020 6.71 45.31 -20.76
CA VAL C 1020 7.75 46.20 -20.20
C VAL C 1020 8.75 46.61 -21.28
N LEU C 1021 9.25 45.65 -22.06
CA LEU C 1021 10.29 45.91 -23.04
C LEU C 1021 9.74 46.38 -24.39
N GLY C 1022 8.44 46.56 -24.51
CA GLY C 1022 7.86 47.07 -25.73
C GLY C 1022 6.38 47.30 -25.55
N GLN C 1023 5.76 47.90 -26.56
CA GLN C 1023 4.33 48.18 -26.52
C GLN C 1023 3.58 47.04 -27.18
N SER C 1024 2.51 46.58 -26.53
CA SER C 1024 1.79 45.38 -26.95
C SER C 1024 0.51 45.73 -27.68
N LYS C 1025 0.27 45.08 -28.81
CA LYS C 1025 -0.94 45.25 -29.58
C LYS C 1025 -2.00 44.20 -29.25
N ARG C 1026 -1.69 43.24 -28.40
CA ARG C 1026 -2.68 42.23 -28.02
C ARG C 1026 -3.71 42.85 -27.09
N VAL C 1027 -4.96 42.39 -27.22
CA VAL C 1027 -6.06 43.00 -26.50
C VAL C 1027 -6.19 42.37 -25.12
N ASP C 1028 -6.42 43.23 -24.12
CA ASP C 1028 -6.61 42.78 -22.74
C ASP C 1028 -5.47 41.87 -22.30
N PHE C 1029 -4.27 42.08 -22.85
CA PHE C 1029 -3.06 41.41 -22.40
C PHE C 1029 -2.32 42.27 -21.39
N CYS C 1030 -1.83 43.42 -21.83
CA CYS C 1030 -1.16 44.37 -20.93
C CYS C 1030 -2.15 45.45 -20.47
N GLY C 1031 -3.19 45.00 -19.77
CA GLY C 1031 -4.13 45.91 -19.14
C GLY C 1031 -5.33 46.23 -20.01
N LYS C 1032 -6.42 46.63 -19.35
CA LYS C 1032 -7.69 46.92 -20.00
C LYS C 1032 -7.67 48.35 -20.53
N GLY C 1033 -7.74 48.49 -21.85
CA GLY C 1033 -7.60 49.75 -22.54
C GLY C 1033 -6.55 49.62 -23.61
N TYR C 1034 -6.12 50.76 -24.14
CA TYR C 1034 -5.05 50.78 -25.13
C TYR C 1034 -3.72 50.93 -24.39
N HIS C 1035 -2.88 49.90 -24.47
CA HIS C 1035 -1.68 49.84 -23.65
C HIS C 1035 -0.73 50.98 -23.98
N LEU C 1036 -0.07 51.53 -22.96
CA LEU C 1036 0.97 52.53 -23.15
C LEU C 1036 2.33 52.06 -22.68
N MET C 1037 2.43 51.47 -21.49
CA MET C 1037 3.69 50.97 -20.96
C MET C 1037 3.41 50.13 -19.73
N SER C 1038 4.45 49.72 -19.03
CA SER C 1038 4.28 48.98 -17.79
C SER C 1038 5.55 49.12 -16.96
N PHE C 1039 5.44 48.76 -15.68
CA PHE C 1039 6.52 48.87 -14.73
C PHE C 1039 6.52 47.62 -13.86
N PRO C 1040 7.66 46.96 -13.66
CA PRO C 1040 7.70 45.82 -12.76
C PRO C 1040 7.99 46.22 -11.32
N GLN C 1041 7.51 45.41 -10.40
CA GLN C 1041 7.87 45.53 -9.00
C GLN C 1041 7.98 44.14 -8.43
N SER C 1042 8.97 43.91 -7.57
CA SER C 1042 9.13 42.61 -6.95
C SER C 1042 8.23 42.50 -5.73
N ALA C 1043 7.77 41.28 -5.46
CA ALA C 1043 7.01 41.00 -4.25
C ALA C 1043 7.39 39.60 -3.79
N PRO C 1044 7.15 39.28 -2.54
CA PRO C 1044 7.55 37.95 -2.05
C PRO C 1044 7.01 36.84 -2.92
N HIS C 1045 7.89 36.15 -3.64
CA HIS C 1045 7.52 35.02 -4.49
C HIS C 1045 6.62 35.44 -5.64
N GLY C 1046 6.84 36.63 -6.20
CA GLY C 1046 5.98 37.07 -7.28
C GLY C 1046 6.38 38.42 -7.79
N VAL C 1047 5.63 38.88 -8.78
CA VAL C 1047 5.90 40.13 -9.47
C VAL C 1047 4.60 40.87 -9.70
N VAL C 1048 4.64 42.18 -9.58
CA VAL C 1048 3.47 43.05 -9.70
C VAL C 1048 3.73 44.04 -10.83
N PHE C 1049 2.89 44.02 -11.84
CA PHE C 1049 2.99 44.97 -12.95
C PHE C 1049 1.99 46.10 -12.73
N LEU C 1050 2.35 47.29 -13.19
CA LEU C 1050 1.48 48.47 -13.12
C LEU C 1050 1.19 48.89 -14.54
N HIS C 1051 0.19 48.26 -15.15
CA HIS C 1051 -0.09 48.51 -16.55
C HIS C 1051 -0.73 49.89 -16.71
N VAL C 1052 -0.10 50.74 -17.52
CA VAL C 1052 -0.63 52.06 -17.83
C VAL C 1052 -1.41 51.96 -19.14
N THR C 1053 -2.64 52.48 -19.15
CA THR C 1053 -3.51 52.30 -20.29
C THR C 1053 -4.26 53.58 -20.58
N TYR C 1054 -4.67 53.72 -21.83
CA TYR C 1054 -5.42 54.86 -22.34
C TYR C 1054 -6.86 54.42 -22.57
N VAL C 1055 -7.81 55.26 -22.14
CA VAL C 1055 -9.23 54.92 -22.20
C VAL C 1055 -10.03 56.15 -22.60
N PRO C 1056 -10.78 56.12 -23.70
CA PRO C 1056 -11.63 57.29 -24.02
C PRO C 1056 -12.74 57.46 -22.99
N ALA C 1057 -13.15 58.72 -22.78
CA ALA C 1057 -14.02 59.06 -21.67
C ALA C 1057 -15.37 59.60 -22.10
N GLN C 1058 -15.42 60.72 -22.81
CA GLN C 1058 -16.67 61.41 -23.12
C GLN C 1058 -16.99 61.22 -24.59
N GLU C 1059 -18.23 60.86 -24.89
CA GLU C 1059 -18.64 60.49 -26.24
C GLU C 1059 -19.65 61.49 -26.78
N LYS C 1060 -19.50 61.82 -28.06
CA LYS C 1060 -20.48 62.61 -28.80
C LYS C 1060 -20.62 62.00 -30.18
N ASN C 1061 -21.85 61.98 -30.70
CA ASN C 1061 -22.16 61.26 -31.92
C ASN C 1061 -22.58 62.19 -33.05
N PHE C 1062 -22.35 61.72 -34.27
CA PHE C 1062 -22.53 62.50 -35.48
C PHE C 1062 -23.10 61.58 -36.56
N THR C 1063 -23.29 62.16 -37.74
CA THR C 1063 -23.76 61.46 -38.92
C THR C 1063 -22.58 61.21 -39.84
N THR C 1064 -22.46 59.98 -40.34
CA THR C 1064 -21.29 59.55 -41.11
C THR C 1064 -21.73 58.96 -42.44
N ALA C 1065 -20.91 59.17 -43.46
CA ALA C 1065 -21.19 58.65 -44.80
C ALA C 1065 -19.92 58.05 -45.38
N PRO C 1066 -19.98 56.82 -45.92
CA PRO C 1066 -18.74 56.10 -46.24
C PRO C 1066 -17.87 56.78 -47.28
N ALA C 1067 -18.45 57.51 -48.23
CA ALA C 1067 -17.69 58.17 -49.28
C ALA C 1067 -18.19 59.61 -49.41
N ILE C 1068 -17.66 60.32 -50.39
CA ILE C 1068 -18.07 61.69 -50.68
C ILE C 1068 -17.89 61.97 -52.16
N CYS C 1069 -18.99 62.21 -52.86
CA CYS C 1069 -18.97 62.40 -54.32
C CYS C 1069 -18.73 63.87 -54.61
N HIS C 1070 -17.46 64.23 -54.88
CA HIS C 1070 -17.16 65.62 -55.21
C HIS C 1070 -17.74 66.00 -56.57
N ASP C 1071 -17.25 65.36 -57.63
CA ASP C 1071 -17.85 65.52 -58.96
C ASP C 1071 -17.61 64.21 -59.71
N GLY C 1072 -18.59 63.32 -59.63
CA GLY C 1072 -18.50 62.05 -60.33
C GLY C 1072 -17.33 61.18 -59.90
N LYS C 1073 -16.73 61.45 -58.74
CA LYS C 1073 -15.62 60.64 -58.23
C LYS C 1073 -15.85 60.40 -56.75
N ALA C 1074 -15.88 59.14 -56.35
CA ALA C 1074 -15.94 58.84 -54.94
C ALA C 1074 -14.65 59.25 -54.26
N HIS C 1075 -14.75 59.67 -53.01
CA HIS C 1075 -13.60 59.99 -52.18
C HIS C 1075 -13.71 59.24 -50.87
N PHE C 1076 -12.67 58.50 -50.52
CA PHE C 1076 -12.63 57.85 -49.23
C PHE C 1076 -11.54 58.47 -48.38
N PRO C 1077 -11.71 58.57 -47.07
CA PRO C 1077 -10.71 59.22 -46.23
C PRO C 1077 -9.43 58.39 -46.17
N ARG C 1078 -8.29 59.04 -46.40
CA ARG C 1078 -7.04 58.30 -46.38
C ARG C 1078 -6.80 57.66 -45.02
N GLU C 1079 -7.04 58.41 -43.95
CA GLU C 1079 -6.96 57.87 -42.59
C GLU C 1079 -7.85 58.71 -41.70
N GLY C 1080 -8.92 58.12 -41.20
CA GLY C 1080 -9.92 58.78 -40.42
C GLY C 1080 -11.29 58.33 -40.83
N VAL C 1081 -12.30 59.13 -40.48
CA VAL C 1081 -13.68 58.84 -40.82
C VAL C 1081 -14.40 60.17 -41.02
N PHE C 1082 -15.36 60.19 -41.93
CA PHE C 1082 -16.16 61.38 -42.16
C PHE C 1082 -17.21 61.51 -41.06
N VAL C 1083 -17.46 62.74 -40.63
CA VAL C 1083 -18.50 63.05 -39.66
C VAL C 1083 -18.95 64.48 -39.89
N SER C 1084 -20.23 64.73 -39.63
CA SER C 1084 -20.79 66.06 -39.80
C SER C 1084 -21.54 66.48 -38.54
N ASN C 1085 -21.36 67.74 -38.15
CA ASN C 1085 -22.08 68.30 -37.01
C ASN C 1085 -23.42 68.90 -37.42
N GLY C 1086 -23.94 68.52 -38.59
CA GLY C 1086 -25.23 68.97 -39.08
C GLY C 1086 -25.15 69.98 -40.20
N THR C 1087 -24.01 70.63 -40.41
CA THR C 1087 -23.90 71.67 -41.42
C THR C 1087 -22.68 71.49 -42.31
N HIS C 1088 -21.60 70.94 -41.76
CA HIS C 1088 -20.35 70.77 -42.49
C HIS C 1088 -19.85 69.35 -42.29
N TRP C 1089 -18.95 68.94 -43.18
CA TRP C 1089 -18.35 67.61 -43.15
C TRP C 1089 -16.87 67.70 -42.88
N PHE C 1090 -16.39 66.91 -41.92
CA PHE C 1090 -15.00 66.89 -41.48
C PHE C 1090 -14.52 65.45 -41.40
N VAL C 1091 -13.28 65.23 -41.84
CA VAL C 1091 -12.63 63.94 -41.66
C VAL C 1091 -11.80 63.99 -40.39
N THR C 1092 -12.10 63.12 -39.44
CA THR C 1092 -11.44 63.14 -38.14
C THR C 1092 -10.91 61.76 -37.80
N GLN C 1093 -9.81 61.73 -37.07
CA GLN C 1093 -9.27 60.47 -36.57
C GLN C 1093 -10.33 59.78 -35.70
N ARG C 1094 -10.12 58.49 -35.47
CA ARG C 1094 -11.17 57.64 -34.95
C ARG C 1094 -11.04 57.35 -33.44
N ASN C 1095 -10.19 58.08 -32.73
CA ASN C 1095 -10.03 57.86 -31.30
C ASN C 1095 -9.92 59.14 -30.49
N PHE C 1096 -9.99 60.30 -31.12
CA PHE C 1096 -9.95 61.57 -30.39
C PHE C 1096 -10.53 62.63 -31.31
N TYR C 1097 -11.76 63.06 -31.02
CA TYR C 1097 -12.46 63.97 -31.90
C TYR C 1097 -11.58 65.17 -32.24
N GLU C 1098 -11.38 65.39 -33.54
CA GLU C 1098 -10.57 66.50 -34.01
C GLU C 1098 -10.94 66.84 -35.44
N PRO C 1099 -11.95 67.69 -35.66
CA PRO C 1099 -12.39 67.97 -37.02
C PRO C 1099 -11.30 68.64 -37.84
N GLN C 1100 -11.29 68.31 -39.13
CA GLN C 1100 -10.35 68.91 -40.08
C GLN C 1100 -11.07 69.11 -41.40
N ILE C 1101 -10.92 70.30 -41.99
CA ILE C 1101 -11.52 70.56 -43.29
C ILE C 1101 -11.10 69.47 -44.25
N ILE C 1102 -12.03 69.05 -45.09
CA ILE C 1102 -11.77 67.98 -46.06
C ILE C 1102 -11.08 68.58 -47.27
N THR C 1103 -9.94 68.01 -47.63
CA THR C 1103 -9.18 68.43 -48.80
C THR C 1103 -8.69 67.18 -49.51
N THR C 1104 -7.91 67.38 -50.58
CA THR C 1104 -7.48 66.26 -51.40
C THR C 1104 -6.41 65.42 -50.71
N ASP C 1105 -5.54 66.04 -49.91
CA ASP C 1105 -4.38 65.33 -49.40
C ASP C 1105 -4.75 64.23 -48.40
N ASN C 1106 -5.89 64.36 -47.72
CA ASN C 1106 -6.31 63.36 -46.75
C ASN C 1106 -7.42 62.45 -47.29
N THR C 1107 -7.74 62.53 -48.58
CA THR C 1107 -8.73 61.68 -49.21
C THR C 1107 -8.16 61.12 -50.50
N PHE C 1108 -8.57 59.89 -50.85
CA PHE C 1108 -8.14 59.27 -52.09
C PHE C 1108 -9.35 58.79 -52.88
N VAL C 1109 -9.23 58.83 -54.20
CA VAL C 1109 -10.33 58.58 -55.12
C VAL C 1109 -10.27 57.15 -55.63
N SER C 1110 -11.44 56.56 -55.85
CA SER C 1110 -11.49 55.20 -56.39
C SER C 1110 -12.86 55.00 -57.04
N GLY C 1111 -12.91 55.10 -58.36
CA GLY C 1111 -14.13 54.82 -59.08
C GLY C 1111 -15.00 56.05 -59.31
N ASN C 1112 -16.27 55.78 -59.59
CA ASN C 1112 -17.25 56.82 -59.87
C ASN C 1112 -18.41 56.70 -58.89
N CYS C 1113 -19.16 57.79 -58.77
CA CYS C 1113 -20.30 57.81 -57.87
C CYS C 1113 -21.42 56.91 -58.39
N ASP C 1114 -22.38 56.62 -57.50
CA ASP C 1114 -23.55 55.79 -57.75
C ASP C 1114 -23.24 54.31 -57.63
N VAL C 1115 -22.00 53.93 -57.28
CA VAL C 1115 -21.66 52.53 -57.08
C VAL C 1115 -21.60 52.16 -55.60
N VAL C 1116 -21.53 53.13 -54.70
CA VAL C 1116 -21.39 52.91 -53.27
C VAL C 1116 -22.65 53.36 -52.57
N ILE C 1117 -23.12 52.55 -51.63
CA ILE C 1117 -24.30 52.92 -50.83
C ILE C 1117 -23.89 53.94 -49.78
N GLY C 1118 -24.66 55.02 -49.68
CA GLY C 1118 -24.43 56.02 -48.64
C GLY C 1118 -23.58 57.19 -49.04
N ILE C 1119 -23.02 57.20 -50.26
CA ILE C 1119 -22.22 58.33 -50.69
C ILE C 1119 -23.09 59.58 -50.71
N VAL C 1120 -22.51 60.72 -50.28
CA VAL C 1120 -23.25 61.96 -50.13
C VAL C 1120 -22.51 63.09 -50.83
N ASN C 1121 -23.27 63.99 -51.46
CA ASN C 1121 -22.70 65.14 -52.13
C ASN C 1121 -21.98 66.03 -51.12
N ASN C 1122 -20.92 66.68 -51.59
CA ASN C 1122 -20.17 67.64 -50.78
C ASN C 1122 -19.05 68.24 -51.62
N THR C 1123 -18.47 69.34 -51.16
CA THR C 1123 -17.36 69.99 -51.84
C THR C 1123 -16.06 69.65 -51.14
N VAL C 1124 -15.05 69.25 -51.91
CA VAL C 1124 -13.72 68.95 -51.39
C VAL C 1124 -12.77 70.03 -51.88
N TYR C 1125 -12.14 70.73 -50.94
CA TYR C 1125 -11.27 71.85 -51.28
C TYR C 1125 -10.05 71.34 -52.05
N ASP C 1126 -9.47 72.25 -52.83
CA ASP C 1126 -8.26 71.96 -53.60
C ASP C 1126 -7.11 72.80 -53.08
N PRO C 1127 -6.14 72.22 -52.37
CA PRO C 1127 -5.04 73.04 -51.86
C PRO C 1127 -4.27 73.78 -52.94
N LEU C 1128 -4.07 73.15 -54.11
CA LEU C 1128 -3.24 73.73 -55.15
C LEU C 1128 -3.94 74.85 -55.91
N GLN C 1129 -5.26 74.76 -56.07
CA GLN C 1129 -5.96 75.73 -56.91
C GLN C 1129 -5.77 77.17 -56.45
N PRO C 1130 -5.93 77.53 -55.18
CA PRO C 1130 -5.77 78.94 -54.80
C PRO C 1130 -4.39 79.48 -55.11
N GLU C 1131 -3.35 78.66 -54.97
CA GLU C 1131 -2.00 79.12 -55.28
C GLU C 1131 -1.87 79.47 -56.75
N LEU C 1132 -2.43 78.64 -57.63
CA LEU C 1132 -2.42 78.96 -59.06
C LEU C 1132 -3.22 80.23 -59.33
N ASP C 1133 -4.38 80.36 -58.68
CA ASP C 1133 -5.17 81.58 -58.84
C ASP C 1133 -4.41 82.79 -58.31
N SER C 1134 -3.74 82.62 -57.18
CA SER C 1134 -2.98 83.72 -56.58
C SER C 1134 -1.90 84.24 -57.53
N ASP D 1 96.10 -48.64 1.08
CA ASP D 1 96.29 -48.28 2.52
C ASP D 1 97.34 -47.19 2.67
N ILE D 2 96.95 -46.08 3.31
CA ILE D 2 97.85 -44.97 3.54
C ILE D 2 98.54 -45.21 4.88
N VAL D 3 99.79 -45.65 4.82
CA VAL D 3 100.54 -45.99 6.04
C VAL D 3 100.81 -44.72 6.82
N MET D 4 100.14 -44.55 7.95
CA MET D 4 100.31 -43.40 8.82
C MET D 4 101.11 -43.82 10.05
N THR D 5 102.18 -43.09 10.35
CA THR D 5 103.03 -43.40 11.48
C THR D 5 103.70 -42.12 11.96
N GLN D 6 103.63 -41.87 13.26
CA GLN D 6 104.30 -40.72 13.87
C GLN D 6 105.71 -41.15 14.25
N THR D 7 106.71 -40.52 13.62
CA THR D 7 108.09 -40.94 13.83
C THR D 7 108.49 -40.89 15.30
N PRO D 8 108.20 -39.84 16.07
CA PRO D 8 108.63 -39.79 17.47
C PRO D 8 107.63 -40.43 18.42
N LEU D 9 108.17 -40.89 19.55
CA LEU D 9 107.38 -41.50 20.61
C LEU D 9 107.22 -40.59 21.81
N SER D 10 108.24 -39.81 22.14
CA SER D 10 108.20 -38.86 23.25
C SER D 10 108.80 -37.53 22.80
N SER D 11 108.39 -36.46 23.47
CA SER D 11 108.82 -35.11 23.10
C SER D 11 108.95 -34.25 24.35
N PRO D 12 110.03 -34.41 25.10
CA PRO D 12 110.30 -33.46 26.19
C PRO D 12 110.83 -32.14 25.64
N VAL D 13 110.20 -31.04 26.05
CA VAL D 13 110.51 -29.73 25.51
C VAL D 13 110.45 -28.69 26.64
N THR D 14 111.30 -27.67 26.53
CA THR D 14 111.29 -26.57 27.48
C THR D 14 110.28 -25.52 27.04
N LEU D 15 109.73 -24.81 28.03
CA LEU D 15 108.69 -23.83 27.76
C LEU D 15 109.21 -22.71 26.87
N GLY D 16 108.35 -22.22 25.99
CA GLY D 16 108.68 -21.07 25.16
C GLY D 16 109.46 -21.39 23.90
N GLN D 17 108.95 -22.29 23.06
CA GLN D 17 109.62 -22.62 21.81
C GLN D 17 108.66 -23.39 20.92
N PRO D 18 108.62 -23.12 19.62
CA PRO D 18 107.76 -23.90 18.72
C PRO D 18 108.12 -25.38 18.75
N ALA D 19 107.09 -26.22 18.69
CA ALA D 19 107.28 -27.66 18.64
C ALA D 19 106.14 -28.26 17.83
N SER D 20 106.38 -29.44 17.27
CA SER D 20 105.41 -30.08 16.39
C SER D 20 105.77 -31.55 16.24
N ILE D 21 104.97 -32.26 15.43
CA ILE D 21 105.12 -33.69 15.20
C ILE D 21 104.92 -33.95 13.72
N SER D 22 105.67 -34.92 13.18
CA SER D 22 105.52 -35.31 11.79
C SER D 22 104.54 -36.47 11.68
N CYS D 23 103.80 -36.49 10.56
CA CYS D 23 102.81 -37.53 10.31
C CYS D 23 102.95 -37.93 8.84
N ARG D 24 103.77 -38.95 8.58
CA ARG D 24 104.04 -39.38 7.22
C ARG D 24 102.89 -40.21 6.65
N SER D 25 102.86 -40.30 5.34
CA SER D 25 101.85 -41.07 4.63
C SER D 25 102.50 -41.77 3.45
N SER D 26 102.16 -43.06 3.28
CA SER D 26 102.72 -43.83 2.17
C SER D 26 102.30 -43.24 0.83
N GLN D 27 101.04 -42.85 0.70
CA GLN D 27 100.50 -42.29 -0.52
C GLN D 27 99.86 -40.93 -0.22
N SER D 28 99.55 -40.20 -1.29
CA SER D 28 99.04 -38.84 -1.14
C SER D 28 97.68 -38.85 -0.45
N LEU D 29 97.39 -37.76 0.27
CA LEU D 29 96.15 -37.59 0.99
C LEU D 29 95.14 -36.73 0.23
N VAL D 30 95.42 -36.42 -1.03
CA VAL D 30 94.50 -35.58 -1.80
C VAL D 30 93.12 -36.22 -1.83
N HIS D 31 92.10 -35.39 -1.66
CA HIS D 31 90.71 -35.85 -1.60
C HIS D 31 90.02 -35.63 -2.94
N SER D 32 88.96 -36.39 -3.16
CA SER D 32 88.22 -36.29 -4.42
C SER D 32 87.58 -34.91 -4.60
N ASP D 33 87.24 -34.25 -3.49
CA ASP D 33 86.63 -32.93 -3.57
C ASP D 33 87.60 -31.85 -4.07
N GLY D 34 88.89 -32.16 -4.16
CA GLY D 34 89.89 -31.21 -4.60
C GLY D 34 90.51 -30.38 -3.50
N ASN D 35 90.06 -30.53 -2.26
CA ASN D 35 90.61 -29.82 -1.11
C ASN D 35 91.17 -30.82 -0.12
N THR D 36 92.38 -30.57 0.36
CA THR D 36 93.03 -31.48 1.28
C THR D 36 92.38 -31.39 2.67
N TYR D 37 92.45 -32.48 3.41
CA TYR D 37 91.89 -32.57 4.76
C TYR D 37 92.95 -33.08 5.72
N LEU D 38 92.84 -32.65 6.98
CA LEU D 38 93.77 -33.04 8.02
C LEU D 38 93.02 -33.07 9.35
N SER D 39 93.57 -33.81 10.31
CA SER D 39 92.95 -33.91 11.63
C SER D 39 94.03 -34.19 12.66
N TRP D 40 93.87 -33.59 13.84
CA TRP D 40 94.77 -33.79 14.96
C TRP D 40 93.97 -33.88 16.25
N LEU D 41 94.29 -34.89 17.07
CA LEU D 41 93.66 -35.14 18.35
C LEU D 41 94.69 -35.00 19.46
N GLN D 42 94.32 -34.29 20.52
CA GLN D 42 95.14 -34.13 21.72
C GLN D 42 94.41 -34.80 22.88
N GLN D 43 95.09 -35.75 23.53
CA GLN D 43 94.54 -36.49 24.67
C GLN D 43 95.34 -36.12 25.91
N ARG D 44 94.80 -35.23 26.73
CA ARG D 44 95.48 -34.89 27.96
C ARG D 44 95.53 -36.11 28.88
N PRO D 45 96.54 -36.20 29.77
CA PRO D 45 96.70 -37.39 30.61
C PRO D 45 95.40 -37.83 31.27
N GLY D 46 94.96 -39.05 30.94
CA GLY D 46 93.70 -39.55 31.49
C GLY D 46 92.49 -38.78 31.03
N GLN D 47 92.49 -38.29 29.80
CA GLN D 47 91.40 -37.51 29.23
C GLN D 47 91.07 -38.05 27.84
N PRO D 48 89.84 -37.82 27.36
CA PRO D 48 89.51 -38.23 26.00
C PRO D 48 90.33 -37.44 25.00
N PRO D 49 90.66 -38.03 23.83
CA PRO D 49 91.37 -37.26 22.82
C PRO D 49 90.56 -36.06 22.35
N ARG D 50 91.03 -34.87 22.71
CA ARG D 50 90.38 -33.63 22.29
C ARG D 50 90.82 -33.30 20.87
N LEU D 51 89.84 -33.21 19.97
CA LEU D 51 90.15 -32.95 18.57
C LEU D 51 90.79 -31.57 18.44
N LEU D 52 92.11 -31.53 18.23
CA LEU D 52 92.77 -30.26 18.02
C LEU D 52 92.28 -29.59 16.75
N ILE D 53 92.16 -30.36 15.66
CA ILE D 53 91.65 -29.85 14.40
C ILE D 53 90.91 -30.97 13.69
N TYR D 54 89.73 -30.66 13.16
CA TYR D 54 89.09 -31.54 12.18
C TYR D 54 89.55 -31.22 10.77
N LYS D 55 90.05 -30.00 10.55
CA LYS D 55 90.65 -29.59 9.30
C LYS D 55 91.75 -28.58 9.59
N ILE D 56 92.85 -28.68 8.86
CA ILE D 56 93.96 -27.76 9.08
C ILE D 56 93.53 -26.33 8.79
N SER D 57 92.76 -26.14 7.71
CA SER D 57 92.29 -24.80 7.38
C SER D 57 91.39 -24.24 8.46
N ASN D 58 90.49 -25.08 9.00
CA ASN D 58 89.57 -24.68 10.06
C ASN D 58 89.79 -25.59 11.25
N ARG D 59 90.50 -25.08 12.26
CA ARG D 59 90.80 -25.87 13.44
C ARG D 59 89.58 -26.02 14.33
N PHE D 60 89.65 -26.97 15.26
CA PHE D 60 88.53 -27.29 16.11
C PHE D 60 88.27 -26.17 17.12
N SER D 61 87.04 -26.14 17.63
CA SER D 61 86.67 -25.12 18.61
C SER D 61 87.45 -25.31 19.89
N GLY D 62 88.12 -24.24 20.34
CA GLY D 62 88.88 -24.29 21.57
C GLY D 62 90.32 -24.72 21.35
N VAL D 63 91.01 -24.06 20.42
CA VAL D 63 92.39 -24.34 20.10
C VAL D 63 93.20 -23.08 20.38
N PRO D 64 94.31 -23.16 21.12
CA PRO D 64 95.07 -21.94 21.43
C PRO D 64 95.68 -21.34 20.17
N ASP D 65 95.93 -20.02 20.25
CA ASP D 65 96.57 -19.33 19.13
C ASP D 65 97.92 -19.95 18.81
N ARG D 66 98.56 -20.59 19.79
CA ARG D 66 99.82 -21.28 19.55
C ARG D 66 99.72 -22.20 18.34
N PHE D 67 98.82 -23.17 18.40
CA PHE D 67 98.72 -24.18 17.36
C PHE D 67 98.34 -23.54 16.03
N SER D 68 99.24 -23.64 15.05
CA SER D 68 98.97 -23.17 13.70
C SER D 68 99.46 -24.21 12.70
N GLY D 69 98.78 -24.28 11.56
CA GLY D 69 99.16 -25.24 10.55
C GLY D 69 100.49 -24.89 9.90
N SER D 70 101.25 -25.93 9.55
CA SER D 70 102.49 -25.76 8.81
C SER D 70 102.98 -27.15 8.40
N GLY D 71 104.12 -27.19 7.73
CA GLY D 71 104.74 -28.46 7.40
C GLY D 71 105.49 -28.47 6.09
N ALA D 72 106.06 -29.62 5.77
CA ALA D 72 106.81 -29.82 4.52
C ALA D 72 106.35 -31.12 3.90
N GLY D 73 105.58 -31.03 2.81
CA GLY D 73 105.16 -32.22 2.11
C GLY D 73 104.45 -33.19 3.03
N THR D 74 104.96 -34.43 3.11
CA THR D 74 104.31 -35.45 3.92
C THR D 74 104.31 -35.07 5.40
N ASP D 75 105.35 -34.39 5.85
CA ASP D 75 105.46 -34.04 7.27
C ASP D 75 104.57 -32.86 7.59
N PHE D 76 103.77 -32.98 8.65
CA PHE D 76 102.93 -31.90 9.15
C PHE D 76 103.61 -31.22 10.31
N THR D 77 103.03 -30.09 10.74
CA THR D 77 103.64 -29.28 11.79
C THR D 77 102.56 -28.46 12.47
N LEU D 78 102.44 -28.62 13.78
CA LEU D 78 101.56 -27.82 14.62
C LEU D 78 102.43 -26.75 15.27
N LYS D 79 102.71 -25.69 14.52
CA LYS D 79 103.58 -24.64 15.01
C LYS D 79 103.01 -24.02 16.28
N ILE D 80 103.90 -23.65 17.19
CA ILE D 80 103.55 -23.09 18.49
C ILE D 80 104.39 -21.85 18.72
N SER D 81 103.75 -20.80 19.26
CA SER D 81 104.48 -19.59 19.62
C SER D 81 105.15 -19.74 20.98
N ARG D 82 104.38 -20.09 22.00
CA ARG D 82 104.91 -20.31 23.35
C ARG D 82 104.15 -21.49 23.95
N VAL D 83 104.87 -22.59 24.21
CA VAL D 83 104.22 -23.83 24.62
C VAL D 83 103.59 -23.67 25.99
N GLU D 84 102.52 -24.44 26.22
CA GLU D 84 101.79 -24.44 27.49
C GLU D 84 101.91 -25.81 28.13
N ALA D 85 101.76 -25.82 29.46
CA ALA D 85 102.02 -27.05 30.22
C ALA D 85 100.96 -28.11 29.94
N GLU D 86 99.69 -27.70 29.78
CA GLU D 86 98.60 -28.68 29.68
C GLU D 86 98.85 -29.69 28.57
N ASP D 87 99.52 -29.29 27.49
CA ASP D 87 99.80 -30.20 26.40
C ASP D 87 100.91 -31.17 26.81
N VAL D 88 100.57 -32.15 27.65
CA VAL D 88 101.55 -33.09 28.19
C VAL D 88 101.02 -34.50 28.01
N GLY D 89 100.13 -34.71 27.03
CA GLY D 89 99.47 -35.97 26.83
C GLY D 89 99.72 -36.56 25.45
N VAL D 90 98.95 -37.61 25.14
CA VAL D 90 99.11 -38.31 23.88
C VAL D 90 98.63 -37.44 22.72
N TYR D 91 99.17 -37.73 21.54
CA TYR D 91 98.81 -37.03 20.30
C TYR D 91 98.47 -38.05 19.23
N TYR D 92 97.52 -37.69 18.37
CA TYR D 92 97.16 -38.53 17.24
C TYR D 92 96.99 -37.66 16.00
N CYS D 93 97.47 -38.14 14.86
CA CYS D 93 97.25 -37.49 13.58
C CYS D 93 96.37 -38.38 12.72
N MET D 94 95.28 -37.81 12.22
CA MET D 94 94.27 -38.52 11.47
C MET D 94 94.02 -37.83 10.14
N GLN D 95 93.64 -38.61 9.14
CA GLN D 95 93.21 -38.10 7.85
C GLN D 95 91.79 -38.58 7.59
N VAL D 96 90.89 -37.64 7.31
CA VAL D 96 89.48 -37.96 7.09
C VAL D 96 89.22 -38.09 5.60
N THR D 97 90.28 -38.29 4.82
CA THR D 97 90.15 -38.36 3.37
C THR D 97 89.46 -39.64 2.93
N GLN D 98 89.81 -40.77 3.56
CA GLN D 98 89.38 -42.08 3.09
C GLN D 98 88.57 -42.80 4.16
N PHE D 99 87.85 -43.83 3.71
CA PHE D 99 86.87 -44.55 4.51
C PHE D 99 87.50 -45.56 5.47
N PRO D 100 88.58 -46.23 5.09
CA PRO D 100 89.23 -47.15 6.05
C PRO D 100 89.68 -46.46 7.33
N TYR D 101 90.13 -45.21 7.27
CA TYR D 101 90.54 -44.46 8.45
C TYR D 101 91.62 -45.20 9.24
N THR D 102 92.78 -45.33 8.58
CA THR D 102 93.95 -45.93 9.20
C THR D 102 94.72 -44.86 9.99
N PHE D 103 95.14 -45.23 11.20
CA PHE D 103 95.80 -44.31 12.11
C PHE D 103 97.21 -44.79 12.43
N GLY D 104 98.00 -43.87 13.00
CA GLY D 104 99.33 -44.21 13.48
C GLY D 104 99.31 -44.66 14.93
N GLN D 105 100.49 -45.05 15.42
CA GLN D 105 100.60 -45.53 16.79
C GLN D 105 100.27 -44.43 17.79
N GLY D 106 100.79 -43.22 17.57
CA GLY D 106 100.56 -42.12 18.47
C GLY D 106 101.85 -41.54 19.03
N THR D 107 101.76 -40.38 19.68
CA THR D 107 102.91 -39.72 20.26
C THR D 107 102.53 -39.18 21.64
N LYS D 108 103.53 -39.10 22.52
CA LYS D 108 103.35 -38.61 23.88
C LYS D 108 104.18 -37.35 24.08
N LEU D 109 103.61 -36.36 24.76
CA LEU D 109 104.26 -35.09 25.02
C LEU D 109 104.61 -35.00 26.50
N GLU D 110 105.84 -34.61 26.80
CA GLU D 110 106.35 -34.57 28.16
C GLU D 110 107.07 -33.25 28.41
N ILE D 111 107.36 -32.99 29.68
CA ILE D 111 108.08 -31.80 30.11
C ILE D 111 109.54 -32.18 30.33
N LYS D 112 110.45 -31.35 29.82
CA LYS D 112 111.87 -31.62 29.97
C LYS D 112 112.25 -31.73 31.43
N ARG D 113 112.99 -32.77 31.77
CA ARG D 113 113.44 -33.00 33.15
C ARG D 113 114.78 -33.72 33.16
N GLN E 1 -39.30 13.70 72.68
CA GLN E 1 -39.99 12.66 73.49
C GLN E 1 -39.04 12.06 74.52
N VAL E 2 -39.02 12.66 75.71
CA VAL E 2 -38.07 12.30 76.76
C VAL E 2 -38.73 11.30 77.70
N ARG E 3 -38.03 10.21 77.99
CA ARG E 3 -38.48 9.19 78.93
C ARG E 3 -37.37 8.98 79.96
N VAL E 4 -37.40 9.77 81.02
CA VAL E 4 -36.43 9.63 82.10
C VAL E 4 -36.85 8.46 82.97
N VAL E 5 -35.96 7.47 83.09
CA VAL E 5 -36.25 6.22 83.80
C VAL E 5 -35.31 6.10 84.98
N GLN E 6 -35.88 5.84 86.16
CA GLN E 6 -35.10 5.68 87.38
C GLN E 6 -35.68 4.51 88.18
N SER E 7 -34.92 4.07 89.18
CA SER E 7 -35.38 3.01 90.05
C SER E 7 -36.46 3.54 90.99
N GLY E 8 -37.26 2.61 91.51
CA GLY E 8 -38.36 2.98 92.39
C GLY E 8 -37.92 3.48 93.74
N ALA E 9 -37.27 2.61 94.52
CA ALA E 9 -36.81 2.98 95.85
C ALA E 9 -35.58 2.15 96.20
N GLU E 10 -34.81 2.66 97.15
CA GLU E 10 -33.60 1.99 97.63
C GLU E 10 -33.65 1.89 99.14
N VAL E 11 -33.32 0.73 99.67
CA VAL E 11 -33.32 0.48 101.11
C VAL E 11 -31.97 -0.14 101.46
N LYS E 12 -31.04 0.68 101.93
CA LYS E 12 -29.73 0.24 102.37
C LYS E 12 -29.56 0.55 103.85
N ASN E 13 -28.79 -0.30 104.54
CA ASN E 13 -28.54 -0.06 105.95
C ASN E 13 -27.78 1.26 106.11
N PRO E 14 -27.98 1.96 107.24
CA PRO E 14 -27.28 3.23 107.42
C PRO E 14 -25.78 3.07 107.27
N GLY E 15 -25.16 4.03 106.57
CA GLY E 15 -23.74 3.99 106.34
C GLY E 15 -23.30 3.11 105.18
N ALA E 16 -24.21 2.72 104.30
CA ALA E 16 -23.91 1.83 103.18
C ALA E 16 -24.08 2.54 101.85
N SER E 17 -23.63 1.86 100.79
CA SER E 17 -23.68 2.41 99.44
C SER E 17 -25.03 2.13 98.80
N VAL E 18 -25.64 3.17 98.24
CA VAL E 18 -26.91 3.09 97.53
C VAL E 18 -26.69 3.57 96.12
N LYS E 19 -26.93 2.69 95.15
CA LYS E 19 -26.71 3.00 93.74
C LYS E 19 -28.07 3.26 93.08
N VAL E 20 -28.30 4.52 92.70
CA VAL E 20 -29.54 4.94 92.05
C VAL E 20 -29.25 5.14 90.57
N SER E 21 -30.08 4.54 89.72
CA SER E 21 -29.85 4.51 88.29
C SER E 21 -30.53 5.69 87.60
N CYS E 22 -30.24 5.85 86.31
CA CYS E 22 -30.79 6.92 85.51
C CYS E 22 -30.63 6.59 84.04
N LYS E 23 -31.72 6.72 83.29
CA LYS E 23 -31.75 6.49 81.86
C LYS E 23 -32.72 7.50 81.24
N VAL E 24 -32.29 8.14 80.16
CA VAL E 24 -33.08 9.19 79.52
C VAL E 24 -33.13 8.95 78.02
N SER E 25 -34.21 9.44 77.41
CA SER E 25 -34.43 9.37 75.97
C SER E 25 -34.88 10.75 75.48
N GLY E 26 -35.13 10.85 74.18
CA GLY E 26 -35.59 12.09 73.60
C GLY E 26 -34.50 13.14 73.57
N TYR E 27 -34.14 13.64 74.75
CA TYR E 27 -33.00 14.55 74.90
C TYR E 27 -31.82 13.73 75.39
N THR E 28 -30.79 13.62 74.55
CA THR E 28 -29.67 12.74 74.86
C THR E 28 -29.00 13.17 76.16
N LEU E 29 -28.59 12.17 76.95
CA LEU E 29 -27.91 12.47 78.21
C LEU E 29 -26.70 13.36 77.99
N THR E 30 -26.02 13.21 76.85
CA THR E 30 -24.87 14.06 76.55
C THR E 30 -25.28 15.52 76.44
N GLU E 31 -26.40 15.79 75.74
CA GLU E 31 -26.85 17.17 75.58
C GLU E 31 -27.15 17.81 76.93
N LEU E 32 -27.95 17.13 77.75
CA LEU E 32 -28.29 17.61 79.09
C LEU E 32 -27.96 16.52 80.09
N SER E 33 -27.18 16.86 81.10
CA SER E 33 -26.69 15.91 82.08
C SER E 33 -27.41 16.09 83.41
N ILE E 34 -27.05 15.25 84.37
CA ILE E 34 -27.77 15.17 85.65
C ILE E 34 -27.07 16.04 86.68
N HIS E 35 -27.79 17.03 87.19
CA HIS E 35 -27.37 17.76 88.40
C HIS E 35 -28.04 17.07 89.58
N TRP E 36 -27.48 15.92 89.96
CA TRP E 36 -28.03 15.11 91.04
C TRP E 36 -28.32 15.97 92.25
N VAL E 37 -29.61 16.12 92.57
CA VAL E 37 -30.06 16.97 93.67
C VAL E 37 -31.03 16.15 94.51
N ARG E 38 -30.57 15.70 95.68
CA ARG E 38 -31.38 14.89 96.58
C ARG E 38 -32.30 15.79 97.37
N GLN E 39 -33.57 15.38 97.53
CA GLN E 39 -34.54 16.10 98.31
C GLN E 39 -35.25 15.12 99.22
N ALA E 40 -35.33 15.43 100.51
CA ALA E 40 -36.10 14.58 101.40
C ALA E 40 -37.57 14.65 101.00
N PRO E 41 -38.35 13.59 101.27
CA PRO E 41 -39.74 13.55 100.76
C PRO E 41 -40.50 14.84 101.05
N GLY E 42 -40.83 15.57 100.00
CA GLY E 42 -41.51 16.85 100.17
C GLY E 42 -40.69 17.86 100.94
N ASN E 43 -39.39 17.91 100.69
CA ASN E 43 -38.49 18.83 101.38
C ASN E 43 -37.69 19.63 100.37
N GLY E 44 -36.90 20.57 100.89
CA GLY E 44 -36.03 21.39 100.06
C GLY E 44 -35.01 20.59 99.29
N LEU E 45 -34.85 20.90 98.00
CA LEU E 45 -33.82 20.28 97.20
C LEU E 45 -32.44 20.51 97.81
N GLU E 46 -31.63 19.47 97.84
CA GLU E 46 -30.26 19.53 98.35
C GLU E 46 -29.30 19.16 97.23
N TRP E 47 -28.28 19.99 97.04
CA TRP E 47 -27.39 19.85 95.88
C TRP E 47 -26.43 18.68 96.07
N MET E 48 -26.96 17.46 96.10
CA MET E 48 -26.11 16.28 96.25
C MET E 48 -25.16 16.12 95.07
N GLY E 49 -25.50 16.69 93.92
CA GLY E 49 -24.66 16.57 92.75
C GLY E 49 -24.93 17.64 91.71
N GLY E 50 -23.86 18.23 91.17
CA GLY E 50 -23.99 19.19 90.10
C GLY E 50 -23.07 18.88 88.95
N PHE E 51 -23.62 18.61 87.77
CA PHE E 51 -22.82 18.36 86.59
C PHE E 51 -22.34 19.68 86.00
N ASP E 52 -21.04 19.93 86.10
CA ASP E 52 -20.45 21.13 85.50
C ASP E 52 -20.09 20.83 84.06
N PRO E 53 -20.66 21.52 83.07
CA PRO E 53 -20.26 21.24 81.68
C PRO E 53 -18.77 21.44 81.44
N GLU E 54 -18.13 22.36 82.17
CA GLU E 54 -16.69 22.53 82.06
C GLU E 54 -15.95 21.29 82.58
N ASP E 55 -16.36 20.80 83.75
CA ASP E 55 -15.72 19.62 84.33
C ASP E 55 -16.17 18.33 83.65
N GLY E 56 -17.42 18.28 83.20
CA GLY E 56 -17.93 17.05 82.60
C GLY E 56 -18.24 15.96 83.59
N GLU E 57 -18.44 16.32 84.87
CA GLU E 57 -18.72 15.33 85.90
C GLU E 57 -19.53 16.01 87.01
N THR E 58 -20.02 15.20 87.93
CA THR E 58 -20.91 15.66 89.00
C THR E 58 -20.10 15.92 90.27
N ILE E 59 -20.17 17.16 90.75
CA ILE E 59 -19.53 17.54 92.00
C ILE E 59 -20.52 17.33 93.13
N TYR E 60 -20.08 16.69 94.21
CA TYR E 60 -20.96 16.22 95.27
C TYR E 60 -21.32 17.35 96.22
N ALA E 61 -22.01 16.99 97.31
CA ALA E 61 -22.47 17.94 98.30
C ALA E 61 -21.55 17.96 99.52
N GLN E 62 -21.59 19.07 100.25
CA GLN E 62 -20.76 19.20 101.45
C GLN E 62 -21.17 18.21 102.53
N LYS E 63 -22.47 18.05 102.76
CA LYS E 63 -22.93 17.14 103.80
C LYS E 63 -22.53 15.70 103.48
N PHE E 64 -22.65 15.31 102.22
CA PHE E 64 -22.32 13.95 101.78
C PHE E 64 -20.91 13.85 101.22
N GLN E 65 -20.01 14.73 101.64
CA GLN E 65 -18.67 14.77 101.07
C GLN E 65 -17.90 13.50 101.42
N GLY E 66 -17.02 13.09 100.50
CA GLY E 66 -16.18 11.94 100.72
C GLY E 66 -16.93 10.65 100.97
N ARG E 67 -18.18 10.56 100.52
CA ARG E 67 -19.02 9.40 100.80
C ARG E 67 -19.87 9.02 99.59
N VAL E 68 -19.43 9.33 98.38
CA VAL E 68 -20.25 9.11 97.19
C VAL E 68 -19.36 9.04 95.96
N THR E 69 -19.81 8.28 94.97
CA THR E 69 -19.15 8.16 93.67
C THR E 69 -20.24 7.93 92.62
N MET E 70 -19.82 7.57 91.41
CA MET E 70 -20.80 7.29 90.35
C MET E 70 -20.13 6.49 89.25
N THR E 71 -20.97 5.82 88.45
CA THR E 71 -20.49 4.98 87.36
C THR E 71 -21.51 5.02 86.23
N GLU E 72 -21.02 5.11 84.99
CA GLU E 72 -21.87 5.20 83.83
C GLU E 72 -21.32 4.32 82.72
N ASP E 73 -22.22 3.86 81.85
CA ASP E 73 -21.85 3.04 80.69
C ASP E 73 -22.49 3.64 79.45
N THR E 74 -21.72 3.69 78.36
CA THR E 74 -22.20 4.27 77.11
C THR E 74 -22.84 3.23 76.20
N SER E 75 -22.35 1.99 76.22
CA SER E 75 -22.96 0.96 75.39
C SER E 75 -24.42 0.74 75.77
N THR E 76 -24.71 0.69 77.08
CA THR E 76 -26.08 0.65 77.56
C THR E 76 -26.65 2.05 77.80
N ASP E 77 -25.82 3.08 77.71
CA ASP E 77 -26.27 4.47 77.84
C ASP E 77 -26.97 4.71 79.17
N THR E 78 -26.47 4.07 80.23
CA THR E 78 -27.04 4.18 81.56
C THR E 78 -26.09 4.95 82.47
N ALA E 79 -26.64 5.56 83.52
CA ALA E 79 -25.84 6.24 84.53
C ALA E 79 -26.30 5.79 85.90
N TYR E 80 -25.41 5.90 86.89
CA TYR E 80 -25.75 5.53 88.25
C TYR E 80 -24.90 6.36 89.21
N MET E 81 -25.51 6.77 90.31
CA MET E 81 -24.81 7.46 91.39
C MET E 81 -24.88 6.61 92.65
N GLU E 82 -23.73 6.36 93.26
CA GLU E 82 -23.61 5.45 94.40
C GLU E 82 -23.19 6.27 95.61
N LEU E 83 -24.16 6.58 96.49
CA LEU E 83 -23.93 7.39 97.67
C LEU E 83 -23.73 6.47 98.86
N SER E 84 -22.56 6.57 99.50
CA SER E 84 -22.17 5.69 100.59
C SER E 84 -22.18 6.44 101.91
N SER E 85 -21.91 5.69 102.99
CA SER E 85 -21.79 6.24 104.34
C SER E 85 -22.94 7.20 104.65
N LEU E 86 -24.16 6.72 104.44
CA LEU E 86 -25.34 7.54 104.69
C LEU E 86 -25.53 7.77 106.19
N ARG E 87 -26.20 8.86 106.51
CA ARG E 87 -26.51 9.22 107.89
C ARG E 87 -27.99 9.00 108.17
N SER E 88 -28.39 9.24 109.42
CA SER E 88 -29.77 9.01 109.81
C SER E 88 -30.72 9.91 109.05
N ASP E 89 -30.39 11.19 108.92
CA ASP E 89 -31.25 12.15 108.24
C ASP E 89 -31.09 12.14 106.72
N ASP E 90 -30.12 11.37 106.20
CA ASP E 90 -29.84 11.39 104.77
C ASP E 90 -30.90 10.69 103.95
N THR E 91 -31.84 9.97 104.57
CA THR E 91 -32.92 9.34 103.83
C THR E 91 -33.66 10.38 103.00
N ALA E 92 -33.68 10.20 101.68
CA ALA E 92 -34.26 11.19 100.80
C ALA E 92 -34.55 10.57 99.44
N VAL E 93 -35.42 11.23 98.69
CA VAL E 93 -35.69 10.83 97.31
C VAL E 93 -34.69 11.57 96.41
N TYR E 94 -33.99 10.82 95.58
CA TYR E 94 -33.00 11.36 94.67
C TYR E 94 -33.58 11.33 93.25
N TYR E 95 -33.61 12.50 92.61
CA TYR E 95 -34.14 12.65 91.27
C TYR E 95 -33.01 13.00 90.32
N CYS E 96 -32.94 12.27 89.20
CA CYS E 96 -32.00 12.59 88.13
C CYS E 96 -32.77 13.30 87.03
N ALA E 97 -32.34 14.51 86.70
CA ALA E 97 -32.99 15.33 85.68
C ALA E 97 -31.92 15.96 84.82
N THR E 98 -32.22 16.08 83.52
CA THR E 98 -31.20 16.49 82.56
C THR E 98 -31.04 18.00 82.52
N ALA E 99 -29.79 18.47 82.62
CA ALA E 99 -29.45 19.87 82.56
C ALA E 99 -28.34 20.07 81.54
N GLY E 100 -28.46 21.12 80.74
CA GLY E 100 -27.46 21.42 79.73
C GLY E 100 -27.55 22.85 79.27
N ALA E 101 -26.93 23.11 78.12
CA ALA E 101 -26.91 24.43 77.51
C ALA E 101 -27.19 24.32 76.02
N ILE E 102 -27.67 25.44 75.45
CA ILE E 102 -27.97 25.45 74.03
C ILE E 102 -26.69 25.62 73.22
N THR E 103 -26.79 25.32 71.92
CA THR E 103 -25.67 25.47 71.00
C THR E 103 -26.21 25.45 69.58
N GLY E 104 -25.97 26.52 68.83
CA GLY E 104 -26.35 26.58 67.44
C GLY E 104 -25.30 25.89 66.57
N THR E 105 -25.43 26.11 65.25
CA THR E 105 -24.44 25.56 64.34
C THR E 105 -23.04 26.04 64.70
N PRO E 106 -22.77 27.34 64.81
CA PRO E 106 -21.59 27.78 65.58
C PRO E 106 -21.95 27.98 67.04
N ARG E 107 -21.19 27.38 67.95
CA ARG E 107 -21.53 27.43 69.37
C ARG E 107 -21.14 28.79 69.92
N ASN E 108 -21.99 29.79 69.60
CA ASN E 108 -21.78 31.13 70.13
C ASN E 108 -22.23 31.25 71.58
N PHE E 109 -23.28 30.54 71.96
CA PHE E 109 -23.89 30.64 73.27
C PHE E 109 -23.76 29.32 74.01
N TYR E 110 -23.49 29.41 75.31
CA TYR E 110 -23.37 28.25 76.18
C TYR E 110 -24.17 28.47 77.45
N TYR E 111 -25.39 28.98 77.30
CA TYR E 111 -26.20 29.35 78.46
C TYR E 111 -26.72 28.11 79.17
N TYR E 112 -26.39 27.98 80.45
CA TYR E 112 -26.80 26.83 81.23
C TYR E 112 -28.30 26.93 81.56
N TYR E 113 -29.04 25.87 81.27
CA TYR E 113 -30.49 25.87 81.45
C TYR E 113 -30.94 25.39 82.82
N GLY E 114 -30.14 24.58 83.51
CA GLY E 114 -30.64 23.86 84.65
C GLY E 114 -31.36 22.60 84.21
N MET E 115 -31.76 21.81 85.20
CA MET E 115 -32.44 20.55 84.93
C MET E 115 -33.84 20.82 84.41
N ASP E 116 -34.08 20.47 83.14
CA ASP E 116 -35.35 20.78 82.47
C ASP E 116 -36.33 19.63 82.49
N VAL E 117 -35.87 18.39 82.29
CA VAL E 117 -36.73 17.22 82.24
C VAL E 117 -36.33 16.29 83.37
N TRP E 118 -37.32 15.88 84.17
CA TRP E 118 -37.11 15.10 85.38
C TRP E 118 -37.73 13.71 85.23
N GLY E 119 -37.18 12.76 85.99
CA GLY E 119 -37.74 11.44 86.09
C GLY E 119 -38.74 11.35 87.24
N GLN E 120 -39.19 10.12 87.50
CA GLN E 120 -40.13 9.89 88.58
C GLN E 120 -39.46 9.86 89.94
N GLY E 121 -38.14 9.76 89.99
CA GLY E 121 -37.42 9.77 91.25
C GLY E 121 -37.18 8.38 91.80
N THR E 122 -36.14 8.27 92.63
CA THR E 122 -35.79 7.02 93.29
C THR E 122 -35.58 7.30 94.77
N THR E 123 -36.37 6.66 95.62
CA THR E 123 -36.24 6.85 97.06
C THR E 123 -35.00 6.12 97.57
N VAL E 124 -34.35 6.71 98.57
CA VAL E 124 -33.21 6.11 99.25
C VAL E 124 -33.51 6.19 100.74
N THR E 125 -33.66 5.03 101.38
CA THR E 125 -34.07 4.94 102.77
C THR E 125 -32.99 4.24 103.58
N VAL E 126 -32.64 4.82 104.73
CA VAL E 126 -31.71 4.24 105.66
C VAL E 126 -32.47 3.86 106.91
N SER E 127 -32.42 2.59 107.28
CA SER E 127 -33.17 2.08 108.43
C SER E 127 -32.71 0.65 108.69
N SER E 128 -33.15 0.11 109.82
CA SER E 128 -32.81 -1.25 110.20
C SER E 128 -33.82 -1.79 111.21
N ASP F 1 -23.11 30.66 96.17
CA ASP F 1 -24.34 30.01 96.70
C ASP F 1 -25.43 31.03 96.99
N ILE F 2 -26.65 30.72 96.58
CA ILE F 2 -27.79 31.61 96.77
C ILE F 2 -28.80 30.88 97.65
N VAL F 3 -28.97 31.36 98.88
CA VAL F 3 -29.96 30.76 99.78
C VAL F 3 -31.35 31.03 99.24
N MET F 4 -32.27 30.12 99.55
CA MET F 4 -33.66 30.24 99.12
C MET F 4 -34.56 29.89 100.29
N THR F 5 -35.79 30.44 100.26
CA THR F 5 -36.76 30.17 101.31
C THR F 5 -38.17 30.33 100.73
N GLN F 6 -39.12 29.72 101.41
CA GLN F 6 -40.54 29.80 101.04
C GLN F 6 -41.33 30.21 102.27
N THR F 7 -41.76 31.47 102.29
CA THR F 7 -42.42 32.00 103.48
C THR F 7 -43.72 31.28 103.82
N PRO F 8 -44.65 31.05 102.89
CA PRO F 8 -45.94 30.48 103.26
C PRO F 8 -45.97 28.97 103.25
N LEU F 9 -46.58 28.40 104.29
CA LEU F 9 -46.78 26.96 104.38
C LEU F 9 -48.02 26.51 103.61
N SER F 10 -49.09 27.31 103.65
CA SER F 10 -50.32 27.03 102.92
C SER F 10 -50.73 28.28 102.16
N SER F 11 -51.27 28.09 100.96
CA SER F 11 -51.66 29.18 100.08
C SER F 11 -53.08 28.96 99.60
N PRO F 12 -54.07 29.26 100.44
CA PRO F 12 -55.47 29.10 100.02
C PRO F 12 -55.80 29.99 98.83
N VAL F 13 -56.67 29.47 97.95
CA VAL F 13 -57.05 30.17 96.73
C VAL F 13 -58.55 30.00 96.51
N THR F 14 -59.10 30.87 95.69
CA THR F 14 -60.50 30.82 95.31
C THR F 14 -60.63 31.03 93.81
N LEU F 15 -61.75 30.56 93.25
CA LEU F 15 -61.95 30.62 91.81
C LEU F 15 -61.83 32.04 91.30
N GLY F 16 -61.12 32.20 90.17
CA GLY F 16 -61.03 33.48 89.49
C GLY F 16 -60.33 34.56 90.29
N GLN F 17 -59.21 34.24 90.92
CA GLN F 17 -58.42 35.21 91.66
C GLN F 17 -56.94 34.94 91.38
N PRO F 18 -56.12 35.99 91.28
CA PRO F 18 -54.68 35.77 91.09
C PRO F 18 -54.07 35.02 92.26
N ALA F 19 -53.06 34.20 91.95
CA ALA F 19 -52.34 33.42 92.95
C ALA F 19 -50.86 33.69 92.80
N SER F 20 -50.15 33.64 93.93
CA SER F 20 -48.72 33.96 93.95
C SER F 20 -48.02 33.13 95.01
N ILE F 21 -46.71 32.95 94.81
CA ILE F 21 -45.84 32.27 95.77
C ILE F 21 -44.63 33.15 96.00
N SER F 22 -44.43 33.58 97.24
CA SER F 22 -43.33 34.47 97.57
C SER F 22 -42.05 33.66 97.72
N CYS F 23 -41.11 33.85 96.80
CA CYS F 23 -39.81 33.19 96.84
C CYS F 23 -38.76 34.26 97.14
N ARG F 24 -37.95 34.01 98.17
CA ARG F 24 -36.97 34.98 98.64
C ARG F 24 -35.61 34.31 98.77
N SER F 25 -34.56 35.11 98.59
CA SER F 25 -33.18 34.64 98.66
C SER F 25 -32.36 35.60 99.50
N SER F 26 -31.34 35.04 100.16
CA SER F 26 -30.47 35.88 100.99
C SER F 26 -29.73 36.91 100.15
N GLN F 27 -29.25 36.51 98.98
CA GLN F 27 -28.49 37.38 98.10
C GLN F 27 -29.19 37.51 96.75
N SER F 28 -28.83 38.55 96.01
CA SER F 28 -29.47 38.83 94.73
C SER F 28 -29.17 37.73 93.73
N LEU F 29 -30.09 37.55 92.78
CA LEU F 29 -29.98 36.52 91.75
C LEU F 29 -29.30 37.02 90.48
N VAL F 30 -28.80 38.26 90.46
CA VAL F 30 -28.17 38.79 89.27
C VAL F 30 -27.04 37.87 88.83
N HIS F 31 -27.02 37.56 87.54
CA HIS F 31 -26.06 36.62 86.97
C HIS F 31 -25.01 37.37 86.16
N SER F 32 -23.81 36.78 86.07
CA SER F 32 -22.74 37.41 85.33
C SER F 32 -23.06 37.53 83.84
N ASP F 33 -23.93 36.66 83.33
CA ASP F 33 -24.32 36.70 81.93
C ASP F 33 -25.06 37.98 81.56
N GLY F 34 -25.58 38.72 82.54
CA GLY F 34 -26.33 39.93 82.28
C GLY F 34 -27.82 39.73 82.11
N ASN F 35 -28.29 38.48 82.05
CA ASN F 35 -29.71 38.18 81.95
C ASN F 35 -30.10 37.28 83.11
N THR F 36 -31.12 37.70 83.87
CA THR F 36 -31.54 36.95 85.04
C THR F 36 -32.18 35.64 84.63
N TYR F 37 -31.86 34.58 85.36
CA TYR F 37 -32.41 33.25 85.13
C TYR F 37 -33.10 32.76 86.38
N LEU F 38 -34.11 31.91 86.20
CA LEU F 38 -34.92 31.43 87.30
C LEU F 38 -35.55 30.11 86.89
N SER F 39 -36.21 29.46 87.85
CA SER F 39 -36.90 28.21 87.59
C SER F 39 -38.07 28.08 88.57
N TRP F 40 -39.25 27.80 88.03
CA TRP F 40 -40.44 27.54 88.83
C TRP F 40 -40.91 26.12 88.53
N LEU F 41 -40.94 25.27 89.55
CA LEU F 41 -41.38 23.89 89.45
C LEU F 41 -42.68 23.72 90.23
N GLN F 42 -43.51 22.78 89.78
CA GLN F 42 -44.73 22.45 90.50
C GLN F 42 -45.02 20.97 90.31
N GLN F 43 -45.86 20.43 91.19
CA GLN F 43 -46.32 19.05 91.07
C GLN F 43 -47.70 18.96 91.68
N ARG F 44 -48.69 18.57 90.87
CA ARG F 44 -50.03 18.38 91.37
C ARG F 44 -50.03 17.31 92.45
N PRO F 45 -51.08 17.25 93.30
CA PRO F 45 -51.06 16.31 94.43
C PRO F 45 -50.62 14.91 94.03
N GLY F 46 -49.55 14.44 94.67
CA GLY F 46 -49.00 13.12 94.37
C GLY F 46 -48.42 13.00 92.98
N GLN F 47 -47.65 13.98 92.55
CA GLN F 47 -47.04 13.99 91.22
C GLN F 47 -45.58 14.42 91.33
N PRO F 48 -44.77 14.10 90.34
CA PRO F 48 -43.38 14.55 90.35
C PRO F 48 -43.26 16.02 89.98
N PRO F 49 -42.11 16.64 90.21
CA PRO F 49 -41.97 18.06 89.88
C PRO F 49 -42.22 18.33 88.40
N ARG F 50 -42.84 19.47 88.12
CA ARG F 50 -43.09 19.94 86.77
C ARG F 50 -42.55 21.35 86.66
N LEU F 51 -41.49 21.52 85.86
CA LEU F 51 -40.86 22.82 85.71
C LEU F 51 -41.75 23.75 84.89
N LEU F 52 -42.62 24.50 85.57
CA LEU F 52 -43.50 25.43 84.86
C LEU F 52 -42.69 26.45 84.08
N ILE F 53 -41.67 27.03 84.71
CA ILE F 53 -40.85 28.08 84.11
C ILE F 53 -39.40 27.63 84.14
N TYR F 54 -38.75 27.63 82.97
CA TYR F 54 -37.33 27.32 82.89
C TYR F 54 -36.47 28.56 83.07
N LYS F 55 -37.00 29.74 82.77
CA LYS F 55 -36.33 31.01 83.04
C LYS F 55 -37.41 32.06 83.26
N ILE F 56 -37.15 32.97 84.21
CA ILE F 56 -38.14 33.99 84.54
C ILE F 56 -38.57 34.70 83.25
N SER F 57 -39.89 34.75 83.05
CA SER F 57 -40.54 35.33 81.87
C SER F 57 -40.43 34.41 80.67
N ASN F 58 -39.72 33.29 80.76
CA ASN F 58 -39.61 32.31 79.67
C ASN F 58 -40.21 31.01 80.18
N ARG F 59 -41.41 30.70 79.70
CA ARG F 59 -42.21 29.60 80.25
C ARG F 59 -41.92 28.29 79.54
N PHE F 60 -41.90 27.21 80.32
CA PHE F 60 -41.59 25.89 79.82
C PHE F 60 -42.73 25.36 78.94
N SER F 61 -42.39 24.39 78.11
CA SER F 61 -43.38 23.79 77.21
C SER F 61 -44.49 23.11 78.00
N GLY F 62 -45.70 23.17 77.46
CA GLY F 62 -46.84 22.54 78.12
C GLY F 62 -47.18 23.17 79.46
N VAL F 63 -47.16 24.49 79.52
CA VAL F 63 -47.45 25.21 80.76
C VAL F 63 -48.45 26.33 80.44
N PRO F 64 -49.42 26.62 81.30
CA PRO F 64 -50.40 27.66 80.96
C PRO F 64 -49.74 29.01 80.76
N ASP F 65 -50.24 29.76 79.77
CA ASP F 65 -49.75 31.10 79.54
C ASP F 65 -50.15 32.04 80.67
N ARG F 66 -51.32 31.81 81.27
CA ARG F 66 -51.78 32.64 82.38
C ARG F 66 -50.75 32.68 83.50
N PHE F 67 -50.09 31.55 83.78
CA PHE F 67 -49.11 31.46 84.85
C PHE F 67 -47.81 32.12 84.39
N SER F 68 -47.54 33.33 84.90
CA SER F 68 -46.36 34.09 84.57
C SER F 68 -45.54 34.36 85.83
N GLY F 69 -44.35 34.91 85.64
CA GLY F 69 -43.47 35.23 86.75
C GLY F 69 -43.37 36.72 87.02
N SER F 70 -44.02 37.18 88.08
CA SER F 70 -44.01 38.59 88.46
C SER F 70 -43.11 38.80 89.68
N GLY F 71 -43.08 40.03 90.17
CA GLY F 71 -42.23 40.35 91.29
C GLY F 71 -40.79 40.56 90.84
N ALA F 72 -39.92 40.92 91.78
CA ALA F 72 -38.53 41.22 91.44
C ALA F 72 -37.74 41.31 92.73
N GLY F 73 -36.49 41.76 92.61
CA GLY F 73 -35.67 41.97 93.79
C GLY F 73 -35.58 40.72 94.63
N THR F 74 -35.80 40.88 95.94
CA THR F 74 -35.77 39.73 96.83
C THR F 74 -36.95 38.80 96.57
N ASP F 75 -38.13 39.34 96.28
CA ASP F 75 -39.37 38.57 96.27
C ASP F 75 -39.83 38.32 94.85
N PHE F 76 -39.85 37.05 94.45
CA PHE F 76 -40.40 36.63 93.17
C PHE F 76 -41.74 35.96 93.42
N THR F 77 -42.75 36.34 92.63
CA THR F 77 -44.11 35.86 92.81
C THR F 77 -44.64 35.26 91.52
N LEU F 78 -45.68 34.45 91.67
CA LEU F 78 -46.39 33.87 90.54
C LEU F 78 -47.62 34.72 90.22
N LYS F 79 -47.92 34.84 88.94
CA LYS F 79 -48.99 35.72 88.47
C LYS F 79 -50.00 34.90 87.68
N ILE F 80 -51.27 35.04 88.03
CA ILE F 80 -52.37 34.34 87.36
C ILE F 80 -53.49 35.33 87.10
N SER F 81 -54.12 35.22 85.94
CA SER F 81 -55.34 35.97 85.65
C SER F 81 -56.59 35.21 86.07
N ARG F 82 -56.64 33.90 85.78
CA ARG F 82 -57.73 33.04 86.21
C ARG F 82 -57.13 31.73 86.71
N VAL F 83 -57.77 31.15 87.73
CA VAL F 83 -57.23 30.00 88.44
C VAL F 83 -58.11 28.78 88.18
N GLU F 84 -57.45 27.64 88.00
CA GLU F 84 -58.11 26.34 87.86
C GLU F 84 -57.64 25.43 88.98
N ALA F 85 -58.53 24.51 89.39
CA ALA F 85 -58.27 23.72 90.59
C ALA F 85 -57.03 22.84 90.43
N GLU F 86 -56.88 22.19 89.27
CA GLU F 86 -55.78 21.24 89.11
C GLU F 86 -54.42 21.88 89.27
N ASP F 87 -54.31 23.20 89.10
CA ASP F 87 -53.02 23.88 89.22
C ASP F 87 -52.44 23.76 90.63
N VAL F 88 -53.28 23.45 91.62
CA VAL F 88 -52.79 23.35 93.00
C VAL F 88 -51.82 22.19 93.13
N GLY F 89 -50.93 22.29 94.11
CA GLY F 89 -49.96 21.24 94.36
C GLY F 89 -48.80 21.77 95.18
N VAL F 90 -47.70 21.03 95.12
CA VAL F 90 -46.47 21.42 95.80
C VAL F 90 -45.62 22.20 94.80
N TYR F 91 -45.25 23.42 95.17
CA TYR F 91 -44.52 24.33 94.29
C TYR F 91 -43.14 24.63 94.87
N TYR F 92 -42.13 24.69 94.00
CA TYR F 92 -40.77 25.01 94.38
C TYR F 92 -40.24 26.09 93.46
N CYS F 93 -39.32 26.90 93.98
CA CYS F 93 -38.64 27.94 93.21
C CYS F 93 -37.14 27.69 93.25
N MET F 94 -36.60 27.20 92.14
CA MET F 94 -35.18 26.97 91.97
C MET F 94 -34.55 28.14 91.23
N GLN F 95 -33.25 28.34 91.45
CA GLN F 95 -32.47 29.33 90.72
C GLN F 95 -31.31 28.64 90.03
N VAL F 96 -31.11 28.94 88.75
CA VAL F 96 -30.06 28.32 87.97
C VAL F 96 -28.84 29.24 87.85
N THR F 97 -28.65 30.14 88.82
CA THR F 97 -27.59 31.13 88.72
C THR F 97 -26.24 30.57 89.18
N GLN F 98 -26.16 30.11 90.43
CA GLN F 98 -24.89 29.72 91.03
C GLN F 98 -24.83 28.22 91.24
N PHE F 99 -23.62 27.68 91.12
CA PHE F 99 -23.36 26.24 91.09
C PHE F 99 -23.86 25.54 92.35
N PRO F 100 -23.71 26.11 93.54
CA PRO F 100 -24.28 25.45 94.74
C PRO F 100 -25.77 25.19 94.63
N TYR F 101 -26.54 26.14 94.10
CA TYR F 101 -27.98 26.00 93.88
C TYR F 101 -28.76 25.75 95.17
N THR F 102 -28.18 26.02 96.34
CA THR F 102 -28.84 25.66 97.59
C THR F 102 -30.25 26.22 97.64
N PHE F 103 -31.20 25.39 98.02
CA PHE F 103 -32.62 25.68 97.92
C PHE F 103 -33.21 25.97 99.30
N GLY F 104 -34.52 26.25 99.32
CA GLY F 104 -35.23 26.57 100.54
C GLY F 104 -36.11 25.42 101.00
N GLN F 105 -36.97 25.73 101.97
CA GLN F 105 -37.82 24.70 102.58
C GLN F 105 -38.85 24.18 101.58
N GLY F 106 -39.57 25.08 100.91
CA GLY F 106 -40.56 24.68 99.94
C GLY F 106 -41.94 25.24 100.22
N THR F 107 -42.74 25.40 99.17
CA THR F 107 -44.11 25.88 99.27
C THR F 107 -45.08 24.75 98.96
N LYS F 108 -46.24 24.79 99.60
CA LYS F 108 -47.31 23.81 99.40
C LYS F 108 -48.59 24.56 99.05
N LEU F 109 -48.83 24.74 97.75
CA LEU F 109 -50.06 25.38 97.31
C LEU F 109 -51.25 24.51 97.66
N GLU F 110 -52.33 25.13 98.14
CA GLU F 110 -53.49 24.41 98.64
C GLU F 110 -54.76 25.14 98.21
N ILE F 111 -55.88 24.41 98.28
CA ILE F 111 -57.19 24.98 98.04
C ILE F 111 -57.71 25.59 99.33
N LYS F 112 -58.42 26.72 99.21
CA LYS F 112 -58.93 27.39 100.39
C LYS F 112 -59.97 26.54 101.10
N ARG F 113 -59.86 26.42 102.41
CA ARG F 113 -60.77 25.63 103.21
C ARG F 113 -61.56 26.50 104.18
N GLN G 1 -37.20 -68.47 -31.43
CA GLN G 1 -38.17 -69.58 -31.65
C GLN G 1 -38.96 -69.88 -30.37
N VAL G 2 -40.22 -70.27 -30.54
CA VAL G 2 -41.11 -70.50 -29.40
C VAL G 2 -41.01 -71.96 -29.00
N ARG G 3 -40.94 -72.20 -27.69
CA ARG G 3 -40.84 -73.55 -27.14
C ARG G 3 -41.84 -73.65 -25.99
N VAL G 4 -42.91 -74.41 -26.21
CA VAL G 4 -43.94 -74.61 -25.19
C VAL G 4 -43.63 -75.87 -24.41
N VAL G 5 -43.58 -75.76 -23.08
CA VAL G 5 -43.28 -76.87 -22.19
C VAL G 5 -44.52 -77.15 -21.35
N GLN G 6 -44.99 -78.39 -21.39
CA GLN G 6 -46.20 -78.81 -20.68
C GLN G 6 -45.89 -80.01 -19.82
N SER G 7 -46.94 -80.57 -19.21
CA SER G 7 -46.79 -81.75 -18.38
C SER G 7 -46.66 -82.99 -19.26
N GLY G 8 -46.08 -84.04 -18.68
CA GLY G 8 -45.87 -85.28 -19.41
C GLY G 8 -47.13 -86.11 -19.55
N ALA G 9 -47.68 -86.56 -18.43
CA ALA G 9 -48.90 -87.37 -18.44
C ALA G 9 -49.53 -87.32 -17.07
N GLU G 10 -50.81 -87.71 -17.02
CA GLU G 10 -51.55 -87.72 -15.77
C GLU G 10 -52.59 -88.83 -15.81
N VAL G 11 -52.92 -89.34 -14.63
CA VAL G 11 -53.94 -90.39 -14.46
C VAL G 11 -54.92 -89.92 -13.41
N LYS G 12 -56.20 -89.82 -13.77
CA LYS G 12 -57.23 -89.29 -12.90
C LYS G 12 -58.42 -90.24 -12.83
N ASN G 13 -58.91 -90.49 -11.63
CA ASN G 13 -60.15 -91.22 -11.45
C ASN G 13 -61.34 -90.32 -11.74
N PRO G 14 -62.49 -90.90 -12.06
CA PRO G 14 -63.68 -90.07 -12.36
C PRO G 14 -63.98 -89.11 -11.22
N GLY G 15 -63.92 -87.82 -11.52
CA GLY G 15 -64.25 -86.79 -10.56
C GLY G 15 -63.06 -86.16 -9.86
N ALA G 16 -61.88 -86.17 -10.47
CA ALA G 16 -60.69 -85.58 -9.86
C ALA G 16 -60.39 -84.22 -10.50
N SER G 17 -59.34 -83.58 -10.00
CA SER G 17 -58.89 -82.28 -10.49
C SER G 17 -57.47 -82.44 -11.06
N VAL G 18 -57.29 -82.03 -12.31
CA VAL G 18 -56.02 -82.17 -13.02
C VAL G 18 -55.44 -80.79 -13.25
N LYS G 19 -54.16 -80.61 -12.90
CA LYS G 19 -53.44 -79.38 -13.13
C LYS G 19 -52.29 -79.64 -14.08
N VAL G 20 -52.37 -79.06 -15.27
CA VAL G 20 -51.37 -79.27 -16.32
C VAL G 20 -50.62 -77.96 -16.54
N SER G 21 -49.29 -78.04 -16.51
CA SER G 21 -48.46 -76.86 -16.69
C SER G 21 -48.35 -76.49 -18.17
N CYS G 22 -47.98 -75.23 -18.41
CA CYS G 22 -47.75 -74.76 -19.77
C CYS G 22 -46.84 -73.54 -19.71
N LYS G 23 -46.17 -73.27 -20.84
CA LYS G 23 -45.25 -72.16 -20.92
C LYS G 23 -45.07 -71.79 -22.39
N VAL G 24 -44.56 -70.57 -22.61
CA VAL G 24 -44.26 -70.08 -23.95
C VAL G 24 -42.88 -69.42 -23.87
N SER G 25 -41.85 -70.14 -24.30
CA SER G 25 -40.50 -69.60 -24.36
C SER G 25 -40.29 -68.88 -25.69
N GLY G 26 -39.16 -68.17 -25.78
CA GLY G 26 -38.85 -67.41 -26.97
C GLY G 26 -39.75 -66.18 -27.08
N TYR G 27 -41.03 -66.41 -27.31
CA TYR G 27 -42.03 -65.36 -27.22
C TYR G 27 -42.59 -65.35 -25.81
N THR G 28 -42.51 -64.21 -25.13
CA THR G 28 -42.88 -64.15 -23.73
C THR G 28 -44.33 -64.59 -23.54
N LEU G 29 -44.55 -65.40 -22.50
CA LEU G 29 -45.89 -65.91 -22.24
C LEU G 29 -46.87 -64.78 -21.98
N THR G 30 -46.44 -63.76 -21.22
CA THR G 30 -47.34 -62.64 -20.93
C THR G 30 -47.80 -61.95 -22.21
N GLU G 31 -46.95 -61.91 -23.24
CA GLU G 31 -47.35 -61.29 -24.50
C GLU G 31 -48.52 -62.03 -25.12
N LEU G 32 -48.49 -63.36 -25.10
CA LEU G 32 -49.54 -64.18 -25.70
C LEU G 32 -50.59 -64.51 -24.65
N SER G 33 -51.81 -64.01 -24.86
CA SER G 33 -52.93 -64.41 -24.02
C SER G 33 -53.19 -65.90 -24.17
N ILE G 34 -53.59 -66.53 -23.08
CA ILE G 34 -53.73 -67.98 -23.03
C ILE G 34 -55.19 -68.37 -23.27
N HIS G 35 -55.41 -69.33 -24.16
CA HIS G 35 -56.74 -69.89 -24.42
C HIS G 35 -56.67 -71.37 -24.03
N TRP G 36 -56.98 -71.64 -22.77
CA TRP G 36 -56.87 -73.00 -22.27
C TRP G 36 -57.83 -73.93 -22.99
N VAL G 37 -57.35 -75.13 -23.33
CA VAL G 37 -58.12 -76.10 -24.10
C VAL G 37 -57.82 -77.50 -23.59
N ARG G 38 -58.79 -78.38 -23.76
CA ARG G 38 -58.57 -79.82 -23.67
C ARG G 38 -58.38 -80.35 -25.08
N GLN G 39 -57.23 -80.96 -25.34
CA GLN G 39 -56.88 -81.40 -26.69
C GLN G 39 -57.20 -82.89 -26.85
N ALA G 40 -58.49 -83.17 -26.82
CA ALA G 40 -58.91 -84.56 -27.00
C ALA G 40 -58.70 -84.98 -28.46
N PRO G 41 -58.23 -86.20 -28.70
CA PRO G 41 -58.14 -86.66 -30.10
C PRO G 41 -59.47 -86.63 -30.82
N GLY G 42 -60.57 -86.87 -30.11
CA GLY G 42 -61.88 -86.87 -30.72
C GLY G 42 -62.59 -85.53 -30.61
N ASN G 43 -62.65 -84.98 -29.39
CA ASN G 43 -63.35 -83.72 -29.17
C ASN G 43 -62.59 -82.52 -29.73
N GLY G 44 -61.34 -82.70 -30.14
CA GLY G 44 -60.56 -81.58 -30.63
C GLY G 44 -60.00 -80.74 -29.49
N LEU G 45 -59.60 -79.52 -29.83
CA LEU G 45 -59.09 -78.56 -28.86
C LEU G 45 -60.26 -77.75 -28.32
N GLU G 46 -61.04 -78.39 -27.44
CA GLU G 46 -62.22 -77.75 -26.88
C GLU G 46 -61.81 -76.72 -25.85
N TRP G 47 -62.28 -75.49 -26.04
CA TRP G 47 -61.92 -74.41 -25.14
C TRP G 47 -62.53 -74.63 -23.76
N MET G 48 -61.75 -74.33 -22.72
CA MET G 48 -62.22 -74.37 -21.34
C MET G 48 -62.12 -73.01 -20.65
N GLY G 49 -61.12 -72.22 -20.99
CA GLY G 49 -60.99 -70.89 -20.43
C GLY G 49 -59.77 -70.21 -21.02
N GLY G 50 -59.62 -68.94 -20.65
CA GLY G 50 -58.51 -68.15 -21.15
C GLY G 50 -58.46 -66.76 -20.57
N PHE G 51 -57.25 -66.20 -20.48
CA PHE G 51 -57.05 -64.85 -19.96
C PHE G 51 -57.17 -63.85 -21.11
N ASP G 52 -58.06 -62.88 -20.96
CA ASP G 52 -58.27 -61.89 -22.01
C ASP G 52 -57.05 -60.98 -22.10
N PRO G 53 -56.74 -60.49 -23.30
CA PRO G 53 -55.60 -59.56 -23.45
C PRO G 53 -55.93 -58.10 -23.23
N GLU G 54 -57.16 -57.76 -22.82
CA GLU G 54 -57.52 -56.37 -22.58
C GLU G 54 -56.98 -55.90 -21.23
N ASP G 55 -57.28 -56.63 -20.17
CA ASP G 55 -56.78 -56.30 -18.84
C ASP G 55 -56.33 -57.53 -18.07
N GLY G 56 -56.18 -58.68 -18.73
CA GLY G 56 -55.85 -59.90 -18.05
C GLY G 56 -57.04 -60.64 -17.46
N GLU G 57 -58.25 -60.23 -17.80
CA GLU G 57 -59.43 -60.89 -17.26
C GLU G 57 -59.49 -62.33 -17.74
N THR G 58 -60.25 -63.15 -17.02
CA THR G 58 -60.37 -64.58 -17.31
C THR G 58 -61.80 -64.89 -17.72
N ILE G 59 -61.95 -65.71 -18.76
CA ILE G 59 -63.25 -66.13 -19.25
C ILE G 59 -63.25 -67.66 -19.35
N TYR G 60 -64.42 -68.26 -19.25
CA TYR G 60 -64.58 -69.70 -19.30
C TYR G 60 -65.45 -70.10 -20.48
N ALA G 61 -65.48 -71.41 -20.74
CA ALA G 61 -66.08 -71.96 -21.94
C ALA G 61 -67.52 -72.39 -21.68
N GLN G 62 -68.12 -73.10 -22.64
CA GLN G 62 -69.52 -73.51 -22.59
C GLN G 62 -69.72 -75.02 -22.69
N LYS G 63 -68.80 -75.75 -23.32
CA LYS G 63 -69.05 -77.16 -23.58
C LYS G 63 -69.21 -77.95 -22.30
N PHE G 64 -68.36 -77.71 -21.30
CA PHE G 64 -68.37 -78.45 -20.04
C PHE G 64 -68.46 -77.49 -18.86
N GLN G 65 -69.45 -76.60 -18.90
CA GLN G 65 -69.66 -75.67 -17.79
C GLN G 65 -69.83 -76.44 -16.48
N GLY G 66 -69.43 -75.79 -15.39
CA GLY G 66 -69.56 -76.35 -14.05
C GLY G 66 -68.36 -77.18 -13.62
N ARG G 67 -67.70 -77.81 -14.57
CA ARG G 67 -66.53 -78.65 -14.29
C ARG G 67 -65.21 -78.01 -14.70
N VAL G 68 -65.17 -76.68 -14.85
CA VAL G 68 -63.97 -75.97 -15.30
C VAL G 68 -63.58 -74.95 -14.24
N THR G 69 -62.37 -75.10 -13.71
CA THR G 69 -61.78 -74.14 -12.77
C THR G 69 -60.27 -74.22 -12.92
N MET G 70 -59.64 -73.12 -13.33
CA MET G 70 -58.24 -73.14 -13.72
C MET G 70 -57.41 -72.23 -12.83
N THR G 71 -56.10 -72.45 -12.85
CA THR G 71 -55.14 -71.74 -12.02
C THR G 71 -53.94 -71.34 -12.87
N GLU G 72 -53.05 -70.55 -12.27
CA GLU G 72 -51.85 -70.10 -12.95
C GLU G 72 -50.94 -69.40 -11.95
N ASP G 73 -49.63 -69.50 -12.20
CA ASP G 73 -48.63 -68.84 -11.38
C ASP G 73 -47.69 -68.04 -12.28
N THR G 74 -47.30 -66.86 -11.81
CA THR G 74 -46.44 -65.95 -12.55
C THR G 74 -45.06 -65.80 -11.93
N SER G 75 -44.96 -65.85 -10.60
CA SER G 75 -43.64 -65.75 -9.97
C SER G 75 -42.74 -66.90 -10.39
N THR G 76 -43.29 -68.12 -10.42
CA THR G 76 -42.54 -69.28 -10.87
C THR G 76 -42.62 -69.49 -12.38
N ASP G 77 -43.39 -68.67 -13.08
CA ASP G 77 -43.57 -68.81 -14.53
C ASP G 77 -44.06 -70.22 -14.89
N THR G 78 -44.98 -70.74 -14.10
CA THR G 78 -45.58 -72.06 -14.32
C THR G 78 -47.09 -71.92 -14.24
N ALA G 79 -47.75 -72.00 -15.39
CA ALA G 79 -49.20 -71.83 -15.47
C ALA G 79 -49.87 -73.17 -15.28
N TYR G 80 -50.33 -73.45 -14.06
CA TYR G 80 -50.98 -74.72 -13.74
C TYR G 80 -52.46 -74.60 -14.10
N MET G 81 -52.77 -74.84 -15.37
CA MET G 81 -54.16 -74.89 -15.80
C MET G 81 -54.87 -76.01 -15.05
N GLU G 82 -55.80 -75.64 -14.17
CA GLU G 82 -56.57 -76.61 -13.40
C GLU G 82 -57.89 -76.91 -14.09
N LEU G 83 -58.38 -78.12 -13.88
CA LEU G 83 -59.66 -78.57 -14.41
C LEU G 83 -60.27 -79.53 -13.41
N SER G 84 -61.44 -79.18 -12.88
CA SER G 84 -62.05 -79.92 -11.78
C SER G 84 -63.16 -80.83 -12.27
N SER G 85 -63.35 -81.93 -11.54
CA SER G 85 -64.44 -82.88 -11.80
C SER G 85 -64.50 -83.25 -13.28
N LEU G 86 -63.44 -83.91 -13.74
CA LEU G 86 -63.39 -84.36 -15.12
C LEU G 86 -64.27 -85.60 -15.32
N ARG G 87 -64.67 -85.80 -16.57
CA ARG G 87 -65.44 -86.98 -16.98
C ARG G 87 -64.51 -87.98 -17.66
N SER G 88 -65.08 -89.11 -18.08
CA SER G 88 -64.29 -90.10 -18.79
C SER G 88 -63.76 -89.54 -20.11
N ASP G 89 -64.60 -88.81 -20.84
CA ASP G 89 -64.17 -88.24 -22.11
C ASP G 89 -63.29 -87.02 -21.93
N ASP G 90 -63.34 -86.36 -20.76
CA ASP G 90 -62.49 -85.20 -20.53
C ASP G 90 -61.02 -85.59 -20.57
N THR G 91 -60.69 -86.76 -20.02
CA THR G 91 -59.30 -87.22 -20.05
C THR G 91 -58.81 -87.29 -21.49
N ALA G 92 -57.60 -86.81 -21.73
CA ALA G 92 -57.09 -86.72 -23.09
C ALA G 92 -55.66 -86.21 -23.13
N VAL G 93 -55.10 -86.10 -24.34
CA VAL G 93 -53.85 -85.37 -24.51
C VAL G 93 -54.15 -83.87 -24.41
N TYR G 94 -53.15 -83.11 -23.95
CA TYR G 94 -53.31 -81.68 -23.71
C TYR G 94 -52.14 -80.94 -24.35
N TYR G 95 -52.35 -80.45 -25.57
CA TYR G 95 -51.42 -79.55 -26.23
C TYR G 95 -51.85 -78.11 -25.94
N CYS G 96 -50.91 -77.30 -25.48
CA CYS G 96 -51.19 -75.95 -25.00
C CYS G 96 -50.84 -74.93 -26.07
N ALA G 97 -51.44 -73.74 -25.94
CA ALA G 97 -51.22 -72.68 -26.90
C ALA G 97 -51.63 -71.35 -26.27
N THR G 98 -51.20 -70.27 -26.91
CA THR G 98 -51.52 -68.92 -26.47
C THR G 98 -51.66 -68.02 -27.69
N ALA G 99 -52.02 -66.77 -27.43
CA ALA G 99 -52.19 -65.79 -28.50
C ALA G 99 -52.14 -64.38 -27.91
N GLY G 100 -51.44 -63.49 -28.62
CA GLY G 100 -51.31 -62.12 -28.17
C GLY G 100 -51.60 -61.15 -29.28
N ALA G 101 -51.90 -59.92 -28.89
CA ALA G 101 -52.22 -58.83 -29.82
C ALA G 101 -51.04 -57.87 -29.86
N ILE G 102 -50.29 -57.92 -30.97
CA ILE G 102 -49.11 -57.07 -31.11
C ILE G 102 -49.50 -55.77 -31.80
N THR G 103 -49.09 -54.65 -31.21
CA THR G 103 -49.38 -53.35 -31.76
C THR G 103 -48.33 -52.37 -31.27
N GLY G 104 -48.11 -51.30 -32.02
CA GLY G 104 -47.27 -50.22 -31.55
C GLY G 104 -47.81 -49.64 -30.27
N THR G 105 -47.09 -48.68 -29.67
CA THR G 105 -47.58 -48.08 -28.43
C THR G 105 -49.01 -47.57 -28.56
N PRO G 106 -49.37 -46.80 -29.58
CA PRO G 106 -50.79 -46.52 -29.82
C PRO G 106 -51.50 -47.77 -30.35
N ARG G 107 -52.80 -47.85 -30.08
CA ARG G 107 -53.60 -49.00 -30.50
C ARG G 107 -53.90 -48.89 -31.99
N ASN G 108 -52.83 -49.05 -32.78
CA ASN G 108 -52.97 -49.03 -34.23
C ASN G 108 -53.81 -50.20 -34.73
N PHE G 109 -53.64 -51.37 -34.14
CA PHE G 109 -54.33 -52.59 -34.55
C PHE G 109 -54.19 -53.59 -33.41
N TYR G 110 -54.68 -54.81 -33.63
CA TYR G 110 -54.62 -55.86 -32.62
C TYR G 110 -54.86 -57.20 -33.30
N TYR G 111 -54.23 -58.25 -32.77
CA TYR G 111 -54.32 -59.59 -33.34
C TYR G 111 -54.67 -60.58 -32.26
N TYR G 112 -55.58 -61.50 -32.57
CA TYR G 112 -55.94 -62.61 -31.68
C TYR G 112 -55.64 -63.89 -32.44
N TYR G 113 -54.44 -64.42 -32.25
CA TYR G 113 -54.00 -65.59 -33.01
C TYR G 113 -54.86 -66.82 -32.72
N GLY G 114 -55.38 -66.92 -31.50
CA GLY G 114 -56.05 -68.13 -31.07
C GLY G 114 -55.07 -69.09 -30.40
N MET G 115 -54.56 -70.06 -31.17
CA MET G 115 -53.57 -71.01 -30.69
C MET G 115 -52.29 -70.77 -31.50
N ASP G 116 -51.46 -69.86 -31.01
CA ASP G 116 -50.28 -69.44 -31.79
C ASP G 116 -49.20 -70.50 -31.79
N VAL G 117 -48.95 -71.13 -30.64
CA VAL G 117 -47.83 -72.06 -30.48
C VAL G 117 -48.34 -73.35 -29.86
N TRP G 118 -47.63 -74.45 -30.13
CA TRP G 118 -47.97 -75.76 -29.60
C TRP G 118 -46.78 -76.36 -28.89
N GLY G 119 -47.06 -77.16 -27.87
CA GLY G 119 -46.06 -77.86 -27.10
C GLY G 119 -45.95 -79.32 -27.50
N GLN G 120 -45.42 -80.13 -26.59
CA GLN G 120 -45.26 -81.56 -26.82
C GLN G 120 -46.46 -82.38 -26.37
N GLY G 121 -47.45 -81.76 -25.72
CA GLY G 121 -48.65 -82.45 -25.30
C GLY G 121 -48.49 -83.08 -23.92
N THR G 122 -49.63 -83.52 -23.38
CA THR G 122 -49.70 -84.17 -22.07
C THR G 122 -50.80 -85.22 -22.14
N THR G 123 -50.40 -86.48 -22.38
CA THR G 123 -51.38 -87.55 -22.48
C THR G 123 -51.96 -87.87 -21.11
N VAL G 124 -53.28 -87.73 -20.99
CA VAL G 124 -54.00 -87.99 -19.75
C VAL G 124 -55.07 -89.04 -20.03
N THR G 125 -55.14 -90.06 -19.18
CA THR G 125 -56.12 -91.12 -19.29
C THR G 125 -56.78 -91.36 -17.95
N VAL G 126 -58.05 -91.74 -17.99
CA VAL G 126 -58.82 -92.02 -16.79
C VAL G 126 -58.66 -93.50 -16.45
N SER G 127 -58.19 -93.78 -15.23
CA SER G 127 -58.04 -95.13 -14.73
C SER G 127 -58.77 -95.25 -13.40
N SER G 128 -59.38 -96.41 -13.17
CA SER G 128 -60.10 -96.64 -11.92
C SER G 128 -59.12 -96.80 -10.77
N CYS H 2 -30.25 -61.12 -18.51
CA CYS H 2 -30.30 -59.92 -19.36
C CYS H 2 -30.72 -60.29 -20.77
N VAL H 3 -32.03 -60.40 -20.98
CA VAL H 3 -32.56 -60.77 -22.29
C VAL H 3 -32.36 -59.58 -23.23
N ASN H 4 -31.42 -59.70 -24.16
CA ASN H 4 -31.00 -58.61 -25.02
C ASN H 4 -31.00 -59.05 -26.48
N LEU H 5 -31.03 -58.06 -27.36
CA LEU H 5 -31.05 -58.30 -28.80
C LEU H 5 -30.08 -57.43 -29.59
N THR H 6 -29.39 -56.49 -28.95
CA THR H 6 -28.63 -55.48 -29.69
C THR H 6 -27.45 -56.08 -30.44
N THR H 7 -27.13 -55.47 -31.58
CA THR H 7 -25.92 -55.79 -32.32
C THR H 7 -25.12 -54.51 -32.56
N ARG H 8 -24.07 -54.58 -33.39
CA ARG H 8 -23.20 -53.45 -33.61
C ARG H 8 -22.82 -53.36 -35.09
N THR H 9 -22.41 -52.16 -35.50
CA THR H 9 -21.95 -51.91 -36.85
C THR H 9 -21.04 -50.70 -36.82
N GLN H 10 -20.12 -50.64 -37.79
CA GLN H 10 -19.09 -49.60 -37.83
C GLN H 10 -19.24 -48.77 -39.09
N LEU H 11 -19.47 -47.47 -38.94
CA LEU H 11 -19.53 -46.53 -40.05
C LEU H 11 -18.96 -45.21 -39.59
N PRO H 12 -18.48 -44.38 -40.50
CA PRO H 12 -17.97 -43.06 -40.12
C PRO H 12 -19.10 -42.17 -39.66
N PRO H 13 -18.88 -41.35 -38.62
CA PRO H 13 -19.98 -40.52 -38.10
C PRO H 13 -20.06 -39.16 -38.79
N ALA H 14 -21.26 -38.79 -39.22
CA ALA H 14 -21.45 -37.48 -39.82
C ALA H 14 -21.29 -36.39 -38.77
N TYR H 15 -20.97 -35.19 -39.24
CA TYR H 15 -20.75 -34.02 -38.39
C TYR H 15 -21.73 -32.93 -38.76
N THR H 16 -21.68 -31.84 -38.00
CA THR H 16 -22.48 -30.66 -38.29
C THR H 16 -22.01 -29.52 -37.40
N ASN H 17 -22.06 -28.30 -37.93
CA ASN H 17 -21.58 -27.14 -37.21
C ASN H 17 -22.50 -26.81 -36.04
N SER H 18 -21.91 -26.36 -34.93
CA SER H 18 -22.67 -26.15 -33.69
C SER H 18 -23.53 -24.91 -33.77
N PHE H 19 -23.02 -23.81 -34.33
CA PHE H 19 -23.77 -22.57 -34.49
C PHE H 19 -24.03 -21.87 -33.15
N THR H 20 -23.04 -21.88 -32.26
CA THR H 20 -23.00 -21.04 -31.06
C THR H 20 -23.91 -21.51 -29.93
N ARG H 21 -24.31 -22.77 -29.89
CA ARG H 21 -25.20 -23.24 -28.82
C ARG H 21 -24.39 -23.75 -27.63
N GLY H 22 -25.00 -23.71 -26.45
CA GLY H 22 -24.40 -24.28 -25.26
C GLY H 22 -24.08 -23.30 -24.14
N VAL H 23 -24.90 -22.26 -23.98
CA VAL H 23 -24.70 -21.26 -22.93
C VAL H 23 -25.83 -21.38 -21.92
N TYR H 24 -25.48 -21.43 -20.63
CA TYR H 24 -26.44 -21.66 -19.56
C TYR H 24 -26.36 -20.55 -18.51
N TYR H 25 -27.31 -20.58 -17.58
CA TYR H 25 -27.43 -19.54 -16.56
C TYR H 25 -26.56 -19.86 -15.36
N PRO H 26 -25.55 -19.04 -15.04
CA PRO H 26 -24.88 -19.18 -13.74
C PRO H 26 -25.51 -18.33 -12.63
N ASP H 27 -25.95 -18.99 -11.56
CA ASP H 27 -26.20 -18.36 -10.27
C ASP H 27 -27.39 -17.41 -10.21
N LYS H 28 -27.16 -16.17 -9.76
CA LYS H 28 -28.20 -15.26 -9.28
C LYS H 28 -28.81 -14.48 -10.45
N VAL H 29 -29.55 -13.43 -10.13
CA VAL H 29 -30.07 -12.51 -11.13
C VAL H 29 -29.04 -11.41 -11.38
N PHE H 30 -28.81 -11.11 -12.65
CA PHE H 30 -28.20 -9.85 -13.08
C PHE H 30 -29.21 -9.24 -14.04
N ARG H 31 -30.20 -8.55 -13.47
CA ARG H 31 -31.29 -8.04 -14.27
C ARG H 31 -30.84 -6.89 -15.15
N SER H 32 -30.00 -6.01 -14.62
CA SER H 32 -29.57 -4.85 -15.37
C SER H 32 -28.94 -5.30 -16.69
N SER H 33 -29.17 -4.51 -17.73
CA SER H 33 -28.72 -4.91 -19.07
C SER H 33 -27.22 -5.00 -19.18
N VAL H 34 -26.47 -4.47 -18.20
CA VAL H 34 -25.02 -4.48 -18.28
C VAL H 34 -24.51 -5.91 -18.47
N LEU H 35 -23.39 -6.02 -19.18
CA LEU H 35 -22.80 -7.31 -19.50
C LEU H 35 -22.20 -7.94 -18.24
N HIS H 36 -21.64 -9.13 -18.41
CA HIS H 36 -20.95 -9.79 -17.31
C HIS H 36 -19.98 -10.81 -17.88
N SER H 37 -18.75 -10.82 -17.37
CA SER H 37 -17.72 -11.74 -17.83
C SER H 37 -17.73 -12.99 -16.96
N THR H 38 -17.99 -14.14 -17.57
CA THR H 38 -18.09 -15.40 -16.85
C THR H 38 -17.11 -16.41 -17.42
N GLN H 39 -16.29 -16.99 -16.56
CA GLN H 39 -15.31 -17.99 -16.95
C GLN H 39 -15.77 -19.34 -16.41
N ASP H 40 -15.98 -20.30 -17.32
CA ASP H 40 -16.48 -21.61 -16.93
C ASP H 40 -16.35 -22.56 -18.12
N LEU H 41 -16.81 -23.80 -17.90
CA LEU H 41 -16.81 -24.77 -18.98
C LEU H 41 -18.03 -24.57 -19.86
N PHE H 42 -17.81 -24.46 -21.17
CA PHE H 42 -18.90 -24.22 -22.11
C PHE H 42 -18.61 -25.01 -23.38
N LEU H 43 -19.47 -24.85 -24.38
CA LEU H 43 -19.26 -25.44 -25.68
C LEU H 43 -18.77 -24.37 -26.64
N PRO H 44 -17.50 -24.39 -27.04
CA PRO H 44 -17.00 -23.30 -27.90
C PRO H 44 -17.82 -23.17 -29.17
N PHE H 45 -18.04 -21.91 -29.57
CA PHE H 45 -18.88 -21.64 -30.74
C PHE H 45 -18.23 -22.15 -32.01
N PHE H 46 -19.07 -22.52 -32.96
CA PHE H 46 -18.62 -22.95 -34.29
C PHE H 46 -17.61 -24.09 -34.19
N SER H 47 -17.80 -24.97 -33.21
CA SER H 47 -17.06 -26.23 -33.11
C SER H 47 -18.06 -27.34 -33.35
N ASN H 48 -17.92 -28.01 -34.50
CA ASN H 48 -18.94 -28.96 -34.93
C ASN H 48 -19.20 -30.00 -33.84
N VAL H 49 -20.43 -30.50 -33.82
CA VAL H 49 -20.87 -31.52 -32.87
C VAL H 49 -21.18 -32.78 -33.65
N THR H 50 -20.65 -33.91 -33.20
CA THR H 50 -20.84 -35.16 -33.92
C THR H 50 -22.33 -35.45 -34.09
N TRP H 51 -22.64 -36.50 -34.85
CA TRP H 51 -24.02 -36.91 -35.09
C TRP H 51 -24.07 -38.43 -35.03
N PHE H 52 -25.00 -38.97 -34.26
CA PHE H 52 -25.09 -40.40 -34.05
C PHE H 52 -26.50 -40.88 -34.36
N HIS H 53 -26.58 -42.07 -34.93
CA HIS H 53 -27.84 -42.79 -35.08
C HIS H 53 -27.91 -43.81 -33.95
N ALA H 54 -28.67 -43.47 -32.91
CA ALA H 54 -28.82 -44.39 -31.78
C ALA H 54 -29.27 -45.75 -32.26
N ILE H 55 -30.34 -45.78 -33.05
CA ILE H 55 -30.79 -46.99 -33.73
C ILE H 55 -30.28 -46.84 -35.17
N HIS H 56 -29.07 -47.36 -35.42
CA HIS H 56 -28.42 -47.12 -36.70
C HIS H 56 -29.32 -47.59 -37.84
N VAL H 57 -29.53 -46.70 -38.80
CA VAL H 57 -30.34 -47.00 -39.98
C VAL H 57 -29.45 -46.85 -41.20
N SER H 58 -29.35 -47.92 -42.00
CA SER H 58 -28.63 -47.85 -43.26
C SER H 58 -29.54 -47.32 -44.35
N GLY H 59 -30.13 -46.16 -44.10
CA GLY H 59 -31.06 -45.56 -45.04
C GLY H 59 -32.48 -46.05 -44.89
N THR H 60 -32.73 -47.29 -45.33
CA THR H 60 -34.10 -47.81 -45.30
C THR H 60 -34.59 -47.97 -43.87
N ASN H 61 -33.82 -48.65 -43.02
CA ASN H 61 -34.23 -48.94 -41.65
C ASN H 61 -33.01 -49.43 -40.89
N GLY H 62 -33.19 -49.60 -39.58
CA GLY H 62 -32.13 -50.14 -38.74
C GLY H 62 -32.27 -51.63 -38.54
N THR H 63 -31.36 -52.40 -39.14
CA THR H 63 -31.41 -53.85 -39.00
C THR H 63 -30.92 -54.23 -37.60
N LYS H 64 -31.76 -53.96 -36.60
CA LYS H 64 -31.44 -54.19 -35.19
C LYS H 64 -30.08 -53.62 -34.81
N ARG H 65 -29.63 -52.59 -35.53
CA ARG H 65 -28.36 -51.92 -35.25
C ARG H 65 -28.62 -50.77 -34.29
N PHE H 66 -28.52 -51.05 -33.00
CA PHE H 66 -28.73 -50.04 -31.96
C PHE H 66 -27.37 -49.53 -31.52
N ASP H 67 -26.79 -48.66 -32.35
CA ASP H 67 -25.45 -48.14 -32.12
C ASP H 67 -25.52 -47.04 -31.07
N ASN H 68 -25.30 -47.43 -29.82
CA ASN H 68 -25.16 -46.50 -28.70
C ASN H 68 -23.76 -46.62 -28.13
N PRO H 69 -22.75 -46.19 -28.88
CA PRO H 69 -21.37 -46.39 -28.43
C PRO H 69 -21.10 -45.70 -27.11
N VAL H 70 -20.13 -46.23 -26.37
CA VAL H 70 -19.76 -45.69 -25.08
C VAL H 70 -18.85 -44.49 -25.29
N LEU H 71 -19.44 -43.31 -25.40
CA LEU H 71 -18.67 -42.11 -25.69
C LEU H 71 -17.83 -41.69 -24.48
N PRO H 72 -16.69 -41.04 -24.71
CA PRO H 72 -15.93 -40.49 -23.59
C PRO H 72 -16.58 -39.23 -23.05
N PHE H 73 -16.85 -39.21 -21.74
CA PHE H 73 -17.58 -38.09 -21.16
C PHE H 73 -16.74 -36.81 -21.15
N ASN H 74 -15.43 -36.93 -21.00
CA ASN H 74 -14.57 -35.76 -20.94
C ASN H 74 -14.94 -34.88 -19.75
N ASP H 75 -14.62 -33.58 -19.83
CA ASP H 75 -14.98 -32.68 -18.74
C ASP H 75 -16.50 -32.60 -18.57
N GLY H 76 -17.20 -32.31 -19.66
CA GLY H 76 -18.65 -32.23 -19.63
C GLY H 76 -19.19 -32.41 -21.03
N VAL H 77 -20.48 -32.70 -21.10
CA VAL H 77 -21.10 -33.08 -22.37
C VAL H 77 -22.31 -32.20 -22.64
N TYR H 78 -22.40 -31.70 -23.86
CA TYR H 78 -23.62 -31.10 -24.40
C TYR H 78 -24.33 -32.16 -25.22
N PHE H 79 -25.56 -32.50 -24.83
CA PHE H 79 -26.32 -33.60 -25.41
C PHE H 79 -27.58 -33.03 -26.04
N ALA H 80 -27.74 -33.23 -27.33
CA ALA H 80 -28.89 -32.68 -28.05
C ALA H 80 -29.68 -33.79 -28.71
N SER H 81 -31.00 -33.69 -28.63
CA SER H 81 -31.89 -34.70 -29.19
C SER H 81 -33.08 -34.02 -29.82
N THR H 82 -33.70 -34.72 -30.78
CA THR H 82 -34.88 -34.21 -31.47
C THR H 82 -36.00 -35.22 -31.64
N GLU H 83 -35.73 -36.51 -31.58
CA GLU H 83 -36.77 -37.51 -31.82
C GLU H 83 -37.78 -37.49 -30.68
N LYS H 84 -39.05 -37.65 -31.03
CA LYS H 84 -40.15 -37.65 -30.07
C LYS H 84 -40.55 -39.05 -29.63
N SER H 85 -39.86 -40.10 -30.12
CA SER H 85 -40.28 -41.47 -29.84
C SER H 85 -40.03 -41.89 -28.41
N ASN H 86 -39.33 -41.09 -27.61
CA ASN H 86 -39.00 -41.42 -26.22
C ASN H 86 -38.02 -42.57 -26.13
N ILE H 87 -37.31 -42.88 -27.21
CA ILE H 87 -36.33 -43.97 -27.18
C ILE H 87 -35.17 -43.60 -26.27
N ILE H 88 -34.75 -42.33 -26.29
CA ILE H 88 -33.69 -41.86 -25.40
C ILE H 88 -34.38 -41.54 -24.07
N ARG H 89 -34.49 -42.57 -23.23
CA ARG H 89 -35.26 -42.49 -22.00
C ARG H 89 -34.39 -42.40 -20.77
N GLY H 90 -33.09 -42.19 -20.94
CA GLY H 90 -32.21 -42.11 -19.77
C GLY H 90 -30.78 -41.89 -20.20
N TRP H 91 -29.91 -41.85 -19.20
CA TRP H 91 -28.48 -41.67 -19.40
C TRP H 91 -27.74 -42.53 -18.40
N ILE H 92 -26.47 -42.80 -18.70
CA ILE H 92 -25.60 -43.59 -17.84
C ILE H 92 -24.27 -42.85 -17.71
N PHE H 93 -23.79 -42.69 -16.49
CA PHE H 93 -22.52 -42.06 -16.22
C PHE H 93 -21.70 -42.96 -15.30
N GLY H 94 -20.41 -43.02 -15.55
CA GLY H 94 -19.54 -43.84 -14.72
C GLY H 94 -18.07 -43.54 -14.92
N THR H 95 -17.27 -43.73 -13.88
CA THR H 95 -15.84 -43.51 -13.99
C THR H 95 -15.23 -44.46 -15.03
N THR H 96 -15.70 -45.70 -15.06
CA THR H 96 -15.29 -46.66 -16.08
C THR H 96 -16.45 -47.42 -16.71
N LEU H 97 -17.62 -47.45 -16.09
CA LEU H 97 -18.80 -48.17 -16.58
C LEU H 97 -18.57 -49.67 -16.67
N ASP H 98 -17.46 -50.17 -16.13
CA ASP H 98 -17.12 -51.58 -16.19
C ASP H 98 -17.12 -52.20 -14.79
N SER H 99 -18.10 -51.82 -13.97
CA SER H 99 -18.24 -52.36 -12.63
C SER H 99 -17.04 -51.99 -11.78
N LYS H 100 -16.81 -52.73 -10.69
CA LYS H 100 -15.67 -52.59 -9.79
C LYS H 100 -15.54 -51.18 -9.22
N THR H 101 -16.54 -50.32 -9.42
CA THR H 101 -16.54 -48.97 -8.89
C THR H 101 -17.98 -48.49 -8.79
N GLN H 102 -18.17 -47.43 -8.01
CA GLN H 102 -19.49 -46.80 -7.93
C GLN H 102 -19.80 -46.07 -9.22
N SER H 103 -21.06 -46.11 -9.63
CA SER H 103 -21.49 -45.51 -10.88
C SER H 103 -22.91 -44.99 -10.76
N LEU H 104 -23.23 -44.01 -11.59
CA LEU H 104 -24.53 -43.36 -11.59
C LEU H 104 -25.47 -44.04 -12.58
N LEU H 105 -26.77 -43.85 -12.36
CA LEU H 105 -27.78 -44.32 -13.28
C LEU H 105 -29.00 -43.42 -13.18
N ILE H 106 -29.50 -42.95 -14.32
CA ILE H 106 -30.62 -42.03 -14.38
C ILE H 106 -31.68 -42.60 -15.31
N VAL H 107 -32.93 -42.62 -14.85
CA VAL H 107 -34.03 -43.13 -15.66
C VAL H 107 -35.27 -42.26 -15.40
N ASN H 108 -36.20 -42.29 -16.33
CA ASN H 108 -37.49 -41.65 -16.16
C ASN H 108 -38.57 -42.51 -16.79
N ASN H 109 -39.74 -42.56 -16.13
CA ASN H 109 -40.83 -43.43 -16.54
C ASN H 109 -42.00 -42.65 -17.14
N ALA H 110 -41.76 -41.45 -17.64
CA ALA H 110 -42.79 -40.53 -18.14
C ALA H 110 -43.66 -39.98 -17.02
N THR H 111 -43.40 -40.35 -15.77
CA THR H 111 -44.11 -39.82 -14.62
C THR H 111 -43.19 -39.43 -13.47
N ASN H 112 -41.92 -39.84 -13.50
CA ASN H 112 -40.98 -39.55 -12.42
C ASN H 112 -39.57 -39.68 -12.97
N VAL H 113 -38.60 -39.27 -12.14
CA VAL H 113 -37.19 -39.47 -12.41
C VAL H 113 -36.60 -40.24 -11.25
N VAL H 114 -35.83 -41.28 -11.56
CA VAL H 114 -35.14 -42.09 -10.57
C VAL H 114 -33.65 -41.98 -10.84
N ILE H 115 -32.89 -41.52 -9.85
CA ILE H 115 -31.45 -41.36 -9.94
C ILE H 115 -30.82 -42.16 -8.82
N LYS H 116 -29.90 -43.06 -9.18
CA LYS H 116 -29.31 -43.96 -8.21
C LYS H 116 -27.81 -44.06 -8.44
N VAL H 117 -27.04 -43.87 -7.38
CA VAL H 117 -25.60 -44.05 -7.41
C VAL H 117 -25.29 -45.35 -6.69
N CYS H 118 -24.93 -46.38 -7.46
CA CYS H 118 -24.77 -47.73 -6.93
C CYS H 118 -23.51 -48.35 -7.52
N GLU H 119 -23.00 -49.36 -6.83
CA GLU H 119 -21.87 -50.13 -7.34
C GLU H 119 -22.36 -51.01 -8.49
N PHE H 120 -22.72 -50.38 -9.61
CA PHE H 120 -23.34 -51.09 -10.71
C PHE H 120 -22.38 -52.08 -11.35
N GLN H 121 -22.95 -53.13 -11.92
CA GLN H 121 -22.29 -53.97 -12.93
C GLN H 121 -23.29 -54.03 -14.07
N PHE H 122 -22.98 -53.34 -15.16
CA PHE H 122 -23.95 -53.15 -16.24
C PHE H 122 -23.93 -54.32 -17.21
N CYS H 123 -25.11 -54.76 -17.62
CA CYS H 123 -25.22 -55.67 -18.76
C CYS H 123 -24.75 -54.96 -20.02
N ASN H 124 -24.15 -55.72 -20.93
CA ASN H 124 -23.59 -55.12 -22.14
C ASN H 124 -24.62 -54.30 -22.89
N ASP H 125 -25.90 -54.69 -22.80
CA ASP H 125 -26.97 -53.98 -23.48
C ASP H 125 -27.90 -53.34 -22.45
N PRO H 126 -27.89 -52.02 -22.28
CA PRO H 126 -28.90 -51.38 -21.43
C PRO H 126 -30.13 -50.97 -22.24
N PHE H 127 -31.30 -51.14 -21.62
CA PHE H 127 -32.55 -50.88 -22.33
C PHE H 127 -33.71 -50.92 -21.35
N LEU H 128 -34.86 -50.43 -21.83
CA LEU H 128 -36.13 -50.53 -21.12
C LEU H 128 -37.16 -51.14 -22.05
N GLY H 129 -37.87 -52.15 -21.57
CA GLY H 129 -38.81 -52.89 -22.38
C GLY H 129 -40.26 -52.57 -22.05
N VAL H 130 -41.11 -52.65 -23.07
CA VAL H 130 -42.55 -52.42 -22.92
C VAL H 130 -43.26 -53.66 -23.44
N TYR H 131 -44.07 -54.27 -22.57
CA TYR H 131 -44.76 -55.50 -22.93
C TYR H 131 -46.02 -55.61 -22.09
N TYR H 132 -46.96 -56.41 -22.60
CA TYR H 132 -48.21 -56.64 -21.87
C TYR H 132 -47.93 -57.42 -20.59
N HIS H 133 -48.60 -57.02 -19.51
CA HIS H 133 -48.34 -57.55 -18.18
C HIS H 133 -49.65 -57.91 -17.49
N LYS H 134 -50.58 -58.50 -18.23
CA LYS H 134 -51.88 -58.91 -17.69
C LYS H 134 -52.56 -57.73 -16.99
N ASN H 135 -52.47 -56.55 -17.60
CA ASN H 135 -53.02 -55.33 -17.05
C ASN H 135 -53.75 -54.57 -18.14
N ASN H 136 -54.59 -53.63 -17.72
CA ASN H 136 -55.38 -52.85 -18.68
C ASN H 136 -54.47 -52.14 -19.67
N LYS H 137 -53.39 -51.55 -19.19
CA LYS H 137 -52.45 -50.87 -20.08
C LYS H 137 -51.84 -51.86 -21.06
N SER H 138 -51.60 -51.38 -22.29
CA SER H 138 -51.09 -52.26 -23.33
C SER H 138 -49.72 -52.80 -22.97
N TRP H 139 -48.83 -51.95 -22.45
CA TRP H 139 -47.46 -52.33 -22.16
C TRP H 139 -47.02 -51.72 -20.83
N MET H 140 -46.02 -52.34 -20.23
CA MET H 140 -45.44 -51.88 -18.97
C MET H 140 -44.03 -51.39 -19.23
N GLU H 141 -43.78 -50.11 -18.94
CA GLU H 141 -42.48 -49.50 -19.21
C GLU H 141 -41.56 -49.63 -18.00
N SER H 142 -41.40 -50.87 -17.54
CA SER H 142 -40.53 -51.19 -16.42
C SER H 142 -39.68 -52.40 -16.78
N GLU H 143 -38.47 -52.43 -16.23
CA GLU H 143 -37.57 -53.55 -16.46
C GLU H 143 -36.49 -53.55 -15.39
N PHE H 144 -36.42 -54.63 -14.60
CA PHE H 144 -35.21 -54.95 -13.88
C PHE H 144 -34.28 -55.72 -14.81
N ARG H 145 -33.01 -55.81 -14.41
CA ARG H 145 -31.92 -56.46 -15.16
C ARG H 145 -31.35 -55.55 -16.23
N VAL H 146 -31.77 -54.28 -16.31
CA VAL H 146 -31.15 -53.36 -17.26
C VAL H 146 -29.65 -53.34 -17.05
N TYR H 147 -29.24 -53.20 -15.79
CA TYR H 147 -27.89 -53.50 -15.36
C TYR H 147 -27.82 -54.96 -14.92
N SER H 148 -26.63 -55.55 -15.04
CA SER H 148 -26.47 -56.93 -14.61
C SER H 148 -26.75 -57.07 -13.12
N SER H 149 -26.27 -56.12 -12.32
CA SER H 149 -26.52 -56.13 -10.89
C SER H 149 -26.28 -54.74 -10.32
N ALA H 150 -26.94 -54.47 -9.19
CA ALA H 150 -26.73 -53.23 -8.45
C ALA H 150 -26.82 -53.59 -6.96
N ASN H 151 -25.66 -53.78 -6.33
CA ASN H 151 -25.63 -54.28 -4.97
C ASN H 151 -26.34 -53.33 -4.00
N ASN H 152 -25.80 -52.13 -3.85
CA ASN H 152 -26.36 -51.15 -2.93
C ASN H 152 -26.14 -49.76 -3.50
N CYS H 153 -27.13 -48.89 -3.32
CA CYS H 153 -27.08 -47.53 -3.84
C CYS H 153 -26.85 -46.56 -2.68
N THR H 154 -25.69 -45.91 -2.67
CA THR H 154 -25.41 -44.94 -1.61
C THR H 154 -26.39 -43.77 -1.68
N PHE H 155 -26.68 -43.28 -2.88
CA PHE H 155 -27.62 -42.18 -3.08
C PHE H 155 -28.79 -42.68 -3.91
N GLU H 156 -30.00 -42.47 -3.38
CA GLU H 156 -31.24 -42.79 -4.06
C GLU H 156 -32.11 -41.55 -4.10
N TYR H 157 -32.66 -41.24 -5.27
CA TYR H 157 -33.46 -40.03 -5.40
C TYR H 157 -34.60 -40.29 -6.38
N VAL H 158 -35.80 -39.88 -5.98
CA VAL H 158 -36.99 -40.00 -6.80
C VAL H 158 -37.68 -38.64 -6.84
N SER H 159 -38.12 -38.24 -8.03
CA SER H 159 -38.74 -36.92 -8.18
C SER H 159 -39.60 -36.92 -9.43
N GLN H 160 -39.98 -35.73 -9.89
CA GLN H 160 -40.68 -35.60 -11.14
C GLN H 160 -39.73 -35.89 -12.31
N PRO H 161 -40.26 -36.35 -13.44
CA PRO H 161 -39.39 -36.73 -14.56
C PRO H 161 -38.69 -35.53 -15.17
N PHE H 162 -37.53 -35.77 -15.78
CA PHE H 162 -36.84 -34.74 -16.53
C PHE H 162 -37.45 -34.60 -17.91
N LEU H 163 -38.76 -34.46 -17.96
CA LEU H 163 -39.49 -34.42 -19.23
C LEU H 163 -40.58 -33.38 -19.12
N MET H 164 -40.69 -32.52 -20.14
CA MET H 164 -41.65 -31.43 -20.15
C MET H 164 -42.67 -31.56 -21.27
N ASP H 165 -42.22 -31.86 -22.49
CA ASP H 165 -43.09 -31.97 -23.66
C ASP H 165 -42.75 -33.21 -24.45
N LEU H 166 -42.59 -34.34 -23.76
CA LEU H 166 -42.23 -35.59 -24.42
C LEU H 166 -43.42 -36.30 -25.05
N GLU H 167 -44.64 -35.81 -24.85
CA GLU H 167 -45.83 -36.44 -25.39
C GLU H 167 -46.77 -35.39 -25.96
N GLY H 168 -47.44 -35.73 -27.05
CA GLY H 168 -48.45 -34.85 -27.63
C GLY H 168 -47.91 -33.71 -28.45
N LYS H 169 -46.62 -33.72 -28.81
CA LYS H 169 -46.06 -32.63 -29.59
C LYS H 169 -46.72 -32.58 -30.97
N GLN H 170 -47.04 -31.37 -31.41
CA GLN H 170 -47.66 -31.17 -32.72
C GLN H 170 -46.64 -31.39 -33.83
N GLY H 171 -47.14 -31.76 -35.01
CA GLY H 171 -46.27 -32.04 -36.13
C GLY H 171 -45.71 -30.81 -36.81
N ASN H 172 -46.25 -29.63 -36.50
CA ASN H 172 -45.73 -28.40 -37.10
C ASN H 172 -44.28 -28.16 -36.69
N PHE H 173 -43.96 -28.39 -35.42
CA PHE H 173 -42.63 -28.17 -34.89
C PHE H 173 -42.12 -29.46 -34.24
N LYS H 174 -40.80 -29.57 -34.16
CA LYS H 174 -40.15 -30.76 -33.63
C LYS H 174 -39.31 -30.40 -32.41
N ASN H 175 -39.09 -31.40 -31.55
CA ASN H 175 -38.33 -31.18 -30.33
C ASN H 175 -36.89 -30.80 -30.67
N LEU H 176 -36.30 -29.95 -29.84
CA LEU H 176 -34.90 -29.57 -29.93
C LEU H 176 -34.27 -29.61 -28.54
N ARG H 177 -34.48 -30.72 -27.84
CA ARG H 177 -34.07 -30.80 -26.44
C ARG H 177 -32.56 -30.72 -26.32
N GLU H 178 -32.10 -29.97 -25.31
CA GLU H 178 -30.68 -29.84 -25.00
C GLU H 178 -30.44 -30.25 -23.54
N PHE H 179 -29.20 -30.60 -23.27
CA PHE H 179 -28.73 -30.88 -21.91
C PHE H 179 -27.26 -30.53 -21.82
N VAL H 180 -26.84 -30.07 -20.65
CA VAL H 180 -25.45 -29.87 -20.33
C VAL H 180 -25.18 -30.63 -19.04
N PHE H 181 -24.45 -31.73 -19.13
CA PHE H 181 -24.09 -32.53 -17.98
C PHE H 181 -22.64 -32.24 -17.61
N LYS H 182 -22.42 -31.81 -16.38
CA LYS H 182 -21.07 -31.56 -15.89
C LYS H 182 -20.94 -32.12 -14.48
N ASN H 183 -19.70 -32.37 -14.07
CA ASN H 183 -19.39 -32.93 -12.74
C ASN H 183 -18.24 -32.12 -12.15
N ILE H 184 -18.60 -31.12 -11.34
CA ILE H 184 -17.63 -30.18 -10.78
C ILE H 184 -17.86 -30.04 -9.28
N ASP H 185 -16.77 -30.07 -8.52
CA ASP H 185 -16.81 -29.90 -7.07
C ASP H 185 -17.64 -30.98 -6.38
N GLY H 186 -17.65 -32.18 -6.96
CA GLY H 186 -18.48 -33.24 -6.43
C GLY H 186 -19.95 -33.09 -6.71
N TYR H 187 -20.33 -32.12 -7.52
CA TYR H 187 -21.72 -31.86 -7.88
C TYR H 187 -21.93 -32.18 -9.35
N PHE H 188 -22.89 -33.06 -9.62
CA PHE H 188 -23.34 -33.34 -10.97
C PHE H 188 -24.48 -32.38 -11.28
N LYS H 189 -24.30 -31.58 -12.33
CA LYS H 189 -25.24 -30.53 -12.71
C LYS H 189 -25.77 -30.80 -14.10
N ILE H 190 -27.10 -30.63 -14.24
CA ILE H 190 -27.83 -30.92 -15.47
C ILE H 190 -28.55 -29.64 -15.85
N TYR H 191 -27.93 -28.83 -16.70
CA TYR H 191 -28.57 -27.60 -17.17
C TYR H 191 -29.34 -27.93 -18.45
N SER H 192 -30.66 -27.90 -18.37
CA SER H 192 -31.51 -28.36 -19.46
C SER H 192 -32.45 -27.24 -19.91
N LYS H 193 -32.78 -27.26 -21.21
CA LYS H 193 -33.73 -26.34 -21.78
C LYS H 193 -34.42 -27.03 -22.94
N HIS H 194 -35.70 -26.70 -23.16
CA HIS H 194 -36.49 -27.25 -24.24
C HIS H 194 -37.01 -26.10 -25.09
N THR H 195 -36.79 -26.19 -26.40
CA THR H 195 -37.19 -25.11 -27.29
C THR H 195 -37.79 -25.67 -28.58
N PRO H 196 -39.10 -25.56 -28.78
CA PRO H 196 -39.69 -26.04 -30.04
C PRO H 196 -39.42 -25.06 -31.17
N ILE H 197 -38.89 -25.59 -32.29
CA ILE H 197 -38.58 -24.81 -33.47
C ILE H 197 -39.02 -25.61 -34.69
N ASN H 198 -39.22 -24.90 -35.80
CA ASN H 198 -39.59 -25.56 -37.05
C ASN H 198 -38.53 -26.57 -37.43
N LEU H 199 -38.98 -27.70 -37.98
CA LEU H 199 -38.08 -28.80 -38.26
C LEU H 199 -36.97 -28.36 -39.22
N VAL H 200 -35.73 -28.49 -38.77
CA VAL H 200 -34.56 -28.23 -39.59
C VAL H 200 -33.44 -29.13 -39.10
N ARG H 201 -32.84 -29.90 -40.02
CA ARG H 201 -31.78 -30.81 -39.63
C ARG H 201 -30.61 -30.05 -39.00
N ASP H 202 -30.22 -28.93 -39.61
CA ASP H 202 -29.23 -28.05 -39.02
C ASP H 202 -29.87 -27.24 -37.89
N LEU H 203 -29.11 -27.05 -36.81
CA LEU H 203 -29.65 -26.35 -35.66
C LEU H 203 -30.00 -24.91 -36.04
N PRO H 204 -31.19 -24.44 -35.68
CA PRO H 204 -31.60 -23.09 -36.12
C PRO H 204 -30.71 -22.02 -35.52
N GLN H 205 -30.58 -20.92 -36.27
CA GLN H 205 -29.79 -19.79 -35.80
C GLN H 205 -30.54 -19.05 -34.69
N GLY H 206 -29.77 -18.50 -33.75
CA GLY H 206 -30.32 -17.78 -32.62
C GLY H 206 -29.56 -18.12 -31.37
N PHE H 207 -30.17 -17.83 -30.22
CA PHE H 207 -29.58 -18.15 -28.93
C PHE H 207 -30.66 -18.65 -28.00
N SER H 208 -30.25 -19.46 -27.02
CA SER H 208 -31.17 -19.99 -26.03
C SER H 208 -30.36 -20.40 -24.81
N ALA H 209 -30.72 -19.86 -23.65
CA ALA H 209 -29.99 -20.12 -22.41
C ALA H 209 -30.62 -21.26 -21.66
N LEU H 210 -29.79 -22.07 -21.01
CA LEU H 210 -30.22 -23.26 -20.28
C LEU H 210 -30.13 -23.00 -18.79
N GLU H 211 -31.22 -23.28 -18.08
CA GLU H 211 -31.28 -23.09 -16.63
C GLU H 211 -31.23 -24.43 -15.91
N PRO H 212 -30.65 -24.50 -14.72
CA PRO H 212 -30.44 -25.79 -14.06
C PRO H 212 -31.77 -26.37 -13.56
N LEU H 213 -32.09 -27.58 -14.03
CA LEU H 213 -33.23 -28.30 -13.49
C LEU H 213 -32.92 -28.90 -12.12
N VAL H 214 -31.73 -29.48 -11.96
CA VAL H 214 -31.35 -30.10 -10.70
C VAL H 214 -29.86 -29.96 -10.47
N ASP H 215 -29.39 -30.41 -9.31
CA ASP H 215 -27.96 -30.39 -8.97
C ASP H 215 -27.77 -31.36 -7.83
N LEU H 216 -27.09 -32.48 -8.08
CA LEU H 216 -27.00 -33.55 -7.11
C LEU H 216 -25.56 -33.78 -6.68
N PRO H 217 -25.27 -33.85 -5.37
CA PRO H 217 -23.88 -34.10 -4.93
C PRO H 217 -23.54 -35.59 -4.93
N ILE H 218 -23.48 -36.19 -6.12
CA ILE H 218 -23.15 -37.60 -6.21
C ILE H 218 -21.68 -37.83 -5.85
N GLY H 219 -20.79 -36.95 -6.29
CA GLY H 219 -19.37 -37.10 -6.03
C GLY H 219 -18.79 -38.36 -6.64
N ILE H 220 -19.12 -38.61 -7.91
CA ILE H 220 -18.67 -39.79 -8.64
C ILE H 220 -17.89 -39.34 -9.85
N ASN H 221 -16.69 -39.88 -10.02
CA ASN H 221 -15.90 -39.58 -11.21
C ASN H 221 -16.58 -40.15 -12.45
N ILE H 222 -16.55 -39.38 -13.54
CA ILE H 222 -17.16 -39.76 -14.81
C ILE H 222 -16.12 -39.59 -15.90
N THR H 223 -15.82 -40.68 -16.62
CA THR H 223 -14.92 -40.64 -17.76
C THR H 223 -15.64 -40.97 -19.06
N ARG H 224 -16.40 -42.07 -19.08
CA ARG H 224 -17.16 -42.47 -20.25
C ARG H 224 -18.64 -42.57 -19.88
N PHE H 225 -19.51 -42.13 -20.80
CA PHE H 225 -20.95 -42.19 -20.60
C PHE H 225 -21.59 -42.75 -21.85
N GLN H 226 -22.59 -43.61 -21.65
CA GLN H 226 -23.32 -44.23 -22.76
C GLN H 226 -24.80 -43.99 -22.57
N THR H 227 -25.44 -43.38 -23.56
CA THR H 227 -26.88 -43.14 -23.47
C THR H 227 -27.62 -44.46 -23.32
N LEU H 228 -28.61 -44.47 -22.43
CA LEU H 228 -29.42 -45.65 -22.17
C LEU H 228 -30.59 -45.65 -23.15
N LEU H 229 -30.41 -46.34 -24.28
CA LEU H 229 -31.47 -46.43 -25.26
C LEU H 229 -32.58 -47.33 -24.75
N ALA H 230 -33.78 -46.78 -24.62
CA ALA H 230 -34.94 -47.56 -24.17
C ALA H 230 -35.39 -48.44 -25.33
N LEU H 231 -34.73 -49.58 -25.47
CA LEU H 231 -35.03 -50.49 -26.56
C LEU H 231 -36.37 -51.16 -26.29
N HIS H 232 -37.45 -50.49 -26.71
CA HIS H 232 -38.77 -51.06 -26.51
C HIS H 232 -38.89 -52.36 -27.29
N ARG H 233 -40.00 -53.05 -27.07
CA ARG H 233 -40.16 -54.40 -27.63
C ARG H 233 -39.97 -54.35 -29.14
N SER H 234 -39.18 -55.28 -29.66
CA SER H 234 -38.90 -55.31 -31.09
C SER H 234 -40.17 -55.46 -31.89
N TYR H 235 -41.20 -56.05 -31.29
CA TYR H 235 -42.47 -56.25 -31.98
C TYR H 235 -43.23 -54.95 -32.14
N LEU H 236 -42.89 -53.92 -31.35
CA LEU H 236 -43.53 -52.62 -31.45
C LEU H 236 -43.42 -52.08 -32.88
N GLY H 244 -36.99 -59.65 -30.20
CA GLY H 244 -36.48 -59.22 -28.91
C GLY H 244 -36.86 -57.79 -28.59
N TRP H 245 -35.89 -56.87 -28.73
CA TRP H 245 -36.11 -55.47 -28.42
C TRP H 245 -35.51 -54.62 -29.53
N THR H 246 -36.31 -53.71 -30.08
CA THR H 246 -35.88 -52.82 -31.14
C THR H 246 -36.44 -51.42 -30.89
N ALA H 247 -35.95 -50.45 -31.66
CA ALA H 247 -36.38 -49.06 -31.50
C ALA H 247 -36.39 -48.38 -32.86
N GLY H 248 -37.15 -47.29 -32.95
CA GLY H 248 -37.45 -46.67 -34.23
C GLY H 248 -36.53 -45.55 -34.69
N ALA H 249 -35.31 -45.89 -35.07
CA ALA H 249 -34.44 -44.99 -35.82
C ALA H 249 -34.27 -43.64 -35.11
N ALA H 250 -33.61 -43.68 -33.96
CA ALA H 250 -33.33 -42.48 -33.20
C ALA H 250 -31.93 -41.95 -33.53
N ALA H 251 -31.68 -40.72 -33.11
CA ALA H 251 -30.39 -40.07 -33.35
C ALA H 251 -30.19 -38.98 -32.31
N TYR H 252 -28.93 -38.58 -32.14
CA TYR H 252 -28.62 -37.52 -31.17
C TYR H 252 -27.22 -36.99 -31.43
N TYR H 253 -26.95 -35.82 -30.86
CA TYR H 253 -25.67 -35.14 -31.03
C TYR H 253 -24.97 -35.00 -29.70
N VAL H 254 -23.65 -35.20 -29.71
CA VAL H 254 -22.82 -35.13 -28.51
C VAL H 254 -21.66 -34.19 -28.77
N GLY H 255 -21.45 -33.23 -27.87
CA GLY H 255 -20.30 -32.36 -27.94
C GLY H 255 -19.63 -32.27 -26.59
N TYR H 256 -18.35 -31.88 -26.61
CA TYR H 256 -17.53 -31.84 -25.41
C TYR H 256 -17.16 -30.41 -25.06
N LEU H 257 -17.22 -30.09 -23.77
CA LEU H 257 -17.01 -28.74 -23.29
C LEU H 257 -15.53 -28.46 -23.07
N GLN H 258 -15.18 -27.18 -23.11
CA GLN H 258 -13.84 -26.68 -22.85
C GLN H 258 -13.94 -25.51 -21.90
N PRO H 259 -12.86 -25.20 -21.17
CA PRO H 259 -12.84 -23.98 -20.35
C PRO H 259 -12.76 -22.74 -21.23
N ARG H 260 -13.70 -21.82 -21.06
CA ARG H 260 -13.76 -20.61 -21.85
C ARG H 260 -14.25 -19.47 -20.99
N THR H 261 -13.86 -18.26 -21.36
CA THR H 261 -14.31 -17.02 -20.74
C THR H 261 -15.26 -16.33 -21.72
N PHE H 262 -16.57 -16.41 -21.44
CA PHE H 262 -17.60 -15.74 -22.25
C PHE H 262 -17.95 -14.38 -21.66
N LEU H 263 -18.56 -13.56 -22.50
CA LEU H 263 -19.18 -12.31 -22.09
C LEU H 263 -20.67 -12.43 -22.36
N LEU H 264 -21.48 -12.18 -21.34
CA LEU H 264 -22.92 -12.42 -21.39
C LEU H 264 -23.68 -11.11 -21.33
N LYS H 265 -24.67 -10.97 -22.20
CA LYS H 265 -25.56 -9.82 -22.23
C LYS H 265 -26.90 -10.21 -21.62
N TYR H 266 -27.51 -9.27 -20.92
CA TYR H 266 -28.82 -9.47 -20.31
C TYR H 266 -29.78 -8.39 -20.79
N ASN H 267 -31.07 -8.71 -20.78
CA ASN H 267 -32.13 -7.74 -20.98
C ASN H 267 -32.73 -7.37 -19.62
N GLU H 268 -33.73 -6.50 -19.62
CA GLU H 268 -34.35 -6.13 -18.35
C GLU H 268 -35.08 -7.29 -17.70
N ASN H 269 -35.33 -8.38 -18.43
CA ASN H 269 -35.98 -9.55 -17.86
C ASN H 269 -35.00 -10.59 -17.37
N GLY H 270 -33.70 -10.34 -17.45
CA GLY H 270 -32.71 -11.28 -16.97
C GLY H 270 -32.46 -12.47 -17.87
N THR H 271 -32.82 -12.39 -19.15
CA THR H 271 -32.60 -13.48 -20.09
C THR H 271 -31.37 -13.18 -20.94
N ILE H 272 -30.50 -14.18 -21.06
CA ILE H 272 -29.28 -14.05 -21.86
C ILE H 272 -29.67 -14.09 -23.33
N THR H 273 -29.54 -12.95 -24.02
CA THR H 273 -29.92 -12.86 -25.42
C THR H 273 -28.75 -13.19 -26.34
N ASP H 274 -27.60 -12.57 -26.12
CA ASP H 274 -26.42 -12.80 -26.94
C ASP H 274 -25.21 -12.99 -26.04
N ALA H 275 -24.22 -13.73 -26.56
CA ALA H 275 -22.99 -13.99 -25.83
C ALA H 275 -21.82 -13.90 -26.80
N VAL H 276 -20.64 -13.62 -26.24
CA VAL H 276 -19.41 -13.47 -27.01
C VAL H 276 -18.38 -14.44 -26.44
N ASP H 277 -17.69 -15.16 -27.33
CA ASP H 277 -16.63 -16.08 -26.94
C ASP H 277 -15.29 -15.45 -27.26
N CYS H 278 -14.43 -15.32 -26.25
CA CYS H 278 -13.17 -14.60 -26.43
C CYS H 278 -12.10 -15.43 -27.13
N ALA H 279 -12.31 -16.73 -27.30
CA ALA H 279 -11.34 -17.61 -27.94
C ALA H 279 -11.54 -17.68 -29.46
N LEU H 280 -12.56 -17.04 -30.00
CA LEU H 280 -12.85 -17.09 -31.42
C LEU H 280 -11.96 -16.11 -32.18
N ASP H 281 -12.36 -15.75 -33.40
CA ASP H 281 -11.61 -14.83 -34.25
C ASP H 281 -11.17 -13.60 -33.48
N PRO H 282 -10.19 -12.85 -33.98
CA PRO H 282 -9.71 -11.68 -33.23
C PRO H 282 -10.79 -10.69 -32.89
N LEU H 283 -11.83 -10.56 -33.71
CA LEU H 283 -12.87 -9.59 -33.43
C LEU H 283 -13.54 -9.90 -32.09
N SER H 284 -13.79 -11.18 -31.81
CA SER H 284 -14.41 -11.55 -30.55
C SER H 284 -13.51 -11.20 -29.37
N GLU H 285 -12.21 -11.44 -29.50
CA GLU H 285 -11.29 -11.11 -28.41
C GLU H 285 -11.23 -9.60 -28.19
N THR H 286 -11.25 -8.82 -29.27
CA THR H 286 -11.33 -7.37 -29.11
C THR H 286 -12.60 -6.97 -28.38
N LYS H 287 -13.73 -7.58 -28.74
CA LYS H 287 -14.98 -7.27 -28.06
C LYS H 287 -14.90 -7.59 -26.59
N CYS H 288 -14.28 -8.71 -26.24
CA CYS H 288 -14.09 -9.03 -24.82
C CYS H 288 -13.22 -7.99 -24.13
N THR H 289 -12.11 -7.59 -24.77
CA THR H 289 -11.20 -6.64 -24.14
C THR H 289 -11.87 -5.30 -23.89
N LEU H 290 -12.64 -4.81 -24.86
CA LEU H 290 -13.36 -3.55 -24.65
C LEU H 290 -14.58 -3.70 -23.76
N LYS H 291 -14.99 -4.93 -23.44
CA LYS H 291 -16.20 -5.21 -22.67
C LYS H 291 -17.45 -4.69 -23.37
N SER H 292 -17.40 -4.53 -24.69
CA SER H 292 -18.53 -4.04 -25.46
C SER H 292 -18.74 -4.91 -26.68
N PHE H 293 -20.00 -5.04 -27.10
CA PHE H 293 -20.34 -5.87 -28.24
C PHE H 293 -20.16 -5.17 -29.58
N THR H 294 -19.97 -3.86 -29.59
CA THR H 294 -19.74 -3.10 -30.81
C THR H 294 -18.38 -2.42 -30.73
N VAL H 295 -17.61 -2.52 -31.80
CA VAL H 295 -16.24 -2.02 -31.85
C VAL H 295 -16.17 -0.98 -32.97
N GLU H 296 -15.62 0.19 -32.64
CA GLU H 296 -15.45 1.24 -33.63
C GLU H 296 -14.17 1.03 -34.41
N LYS H 297 -14.10 1.68 -35.58
CA LYS H 297 -12.94 1.53 -36.45
C LYS H 297 -11.66 1.93 -35.73
N GLY H 298 -10.61 1.13 -35.90
CA GLY H 298 -9.33 1.48 -35.34
C GLY H 298 -8.46 0.26 -35.13
N ILE H 299 -7.34 0.49 -34.44
CA ILE H 299 -6.37 -0.56 -34.13
C ILE H 299 -6.34 -0.71 -32.61
N TYR H 300 -6.69 -1.90 -32.13
CA TYR H 300 -6.83 -2.16 -30.71
C TYR H 300 -5.79 -3.18 -30.27
N GLN H 301 -5.11 -2.90 -29.16
CA GLN H 301 -4.08 -3.79 -28.62
C GLN H 301 -4.76 -4.79 -27.70
N THR H 302 -5.18 -5.92 -28.26
CA THR H 302 -6.00 -6.87 -27.52
C THR H 302 -5.20 -7.59 -26.44
N SER H 303 -4.03 -8.10 -26.78
CA SER H 303 -3.32 -8.98 -25.86
C SER H 303 -1.86 -9.12 -26.31
N ASN H 304 -1.17 -10.09 -25.72
CA ASN H 304 0.22 -10.39 -26.04
C ASN H 304 0.34 -11.89 -26.27
N PHE H 305 1.21 -12.27 -27.21
CA PHE H 305 1.43 -13.66 -27.56
C PHE H 305 2.82 -14.10 -27.15
N ARG H 306 2.90 -15.26 -26.50
CA ARG H 306 4.15 -15.88 -26.09
C ARG H 306 4.20 -17.30 -26.64
N VAL H 307 5.33 -17.67 -27.24
CA VAL H 307 5.50 -19.04 -27.70
C VAL H 307 5.51 -19.97 -26.49
N GLN H 308 5.13 -21.23 -26.73
CA GLN H 308 4.99 -22.20 -25.66
C GLN H 308 6.12 -23.23 -25.69
N PRO H 309 6.46 -23.81 -24.55
CA PRO H 309 7.53 -24.81 -24.52
C PRO H 309 7.11 -26.11 -25.19
N THR H 310 8.10 -26.87 -25.65
CA THR H 310 7.87 -28.11 -26.38
C THR H 310 8.13 -29.35 -25.54
N GLU H 311 9.20 -29.39 -24.77
CA GLU H 311 9.55 -30.56 -23.98
C GLU H 311 10.30 -30.13 -22.73
N SER H 312 10.28 -31.00 -21.72
CA SER H 312 10.91 -30.72 -20.44
C SER H 312 12.36 -31.18 -20.45
N ILE H 313 13.20 -30.45 -19.73
CA ILE H 313 14.62 -30.75 -19.60
C ILE H 313 14.98 -30.73 -18.12
N VAL H 314 15.54 -31.83 -17.62
CA VAL H 314 15.97 -31.94 -16.25
C VAL H 314 17.41 -32.44 -16.25
N ARG H 315 18.30 -31.72 -15.55
CA ARG H 315 19.72 -32.02 -15.57
C ARG H 315 20.27 -31.91 -14.15
N PHE H 316 20.87 -32.99 -13.67
CA PHE H 316 21.42 -33.09 -12.33
C PHE H 316 22.81 -33.71 -12.40
N PRO H 317 23.67 -33.41 -11.42
CA PRO H 317 24.94 -34.13 -11.33
C PRO H 317 24.70 -35.63 -11.15
N ASN H 318 25.56 -36.44 -11.76
CA ASN H 318 25.43 -37.90 -11.64
C ASN H 318 26.26 -38.36 -10.45
N ILE H 319 25.58 -38.66 -9.35
CA ILE H 319 26.21 -39.14 -8.12
C ILE H 319 25.49 -40.42 -7.69
N THR H 320 26.25 -41.38 -7.18
CA THR H 320 25.74 -42.71 -6.90
C THR H 320 25.48 -42.97 -5.42
N ASN H 321 26.29 -42.40 -4.53
CA ASN H 321 26.18 -42.73 -3.12
C ASN H 321 24.83 -42.28 -2.57
N LEU H 322 24.33 -43.05 -1.61
CA LEU H 322 23.10 -42.73 -0.90
C LEU H 322 23.43 -42.04 0.42
N CYS H 323 22.74 -40.93 0.70
CA CYS H 323 23.09 -40.11 1.84
C CYS H 323 22.85 -40.88 3.15
N PRO H 324 23.65 -40.60 4.20
CA PRO H 324 23.52 -41.37 5.43
C PRO H 324 22.40 -40.90 6.35
N PHE H 325 21.48 -40.09 5.83
CA PHE H 325 20.40 -39.54 6.68
C PHE H 325 19.86 -40.60 7.63
N GLY H 326 19.40 -41.73 7.09
CA GLY H 326 18.92 -42.79 7.95
C GLY H 326 19.99 -43.29 8.90
N GLU H 327 21.23 -43.35 8.44
CA GLU H 327 22.32 -43.79 9.32
C GLU H 327 22.49 -42.83 10.49
N VAL H 328 22.41 -41.54 10.23
CA VAL H 328 22.54 -40.55 11.30
C VAL H 328 21.37 -40.68 12.27
N PHE H 329 20.15 -40.78 11.73
CA PHE H 329 18.98 -40.83 12.60
C PHE H 329 18.97 -42.09 13.47
N ASN H 330 19.34 -43.24 12.89
CA ASN H 330 19.25 -44.50 13.62
C ASN H 330 20.16 -44.50 14.85
N ALA H 331 21.35 -43.93 14.73
CA ALA H 331 22.33 -43.97 15.81
C ALA H 331 21.69 -43.60 17.14
N THR H 332 21.75 -44.54 18.09
CA THR H 332 21.18 -44.29 19.41
C THR H 332 22.03 -43.35 20.24
N ARG H 333 23.33 -43.31 19.97
CA ARG H 333 24.24 -42.44 20.73
C ARG H 333 23.88 -40.99 20.47
N PHE H 334 23.32 -40.33 21.47
CA PHE H 334 23.00 -38.91 21.42
C PHE H 334 23.79 -38.18 22.49
N ALA H 335 24.53 -37.16 22.07
CA ALA H 335 25.33 -36.39 23.01
C ALA H 335 24.41 -35.55 23.91
N SER H 336 25.02 -34.85 24.86
CA SER H 336 24.27 -33.97 25.75
C SER H 336 23.80 -32.73 25.00
N VAL H 337 22.75 -32.11 25.53
CA VAL H 337 22.15 -30.95 24.88
C VAL H 337 23.15 -29.80 24.81
N TYR H 338 23.93 -29.61 25.88
CA TYR H 338 24.87 -28.49 25.90
C TYR H 338 25.91 -28.63 24.80
N ALA H 339 26.40 -29.84 24.56
CA ALA H 339 27.36 -30.13 23.51
C ALA H 339 26.69 -31.07 22.51
N TRP H 340 26.01 -30.48 21.54
CA TRP H 340 25.37 -31.26 20.49
C TRP H 340 26.37 -31.67 19.42
N ASN H 341 25.95 -32.58 18.55
CA ASN H 341 26.76 -33.03 17.45
C ASN H 341 26.44 -32.23 16.19
N ARG H 342 27.25 -32.42 15.15
CA ARG H 342 27.06 -31.72 13.89
C ARG H 342 27.76 -32.51 12.80
N LYS H 343 27.00 -33.12 11.90
CA LYS H 343 27.54 -33.92 10.82
C LYS H 343 27.24 -33.26 9.48
N ARG H 344 28.27 -33.18 8.63
CA ARG H 344 28.15 -32.59 7.31
C ARG H 344 27.97 -33.70 6.28
N ILE H 345 26.94 -33.58 5.45
CA ILE H 345 26.59 -34.60 4.47
C ILE H 345 26.88 -34.04 3.08
N SER H 346 27.58 -34.83 2.26
CA SER H 346 27.93 -34.42 0.91
C SER H 346 28.15 -35.66 0.06
N ASN H 347 28.48 -35.44 -1.21
CA ASN H 347 28.80 -36.49 -2.18
C ASN H 347 27.86 -37.69 -2.01
N CYS H 348 26.56 -37.42 -2.07
CA CYS H 348 25.57 -38.47 -1.91
C CYS H 348 24.27 -38.05 -2.57
N VAL H 349 23.39 -39.02 -2.77
CA VAL H 349 22.05 -38.80 -3.32
C VAL H 349 21.05 -38.88 -2.18
N ALA H 350 20.40 -37.76 -1.89
CA ALA H 350 19.42 -37.73 -0.82
C ALA H 350 18.09 -38.31 -1.28
N ASP H 351 17.38 -38.94 -0.36
CA ASP H 351 16.03 -39.46 -0.59
C ASP H 351 15.17 -38.95 0.55
N TYR H 352 14.64 -37.73 0.39
CA TYR H 352 13.80 -37.15 1.43
C TYR H 352 12.42 -37.76 1.46
N SER H 353 11.98 -38.40 0.36
CA SER H 353 10.67 -39.03 0.37
C SER H 353 10.62 -40.16 1.39
N VAL H 354 11.66 -40.99 1.44
CA VAL H 354 11.69 -42.09 2.40
C VAL H 354 11.68 -41.56 3.82
N LEU H 355 12.49 -40.53 4.10
CA LEU H 355 12.53 -39.96 5.44
C LEU H 355 11.18 -39.38 5.82
N TYR H 356 10.53 -38.68 4.89
CA TYR H 356 9.23 -38.09 5.17
C TYR H 356 8.19 -39.17 5.44
N ASN H 357 8.23 -40.27 4.68
CA ASN H 357 7.21 -41.30 4.83
C ASN H 357 7.19 -41.86 6.25
N SER H 358 8.35 -41.92 6.90
CA SER H 358 8.41 -42.46 8.25
C SER H 358 7.47 -41.69 9.17
N ALA H 359 6.69 -42.42 9.96
CA ALA H 359 5.72 -41.83 10.86
C ALA H 359 6.29 -41.61 12.26
N SER H 360 7.54 -41.98 12.51
CA SER H 360 8.13 -41.76 13.83
C SER H 360 8.21 -40.28 14.15
N PHE H 361 8.56 -39.46 13.17
CA PHE H 361 8.72 -38.02 13.38
C PHE H 361 7.41 -37.40 13.83
N SER H 362 7.34 -36.99 15.10
CA SER H 362 6.11 -36.37 15.61
C SER H 362 5.81 -35.07 14.87
N THR H 363 6.82 -34.22 14.68
CA THR H 363 6.69 -32.99 13.91
C THR H 363 7.78 -32.97 12.86
N PHE H 364 7.40 -32.66 11.62
CA PHE H 364 8.34 -32.61 10.51
C PHE H 364 8.27 -31.30 9.73
N LYS H 365 7.41 -30.37 10.14
CA LYS H 365 7.25 -29.12 9.40
C LYS H 365 8.58 -28.39 9.29
N CYS H 366 8.89 -27.92 8.09
CA CYS H 366 10.11 -27.17 7.82
C CYS H 366 9.76 -25.70 7.70
N TYR H 367 10.41 -24.87 8.52
CA TYR H 367 10.15 -23.43 8.47
C TYR H 367 10.61 -22.82 7.16
N GLY H 368 11.78 -23.24 6.68
CA GLY H 368 12.32 -22.63 5.48
C GLY H 368 11.53 -22.95 4.23
N VAL H 369 11.10 -24.20 4.08
CA VAL H 369 10.51 -24.70 2.84
C VAL H 369 9.39 -25.67 3.19
N SER H 370 8.75 -26.22 2.16
CA SER H 370 7.70 -27.20 2.32
C SER H 370 8.25 -28.62 2.16
N PRO H 371 7.84 -29.57 3.00
CA PRO H 371 8.44 -30.91 2.93
C PRO H 371 8.24 -31.59 1.59
N THR H 372 7.09 -31.38 0.94
CA THR H 372 6.83 -32.08 -0.32
C THR H 372 7.82 -31.67 -1.40
N LYS H 373 8.16 -30.38 -1.47
CA LYS H 373 9.04 -29.87 -2.52
C LYS H 373 10.49 -30.28 -2.32
N LEU H 374 10.83 -30.90 -1.18
CA LEU H 374 12.24 -31.19 -0.91
C LEU H 374 12.85 -32.08 -1.99
N ASN H 375 12.11 -33.11 -2.42
CA ASN H 375 12.68 -34.04 -3.40
C ASN H 375 13.06 -33.33 -4.69
N ASP H 376 12.20 -32.43 -5.17
CA ASP H 376 12.47 -31.72 -6.42
C ASP H 376 13.60 -30.72 -6.29
N LEU H 377 14.08 -30.44 -5.09
CA LEU H 377 15.06 -29.39 -4.83
C LEU H 377 16.40 -30.01 -4.44
N CYS H 378 17.48 -29.28 -4.75
CA CYS H 378 18.83 -29.71 -4.43
C CYS H 378 19.50 -28.66 -3.55
N PHE H 379 20.27 -29.12 -2.57
CA PHE H 379 20.89 -28.25 -1.59
C PHE H 379 22.41 -28.31 -1.72
N THR H 380 23.07 -27.18 -1.47
CA THR H 380 24.53 -27.14 -1.60
C THR H 380 25.19 -27.96 -0.50
N ASN H 381 24.75 -27.78 0.75
CA ASN H 381 25.30 -28.57 1.85
C ASN H 381 24.20 -28.86 2.86
N VAL H 382 24.39 -29.94 3.61
CA VAL H 382 23.43 -30.35 4.63
C VAL H 382 24.21 -30.55 5.93
N TYR H 383 23.74 -29.91 7.01
CA TYR H 383 24.33 -30.07 8.32
C TYR H 383 23.26 -30.56 9.29
N ALA H 384 23.53 -31.70 9.93
CA ALA H 384 22.59 -32.33 10.83
C ALA H 384 23.10 -32.20 12.26
N ASP H 385 22.30 -31.55 13.11
CA ASP H 385 22.61 -31.39 14.52
C ASP H 385 21.60 -32.17 15.34
N SER H 386 22.07 -33.16 16.10
CA SER H 386 21.20 -34.08 16.82
C SER H 386 21.41 -33.92 18.31
N PHE H 387 20.32 -33.91 19.07
CA PHE H 387 20.41 -33.80 20.53
C PHE H 387 19.06 -34.12 21.14
N VAL H 388 18.95 -33.93 22.45
CA VAL H 388 17.76 -34.23 23.21
C VAL H 388 17.41 -33.03 24.08
N ILE H 389 16.11 -32.77 24.25
CA ILE H 389 15.63 -31.62 24.99
C ILE H 389 14.53 -32.08 25.93
N ARG H 390 14.05 -31.13 26.76
CA ARG H 390 13.01 -31.44 27.73
C ARG H 390 11.73 -31.90 27.04
N GLY H 391 11.33 -31.22 25.97
CA GLY H 391 10.11 -31.55 25.26
C GLY H 391 9.23 -30.34 25.05
N ASP H 392 9.15 -29.48 26.06
CA ASP H 392 8.50 -28.18 25.89
C ASP H 392 9.42 -27.16 25.24
N GLU H 393 10.72 -27.45 25.17
CA GLU H 393 11.66 -26.56 24.49
C GLU H 393 11.53 -26.63 22.98
N VAL H 394 10.77 -27.58 22.44
CA VAL H 394 10.53 -27.61 21.00
C VAL H 394 9.87 -26.31 20.56
N ARG H 395 8.88 -25.85 21.33
CA ARG H 395 8.33 -24.52 21.09
C ARG H 395 9.40 -23.46 21.26
N GLN H 396 10.23 -23.62 22.30
CA GLN H 396 11.34 -22.68 22.51
C GLN H 396 12.38 -22.82 21.42
N ILE H 397 12.58 -24.04 20.92
CA ILE H 397 13.63 -24.32 19.92
C ILE H 397 12.96 -24.21 18.56
N ALA H 398 13.02 -23.02 17.98
CA ALA H 398 12.41 -22.74 16.69
C ALA H 398 12.80 -21.31 16.29
N PRO H 399 12.76 -20.99 15.00
CA PRO H 399 13.13 -19.64 14.58
C PRO H 399 12.32 -18.58 15.32
N GLY H 400 13.02 -17.62 15.90
CA GLY H 400 12.37 -16.59 16.69
C GLY H 400 11.68 -17.11 17.94
N GLN H 401 12.26 -18.12 18.57
CA GLN H 401 11.74 -18.67 19.82
C GLN H 401 12.87 -18.79 20.82
N THR H 402 12.60 -18.39 22.06
CA THR H 402 13.62 -18.31 23.10
C THR H 402 13.20 -19.13 24.31
N GLY H 403 14.18 -19.77 24.93
CA GLY H 403 13.96 -20.51 26.16
C GLY H 403 15.23 -20.55 26.96
N LYS H 404 15.08 -20.58 28.29
CA LYS H 404 16.25 -20.51 29.16
C LYS H 404 17.24 -21.62 28.84
N ILE H 405 16.75 -22.86 28.73
CA ILE H 405 17.63 -23.96 28.38
C ILE H 405 18.19 -23.76 26.98
N ALA H 406 17.33 -23.37 26.03
CA ALA H 406 17.80 -23.12 24.68
C ALA H 406 18.81 -21.99 24.64
N ASP H 407 18.54 -20.90 25.36
CA ASP H 407 19.46 -19.77 25.38
C ASP H 407 20.81 -20.18 25.94
N TYR H 408 20.81 -20.94 27.03
CA TYR H 408 22.08 -21.40 27.60
C TYR H 408 22.76 -22.45 26.73
N ASN H 409 22.01 -23.12 25.86
CA ASN H 409 22.53 -24.25 25.10
C ASN H 409 22.59 -23.97 23.60
N TYR H 410 21.47 -23.62 22.98
CA TYR H 410 21.42 -23.52 21.53
C TYR H 410 20.27 -22.59 21.14
N LYS H 411 20.56 -21.63 20.26
CA LYS H 411 19.57 -20.71 19.73
C LYS H 411 19.70 -20.66 18.22
N LEU H 412 18.59 -20.89 17.53
CA LEU H 412 18.60 -20.86 16.07
C LEU H 412 18.70 -19.42 15.57
N PRO H 413 19.24 -19.23 14.36
CA PRO H 413 19.29 -17.88 13.81
C PRO H 413 17.90 -17.33 13.51
N ASP H 414 17.81 -16.00 13.49
CA ASP H 414 16.52 -15.35 13.24
C ASP H 414 15.88 -15.88 11.96
N ASP H 415 16.66 -15.99 10.89
CA ASP H 415 16.20 -16.59 9.64
C ASP H 415 16.82 -17.97 9.53
N PHE H 416 15.98 -18.99 9.33
CA PHE H 416 16.43 -20.37 9.33
C PHE H 416 15.79 -21.10 8.15
N THR H 417 16.57 -21.39 7.12
CA THR H 417 16.11 -22.14 5.96
C THR H 417 16.49 -23.61 6.19
N GLY H 418 15.67 -24.30 6.97
CA GLY H 418 15.95 -25.67 7.30
C GLY H 418 14.74 -26.36 7.88
N CYS H 419 14.98 -27.55 8.42
CA CYS H 419 13.94 -28.38 9.01
C CYS H 419 14.31 -28.72 10.45
N VAL H 420 13.30 -28.80 11.31
CA VAL H 420 13.45 -29.25 12.69
C VAL H 420 12.53 -30.43 12.89
N ILE H 421 13.09 -31.59 13.21
CA ILE H 421 12.33 -32.81 13.40
C ILE H 421 12.46 -33.20 14.86
N ALA H 422 11.36 -33.06 15.60
CA ALA H 422 11.33 -33.41 17.01
C ALA H 422 10.31 -34.53 17.21
N TRP H 423 10.66 -35.48 18.07
CA TRP H 423 9.75 -36.58 18.37
C TRP H 423 9.89 -37.00 19.83
N ASN H 424 8.76 -37.39 20.41
CA ASN H 424 8.75 -37.86 21.79
C ASN H 424 9.47 -39.19 21.87
N SER H 425 10.76 -39.13 22.20
CA SER H 425 11.63 -40.30 22.19
C SER H 425 11.61 -41.03 23.53
N ASN H 426 10.53 -40.91 24.29
CA ASN H 426 10.43 -41.63 25.55
C ASN H 426 10.53 -43.13 25.31
N ASN H 427 9.81 -43.65 24.31
CA ASN H 427 9.95 -45.05 23.95
C ASN H 427 11.34 -45.35 23.43
N LEU H 428 11.87 -44.50 22.55
CA LEU H 428 13.23 -44.68 22.07
C LEU H 428 14.23 -44.52 23.20
N ASP H 429 14.01 -43.55 24.08
CA ASP H 429 14.93 -43.26 25.18
C ASP H 429 14.47 -43.87 26.50
N SER H 430 13.49 -44.77 26.47
CA SER H 430 13.05 -45.43 27.70
C SER H 430 14.20 -46.19 28.33
N LYS H 431 14.38 -46.01 29.63
CA LYS H 431 15.45 -46.67 30.37
C LYS H 431 15.04 -46.92 31.82
N GLY H 434 18.15 -41.69 37.30
CA GLY H 434 17.89 -41.51 35.89
C GLY H 434 19.16 -41.36 35.07
N ASN H 435 19.02 -40.89 33.84
CA ASN H 435 20.16 -40.69 32.96
C ASN H 435 20.86 -39.39 33.36
N TYR H 436 21.97 -39.52 34.07
CA TYR H 436 22.77 -38.37 34.47
C TYR H 436 23.71 -37.91 33.38
N ASN H 437 23.55 -38.40 32.15
CA ASN H 437 24.34 -37.94 31.01
C ASN H 437 23.60 -36.89 30.21
N TYR H 438 22.26 -36.93 30.21
CA TYR H 438 21.45 -35.90 29.56
C TYR H 438 21.37 -34.70 30.49
N LEU H 439 22.52 -34.05 30.68
CA LEU H 439 22.66 -32.93 31.61
C LEU H 439 22.39 -31.65 30.84
N TYR H 440 21.30 -30.96 31.20
CA TYR H 440 20.97 -29.68 30.59
C TYR H 440 21.73 -28.60 31.34
N ARG H 441 22.76 -28.07 30.72
CA ARG H 441 23.62 -27.06 31.35
C ARG H 441 23.15 -25.66 30.99
N ASN H 447 25.38 -15.68 23.76
CA ASN H 447 25.92 -15.60 22.41
C ASN H 447 24.81 -15.74 21.38
N LEU H 448 24.04 -16.81 21.51
CA LEU H 448 22.94 -17.12 20.59
C LEU H 448 23.38 -17.12 19.13
N LYS H 449 24.68 -17.13 18.87
CA LYS H 449 25.15 -17.20 17.51
C LYS H 449 24.75 -18.55 16.91
N PRO H 450 24.54 -18.63 15.60
CA PRO H 450 24.34 -19.95 14.98
C PRO H 450 25.39 -20.92 15.46
N PHE H 451 24.95 -22.05 16.03
CA PHE H 451 25.85 -23.07 16.55
C PHE H 451 26.69 -22.52 17.72
N GLU H 452 25.98 -22.13 18.77
CA GLU H 452 26.65 -21.63 19.97
C GLU H 452 27.53 -22.72 20.57
N ARG H 453 28.63 -22.31 21.20
CA ARG H 453 29.64 -23.23 21.69
C ARG H 453 29.91 -22.99 23.17
N ASP H 454 30.37 -24.03 23.84
CA ASP H 454 30.72 -23.97 25.26
C ASP H 454 31.66 -25.13 25.57
N ILE H 455 32.38 -24.99 26.69
CA ILE H 455 33.26 -26.05 27.18
C ILE H 455 32.88 -26.37 28.61
N TYR H 476 32.31 -22.09 41.29
CA TYR H 476 31.33 -23.14 41.07
C TYR H 476 31.54 -23.81 39.73
N PHE H 477 31.12 -25.07 39.63
CA PHE H 477 31.28 -25.83 38.39
C PHE H 477 30.13 -25.53 37.44
N PRO H 478 30.41 -25.09 36.21
CA PRO H 478 29.30 -24.87 35.26
C PRO H 478 28.47 -26.11 35.01
N LEU H 479 29.06 -27.30 35.21
CA LEU H 479 28.33 -28.53 34.96
C LEU H 479 27.13 -28.65 35.90
N GLN H 480 26.04 -29.20 35.39
CA GLN H 480 24.81 -29.34 36.15
C GLN H 480 24.28 -30.77 36.02
N SER H 481 23.52 -31.19 37.02
CA SER H 481 22.99 -32.54 37.09
C SER H 481 21.59 -32.60 36.47
N TYR H 482 21.19 -33.82 36.12
CA TYR H 482 19.85 -34.06 35.58
C TYR H 482 19.59 -35.57 35.67
N GLY H 483 18.30 -35.92 35.61
CA GLY H 483 17.93 -37.32 35.67
C GLY H 483 16.47 -37.59 35.38
N PHE H 484 16.20 -38.58 34.54
CA PHE H 484 14.85 -39.03 34.26
C PHE H 484 14.80 -40.54 34.35
N GLN H 485 13.68 -41.07 34.80
CA GLN H 485 13.46 -42.49 34.93
C GLN H 485 12.08 -42.82 34.37
N PRO H 486 11.85 -44.10 34.00
CA PRO H 486 10.51 -44.46 33.48
C PRO H 486 9.39 -44.12 34.45
N THR H 487 9.66 -44.15 35.75
CA THR H 487 8.65 -43.76 36.73
C THR H 487 8.24 -42.31 36.54
N ASN H 488 9.20 -41.44 36.24
CA ASN H 488 8.93 -40.02 36.06
C ASN H 488 7.85 -39.78 35.02
N GLY H 489 7.26 -38.59 35.02
CA GLY H 489 6.20 -38.30 34.08
C GLY H 489 6.70 -38.31 32.65
N VAL H 490 5.77 -38.59 31.73
CA VAL H 490 6.13 -38.63 30.31
C VAL H 490 6.56 -37.25 29.83
N GLY H 491 5.87 -36.20 30.29
CA GLY H 491 6.24 -34.86 29.88
C GLY H 491 7.67 -34.51 30.25
N TYR H 492 8.09 -34.86 31.47
CA TYR H 492 9.46 -34.59 31.89
C TYR H 492 10.47 -35.44 31.12
N GLN H 493 10.04 -36.53 30.50
CA GLN H 493 10.96 -37.41 29.81
C GLN H 493 11.56 -36.72 28.59
N PRO H 494 12.69 -37.20 28.10
CA PRO H 494 13.38 -36.53 27.00
C PRO H 494 12.60 -36.61 25.69
N TYR H 495 12.86 -35.63 24.84
CA TYR H 495 12.35 -35.59 23.47
C TYR H 495 13.52 -35.41 22.53
N ARG H 496 13.61 -36.25 21.51
CA ARG H 496 14.73 -36.18 20.59
C ARG H 496 14.48 -35.13 19.51
N VAL H 497 15.55 -34.46 19.10
CA VAL H 497 15.47 -33.40 18.09
C VAL H 497 16.65 -33.52 17.15
N VAL H 498 16.38 -33.34 15.86
CA VAL H 498 17.40 -33.26 14.83
C VAL H 498 17.08 -32.05 13.95
N VAL H 499 18.05 -31.17 13.79
CA VAL H 499 17.93 -29.97 12.96
C VAL H 499 18.75 -30.19 11.71
N LEU H 500 18.10 -30.12 10.55
CA LEU H 500 18.75 -30.23 9.26
C LEU H 500 18.81 -28.84 8.65
N SER H 501 20.00 -28.24 8.66
CA SER H 501 20.22 -26.92 8.08
C SER H 501 20.74 -27.11 6.66
N PHE H 502 20.02 -26.54 5.70
CA PHE H 502 20.40 -26.60 4.29
C PHE H 502 21.10 -25.30 3.92
N GLU H 503 22.34 -25.44 3.46
CA GLU H 503 23.14 -24.30 3.00
C GLU H 503 23.01 -24.22 1.48
N LEU H 504 22.53 -23.07 1.00
CA LEU H 504 22.36 -22.81 -0.44
C LEU H 504 23.28 -21.64 -0.80
N LEU H 505 24.51 -21.96 -1.18
CA LEU H 505 25.49 -20.96 -1.56
C LEU H 505 25.42 -20.61 -3.04
N HIS H 506 24.46 -21.15 -3.78
CA HIS H 506 24.38 -20.96 -5.22
C HIS H 506 25.66 -21.41 -5.90
N ALA H 507 26.32 -22.41 -5.33
CA ALA H 507 27.55 -22.98 -5.86
C ALA H 507 27.28 -24.43 -6.21
N PRO H 508 28.23 -25.15 -6.80
CA PRO H 508 28.00 -26.57 -7.09
C PRO H 508 27.45 -27.31 -5.87
N ALA H 509 26.31 -27.95 -6.05
CA ALA H 509 25.59 -28.61 -4.96
C ALA H 509 25.86 -30.11 -5.02
N THR H 510 26.49 -30.62 -3.96
CA THR H 510 26.81 -32.05 -3.90
C THR H 510 25.59 -32.89 -3.60
N VAL H 511 24.75 -32.47 -2.66
CA VAL H 511 23.59 -33.25 -2.26
C VAL H 511 22.37 -32.79 -3.04
N CYS H 512 21.86 -33.66 -3.89
CA CYS H 512 20.67 -33.35 -4.68
C CYS H 512 19.62 -34.42 -4.42
N GLY H 513 18.44 -34.21 -5.00
CA GLY H 513 17.33 -35.12 -4.80
C GLY H 513 17.51 -36.42 -5.54
N PRO H 514 16.61 -37.38 -5.27
CA PRO H 514 16.76 -38.70 -5.91
C PRO H 514 16.34 -38.74 -7.36
N LYS H 515 15.58 -37.76 -7.83
CA LYS H 515 15.06 -37.80 -9.20
C LYS H 515 16.19 -37.88 -10.20
N LYS H 516 16.04 -38.77 -11.18
CA LYS H 516 17.06 -38.94 -12.20
C LYS H 516 16.94 -37.87 -13.27
N SER H 517 18.07 -37.57 -13.90
CA SER H 517 18.15 -36.47 -14.86
C SER H 517 17.54 -36.90 -16.19
N THR H 518 17.77 -36.09 -17.22
CA THR H 518 17.25 -36.35 -18.55
C THR H 518 18.19 -35.71 -19.57
N ASN H 519 18.09 -36.18 -20.81
CA ASN H 519 18.95 -35.67 -21.88
C ASN H 519 18.83 -34.16 -21.98
N LEU H 520 19.76 -33.53 -22.68
CA LEU H 520 19.81 -32.09 -22.84
C LEU H 520 19.45 -31.72 -24.28
N VAL H 521 18.72 -30.61 -24.43
CA VAL H 521 18.31 -30.10 -25.73
C VAL H 521 18.69 -28.63 -25.82
N LYS H 522 18.85 -28.14 -27.05
CA LYS H 522 19.31 -26.78 -27.28
C LYS H 522 18.54 -26.16 -28.43
N ASN H 523 18.59 -24.83 -28.48
CA ASN H 523 18.11 -24.01 -29.59
C ASN H 523 16.60 -24.06 -29.80
N LYS H 524 15.86 -24.64 -28.85
CA LYS H 524 14.41 -24.73 -28.95
C LYS H 524 13.78 -24.29 -27.64
N CYS H 525 12.65 -23.61 -27.72
CA CYS H 525 11.95 -23.14 -26.53
C CYS H 525 11.49 -24.33 -25.70
N VAL H 526 12.15 -24.57 -24.56
CA VAL H 526 11.90 -25.74 -23.74
C VAL H 526 11.86 -25.34 -22.28
N ASN H 527 11.13 -26.10 -21.48
CA ASN H 527 11.16 -25.91 -20.04
C ASN H 527 12.30 -26.73 -19.45
N PHE H 528 13.09 -26.11 -18.56
CA PHE H 528 14.31 -26.72 -18.07
C PHE H 528 14.32 -26.75 -16.55
N ASN H 529 15.40 -27.30 -16.01
CA ASN H 529 15.62 -27.40 -14.57
C ASN H 529 17.10 -27.71 -14.35
N PHE H 530 17.79 -26.86 -13.59
CA PHE H 530 19.21 -27.06 -13.31
C PHE H 530 19.44 -26.97 -11.82
N ASN H 531 19.84 -28.08 -11.20
CA ASN H 531 20.20 -28.13 -9.79
C ASN H 531 19.11 -27.54 -8.90
N GLY H 532 17.86 -27.53 -9.38
CA GLY H 532 16.75 -27.06 -8.59
C GLY H 532 16.21 -25.70 -8.98
N LEU H 533 16.81 -25.00 -9.94
CA LEU H 533 16.29 -23.75 -10.45
C LEU H 533 15.56 -24.02 -11.75
N THR H 534 14.31 -23.57 -11.83
CA THR H 534 13.42 -23.88 -12.94
C THR H 534 13.16 -22.64 -13.78
N GLY H 535 12.87 -22.87 -15.05
CA GLY H 535 12.58 -21.78 -15.97
C GLY H 535 12.17 -22.33 -17.32
N THR H 536 11.88 -21.41 -18.23
CA THR H 536 11.47 -21.74 -19.59
C THR H 536 12.24 -20.85 -20.55
N GLY H 537 12.82 -21.45 -21.59
CA GLY H 537 13.55 -20.66 -22.56
C GLY H 537 14.35 -21.54 -23.50
N VAL H 538 15.20 -20.87 -24.27
CA VAL H 538 16.10 -21.49 -25.23
C VAL H 538 17.51 -21.46 -24.67
N LEU H 539 18.27 -22.51 -24.96
CA LEU H 539 19.65 -22.64 -24.52
C LEU H 539 20.57 -22.57 -25.74
N THR H 540 21.69 -21.86 -25.58
CA THR H 540 22.68 -21.76 -26.64
C THR H 540 24.07 -21.88 -26.03
N GLU H 541 25.06 -22.07 -26.89
CA GLU H 541 26.44 -22.13 -26.43
C GLU H 541 26.90 -20.74 -25.98
N SER H 542 27.65 -20.71 -24.88
CA SER H 542 28.06 -19.46 -24.24
C SER H 542 29.57 -19.28 -24.36
N ASN H 543 29.98 -18.06 -24.71
CA ASN H 543 31.39 -17.70 -24.76
C ASN H 543 31.86 -17.01 -23.50
N LYS H 544 31.00 -16.87 -22.49
CA LYS H 544 31.38 -16.23 -21.25
C LYS H 544 32.41 -17.07 -20.50
N LYS H 545 33.31 -16.38 -19.79
CA LYS H 545 34.38 -17.02 -19.04
C LYS H 545 33.96 -17.12 -17.58
N PHE H 546 33.88 -18.35 -17.07
CA PHE H 546 33.47 -18.61 -15.71
C PHE H 546 34.65 -19.14 -14.90
N LEU H 547 34.84 -18.58 -13.70
CA LEU H 547 35.86 -19.07 -12.81
C LEU H 547 35.43 -20.41 -12.21
N PRO H 548 36.38 -21.19 -11.69
CA PRO H 548 36.02 -22.53 -11.18
C PRO H 548 34.95 -22.50 -10.12
N PHE H 549 34.88 -21.44 -9.31
CA PHE H 549 33.86 -21.32 -8.29
C PHE H 549 32.62 -20.58 -8.77
N GLN H 550 32.57 -20.19 -10.04
CA GLN H 550 31.48 -19.39 -10.59
C GLN H 550 30.52 -20.28 -11.36
N GLN H 551 29.24 -20.20 -11.01
CA GLN H 551 28.22 -21.08 -11.57
C GLN H 551 27.20 -20.33 -12.42
N PHE H 552 26.50 -19.36 -11.84
CA PHE H 552 25.39 -18.68 -12.50
C PHE H 552 25.75 -17.23 -12.78
N GLY H 553 25.56 -16.80 -14.03
CA GLY H 553 25.50 -15.38 -14.32
C GLY H 553 24.16 -14.81 -13.93
N ARG H 554 24.06 -13.49 -13.94
CA ARG H 554 22.81 -12.85 -13.57
C ARG H 554 22.64 -11.54 -14.32
N ASP H 555 21.39 -11.09 -14.39
CA ASP H 555 20.99 -9.90 -15.11
C ASP H 555 20.77 -8.75 -14.13
N ILE H 556 20.40 -7.58 -14.66
CA ILE H 556 20.12 -6.43 -13.81
C ILE H 556 18.94 -6.72 -12.89
N ALA H 557 17.90 -7.33 -13.44
CA ALA H 557 16.65 -7.57 -12.71
C ALA H 557 16.71 -8.82 -11.85
N ASP H 558 17.89 -9.31 -11.49
CA ASP H 558 18.08 -10.49 -10.65
C ASP H 558 17.82 -11.78 -11.42
N THR H 559 17.44 -11.69 -12.70
CA THR H 559 17.16 -12.89 -13.47
C THR H 559 18.45 -13.67 -13.76
N THR H 560 18.30 -14.98 -13.90
CA THR H 560 19.42 -15.84 -14.28
C THR H 560 19.47 -15.94 -15.80
N ASP H 561 20.65 -15.71 -16.38
CA ASP H 561 20.81 -15.74 -17.83
C ASP H 561 22.11 -16.40 -18.24
N ALA H 562 22.59 -17.35 -17.44
CA ALA H 562 23.73 -18.18 -17.81
C ALA H 562 23.88 -19.26 -16.75
N VAL H 563 24.12 -20.50 -17.18
CA VAL H 563 24.29 -21.61 -16.26
C VAL H 563 25.45 -22.48 -16.75
N ARG H 564 25.82 -23.44 -15.91
CA ARG H 564 26.84 -24.43 -16.26
C ARG H 564 26.25 -25.81 -16.00
N ASP H 565 26.15 -26.60 -17.05
CA ASP H 565 25.51 -27.91 -16.91
C ASP H 565 26.27 -28.73 -15.89
N PRO H 566 25.61 -29.27 -14.85
CA PRO H 566 26.36 -29.99 -13.81
C PRO H 566 27.15 -31.17 -14.32
N GLN H 567 26.65 -31.88 -15.33
CA GLN H 567 27.33 -33.07 -15.83
C GLN H 567 28.44 -32.75 -16.83
N THR H 568 28.18 -31.83 -17.75
CA THR H 568 29.18 -31.37 -18.69
C THR H 568 29.48 -29.89 -18.43
N LEU H 569 30.75 -29.55 -18.37
CA LEU H 569 31.16 -28.23 -17.89
C LEU H 569 30.91 -27.11 -18.89
N GLU H 570 30.29 -27.40 -20.04
CA GLU H 570 30.03 -26.35 -21.01
C GLU H 570 29.07 -25.32 -20.43
N ILE H 571 29.26 -24.06 -20.83
CA ILE H 571 28.47 -22.94 -20.34
C ILE H 571 27.29 -22.72 -21.27
N LEU H 572 26.09 -22.63 -20.72
CA LEU H 572 24.86 -22.48 -21.48
C LEU H 572 24.28 -21.10 -21.24
N ASP H 573 24.00 -20.39 -22.34
CA ASP H 573 23.36 -19.09 -22.27
C ASP H 573 21.85 -19.26 -22.45
N ILE H 574 21.08 -18.63 -21.58
CA ILE H 574 19.63 -18.80 -21.50
C ILE H 574 18.96 -17.56 -22.07
N THR H 575 17.92 -17.79 -22.87
CA THR H 575 17.12 -16.70 -23.43
C THR H 575 15.65 -17.03 -23.25
N PRO H 576 14.78 -16.02 -23.09
CA PRO H 576 13.35 -16.30 -23.06
C PRO H 576 12.77 -16.46 -24.46
N CYS H 577 11.72 -17.26 -24.54
CA CYS H 577 11.10 -17.56 -25.82
C CYS H 577 10.42 -16.31 -26.38
N SER H 578 10.35 -16.24 -27.71
CA SER H 578 9.89 -15.03 -28.37
C SER H 578 8.46 -14.69 -27.96
N PHE H 579 8.19 -13.39 -27.84
CA PHE H 579 6.87 -12.90 -27.47
C PHE H 579 6.70 -11.49 -28.00
N GLY H 580 5.47 -11.03 -28.05
CA GLY H 580 5.19 -9.68 -28.49
C GLY H 580 3.71 -9.37 -28.44
N GLY H 581 3.41 -8.07 -28.36
CA GLY H 581 2.04 -7.64 -28.37
C GLY H 581 1.37 -7.91 -29.71
N VAL H 582 0.05 -8.10 -29.67
CA VAL H 582 -0.76 -8.37 -30.85
C VAL H 582 -1.81 -7.28 -30.96
N SER H 583 -1.87 -6.63 -32.11
CA SER H 583 -2.86 -5.59 -32.37
C SER H 583 -3.81 -6.07 -33.44
N VAL H 584 -5.04 -5.58 -33.38
CA VAL H 584 -6.09 -5.96 -34.31
C VAL H 584 -6.55 -4.70 -35.02
N ILE H 585 -6.39 -4.68 -36.34
CA ILE H 585 -6.88 -3.59 -37.17
C ILE H 585 -8.28 -3.97 -37.62
N THR H 586 -9.27 -3.14 -37.29
CA THR H 586 -10.68 -3.46 -37.49
C THR H 586 -11.38 -2.28 -38.15
N PRO H 587 -11.92 -2.43 -39.36
CA PRO H 587 -12.93 -1.47 -39.81
C PRO H 587 -14.13 -1.52 -38.87
N GLY H 588 -14.70 -0.36 -38.60
CA GLY H 588 -15.73 -0.29 -37.56
C GLY H 588 -16.80 -1.34 -37.73
N THR H 589 -17.07 -2.12 -36.69
CA THR H 589 -18.20 -3.04 -36.74
C THR H 589 -19.46 -2.27 -37.11
N ASN H 590 -20.45 -2.99 -37.62
CA ASN H 590 -21.58 -2.46 -38.36
C ASN H 590 -21.17 -2.18 -39.79
N THR H 591 -19.93 -2.51 -40.18
CA THR H 591 -19.48 -2.43 -41.56
C THR H 591 -18.88 -3.72 -42.07
N SER H 592 -18.19 -4.49 -41.23
CA SER H 592 -17.64 -5.78 -41.63
C SER H 592 -17.08 -6.47 -40.41
N ASN H 593 -17.10 -7.80 -40.45
CA ASN H 593 -16.48 -8.63 -39.41
C ASN H 593 -15.06 -9.06 -39.79
N GLN H 594 -14.53 -8.58 -40.92
CA GLN H 594 -13.19 -8.92 -41.35
C GLN H 594 -12.18 -7.99 -40.70
N VAL H 595 -11.07 -8.56 -40.22
CA VAL H 595 -10.05 -7.81 -39.51
C VAL H 595 -8.67 -8.31 -39.92
N ALA H 596 -7.65 -7.51 -39.59
CA ALA H 596 -6.25 -7.87 -39.82
C ALA H 596 -5.55 -7.91 -38.48
N VAL H 597 -4.45 -8.66 -38.40
CA VAL H 597 -3.71 -8.84 -37.15
C VAL H 597 -2.26 -8.45 -37.36
N LEU H 598 -1.74 -7.64 -36.46
CA LEU H 598 -0.36 -7.18 -36.48
C LEU H 598 0.39 -7.80 -35.31
N TYR H 599 1.48 -8.51 -35.59
CA TYR H 599 2.37 -9.03 -34.58
C TYR H 599 3.56 -8.08 -34.46
N GLN H 600 3.77 -7.55 -33.26
CA GLN H 600 4.69 -6.43 -33.06
C GLN H 600 6.13 -6.93 -33.09
N ASP H 601 6.87 -6.52 -34.12
CA ASP H 601 8.32 -6.70 -34.20
C ASP H 601 8.72 -8.14 -33.87
N VAL H 602 8.21 -9.08 -34.66
CA VAL H 602 8.60 -10.48 -34.52
C VAL H 602 8.96 -11.07 -35.87
N ASN H 603 9.18 -10.20 -36.86
CA ASN H 603 9.40 -10.69 -38.21
C ASN H 603 8.24 -11.56 -38.63
N CYS H 604 8.36 -12.29 -39.74
CA CYS H 604 7.27 -13.12 -40.23
C CYS H 604 7.59 -14.60 -40.26
N THR H 605 8.87 -14.99 -40.28
CA THR H 605 9.20 -16.41 -40.34
C THR H 605 8.72 -17.15 -39.11
N GLU H 606 8.89 -16.55 -37.93
CA GLU H 606 8.54 -17.19 -36.67
C GLU H 606 7.11 -16.89 -36.21
N VAL H 607 6.38 -16.03 -36.91
CA VAL H 607 4.98 -15.78 -36.55
C VAL H 607 4.15 -17.06 -36.59
N PRO H 608 4.24 -17.91 -37.62
CA PRO H 608 3.40 -19.12 -37.61
C PRO H 608 3.65 -20.00 -36.40
N VAL H 609 4.86 -20.01 -35.88
CA VAL H 609 5.15 -20.71 -34.61
C VAL H 609 4.89 -19.69 -33.51
N ALA H 610 3.62 -19.58 -33.12
CA ALA H 610 3.21 -18.65 -32.09
C ALA H 610 1.84 -19.05 -31.58
N ILE H 611 1.56 -18.69 -30.33
CA ILE H 611 0.27 -18.92 -29.70
C ILE H 611 -0.17 -17.63 -29.02
N HIS H 612 -1.41 -17.23 -29.28
CA HIS H 612 -1.95 -15.99 -28.71
C HIS H 612 -1.80 -16.00 -27.19
N TRP H 620 -5.23 -13.81 -34.71
CA TRP H 620 -5.98 -15.03 -34.94
C TRP H 620 -5.53 -16.12 -33.98
N ARG H 621 -6.46 -16.69 -33.23
CA ARG H 621 -6.13 -17.91 -32.49
C ARG H 621 -5.77 -19.03 -33.44
N VAL H 622 -6.50 -19.17 -34.54
CA VAL H 622 -6.36 -20.29 -35.46
C VAL H 622 -5.43 -19.95 -36.63
N TYR H 623 -5.78 -18.93 -37.40
CA TYR H 623 -5.04 -18.60 -38.62
C TYR H 623 -3.76 -17.87 -38.23
N SER H 624 -2.79 -18.62 -37.73
CA SER H 624 -1.50 -18.04 -37.38
C SER H 624 -0.83 -17.43 -38.61
N THR H 625 -0.87 -18.13 -39.74
CA THR H 625 -0.29 -17.64 -40.98
C THR H 625 -1.13 -18.11 -42.15
N GLY H 626 -1.32 -17.23 -43.12
CA GLY H 626 -2.11 -17.54 -44.31
C GLY H 626 -1.58 -16.80 -45.50
N SER H 627 -2.48 -16.18 -46.26
CA SER H 627 -2.12 -15.41 -47.43
C SER H 627 -2.11 -13.91 -47.10
N ASN H 628 -1.45 -13.15 -47.97
CA ASN H 628 -1.32 -11.71 -47.83
C ASN H 628 -0.37 -11.29 -46.71
N VAL H 629 0.57 -12.16 -46.33
CA VAL H 629 1.53 -11.80 -45.30
C VAL H 629 2.35 -10.61 -45.77
N PHE H 630 2.52 -9.63 -44.88
CA PHE H 630 3.25 -8.41 -45.18
C PHE H 630 4.22 -8.11 -44.05
N GLN H 631 5.33 -7.47 -44.39
CA GLN H 631 6.39 -7.17 -43.44
C GLN H 631 6.53 -5.65 -43.31
N THR H 632 6.89 -5.20 -42.11
CA THR H 632 7.15 -3.78 -41.91
C THR H 632 7.91 -3.61 -40.61
N ARG H 633 8.47 -2.41 -40.42
CA ARG H 633 9.26 -2.16 -39.23
C ARG H 633 8.43 -2.32 -37.96
N ALA H 634 7.12 -2.08 -38.04
CA ALA H 634 6.26 -2.27 -36.88
C ALA H 634 6.05 -3.74 -36.58
N GLY H 635 6.18 -4.61 -37.56
CA GLY H 635 6.06 -6.03 -37.33
C GLY H 635 5.53 -6.74 -38.56
N CYS H 636 4.89 -7.88 -38.32
CA CYS H 636 4.35 -8.73 -39.37
C CYS H 636 2.83 -8.57 -39.39
N LEU H 637 2.29 -8.18 -40.54
CA LEU H 637 0.88 -7.87 -40.71
C LEU H 637 0.24 -8.96 -41.55
N ILE H 638 -0.84 -9.56 -41.03
CA ILE H 638 -1.51 -10.69 -41.65
C ILE H 638 -2.96 -10.33 -41.87
N GLY H 639 -3.47 -10.61 -43.07
CA GLY H 639 -4.83 -10.28 -43.41
C GLY H 639 -5.00 -8.98 -44.16
N ALA H 640 -3.91 -8.36 -44.61
CA ALA H 640 -3.96 -7.10 -45.33
C ALA H 640 -3.22 -7.23 -46.65
N GLU H 641 -3.75 -6.57 -47.67
CA GLU H 641 -3.22 -6.64 -49.03
C GLU H 641 -2.38 -5.41 -49.31
N HIS H 642 -1.12 -5.62 -49.67
CA HIS H 642 -0.22 -4.52 -49.96
C HIS H 642 -0.68 -3.75 -51.20
N VAL H 643 -0.30 -2.48 -51.27
CA VAL H 643 -0.70 -1.61 -52.38
C VAL H 643 0.42 -0.64 -52.69
N ASN H 644 0.54 -0.25 -53.96
CA ASN H 644 1.55 0.71 -54.39
C ASN H 644 1.03 2.14 -54.38
N ASN H 645 -0.24 2.35 -54.66
CA ASN H 645 -0.81 3.68 -54.58
C ASN H 645 -0.79 4.17 -53.14
N SER H 646 -0.65 5.48 -52.97
CA SER H 646 -0.59 6.11 -51.67
C SER H 646 -1.76 7.07 -51.48
N TYR H 647 -2.49 6.90 -50.40
CA TYR H 647 -3.60 7.77 -50.04
C TYR H 647 -3.35 8.38 -48.67
N GLU H 648 -4.35 9.07 -48.14
CA GLU H 648 -4.26 9.60 -46.78
C GLU H 648 -4.32 8.45 -45.77
N CYS H 649 -3.94 8.77 -44.53
CA CYS H 649 -3.93 7.77 -43.47
C CYS H 649 -5.32 7.63 -42.87
N ASP H 650 -5.73 6.39 -42.62
CA ASP H 650 -7.01 6.09 -42.00
C ASP H 650 -6.83 5.43 -40.64
N ILE H 651 -6.18 4.27 -40.59
CA ILE H 651 -5.84 3.60 -39.35
C ILE H 651 -4.32 3.49 -39.29
N PRO H 652 -3.65 4.40 -38.59
CA PRO H 652 -2.18 4.40 -38.64
C PRO H 652 -1.55 3.18 -37.99
N ILE H 653 -0.95 2.31 -38.81
CA ILE H 653 -0.28 1.13 -38.28
C ILE H 653 1.04 1.53 -37.63
N GLY H 654 1.82 2.39 -38.27
CA GLY H 654 3.06 2.88 -37.72
C GLY H 654 4.22 2.73 -38.68
N ALA H 655 5.31 3.40 -38.34
CA ALA H 655 6.53 3.40 -39.13
C ALA H 655 6.27 3.87 -40.56
N GLY H 656 5.28 4.72 -40.76
CA GLY H 656 4.93 5.21 -42.06
C GLY H 656 3.91 4.38 -42.81
N ILE H 657 3.41 3.29 -42.22
CA ILE H 657 2.45 2.41 -42.86
C ILE H 657 1.07 2.69 -42.28
N CYS H 658 0.10 2.89 -43.16
CA CYS H 658 -1.29 3.15 -42.78
C CYS H 658 -2.21 2.16 -43.45
N ALA H 659 -3.23 1.72 -42.72
CA ALA H 659 -4.22 0.77 -43.23
C ALA H 659 -5.50 1.48 -43.61
N SER H 660 -6.33 0.79 -44.39
CA SER H 660 -7.62 1.33 -44.80
C SER H 660 -8.51 0.18 -45.25
N TYR H 661 -9.80 0.49 -45.36
CA TYR H 661 -10.83 -0.46 -45.79
C TYR H 661 -11.49 0.12 -47.03
N GLN H 662 -10.88 -0.13 -48.19
CA GLN H 662 -11.34 0.44 -49.46
C GLN H 662 -11.97 -0.66 -50.30
N THR H 663 -13.17 -0.40 -50.81
CA THR H 663 -13.87 -1.34 -51.65
C THR H 663 -13.28 -1.31 -53.07
N GLN H 664 -13.11 -2.48 -53.66
CA GLN H 664 -12.55 -2.58 -55.00
C GLN H 664 -13.44 -1.85 -56.01
N SER H 676 -15.19 -8.18 -52.29
CA SER H 676 -15.27 -6.84 -52.88
C SER H 676 -14.53 -5.82 -52.03
N GLN H 677 -14.43 -6.11 -50.73
CA GLN H 677 -13.74 -5.24 -49.78
C GLN H 677 -12.67 -6.04 -49.04
N SER H 678 -11.52 -5.41 -48.83
CA SER H 678 -10.44 -6.01 -48.06
C SER H 678 -9.62 -4.90 -47.44
N ILE H 679 -8.86 -5.24 -46.42
CA ILE H 679 -8.00 -4.29 -45.72
C ILE H 679 -6.71 -4.13 -46.51
N ILE H 680 -6.35 -2.89 -46.82
CA ILE H 680 -5.16 -2.57 -47.60
C ILE H 680 -4.20 -1.80 -46.71
N ALA H 681 -2.95 -2.27 -46.67
CA ALA H 681 -1.88 -1.60 -45.93
C ALA H 681 -0.91 -0.98 -46.91
N TYR H 682 -0.73 0.34 -46.83
CA TYR H 682 0.08 1.07 -47.79
C TYR H 682 0.95 2.08 -47.06
N THR H 683 1.70 2.85 -47.84
CA THR H 683 2.53 3.94 -47.31
C THR H 683 1.81 5.26 -47.50
N MET H 684 1.51 5.94 -46.40
CA MET H 684 0.71 7.14 -46.46
C MET H 684 1.45 8.24 -47.21
N SER H 685 0.68 9.14 -47.81
CA SER H 685 1.21 10.22 -48.63
C SER H 685 1.12 11.52 -47.85
N LEU H 686 2.23 12.26 -47.81
CA LEU H 686 2.25 13.52 -47.07
C LEU H 686 1.28 14.53 -47.68
N GLY H 687 1.20 14.57 -48.99
CA GLY H 687 0.30 15.48 -49.65
C GLY H 687 0.56 15.53 -51.14
N ALA H 688 -0.27 16.31 -51.83
CA ALA H 688 -0.15 16.42 -53.27
C ALA H 688 1.15 17.11 -53.64
N GLU H 689 1.87 16.54 -54.60
CA GLU H 689 3.10 17.16 -55.08
C GLU H 689 2.79 18.52 -55.68
N ASN H 690 3.71 19.45 -55.49
CA ASN H 690 3.51 20.81 -55.98
C ASN H 690 4.88 21.44 -56.21
N SER H 691 4.87 22.56 -56.95
CA SER H 691 6.07 23.32 -57.22
C SER H 691 5.67 24.77 -57.46
N VAL H 692 6.62 25.67 -57.27
CA VAL H 692 6.39 27.10 -57.48
C VAL H 692 7.38 27.57 -58.54
N ALA H 693 6.86 28.21 -59.60
CA ALA H 693 7.68 28.64 -60.73
C ALA H 693 8.47 29.88 -60.33
N TYR H 694 9.46 29.66 -59.46
CA TYR H 694 10.29 30.76 -58.99
C TYR H 694 11.11 31.34 -60.15
N SER H 695 11.21 32.67 -60.17
CA SER H 695 12.02 33.34 -61.17
C SER H 695 12.28 34.77 -60.73
N ASN H 696 13.54 35.18 -60.75
CA ASN H 696 13.97 36.38 -60.04
C ASN H 696 13.35 37.67 -60.58
N ASN H 697 12.48 37.59 -61.58
CA ASN H 697 11.67 38.73 -61.99
C ASN H 697 10.27 38.25 -62.33
N SER H 698 9.63 37.57 -61.39
CA SER H 698 8.28 37.06 -61.56
C SER H 698 7.53 37.14 -60.25
N ILE H 699 6.36 37.80 -60.27
CA ILE H 699 5.51 37.90 -59.08
C ILE H 699 4.10 37.47 -59.48
N ALA H 700 3.28 37.18 -58.47
CA ALA H 700 1.91 36.73 -58.70
C ALA H 700 0.98 37.47 -57.75
N ILE H 701 0.02 38.21 -58.29
CA ILE H 701 -0.87 39.06 -57.50
C ILE H 701 -2.29 38.55 -57.67
N PRO H 702 -2.97 38.12 -56.60
CA PRO H 702 -4.32 37.56 -56.77
C PRO H 702 -5.33 38.60 -57.21
N THR H 703 -6.35 38.12 -57.92
CA THR H 703 -7.36 38.98 -58.54
C THR H 703 -8.68 39.02 -57.75
N ASN H 704 -9.20 37.87 -57.33
CA ASN H 704 -10.38 37.81 -56.48
C ASN H 704 -10.03 37.20 -55.13
N PHE H 705 -11.01 37.22 -54.23
CA PHE H 705 -10.81 36.77 -52.87
C PHE H 705 -11.95 35.85 -52.44
N THR H 706 -11.98 35.48 -51.17
CA THR H 706 -13.04 34.65 -50.64
C THR H 706 -13.15 34.90 -49.15
N ILE H 707 -14.38 34.83 -48.65
CA ILE H 707 -14.68 34.96 -47.23
C ILE H 707 -15.09 33.58 -46.74
N SER H 708 -14.31 33.03 -45.81
CA SER H 708 -14.52 31.67 -45.34
C SER H 708 -14.73 31.68 -43.84
N VAL H 709 -15.77 31.00 -43.39
CA VAL H 709 -16.11 30.88 -41.97
C VAL H 709 -15.76 29.47 -41.53
N THR H 710 -14.82 29.35 -40.62
CA THR H 710 -14.34 28.06 -40.14
C THR H 710 -14.62 27.93 -38.65
N THR H 711 -15.11 26.77 -38.24
CA THR H 711 -15.46 26.54 -36.85
C THR H 711 -14.25 26.07 -36.08
N GLU H 712 -14.23 26.38 -34.78
CA GLU H 712 -13.20 25.88 -33.87
C GLU H 712 -13.82 25.61 -32.52
N ILE H 713 -13.63 24.40 -32.02
CA ILE H 713 -14.27 23.95 -30.78
C ILE H 713 -13.21 23.87 -29.69
N LEU H 714 -13.56 24.32 -28.48
CA LEU H 714 -12.66 24.22 -27.34
C LEU H 714 -13.43 23.77 -26.10
N PRO H 715 -12.85 22.89 -25.29
CA PRO H 715 -13.40 22.67 -23.95
C PRO H 715 -13.08 23.84 -23.03
N VAL H 716 -13.90 23.99 -21.99
CA VAL H 716 -13.73 25.11 -21.05
C VAL H 716 -13.93 24.67 -19.61
N SER H 717 -14.53 23.50 -19.39
CA SER H 717 -14.75 23.02 -18.04
C SER H 717 -15.20 21.56 -18.10
N MET H 718 -15.28 20.94 -16.94
CA MET H 718 -15.68 19.55 -16.80
C MET H 718 -16.65 19.43 -15.63
N THR H 719 -17.23 18.25 -15.49
CA THR H 719 -18.23 18.05 -14.45
C THR H 719 -17.63 18.26 -13.08
N LYS H 720 -18.43 18.79 -12.16
CA LYS H 720 -17.98 19.08 -10.79
C LYS H 720 -18.35 17.93 -9.86
N THR H 721 -17.76 16.76 -10.11
CA THR H 721 -18.03 15.62 -9.26
C THR H 721 -17.44 15.86 -7.87
N SER H 722 -18.03 15.21 -6.89
CA SER H 722 -17.56 15.30 -5.51
C SER H 722 -17.86 13.98 -4.82
N VAL H 723 -16.85 13.42 -4.16
CA VAL H 723 -16.96 12.12 -3.52
C VAL H 723 -16.83 12.29 -2.02
N ASP H 724 -17.56 11.46 -1.29
CA ASP H 724 -17.51 11.43 0.16
C ASP H 724 -16.68 10.22 0.59
N CYS H 725 -15.47 10.48 1.08
CA CYS H 725 -14.52 9.41 1.37
C CYS H 725 -15.13 8.36 2.28
N THR H 726 -15.71 8.80 3.41
CA THR H 726 -16.13 7.84 4.43
C THR H 726 -17.24 6.94 3.93
N MET H 727 -18.25 7.51 3.27
CA MET H 727 -19.35 6.69 2.78
C MET H 727 -18.88 5.70 1.73
N TYR H 728 -18.00 6.14 0.83
CA TYR H 728 -17.49 5.25 -0.21
C TYR H 728 -16.70 4.10 0.39
N ILE H 729 -15.74 4.41 1.26
CA ILE H 729 -14.82 3.38 1.77
C ILE H 729 -15.54 2.45 2.72
N CYS H 730 -16.32 3.01 3.66
CA CYS H 730 -16.91 2.20 4.72
C CYS H 730 -18.39 1.91 4.53
N GLY H 731 -19.12 2.74 3.79
CA GLY H 731 -20.52 2.46 3.56
C GLY H 731 -21.37 2.51 4.80
N ASP H 732 -21.07 3.43 5.72
CA ASP H 732 -21.88 3.65 6.91
C ASP H 732 -21.90 2.42 7.82
N SER H 733 -20.71 2.01 8.21
CA SER H 733 -20.52 0.98 9.23
C SER H 733 -19.63 1.55 10.33
N THR H 734 -20.03 1.36 11.58
CA THR H 734 -19.29 1.95 12.69
C THR H 734 -17.91 1.34 12.83
N GLU H 735 -17.79 0.02 12.67
CA GLU H 735 -16.49 -0.62 12.81
C GLU H 735 -15.49 -0.08 11.79
N CYS H 736 -15.89 -0.07 10.52
CA CYS H 736 -15.00 0.44 9.49
C CYS H 736 -14.73 1.92 9.69
N SER H 737 -15.73 2.68 10.11
CA SER H 737 -15.52 4.11 10.32
C SER H 737 -14.49 4.35 11.40
N ASN H 738 -14.53 3.57 12.48
CA ASN H 738 -13.50 3.70 13.52
C ASN H 738 -12.13 3.29 13.00
N LEU H 739 -12.06 2.17 12.28
CA LEU H 739 -10.77 1.72 11.78
C LEU H 739 -10.15 2.73 10.83
N LEU H 740 -10.98 3.44 10.07
CA LEU H 740 -10.46 4.41 9.11
C LEU H 740 -9.86 5.64 9.79
N LEU H 741 -10.07 5.82 11.08
CA LEU H 741 -9.52 6.99 11.75
C LEU H 741 -8.01 6.88 11.94
N GLN H 742 -7.50 5.66 12.12
CA GLN H 742 -6.08 5.49 12.36
C GLN H 742 -5.24 6.00 11.19
N TYR H 743 -5.76 5.88 9.97
CA TYR H 743 -4.96 6.21 8.79
C TYR H 743 -4.64 7.70 8.68
N GLY H 744 -5.27 8.54 9.50
CA GLY H 744 -4.89 9.94 9.54
C GLY H 744 -5.83 10.86 8.81
N SER H 745 -5.29 11.81 8.06
CA SER H 745 -6.07 12.84 7.39
C SER H 745 -6.01 12.70 5.88
N PHE H 746 -6.04 11.46 5.37
CA PHE H 746 -6.15 11.26 3.93
C PHE H 746 -7.48 11.79 3.41
N CYS H 747 -8.56 11.54 4.16
CA CYS H 747 -9.89 11.91 3.70
C CYS H 747 -10.02 13.42 3.50
N THR H 748 -9.55 14.19 4.48
CA THR H 748 -9.72 15.64 4.39
C THR H 748 -8.93 16.21 3.24
N GLN H 749 -7.73 15.69 2.98
CA GLN H 749 -6.94 16.20 1.87
C GLN H 749 -7.36 15.66 0.52
N LEU H 750 -8.17 14.59 0.48
CA LEU H 750 -8.87 14.25 -0.76
C LEU H 750 -10.01 15.23 -1.02
N ASN H 751 -10.79 15.53 0.02
CA ASN H 751 -11.91 16.44 -0.15
C ASN H 751 -11.43 17.84 -0.50
N ARG H 752 -10.31 18.28 0.07
CA ARG H 752 -9.75 19.57 -0.29
C ARG H 752 -9.38 19.63 -1.77
N ALA H 753 -8.77 18.56 -2.29
CA ALA H 753 -8.39 18.54 -3.70
C ALA H 753 -9.63 18.59 -4.59
N LEU H 754 -10.64 17.78 -4.26
CA LEU H 754 -11.84 17.77 -5.09
C LEU H 754 -12.56 19.12 -5.05
N THR H 755 -12.61 19.76 -3.89
CA THR H 755 -13.21 21.08 -3.80
C THR H 755 -12.41 22.10 -4.61
N GLY H 756 -11.09 22.00 -4.58
CA GLY H 756 -10.28 22.90 -5.40
C GLY H 756 -10.58 22.75 -6.87
N ILE H 757 -10.69 21.51 -7.35
CA ILE H 757 -11.04 21.28 -8.75
C ILE H 757 -12.40 21.88 -9.06
N ALA H 758 -13.38 21.64 -8.17
CA ALA H 758 -14.73 22.12 -8.40
C ALA H 758 -14.77 23.63 -8.51
N VAL H 759 -14.05 24.34 -7.64
CA VAL H 759 -14.01 25.80 -7.73
C VAL H 759 -13.28 26.25 -8.99
N GLU H 760 -12.23 25.53 -9.37
CA GLU H 760 -11.53 25.88 -10.61
C GLU H 760 -12.49 25.85 -11.79
N GLN H 761 -13.43 24.91 -11.79
CA GLN H 761 -14.35 24.83 -12.94
C GLN H 761 -15.22 26.08 -13.03
N ASP H 762 -15.72 26.57 -11.91
CA ASP H 762 -16.51 27.79 -11.91
C ASP H 762 -15.66 29.00 -12.28
N LYS H 763 -14.37 28.97 -11.92
CA LYS H 763 -13.46 30.03 -12.36
C LYS H 763 -13.26 30.00 -13.87
N ASN H 764 -13.09 28.81 -14.44
CA ASN H 764 -12.89 28.68 -15.88
C ASN H 764 -14.10 29.17 -16.65
N THR H 765 -15.30 28.74 -16.23
CA THR H 765 -16.51 29.11 -16.95
C THR H 765 -16.74 30.62 -16.95
N GLN H 766 -16.10 31.34 -16.03
CA GLN H 766 -16.30 32.77 -15.89
C GLN H 766 -15.16 33.61 -16.43
N GLU H 767 -13.95 33.05 -16.53
CA GLU H 767 -12.86 33.76 -17.17
C GLU H 767 -13.10 33.98 -18.66
N VAL H 768 -13.94 33.16 -19.28
CA VAL H 768 -14.18 33.22 -20.72
C VAL H 768 -15.33 34.17 -21.01
N PHE H 769 -16.53 33.81 -20.55
CA PHE H 769 -17.73 34.52 -20.96
C PHE H 769 -17.90 35.86 -20.26
N ALA H 770 -17.44 35.99 -19.00
CA ALA H 770 -17.75 37.15 -18.18
C ALA H 770 -16.78 38.30 -18.40
N GLN H 771 -16.21 38.42 -19.60
CA GLN H 771 -15.31 39.52 -19.91
C GLN H 771 -16.06 40.81 -20.23
N VAL H 772 -17.37 40.74 -20.41
CA VAL H 772 -18.15 41.92 -20.74
C VAL H 772 -18.68 42.55 -19.47
N LYS H 773 -18.52 43.88 -19.35
CA LYS H 773 -18.93 44.57 -18.14
C LYS H 773 -20.45 44.57 -17.98
N GLN H 774 -21.17 44.91 -19.04
CA GLN H 774 -22.60 45.09 -19.03
C GLN H 774 -23.28 44.06 -19.92
N ILE H 775 -24.59 44.17 -20.05
CA ILE H 775 -25.38 43.30 -20.91
C ILE H 775 -26.02 44.18 -21.97
N TYR H 776 -25.60 44.00 -23.21
CA TYR H 776 -26.11 44.77 -24.33
C TYR H 776 -27.31 44.06 -24.94
N LYS H 777 -28.07 44.80 -25.75
CA LYS H 777 -29.25 44.27 -26.41
C LYS H 777 -29.24 44.70 -27.86
N THR H 778 -29.45 43.75 -28.76
CA THR H 778 -29.46 44.05 -30.17
C THR H 778 -30.67 44.91 -30.52
N PRO H 779 -30.54 45.83 -31.48
CA PRO H 779 -31.65 46.72 -31.81
C PRO H 779 -32.80 45.93 -32.42
N PRO H 780 -34.04 46.40 -32.28
CA PRO H 780 -35.16 45.69 -32.90
C PRO H 780 -35.06 45.62 -34.42
N ILE H 781 -34.52 46.67 -35.05
CA ILE H 781 -34.36 46.68 -36.50
C ILE H 781 -33.12 45.88 -36.87
N LYS H 782 -33.20 45.15 -37.98
CA LYS H 782 -32.16 44.19 -38.35
C LYS H 782 -31.41 44.56 -39.63
N ASP H 783 -31.58 45.78 -40.14
CA ASP H 783 -30.84 46.17 -41.34
C ASP H 783 -29.36 46.30 -41.01
N PHE H 784 -28.53 45.54 -41.72
CA PHE H 784 -27.09 45.57 -41.51
C PHE H 784 -26.32 45.69 -42.81
N GLY H 785 -26.95 46.27 -43.84
CA GLY H 785 -26.28 46.45 -45.12
C GLY H 785 -26.22 45.22 -45.98
N GLY H 786 -26.98 44.17 -45.66
CA GLY H 786 -27.00 42.93 -46.41
C GLY H 786 -26.62 41.71 -45.59
N PHE H 787 -25.79 41.90 -44.57
CA PHE H 787 -25.34 40.78 -43.77
C PHE H 787 -26.50 40.21 -42.97
N ASN H 788 -26.48 38.90 -42.74
CA ASN H 788 -27.60 38.18 -42.17
C ASN H 788 -27.12 37.40 -40.94
N PHE H 789 -27.48 37.88 -39.76
CA PHE H 789 -27.05 37.26 -38.52
C PHE H 789 -28.13 36.39 -37.89
N SER H 790 -29.23 36.13 -38.60
CA SER H 790 -30.35 35.42 -37.99
C SER H 790 -29.93 34.08 -37.40
N GLN H 791 -28.93 33.44 -37.98
CA GLN H 791 -28.51 32.13 -37.52
C GLN H 791 -27.70 32.17 -36.24
N ILE H 792 -27.10 33.31 -35.90
CA ILE H 792 -26.26 33.41 -34.72
C ILE H 792 -26.93 34.18 -33.59
N LEU H 793 -27.72 35.21 -33.89
CA LEU H 793 -28.37 35.98 -32.86
C LEU H 793 -29.50 35.20 -32.22
N PRO H 794 -29.94 35.59 -31.03
CA PRO H 794 -30.99 34.84 -30.35
C PRO H 794 -32.27 34.78 -31.17
N ASP H 795 -32.99 33.68 -31.04
CA ASP H 795 -34.26 33.50 -31.70
C ASP H 795 -35.38 33.72 -30.69
N PRO H 796 -36.14 34.82 -30.77
CA PRO H 796 -37.17 35.07 -29.75
C PRO H 796 -38.22 33.96 -29.66
N SER H 797 -38.51 33.28 -30.77
CA SER H 797 -39.61 32.31 -30.76
C SER H 797 -39.38 31.21 -29.75
N LYS H 798 -38.17 30.69 -29.66
CA LYS H 798 -37.89 29.57 -28.78
C LYS H 798 -38.10 29.99 -27.33
N PRO H 799 -38.47 29.07 -26.44
CA PRO H 799 -38.64 29.46 -25.03
C PRO H 799 -37.36 30.03 -24.43
N SER H 800 -36.21 29.50 -24.82
CA SER H 800 -34.91 30.02 -24.41
C SER H 800 -34.31 30.82 -25.55
N LYS H 801 -33.57 31.86 -25.22
CA LYS H 801 -33.03 32.75 -26.24
C LYS H 801 -31.74 32.21 -26.85
N ARG H 802 -31.77 30.95 -27.28
CA ARG H 802 -30.67 30.38 -28.03
C ARG H 802 -30.79 30.73 -29.50
N SER H 803 -29.67 30.62 -30.21
CA SER H 803 -29.68 30.76 -31.65
C SER H 803 -29.83 29.40 -32.31
N PRO H 804 -30.25 29.35 -33.56
CA PRO H 804 -30.38 28.05 -34.23
C PRO H 804 -29.10 27.22 -34.23
N ILE H 805 -27.95 27.85 -34.49
CA ILE H 805 -26.69 27.11 -34.46
C ILE H 805 -26.43 26.58 -33.05
N GLU H 806 -26.73 27.39 -32.03
CA GLU H 806 -26.60 26.90 -30.67
C GLU H 806 -27.50 25.71 -30.43
N ASP H 807 -28.70 25.70 -31.04
CA ASP H 807 -29.57 24.54 -30.91
C ASP H 807 -28.94 23.30 -31.52
N LEU H 808 -28.37 23.42 -32.72
CA LEU H 808 -27.72 22.27 -33.33
C LEU H 808 -26.57 21.77 -32.46
N LEU H 809 -25.75 22.69 -31.95
CA LEU H 809 -24.63 22.29 -31.12
C LEU H 809 -25.09 21.58 -29.86
N PHE H 810 -26.16 22.08 -29.24
CA PHE H 810 -26.65 21.45 -28.03
C PHE H 810 -27.29 20.09 -28.30
N ASN H 811 -27.84 19.89 -29.50
CA ASN H 811 -28.38 18.56 -29.82
C ASN H 811 -27.27 17.57 -30.15
N LYS H 812 -26.21 18.01 -30.84
CA LYS H 812 -25.15 17.09 -31.22
C LYS H 812 -24.44 16.51 -30.00
N VAL H 813 -24.02 17.38 -29.08
CA VAL H 813 -23.37 16.95 -27.85
C VAL H 813 -24.45 16.88 -26.78
N THR H 814 -25.09 15.72 -26.65
CA THR H 814 -26.14 15.54 -25.67
C THR H 814 -25.50 15.37 -24.29
N LEU H 815 -25.81 16.29 -23.37
CA LEU H 815 -25.27 16.18 -22.02
C LEU H 815 -25.68 14.85 -21.41
N ALA H 816 -24.74 14.22 -20.71
CA ALA H 816 -24.96 12.91 -20.13
C ALA H 816 -25.24 11.86 -21.20
N ASP H 817 -24.66 12.05 -22.40
CA ASP H 817 -24.84 11.06 -23.46
C ASP H 817 -24.32 9.70 -23.02
N ALA H 818 -23.18 9.69 -22.33
CA ALA H 818 -22.54 8.45 -21.88
C ALA H 818 -22.38 8.51 -20.37
N GLY H 819 -23.09 7.61 -19.67
CA GLY H 819 -22.93 7.47 -18.24
C GLY H 819 -23.72 8.48 -17.43
N PHE H 820 -23.19 9.69 -17.29
CA PHE H 820 -23.78 10.70 -16.40
C PHE H 820 -23.87 12.06 -17.09
N LYS H 841 -25.44 5.32 -8.20
CA LYS H 841 -24.46 6.27 -7.69
C LYS H 841 -24.79 6.67 -6.26
N PHE H 842 -25.42 5.75 -5.52
CA PHE H 842 -25.69 5.98 -4.10
C PHE H 842 -24.42 5.91 -3.25
N ASN H 843 -23.29 5.47 -3.82
CA ASN H 843 -22.08 5.19 -3.05
C ASN H 843 -21.27 6.46 -2.79
N GLY H 844 -21.92 7.52 -2.34
CA GLY H 844 -21.20 8.70 -1.92
C GLY H 844 -20.69 9.59 -3.02
N LEU H 845 -20.98 9.27 -4.27
CA LEU H 845 -20.56 10.08 -5.41
C LEU H 845 -21.70 10.99 -5.82
N THR H 846 -21.41 12.28 -6.00
CA THR H 846 -22.44 13.26 -6.31
C THR H 846 -21.91 14.23 -7.34
N VAL H 847 -22.83 14.93 -8.00
CA VAL H 847 -22.51 15.91 -9.02
C VAL H 847 -23.13 17.24 -8.61
N LEU H 848 -22.32 18.30 -8.58
CA LEU H 848 -22.81 19.61 -8.19
C LEU H 848 -23.13 20.45 -9.41
N PRO H 849 -24.08 21.39 -9.31
CA PRO H 849 -24.48 22.16 -10.49
C PRO H 849 -23.58 23.35 -10.72
N PRO H 850 -23.35 23.73 -11.97
CA PRO H 850 -22.52 24.92 -12.24
C PRO H 850 -23.20 26.21 -11.82
N LEU H 851 -22.38 27.21 -11.52
CA LEU H 851 -22.92 28.49 -11.03
C LEU H 851 -23.79 29.17 -12.08
N LEU H 852 -23.28 29.28 -13.31
CA LEU H 852 -24.02 29.94 -14.39
C LEU H 852 -24.99 28.93 -14.98
N THR H 853 -26.28 29.23 -14.92
CA THR H 853 -27.32 28.21 -15.11
C THR H 853 -27.47 27.76 -16.52
N ASP H 854 -26.60 28.08 -17.48
CA ASP H 854 -26.72 27.68 -18.88
C ASP H 854 -27.74 28.55 -19.61
N GLU H 855 -28.47 29.42 -18.93
CA GLU H 855 -29.20 30.51 -19.55
C GLU H 855 -28.52 31.85 -19.34
N MET H 856 -27.67 31.98 -18.32
CA MET H 856 -26.79 33.14 -18.20
C MET H 856 -25.64 33.06 -19.20
N ILE H 857 -25.18 31.85 -19.51
CA ILE H 857 -24.18 31.68 -20.56
C ILE H 857 -24.72 32.21 -21.89
N ALA H 858 -25.99 31.93 -22.17
CA ALA H 858 -26.60 32.45 -23.39
C ALA H 858 -26.68 33.97 -23.36
N GLN H 859 -27.02 34.56 -22.20
CA GLN H 859 -27.07 36.00 -22.11
C GLN H 859 -25.69 36.62 -22.34
N TYR H 860 -24.65 36.01 -21.79
CA TYR H 860 -23.30 36.53 -22.00
C TYR H 860 -22.91 36.44 -23.48
N THR H 861 -23.12 35.28 -24.10
CA THR H 861 -22.74 35.12 -25.49
C THR H 861 -23.63 35.91 -26.43
N SER H 862 -24.77 36.41 -25.97
CA SER H 862 -25.57 37.33 -26.76
C SER H 862 -25.17 38.78 -26.54
N ALA H 863 -24.76 39.15 -25.33
CA ALA H 863 -24.25 40.50 -25.11
C ALA H 863 -22.96 40.73 -25.88
N LEU H 864 -22.05 39.75 -25.84
CA LEU H 864 -20.82 39.86 -26.63
C LEU H 864 -21.15 40.02 -28.11
N LEU H 865 -22.08 39.21 -28.60
CA LEU H 865 -22.39 39.16 -30.02
C LEU H 865 -23.24 40.35 -30.47
N ALA H 866 -23.91 41.04 -29.56
CA ALA H 866 -24.65 42.24 -29.89
C ALA H 866 -23.86 43.51 -29.69
N GLY H 867 -22.76 43.45 -28.94
CA GLY H 867 -21.84 44.57 -28.86
C GLY H 867 -20.82 44.51 -29.99
N THR H 868 -20.52 43.31 -30.47
CA THR H 868 -19.61 43.17 -31.60
C THR H 868 -20.23 43.74 -32.88
N ILE H 869 -21.54 43.57 -33.05
CA ILE H 869 -22.20 43.97 -34.28
C ILE H 869 -22.26 45.48 -34.40
N THR H 870 -22.63 46.18 -33.31
CA THR H 870 -22.84 47.61 -33.35
C THR H 870 -21.64 48.43 -32.90
N SER H 871 -20.86 47.92 -31.94
CA SER H 871 -19.70 48.64 -31.42
C SER H 871 -18.42 48.23 -32.15
N GLY H 872 -18.12 46.94 -32.15
CA GLY H 872 -16.92 46.42 -32.78
C GLY H 872 -15.86 46.02 -31.79
N TRP H 873 -14.67 46.58 -31.94
CA TRP H 873 -13.58 46.37 -31.00
C TRP H 873 -13.57 47.38 -29.86
N THR H 874 -14.40 48.42 -29.95
CA THR H 874 -14.35 49.51 -28.98
C THR H 874 -15.02 49.12 -27.67
N PHE H 875 -16.00 48.23 -27.68
CA PHE H 875 -16.71 47.91 -26.46
C PHE H 875 -15.86 47.15 -25.46
N GLY H 876 -14.67 46.71 -25.86
CA GLY H 876 -13.76 46.01 -24.97
C GLY H 876 -12.63 46.84 -24.41
N ALA H 877 -12.54 48.12 -24.77
CA ALA H 877 -11.45 48.99 -24.32
C ALA H 877 -11.98 50.34 -23.90
N GLY H 878 -13.14 50.37 -23.25
CA GLY H 878 -13.73 51.62 -22.83
C GLY H 878 -15.24 51.61 -22.97
N PRO H 879 -15.83 52.78 -23.23
CA PRO H 879 -17.28 52.85 -23.46
C PRO H 879 -17.62 52.44 -24.88
N ALA H 880 -18.60 51.54 -25.03
CA ALA H 880 -18.98 51.06 -26.34
C ALA H 880 -19.45 52.22 -27.21
N LEU H 881 -18.92 52.28 -28.43
CA LEU H 881 -19.23 53.35 -29.38
C LEU H 881 -19.91 52.75 -30.60
N GLN H 882 -21.09 53.26 -30.93
CA GLN H 882 -21.84 52.74 -32.06
C GLN H 882 -21.12 53.05 -33.37
N ILE H 883 -21.35 52.19 -34.36
CA ILE H 883 -20.78 52.38 -35.70
C ILE H 883 -21.50 51.44 -36.67
N PRO H 884 -21.93 51.92 -37.84
CA PRO H 884 -22.62 51.03 -38.78
C PRO H 884 -21.74 49.85 -39.17
N PHE H 885 -22.37 48.69 -39.34
CA PHE H 885 -21.61 47.49 -39.67
C PHE H 885 -20.86 47.60 -40.99
N PRO H 886 -21.46 48.05 -42.10
CA PRO H 886 -20.69 48.15 -43.34
C PRO H 886 -19.52 49.11 -43.23
N MET H 887 -19.54 50.04 -42.29
CA MET H 887 -18.35 50.83 -42.01
C MET H 887 -17.34 50.06 -41.16
N GLN H 888 -17.81 49.22 -40.25
CA GLN H 888 -16.89 48.43 -39.45
C GLN H 888 -16.08 47.47 -40.32
N MET H 889 -16.73 46.83 -41.29
CA MET H 889 -15.99 45.92 -42.14
C MET H 889 -14.93 46.66 -42.96
N ALA H 890 -15.16 47.93 -43.27
CA ALA H 890 -14.17 48.68 -44.02
C ALA H 890 -12.91 48.93 -43.23
N TYR H 891 -12.97 48.82 -41.90
CA TYR H 891 -11.77 48.91 -41.07
C TYR H 891 -11.19 47.54 -40.77
N ARG H 892 -12.04 46.52 -40.62
CA ARG H 892 -11.53 45.16 -40.55
C ARG H 892 -10.74 44.82 -41.82
N PHE H 893 -11.11 45.42 -42.96
CA PHE H 893 -10.34 45.22 -44.19
C PHE H 893 -8.99 45.92 -44.14
N ASN H 894 -8.96 47.18 -43.71
CA ASN H 894 -7.67 47.86 -43.55
C ASN H 894 -6.78 47.10 -42.59
N GLY H 895 -7.34 46.39 -41.63
CA GLY H 895 -6.51 45.65 -40.69
C GLY H 895 -5.63 44.61 -41.34
N ILE H 896 -6.02 44.10 -42.51
CA ILE H 896 -5.28 43.05 -43.19
C ILE H 896 -4.50 43.55 -44.40
N GLY H 897 -4.47 44.85 -44.63
CA GLY H 897 -3.67 45.39 -45.72
C GLY H 897 -4.38 45.53 -47.05
N VAL H 898 -5.71 45.50 -47.06
CA VAL H 898 -6.50 45.75 -48.26
C VAL H 898 -7.22 47.09 -48.06
N THR H 899 -7.01 48.03 -48.98
CA THR H 899 -7.64 49.33 -48.85
C THR H 899 -9.14 49.17 -48.65
N GLN H 900 -9.82 50.22 -48.17
CA GLN H 900 -11.22 50.07 -47.81
C GLN H 900 -12.13 50.06 -49.03
N ASN H 901 -11.73 50.71 -50.12
CA ASN H 901 -12.62 50.77 -51.28
C ASN H 901 -12.92 49.40 -51.84
N VAL H 902 -12.11 48.38 -51.52
CA VAL H 902 -12.38 47.04 -51.99
C VAL H 902 -13.72 46.53 -51.49
N LEU H 903 -14.17 47.03 -50.33
CA LEU H 903 -15.43 46.56 -49.77
C LEU H 903 -16.62 47.29 -50.37
N TYR H 904 -16.70 48.60 -50.16
CA TYR H 904 -17.88 49.36 -50.57
C TYR H 904 -18.19 49.13 -52.04
N GLU H 905 -17.17 48.94 -52.86
CA GLU H 905 -17.42 48.68 -54.28
C GLU H 905 -17.93 47.26 -54.49
N ASN H 906 -17.50 46.32 -53.66
CA ASN H 906 -17.94 44.92 -53.73
C ASN H 906 -18.77 44.53 -52.51
N GLN H 907 -19.60 45.46 -52.02
CA GLN H 907 -20.34 45.20 -50.80
C GLN H 907 -21.34 44.06 -50.97
N LYS H 908 -22.04 44.04 -52.11
CA LYS H 908 -23.11 43.06 -52.33
C LYS H 908 -22.56 41.64 -52.42
N LEU H 909 -21.51 41.44 -53.23
CA LEU H 909 -20.92 40.12 -53.36
C LEU H 909 -20.36 39.63 -52.05
N ILE H 910 -19.69 40.51 -51.31
CA ILE H 910 -19.12 40.11 -50.02
C ILE H 910 -20.22 39.73 -49.05
N ALA H 911 -21.32 40.50 -49.04
CA ALA H 911 -22.43 40.16 -48.16
C ALA H 911 -23.01 38.80 -48.50
N ASN H 912 -23.19 38.51 -49.81
CA ASN H 912 -23.74 37.21 -50.19
C ASN H 912 -22.79 36.08 -49.86
N GLN H 913 -21.49 36.28 -50.08
CA GLN H 913 -20.52 35.25 -49.70
C GLN H 913 -20.57 34.98 -48.20
N PHE H 914 -20.67 36.05 -47.40
CA PHE H 914 -20.76 35.86 -45.95
C PHE H 914 -22.02 35.10 -45.58
N ASN H 915 -23.15 35.44 -46.22
CA ASN H 915 -24.41 34.76 -45.90
C ASN H 915 -24.33 33.27 -46.24
N SER H 916 -23.82 32.95 -47.43
CA SER H 916 -23.72 31.55 -47.82
C SER H 916 -22.75 30.80 -46.92
N ALA H 917 -21.63 31.44 -46.56
CA ALA H 917 -20.67 30.81 -45.67
C ALA H 917 -21.29 30.50 -44.31
N ILE H 918 -22.07 31.45 -43.77
CA ILE H 918 -22.76 31.19 -42.51
C ILE H 918 -23.75 30.05 -42.67
N GLY H 919 -24.47 30.02 -43.79
CA GLY H 919 -25.47 28.98 -43.99
C GLY H 919 -24.86 27.59 -44.05
N LYS H 920 -23.73 27.45 -44.76
CA LYS H 920 -23.12 26.14 -44.89
C LYS H 920 -22.65 25.56 -43.56
N ILE H 921 -22.45 26.40 -42.54
CA ILE H 921 -21.97 25.88 -41.26
C ILE H 921 -22.98 24.93 -40.65
N GLN H 922 -24.26 25.29 -40.72
CA GLN H 922 -25.29 24.42 -40.15
C GLN H 922 -25.31 23.07 -40.84
N ASP H 923 -25.23 23.06 -42.17
CA ASP H 923 -25.21 21.79 -42.90
C ASP H 923 -23.97 20.98 -42.55
N SER H 924 -22.82 21.63 -42.48
CA SER H 924 -21.59 20.91 -42.14
C SER H 924 -21.69 20.28 -40.76
N LEU H 925 -22.23 21.02 -39.80
CA LEU H 925 -22.39 20.47 -38.45
C LEU H 925 -23.40 19.34 -38.44
N SER H 926 -24.51 19.49 -39.16
CA SER H 926 -25.57 18.47 -39.12
C SER H 926 -25.12 17.18 -39.77
N SER H 927 -24.43 17.26 -40.91
CA SER H 927 -24.09 16.06 -41.66
C SER H 927 -23.21 15.13 -40.82
N THR H 928 -22.17 15.68 -40.19
CA THR H 928 -21.19 14.89 -39.45
C THR H 928 -21.49 14.99 -37.96
N PRO H 929 -21.70 13.82 -37.33
CA PRO H 929 -21.94 13.80 -35.89
C PRO H 929 -20.65 13.97 -35.10
N SER H 930 -19.50 13.61 -35.68
CA SER H 930 -18.22 13.67 -34.99
C SER H 930 -17.63 15.06 -34.94
N ALA H 931 -18.29 16.07 -35.52
CA ALA H 931 -17.73 17.41 -35.54
C ALA H 931 -17.38 17.90 -34.14
N LEU H 932 -18.32 17.75 -33.21
CA LEU H 932 -18.11 18.18 -31.83
C LEU H 932 -17.46 17.11 -30.97
N GLY H 933 -16.84 16.11 -31.58
CA GLY H 933 -16.22 15.06 -30.80
C GLY H 933 -15.29 15.61 -29.73
N LYS H 934 -14.62 16.73 -30.01
CA LYS H 934 -13.65 17.26 -29.07
C LYS H 934 -14.30 17.54 -27.71
N LEU H 935 -15.53 18.06 -27.70
CA LEU H 935 -16.23 18.18 -26.43
C LEU H 935 -16.71 16.83 -25.93
N GLN H 936 -17.28 16.02 -26.81
CA GLN H 936 -17.84 14.74 -26.38
C GLN H 936 -16.81 13.91 -25.64
N ASP H 937 -15.58 13.86 -26.17
CA ASP H 937 -14.54 13.08 -25.51
C ASP H 937 -14.45 13.44 -24.03
N VAL H 938 -14.41 14.74 -23.74
CA VAL H 938 -14.35 15.17 -22.33
C VAL H 938 -15.38 14.40 -21.52
N VAL H 939 -16.65 14.50 -21.91
CA VAL H 939 -17.71 13.81 -21.19
C VAL H 939 -17.32 12.37 -20.92
N ASN H 940 -17.01 11.64 -21.99
CA ASN H 940 -16.66 10.23 -21.81
C ASN H 940 -15.53 10.07 -20.80
N GLN H 941 -14.45 10.82 -21.00
CA GLN H 941 -13.29 10.64 -20.12
C GLN H 941 -13.69 10.75 -18.66
N ASN H 942 -14.65 11.63 -18.37
CA ASN H 942 -15.13 11.73 -16.99
C ASN H 942 -16.02 10.55 -16.63
N ALA H 943 -17.08 10.33 -17.41
CA ALA H 943 -18.03 9.28 -17.07
C ALA H 943 -17.33 7.95 -16.93
N GLN H 944 -16.55 7.57 -17.95
CA GLN H 944 -15.75 6.35 -17.87
C GLN H 944 -15.09 6.22 -16.51
N ALA H 945 -14.32 7.25 -16.12
CA ALA H 945 -13.59 7.17 -14.86
C ALA H 945 -14.51 6.81 -13.71
N LEU H 946 -15.62 7.54 -13.59
CA LEU H 946 -16.55 7.27 -12.50
C LEU H 946 -16.95 5.81 -12.50
N ASN H 947 -17.36 5.29 -13.65
CA ASN H 947 -17.76 3.89 -13.71
C ASN H 947 -16.68 3.00 -13.13
N THR H 948 -15.44 3.17 -13.59
CA THR H 948 -14.35 2.36 -13.07
C THR H 948 -14.34 2.41 -11.55
N LEU H 949 -14.36 3.62 -11.00
CA LEU H 949 -14.32 3.77 -9.55
C LEU H 949 -15.41 2.93 -8.89
N VAL H 950 -16.64 3.02 -9.42
CA VAL H 950 -17.74 2.28 -8.81
C VAL H 950 -17.45 0.78 -8.85
N LYS H 951 -16.97 0.28 -9.99
CA LYS H 951 -16.71 -1.15 -10.09
C LYS H 951 -15.68 -1.59 -9.07
N GLN H 952 -14.78 -0.68 -8.67
CA GLN H 952 -13.75 -1.05 -7.70
C GLN H 952 -14.35 -1.48 -6.37
N LEU H 953 -15.65 -1.31 -6.18
CA LEU H 953 -16.30 -1.74 -4.94
C LEU H 953 -16.66 -3.22 -4.95
N SER H 954 -16.42 -3.93 -6.05
CA SER H 954 -16.76 -5.34 -6.16
C SER H 954 -15.54 -6.25 -6.13
N SER H 955 -14.38 -5.73 -5.74
CA SER H 955 -13.12 -6.48 -5.77
C SER H 955 -12.73 -6.91 -4.37
N ASN H 956 -12.18 -8.11 -4.26
CA ASN H 956 -11.84 -8.66 -2.94
C ASN H 956 -10.63 -7.96 -2.35
N PHE H 957 -9.65 -7.60 -3.18
CA PHE H 957 -8.37 -7.09 -2.70
C PHE H 957 -7.70 -8.05 -1.72
N GLY H 958 -8.11 -9.32 -1.74
CA GLY H 958 -7.59 -10.33 -0.85
C GLY H 958 -8.53 -10.71 0.29
N ALA H 959 -9.58 -9.94 0.53
CA ALA H 959 -10.52 -10.27 1.59
C ALA H 959 -11.41 -11.45 1.17
N ILE H 960 -12.11 -12.03 2.14
CA ILE H 960 -12.96 -13.17 1.83
C ILE H 960 -14.12 -12.75 0.95
N SER H 961 -14.57 -11.50 1.06
CA SER H 961 -15.71 -11.03 0.29
C SER H 961 -15.57 -9.54 0.03
N SER H 962 -16.30 -9.05 -0.96
CA SER H 962 -16.30 -7.65 -1.32
C SER H 962 -17.48 -6.88 -0.74
N VAL H 963 -18.26 -7.50 0.14
CA VAL H 963 -19.42 -6.88 0.77
C VAL H 963 -19.13 -6.76 2.26
N LEU H 964 -19.14 -5.53 2.78
CA LEU H 964 -18.78 -5.30 4.17
C LEU H 964 -19.77 -5.98 5.11
N ASN H 965 -21.07 -5.95 4.76
CA ASN H 965 -22.08 -6.55 5.63
C ASN H 965 -21.84 -8.03 5.82
N ASP H 966 -21.50 -8.74 4.74
CA ASP H 966 -21.27 -10.18 4.86
C ASP H 966 -20.08 -10.47 5.77
N ILE H 967 -18.99 -9.71 5.63
CA ILE H 967 -17.84 -9.92 6.50
C ILE H 967 -18.22 -9.66 7.94
N LEU H 968 -18.96 -8.59 8.20
CA LEU H 968 -19.34 -8.26 9.56
C LEU H 968 -20.22 -9.34 10.17
N SER H 969 -21.19 -9.84 9.41
CA SER H 969 -22.12 -10.83 9.96
C SER H 969 -21.49 -12.21 10.09
N ARG H 970 -20.51 -12.53 9.26
CA ARG H 970 -19.88 -13.85 9.33
C ARG H 970 -18.91 -13.95 10.49
N LEU H 971 -18.21 -12.86 10.82
CA LEU H 971 -17.07 -12.92 11.73
C LEU H 971 -17.21 -11.87 12.82
N ASP H 972 -16.61 -12.18 13.97
CA ASP H 972 -16.52 -11.23 15.06
C ASP H 972 -15.43 -10.20 14.80
N PRO H 973 -15.45 -9.07 15.50
CA PRO H 973 -14.48 -7.99 15.22
C PRO H 973 -13.05 -8.47 15.30
N PRO H 974 -12.70 -9.34 16.26
CA PRO H 974 -11.28 -9.75 16.36
C PRO H 974 -10.73 -10.33 15.08
N GLU H 975 -11.53 -11.09 14.34
CA GLU H 975 -11.12 -11.63 13.05
C GLU H 975 -11.58 -10.77 11.87
N ALA H 976 -12.60 -9.93 12.05
CA ALA H 976 -13.09 -9.09 10.98
C ALA H 976 -12.19 -7.88 10.74
N GLU H 977 -11.40 -7.47 11.74
CA GLU H 977 -10.50 -6.35 11.53
C GLU H 977 -9.52 -6.63 10.40
N VAL H 978 -8.95 -7.84 10.38
CA VAL H 978 -7.97 -8.18 9.36
C VAL H 978 -8.60 -8.12 7.97
N GLN H 979 -9.80 -8.70 7.82
CA GLN H 979 -10.45 -8.69 6.52
C GLN H 979 -10.79 -7.27 6.09
N ILE H 980 -11.33 -6.46 7.01
CA ILE H 980 -11.78 -5.12 6.64
C ILE H 980 -10.60 -4.23 6.29
N ASP H 981 -9.43 -4.46 6.91
CA ASP H 981 -8.30 -3.59 6.64
C ASP H 981 -7.86 -3.68 5.18
N ARG H 982 -7.91 -4.87 4.59
CA ARG H 982 -7.53 -5.03 3.20
C ARG H 982 -8.46 -4.23 2.29
N LEU H 983 -9.77 -4.31 2.55
CA LEU H 983 -10.73 -3.53 1.77
C LEU H 983 -10.47 -2.04 1.92
N ILE H 984 -10.18 -1.59 3.14
CA ILE H 984 -9.91 -0.18 3.38
C ILE H 984 -8.70 0.26 2.56
N THR H 985 -7.62 -0.52 2.60
CA THR H 985 -6.43 -0.17 1.85
C THR H 985 -6.70 -0.13 0.35
N GLY H 986 -7.41 -1.13 -0.16
CA GLY H 986 -7.69 -1.17 -1.59
C GLY H 986 -8.52 0.02 -2.04
N ARG H 987 -9.60 0.32 -1.31
CA ARG H 987 -10.47 1.41 -1.71
C ARG H 987 -9.81 2.75 -1.53
N LEU H 988 -8.98 2.92 -0.51
CA LEU H 988 -8.21 4.15 -0.36
C LEU H 988 -7.26 4.35 -1.52
N GLN H 989 -6.59 3.27 -1.95
CA GLN H 989 -5.71 3.35 -3.10
C GLN H 989 -6.50 3.73 -4.36
N SER H 990 -7.68 3.15 -4.55
CA SER H 990 -8.50 3.48 -5.71
C SER H 990 -8.93 4.94 -5.70
N LEU H 991 -9.33 5.45 -4.54
CA LEU H 991 -9.69 6.87 -4.45
C LEU H 991 -8.51 7.76 -4.76
N GLN H 992 -7.32 7.42 -4.25
CA GLN H 992 -6.14 8.23 -4.55
C GLN H 992 -5.87 8.25 -6.05
N THR H 993 -5.97 7.09 -6.71
CA THR H 993 -5.77 7.04 -8.15
C THR H 993 -6.76 7.96 -8.86
N TYR H 994 -8.04 7.89 -8.48
CA TYR H 994 -9.04 8.72 -9.12
C TYR H 994 -8.75 10.20 -8.95
N VAL H 995 -8.39 10.60 -7.73
CA VAL H 995 -8.14 12.02 -7.48
C VAL H 995 -6.94 12.51 -8.27
N THR H 996 -5.87 11.72 -8.31
CA THR H 996 -4.68 12.16 -9.06
C THR H 996 -4.99 12.30 -10.54
N GLN H 997 -5.71 11.34 -11.11
CA GLN H 997 -6.07 11.44 -12.51
C GLN H 997 -6.91 12.68 -12.76
N GLN H 998 -7.85 12.98 -11.86
CA GLN H 998 -8.69 14.16 -12.02
C GLN H 998 -7.86 15.44 -11.91
N LEU H 999 -6.85 15.46 -11.04
CA LEU H 999 -6.00 16.64 -10.93
C LEU H 999 -5.26 16.91 -12.25
N ILE H 1000 -4.69 15.86 -12.84
CA ILE H 1000 -3.99 16.03 -14.11
C ILE H 1000 -4.95 16.46 -15.21
N ARG H 1001 -6.13 15.81 -15.28
CA ARG H 1001 -7.10 16.16 -16.31
C ARG H 1001 -7.59 17.59 -16.15
N ALA H 1002 -7.80 18.03 -14.90
CA ALA H 1002 -8.23 19.40 -14.65
C ALA H 1002 -7.15 20.39 -15.02
N ALA H 1003 -5.87 20.04 -14.82
CA ALA H 1003 -4.81 20.90 -15.29
C ALA H 1003 -4.86 21.07 -16.80
N GLU H 1004 -5.12 19.97 -17.52
CA GLU H 1004 -5.26 20.05 -18.98
C GLU H 1004 -6.42 20.95 -19.38
N ILE H 1005 -7.57 20.78 -18.73
CA ILE H 1005 -8.75 21.58 -19.06
C ILE H 1005 -8.48 23.06 -18.75
N ARG H 1006 -7.77 23.33 -17.67
CA ARG H 1006 -7.43 24.71 -17.33
C ARG H 1006 -6.51 25.31 -18.39
N ALA H 1007 -5.55 24.53 -18.87
CA ALA H 1007 -4.69 25.01 -19.93
C ALA H 1007 -5.48 25.33 -21.18
N SER H 1008 -6.56 24.59 -21.44
CA SER H 1008 -7.42 24.92 -22.58
C SER H 1008 -8.34 26.11 -22.32
N ALA H 1009 -8.84 26.27 -21.09
CA ALA H 1009 -9.66 27.43 -20.76
C ALA H 1009 -8.85 28.71 -20.86
N ASN H 1010 -7.57 28.65 -20.49
CA ASN H 1010 -6.70 29.82 -20.60
C ASN H 1010 -6.45 30.22 -22.05
N LEU H 1011 -6.63 29.30 -22.99
CA LEU H 1011 -6.54 29.65 -24.41
C LEU H 1011 -7.87 30.09 -24.97
N ALA H 1012 -8.97 29.51 -24.50
CA ALA H 1012 -10.28 30.00 -24.90
C ALA H 1012 -10.49 31.44 -24.46
N ALA H 1013 -10.09 31.77 -23.24
CA ALA H 1013 -10.21 33.13 -22.72
C ALA H 1013 -9.27 34.10 -23.41
N THR H 1014 -8.27 33.62 -24.14
CA THR H 1014 -7.39 34.48 -24.92
C THR H 1014 -7.91 34.68 -26.33
N LYS H 1015 -8.44 33.62 -26.94
CA LYS H 1015 -9.11 33.77 -28.22
C LYS H 1015 -10.33 34.66 -28.11
N MET H 1016 -11.01 34.64 -26.96
CA MET H 1016 -12.13 35.55 -26.75
C MET H 1016 -11.65 37.00 -26.69
N SER H 1017 -10.55 37.26 -26.01
CA SER H 1017 -10.10 38.63 -25.82
C SER H 1017 -9.51 39.22 -27.10
N GLU H 1018 -8.71 38.45 -27.82
CA GLU H 1018 -7.92 39.00 -28.91
C GLU H 1018 -8.58 38.90 -30.27
N CYS H 1019 -9.61 38.09 -30.41
CA CYS H 1019 -10.27 37.88 -31.69
C CYS H 1019 -11.73 38.27 -31.70
N VAL H 1020 -12.47 38.05 -30.61
CA VAL H 1020 -13.84 38.54 -30.53
C VAL H 1020 -13.86 40.03 -30.24
N LEU H 1021 -13.00 40.49 -29.32
CA LEU H 1021 -12.96 41.89 -28.92
C LEU H 1021 -11.95 42.71 -29.71
N GLY H 1022 -11.33 42.14 -30.74
CA GLY H 1022 -10.42 42.89 -31.58
C GLY H 1022 -9.87 42.01 -32.67
N GLN H 1023 -9.32 42.65 -33.69
CA GLN H 1023 -8.75 41.94 -34.82
C GLN H 1023 -7.32 41.51 -34.51
N SER H 1024 -7.00 40.26 -34.84
CA SER H 1024 -5.73 39.65 -34.43
C SER H 1024 -4.76 39.60 -35.61
N LYS H 1025 -3.52 40.00 -35.36
CA LYS H 1025 -2.45 39.97 -36.36
C LYS H 1025 -1.62 38.70 -36.28
N ARG H 1026 -1.85 37.83 -35.30
CA ARG H 1026 -1.10 36.59 -35.19
C ARG H 1026 -1.54 35.62 -36.28
N VAL H 1027 -0.59 34.83 -36.76
CA VAL H 1027 -0.81 33.96 -37.91
C VAL H 1027 -1.37 32.62 -37.44
N ASP H 1028 -2.38 32.12 -38.17
CA ASP H 1028 -3.00 30.83 -37.88
C ASP H 1028 -3.40 30.72 -36.41
N PHE H 1029 -3.67 31.87 -35.78
CA PHE H 1029 -4.19 31.90 -34.42
C PHE H 1029 -5.71 31.89 -34.43
N CYS H 1030 -6.31 32.75 -35.25
CA CYS H 1030 -7.76 32.85 -35.36
C CYS H 1030 -8.14 32.71 -36.84
N GLY H 1031 -8.19 31.47 -37.30
CA GLY H 1031 -8.64 31.16 -38.63
C GLY H 1031 -7.51 31.03 -39.62
N LYS H 1032 -7.71 30.17 -40.62
CA LYS H 1032 -6.73 29.93 -41.68
C LYS H 1032 -6.96 30.97 -42.77
N GLY H 1033 -6.13 32.00 -42.79
CA GLY H 1033 -6.27 33.13 -43.69
C GLY H 1033 -5.99 34.40 -42.94
N TYR H 1034 -6.43 35.52 -43.51
CA TYR H 1034 -6.28 36.82 -42.85
C TYR H 1034 -7.54 37.09 -42.03
N HIS H 1035 -7.39 37.15 -40.71
CA HIS H 1035 -8.52 37.26 -39.80
C HIS H 1035 -9.33 38.51 -40.08
N LEU H 1036 -10.67 38.39 -40.02
CA LEU H 1036 -11.55 39.54 -40.13
C LEU H 1036 -12.35 39.78 -38.86
N MET H 1037 -12.92 38.75 -38.26
CA MET H 1037 -13.65 38.89 -37.01
C MET H 1037 -13.90 37.49 -36.47
N SER H 1038 -14.76 37.39 -35.45
CA SER H 1038 -15.04 36.09 -34.86
C SER H 1038 -16.31 36.22 -34.02
N PHE H 1039 -16.99 35.10 -33.83
CA PHE H 1039 -18.24 35.02 -33.09
C PHE H 1039 -18.20 33.86 -32.11
N PRO H 1040 -18.68 34.06 -30.88
CA PRO H 1040 -18.75 32.93 -29.95
C PRO H 1040 -20.10 32.23 -29.96
N GLN H 1041 -20.06 30.95 -29.59
CA GLN H 1041 -21.26 30.18 -29.31
C GLN H 1041 -20.95 29.27 -28.14
N SER H 1042 -21.96 28.97 -27.34
CA SER H 1042 -21.78 28.15 -26.16
C SER H 1042 -22.21 26.72 -26.45
N ALA H 1043 -21.38 25.76 -26.09
CA ALA H 1043 -21.70 24.35 -26.23
C ALA H 1043 -21.52 23.68 -24.87
N PRO H 1044 -22.12 22.53 -24.66
CA PRO H 1044 -22.01 21.88 -23.36
C PRO H 1044 -20.58 21.69 -22.91
N HIS H 1045 -20.17 22.41 -21.88
CA HIS H 1045 -18.80 22.33 -21.34
C HIS H 1045 -17.76 22.84 -22.33
N GLY H 1046 -18.08 23.89 -23.06
CA GLY H 1046 -17.13 24.40 -24.03
C GLY H 1046 -17.69 25.56 -24.82
N VAL H 1047 -16.84 26.03 -25.74
CA VAL H 1047 -17.16 27.20 -26.55
C VAL H 1047 -16.72 26.95 -27.97
N VAL H 1048 -17.50 27.44 -28.92
CA VAL H 1048 -17.27 27.23 -30.35
C VAL H 1048 -17.15 28.61 -31.01
N PHE H 1049 -15.98 28.89 -31.57
CA PHE H 1049 -15.76 30.13 -32.30
C PHE H 1049 -15.99 29.90 -33.78
N LEU H 1050 -16.47 30.94 -34.47
CA LEU H 1050 -16.71 30.91 -35.91
C LEU H 1050 -15.80 31.93 -36.56
N HIS H 1051 -14.56 31.55 -36.80
CA HIS H 1051 -13.58 32.51 -37.28
C HIS H 1051 -13.86 32.85 -38.74
N VAL H 1052 -14.01 34.14 -39.02
CA VAL H 1052 -14.22 34.63 -40.38
C VAL H 1052 -12.88 35.10 -40.92
N THR H 1053 -12.53 34.65 -42.13
CA THR H 1053 -11.20 34.90 -42.66
C THR H 1053 -11.29 35.23 -44.13
N TYR H 1054 -10.28 35.97 -44.59
CA TYR H 1054 -10.12 36.40 -45.96
C TYR H 1054 -9.04 35.57 -46.62
N VAL H 1055 -9.30 35.11 -47.84
CA VAL H 1055 -8.37 34.21 -48.53
C VAL H 1055 -8.31 34.57 -50.01
N PRO H 1056 -7.16 34.96 -50.57
CA PRO H 1056 -7.10 35.24 -52.01
C PRO H 1056 -7.36 33.99 -52.82
N ALA H 1057 -7.95 34.17 -54.01
CA ALA H 1057 -8.48 33.05 -54.78
C ALA H 1057 -7.78 32.86 -56.12
N GLN H 1058 -7.84 33.83 -57.03
CA GLN H 1058 -7.40 33.64 -58.41
C GLN H 1058 -6.13 34.45 -58.66
N GLU H 1059 -5.08 33.77 -59.10
CA GLU H 1059 -3.75 34.36 -59.21
C GLU H 1059 -3.39 34.60 -60.66
N LYS H 1060 -2.76 35.74 -60.91
CA LYS H 1060 -2.17 36.04 -62.21
C LYS H 1060 -0.80 36.64 -61.97
N ASN H 1061 0.17 36.26 -62.80
CA ASN H 1061 1.57 36.61 -62.56
C ASN H 1061 2.11 37.54 -63.63
N PHE H 1062 3.05 38.38 -63.21
CA PHE H 1062 3.62 39.44 -64.02
C PHE H 1062 5.13 39.48 -63.77
N THR H 1063 5.79 40.40 -64.44
CA THR H 1063 7.20 40.68 -64.23
C THR H 1063 7.36 41.94 -63.38
N THR H 1064 8.26 41.87 -62.40
CA THR H 1064 8.40 42.93 -61.41
C THR H 1064 9.85 43.38 -61.32
N ALA H 1065 10.05 44.69 -61.18
CA ALA H 1065 11.37 45.26 -61.00
C ALA H 1065 11.35 46.21 -59.81
N PRO H 1066 12.38 46.17 -58.96
CA PRO H 1066 12.30 46.85 -57.66
C PRO H 1066 12.59 48.34 -57.68
N ALA H 1067 12.56 49.00 -58.84
CA ALA H 1067 12.86 50.42 -58.91
C ALA H 1067 12.44 50.93 -60.27
N ILE H 1068 12.55 52.25 -60.44
CA ILE H 1068 12.21 52.90 -61.70
C ILE H 1068 13.12 54.10 -61.90
N CYS H 1069 14.07 53.99 -62.82
CA CYS H 1069 15.04 55.06 -63.07
C CYS H 1069 14.39 56.09 -63.98
N HIS H 1070 13.70 57.06 -63.39
CA HIS H 1070 12.96 58.03 -64.21
C HIS H 1070 13.90 58.95 -64.98
N ASP H 1071 14.69 59.74 -64.28
CA ASP H 1071 15.66 60.64 -64.90
C ASP H 1071 16.97 60.63 -64.13
N GLY H 1072 17.43 59.43 -63.78
CA GLY H 1072 18.66 59.27 -63.05
C GLY H 1072 18.50 59.13 -61.56
N LYS H 1073 17.27 59.09 -61.05
CA LYS H 1073 17.00 58.91 -59.63
C LYS H 1073 16.09 57.71 -59.46
N ALA H 1074 16.50 56.76 -58.63
CA ALA H 1074 15.68 55.59 -58.40
C ALA H 1074 14.36 55.99 -57.76
N HIS H 1075 13.33 55.18 -57.99
CA HIS H 1075 12.02 55.37 -57.37
C HIS H 1075 11.58 54.05 -56.77
N PHE H 1076 11.15 54.09 -55.51
CA PHE H 1076 10.59 52.92 -54.86
C PHE H 1076 9.14 53.21 -54.49
N PRO H 1077 8.23 52.25 -54.62
CA PRO H 1077 6.82 52.55 -54.31
C PRO H 1077 6.60 52.71 -52.83
N ARG H 1078 5.81 53.72 -52.46
CA ARG H 1078 5.49 53.92 -51.04
C ARG H 1078 4.79 52.71 -50.46
N GLU H 1079 3.76 52.23 -51.16
CA GLU H 1079 2.96 51.11 -50.68
C GLU H 1079 2.40 50.40 -51.91
N GLY H 1080 3.03 49.30 -52.28
CA GLY H 1080 2.66 48.57 -53.48
C GLY H 1080 3.85 47.85 -54.05
N VAL H 1081 3.64 47.30 -55.24
CA VAL H 1081 4.66 46.55 -55.98
C VAL H 1081 4.57 46.97 -57.43
N PHE H 1082 5.72 47.15 -58.07
CA PHE H 1082 5.73 47.40 -59.50
C PHE H 1082 5.43 46.11 -60.24
N VAL H 1083 4.54 46.19 -61.23
CA VAL H 1083 4.19 45.05 -62.06
C VAL H 1083 3.83 45.56 -63.44
N SER H 1084 4.17 44.80 -64.47
CA SER H 1084 3.85 45.17 -65.83
C SER H 1084 3.18 44.01 -66.55
N ASN H 1085 2.17 44.31 -67.35
CA ASN H 1085 1.50 43.31 -68.18
C ASN H 1085 2.19 43.11 -69.52
N GLY H 1086 3.30 43.80 -69.77
CA GLY H 1086 4.08 43.66 -70.99
C GLY H 1086 4.32 44.96 -71.72
N THR H 1087 3.53 46.00 -71.47
CA THR H 1087 3.65 47.24 -72.21
C THR H 1087 3.72 48.45 -71.29
N HIS H 1088 3.09 48.36 -70.12
CA HIS H 1088 3.03 49.46 -69.16
C HIS H 1088 3.37 48.95 -67.78
N TRP H 1089 3.80 49.86 -66.92
CA TRP H 1089 4.15 49.55 -65.54
C TRP H 1089 3.16 50.21 -64.60
N PHE H 1090 2.70 49.46 -63.61
CA PHE H 1090 1.72 49.92 -62.63
C PHE H 1090 2.16 49.52 -61.23
N VAL H 1091 1.85 50.36 -60.26
CA VAL H 1091 2.07 50.02 -58.85
C VAL H 1091 0.76 49.47 -58.29
N THR H 1092 0.82 48.24 -57.78
CA THR H 1092 -0.36 47.51 -57.34
C THR H 1092 -0.24 47.12 -55.88
N GLN H 1093 -1.33 47.26 -55.13
CA GLN H 1093 -1.30 46.84 -53.74
C GLN H 1093 -1.06 45.34 -53.67
N ARG H 1094 -0.44 44.90 -52.58
CA ARG H 1094 0.11 43.54 -52.54
C ARG H 1094 -0.97 42.47 -52.67
N ASN H 1095 -2.10 42.64 -51.97
CA ASN H 1095 -3.04 41.55 -51.74
C ASN H 1095 -4.30 41.60 -52.60
N PHE H 1096 -4.35 42.48 -53.60
CA PHE H 1096 -5.51 42.53 -54.48
C PHE H 1096 -5.17 43.28 -55.75
N TYR H 1097 -5.16 42.59 -56.88
CA TYR H 1097 -4.69 43.21 -58.12
C TYR H 1097 -5.52 44.44 -58.44
N GLU H 1098 -4.84 45.58 -58.56
CA GLU H 1098 -5.50 46.83 -58.89
C GLU H 1098 -4.48 47.80 -59.49
N PRO H 1099 -4.27 47.78 -60.81
CA PRO H 1099 -3.23 48.62 -61.40
C PRO H 1099 -3.55 50.10 -61.27
N GLN H 1100 -2.49 50.90 -61.15
CA GLN H 1100 -2.62 52.35 -61.07
C GLN H 1100 -1.40 52.98 -61.73
N ILE H 1101 -1.64 53.93 -62.62
CA ILE H 1101 -0.54 54.64 -63.27
C ILE H 1101 0.43 55.11 -62.21
N ILE H 1102 1.71 55.10 -62.53
CA ILE H 1102 2.75 55.46 -61.58
C ILE H 1102 2.98 56.97 -61.63
N THR H 1103 2.91 57.61 -60.48
CA THR H 1103 3.16 59.04 -60.35
C THR H 1103 3.96 59.27 -59.08
N THR H 1104 4.42 60.51 -58.89
CA THR H 1104 5.28 60.80 -57.76
C THR H 1104 4.62 60.54 -56.42
N ASP H 1105 3.28 60.54 -56.38
CA ASP H 1105 2.59 60.33 -55.11
C ASP H 1105 2.76 58.90 -54.60
N ASN H 1106 2.86 57.92 -55.49
CA ASN H 1106 3.02 56.53 -55.10
C ASN H 1106 4.47 56.14 -54.85
N THR H 1107 5.43 56.98 -55.21
CA THR H 1107 6.84 56.61 -55.22
C THR H 1107 7.65 57.65 -54.48
N PHE H 1108 8.75 57.20 -53.86
CA PHE H 1108 9.71 58.08 -53.23
C PHE H 1108 11.11 57.75 -53.73
N VAL H 1109 11.95 58.78 -53.76
CA VAL H 1109 13.27 58.71 -54.38
C VAL H 1109 14.33 58.44 -53.32
N SER H 1110 15.31 57.60 -53.67
CA SER H 1110 16.43 57.34 -52.76
C SER H 1110 17.62 56.87 -53.58
N GLY H 1111 18.56 57.77 -53.84
CA GLY H 1111 19.81 57.42 -54.46
C GLY H 1111 19.81 57.59 -55.96
N ASN H 1112 20.79 56.93 -56.60
CA ASN H 1112 20.98 56.96 -58.04
C ASN H 1112 20.69 55.59 -58.65
N CYS H 1113 20.66 55.56 -59.98
CA CYS H 1113 20.23 54.36 -60.69
C CYS H 1113 21.31 53.29 -60.73
N ASP H 1114 22.58 53.67 -60.73
CA ASP H 1114 23.64 52.67 -60.91
C ASP H 1114 23.80 51.78 -59.69
N VAL H 1115 23.49 52.29 -58.49
CA VAL H 1115 23.76 51.53 -57.28
C VAL H 1115 22.86 50.30 -57.20
N VAL H 1116 21.58 50.45 -57.52
CA VAL H 1116 20.59 49.40 -57.28
C VAL H 1116 20.80 48.28 -58.28
N ILE H 1117 20.18 47.13 -58.03
CA ILE H 1117 20.19 45.99 -58.93
C ILE H 1117 18.76 45.74 -59.39
N GLY H 1118 18.59 45.48 -60.69
CA GLY H 1118 17.28 45.15 -61.22
C GLY H 1118 16.41 46.34 -61.58
N ILE H 1119 16.89 47.56 -61.35
CA ILE H 1119 16.11 48.73 -61.72
C ILE H 1119 15.86 48.72 -63.23
N VAL H 1120 14.73 49.27 -63.65
CA VAL H 1120 14.33 49.29 -65.04
C VAL H 1120 13.80 50.68 -65.40
N ASN H 1121 14.08 51.13 -66.61
CA ASN H 1121 13.65 52.44 -67.04
C ASN H 1121 12.13 52.50 -67.15
N ASN H 1122 11.59 53.72 -67.07
CA ASN H 1122 10.17 53.98 -67.22
C ASN H 1122 9.97 55.48 -67.09
N THR H 1123 8.74 55.93 -67.34
CA THR H 1123 8.37 57.32 -67.19
C THR H 1123 7.40 57.45 -66.02
N VAL H 1124 7.73 58.34 -65.08
CA VAL H 1124 6.90 58.61 -63.92
C VAL H 1124 6.21 59.94 -64.15
N TYR H 1125 4.88 59.91 -64.25
CA TYR H 1125 4.12 61.11 -64.56
C TYR H 1125 4.24 62.11 -63.43
N ASP H 1126 4.08 63.39 -63.76
CA ASP H 1126 4.13 64.47 -62.80
C ASP H 1126 2.74 65.07 -62.63
N PRO H 1127 2.07 64.88 -61.50
CA PRO H 1127 0.74 65.48 -61.33
C PRO H 1127 0.74 67.00 -61.47
N LEU H 1128 1.78 67.67 -60.98
CA LEU H 1128 1.80 69.13 -60.96
C LEU H 1128 2.12 69.73 -62.32
N GLN H 1129 2.93 69.07 -63.12
CA GLN H 1129 3.38 69.65 -64.39
C GLN H 1129 2.24 70.04 -65.31
N PRO H 1130 1.24 69.18 -65.58
CA PRO H 1130 0.18 69.59 -66.52
C PRO H 1130 -0.57 70.83 -66.07
N GLU H 1131 -0.81 70.97 -64.76
CA GLU H 1131 -1.49 72.15 -64.27
C GLU H 1131 -0.62 73.39 -64.40
N LEU H 1132 0.68 73.25 -64.12
CA LEU H 1132 1.59 74.38 -64.26
C LEU H 1132 1.64 74.86 -65.71
N ASP H 1133 1.73 73.93 -66.65
CA ASP H 1133 1.77 74.32 -68.06
C ASP H 1133 0.47 74.98 -68.48
N SER H 1134 -0.67 74.45 -68.02
CA SER H 1134 -1.97 75.00 -68.38
C SER H 1134 -2.27 76.25 -67.58
N ASP I 1 -69.98 -68.87 -31.04
CA ASP I 1 -69.16 -69.04 -32.28
C ASP I 1 -69.92 -69.85 -33.32
N ILE I 2 -69.19 -70.52 -34.22
CA ILE I 2 -69.78 -71.31 -35.28
C ILE I 2 -69.16 -72.70 -35.25
N VAL I 3 -69.90 -73.67 -35.76
CA VAL I 3 -69.45 -75.07 -35.82
C VAL I 3 -68.74 -75.29 -37.15
N MET I 4 -67.77 -76.20 -37.15
CA MET I 4 -67.03 -76.58 -38.35
C MET I 4 -67.28 -78.05 -38.63
N THR I 5 -67.66 -78.37 -39.86
CA THR I 5 -67.95 -79.74 -40.27
C THR I 5 -67.21 -80.07 -41.56
N GLN I 6 -66.82 -81.32 -41.70
CA GLN I 6 -66.10 -81.79 -42.88
C GLN I 6 -66.95 -82.82 -43.63
N THR I 7 -67.01 -82.69 -44.95
CA THR I 7 -67.81 -83.57 -45.78
C THR I 7 -67.11 -84.90 -46.02
N PRO I 8 -65.86 -84.92 -46.47
CA PRO I 8 -65.23 -86.19 -46.84
C PRO I 8 -64.46 -86.83 -45.69
N LEU I 9 -64.61 -88.15 -45.58
CA LEU I 9 -63.84 -88.92 -44.61
C LEU I 9 -62.39 -89.13 -45.06
N SER I 10 -62.17 -89.26 -46.36
CA SER I 10 -60.84 -89.47 -46.91
C SER I 10 -60.78 -88.87 -48.31
N SER I 11 -59.56 -88.63 -48.78
CA SER I 11 -59.35 -88.02 -50.09
C SER I 11 -58.08 -88.55 -50.73
N PRO I 12 -58.17 -89.39 -51.75
CA PRO I 12 -56.95 -89.85 -52.43
C PRO I 12 -56.28 -88.71 -53.20
N VAL I 13 -54.98 -88.86 -53.41
CA VAL I 13 -54.16 -87.85 -54.08
C VAL I 13 -53.31 -88.53 -55.13
N THR I 14 -52.99 -87.79 -56.18
CA THR I 14 -52.09 -88.23 -57.24
C THR I 14 -51.06 -87.14 -57.50
N LEU I 15 -49.84 -87.56 -57.85
CA LEU I 15 -48.75 -86.61 -58.02
C LEU I 15 -49.07 -85.61 -59.12
N GLY I 16 -48.84 -84.33 -58.82
CA GLY I 16 -49.00 -83.28 -59.81
C GLY I 16 -50.43 -82.93 -60.11
N GLN I 17 -51.19 -82.49 -59.10
CA GLN I 17 -52.55 -82.03 -59.32
C GLN I 17 -53.07 -81.33 -58.08
N PRO I 18 -53.78 -80.20 -58.22
CA PRO I 18 -54.30 -79.51 -57.04
C PRO I 18 -55.46 -80.26 -56.41
N ALA I 19 -55.81 -79.81 -55.19
CA ALA I 19 -56.90 -80.41 -54.44
C ALA I 19 -57.79 -79.32 -53.87
N SER I 20 -58.70 -79.68 -52.95
CA SER I 20 -59.56 -78.71 -52.30
C SER I 20 -60.27 -79.38 -51.15
N ILE I 21 -60.64 -78.58 -50.15
CA ILE I 21 -61.35 -79.06 -48.96
C ILE I 21 -62.46 -78.07 -48.64
N SER I 22 -63.63 -78.59 -48.30
CA SER I 22 -64.79 -77.79 -47.92
C SER I 22 -65.03 -77.95 -46.42
N CYS I 23 -65.19 -76.83 -45.72
CA CYS I 23 -65.42 -76.80 -44.29
C CYS I 23 -66.75 -76.09 -44.04
N ARG I 24 -67.82 -76.87 -43.90
CA ARG I 24 -69.14 -76.31 -43.70
C ARG I 24 -69.25 -75.62 -42.34
N SER I 25 -69.99 -74.51 -42.32
CA SER I 25 -70.22 -73.74 -41.11
C SER I 25 -71.71 -73.52 -40.94
N SER I 26 -72.21 -73.73 -39.72
CA SER I 26 -73.65 -73.60 -39.48
C SER I 26 -74.11 -72.16 -39.70
N GLN I 27 -73.36 -71.19 -39.19
CA GLN I 27 -73.67 -69.77 -39.34
C GLN I 27 -72.50 -69.06 -40.00
N SER I 28 -72.64 -67.74 -40.16
CA SER I 28 -71.60 -66.94 -40.78
C SER I 28 -70.38 -66.84 -39.88
N LEU I 29 -69.20 -66.85 -40.49
CA LEU I 29 -67.94 -66.76 -39.78
C LEU I 29 -67.38 -65.33 -39.73
N VAL I 30 -68.14 -64.35 -40.20
CA VAL I 30 -67.64 -62.99 -40.26
C VAL I 30 -67.35 -62.47 -38.86
N HIS I 31 -66.22 -61.81 -38.71
CA HIS I 31 -65.82 -61.24 -37.43
C HIS I 31 -66.58 -59.93 -37.17
N SER I 32 -66.55 -59.48 -35.92
CA SER I 32 -67.25 -58.25 -35.56
C SER I 32 -66.67 -57.05 -36.29
N ASP I 33 -65.34 -56.98 -36.41
CA ASP I 33 -64.69 -55.87 -37.08
C ASP I 33 -64.96 -55.85 -38.58
N GLY I 34 -65.44 -56.95 -39.16
CA GLY I 34 -65.69 -57.04 -40.58
C GLY I 34 -64.64 -57.81 -41.35
N ASN I 35 -63.48 -58.08 -40.76
CA ASN I 35 -62.44 -58.86 -41.40
C ASN I 35 -62.55 -60.31 -40.97
N THR I 36 -62.59 -61.22 -41.93
CA THR I 36 -62.83 -62.63 -41.67
C THR I 36 -61.52 -63.38 -41.47
N TYR I 37 -61.45 -64.14 -40.38
CA TYR I 37 -60.28 -64.92 -40.04
C TYR I 37 -60.68 -66.36 -39.77
N LEU I 38 -59.78 -67.29 -40.09
CA LEU I 38 -60.00 -68.70 -39.84
C LEU I 38 -58.66 -69.41 -39.90
N SER I 39 -58.52 -70.48 -39.10
CA SER I 39 -57.29 -71.24 -39.03
C SER I 39 -57.61 -72.71 -39.28
N TRP I 40 -56.99 -73.29 -40.29
CA TRP I 40 -57.11 -74.72 -40.56
C TRP I 40 -55.74 -75.35 -40.42
N LEU I 41 -55.67 -76.43 -39.65
CA LEU I 41 -54.42 -77.05 -39.24
C LEU I 41 -54.26 -78.41 -39.90
N GLN I 42 -53.02 -78.71 -40.30
CA GLN I 42 -52.63 -80.03 -40.75
C GLN I 42 -51.68 -80.63 -39.72
N GLN I 43 -51.83 -81.93 -39.47
CA GLN I 43 -51.10 -82.62 -38.42
C GLN I 43 -50.43 -83.83 -39.02
N ARG I 44 -49.11 -83.79 -39.11
CA ARG I 44 -48.35 -84.92 -39.62
C ARG I 44 -48.54 -86.13 -38.71
N PRO I 45 -48.49 -87.35 -39.27
CA PRO I 45 -48.73 -88.54 -38.44
C PRO I 45 -47.83 -88.57 -37.22
N GLY I 46 -48.43 -88.67 -36.05
CA GLY I 46 -47.67 -88.71 -34.81
C GLY I 46 -46.99 -87.41 -34.45
N GLN I 47 -47.50 -86.29 -34.93
CA GLN I 47 -46.91 -84.98 -34.72
C GLN I 47 -47.98 -84.02 -34.24
N PRO I 48 -47.60 -82.90 -33.62
CA PRO I 48 -48.60 -81.93 -33.19
C PRO I 48 -49.25 -81.26 -34.38
N PRO I 49 -50.50 -80.80 -34.24
CA PRO I 49 -51.13 -80.09 -35.36
C PRO I 49 -50.32 -78.86 -35.75
N ARG I 50 -50.24 -78.62 -37.06
CA ARG I 50 -49.54 -77.46 -37.61
C ARG I 50 -50.54 -76.52 -38.25
N LEU I 51 -50.52 -75.26 -37.83
CA LEU I 51 -51.39 -74.24 -38.40
C LEU I 51 -50.83 -73.83 -39.76
N LEU I 52 -51.59 -74.10 -40.82
CA LEU I 52 -51.15 -73.76 -42.17
C LEU I 52 -51.45 -72.31 -42.50
N ILE I 53 -52.69 -71.87 -42.27
CA ILE I 53 -53.12 -70.51 -42.57
C ILE I 53 -53.75 -69.97 -41.29
N TYR I 54 -52.95 -69.28 -40.48
CA TYR I 54 -53.47 -68.73 -39.23
C TYR I 54 -54.65 -67.81 -39.47
N LYS I 55 -54.64 -67.08 -40.58
CA LYS I 55 -55.78 -66.29 -41.00
C LYS I 55 -55.85 -66.34 -42.51
N ILE I 56 -57.00 -66.74 -43.05
CA ILE I 56 -57.14 -67.07 -44.47
C ILE I 56 -56.50 -66.00 -45.34
N SER I 57 -56.42 -64.77 -44.83
CA SER I 57 -55.75 -63.71 -45.57
C SER I 57 -54.26 -64.01 -45.75
N ASN I 58 -53.61 -64.51 -44.71
CA ASN I 58 -52.17 -64.74 -44.72
C ASN I 58 -51.84 -66.11 -44.15
N ARG I 59 -50.80 -66.74 -44.69
CA ARG I 59 -50.43 -68.08 -44.26
C ARG I 59 -49.55 -68.02 -43.01
N PHE I 60 -49.65 -69.07 -42.20
CA PHE I 60 -48.86 -69.18 -40.98
C PHE I 60 -47.39 -69.44 -41.31
N SER I 61 -46.53 -69.14 -40.36
CA SER I 61 -45.10 -69.29 -40.55
C SER I 61 -44.74 -70.75 -40.81
N GLY I 62 -43.73 -70.96 -41.65
CA GLY I 62 -43.31 -72.32 -41.96
C GLY I 62 -44.35 -73.12 -42.70
N VAL I 63 -44.99 -72.52 -43.69
CA VAL I 63 -46.04 -73.18 -44.46
C VAL I 63 -45.76 -72.99 -45.95
N PRO I 64 -45.85 -74.05 -46.77
CA PRO I 64 -45.57 -73.88 -48.20
C PRO I 64 -46.50 -72.86 -48.84
N ASP I 65 -45.96 -72.10 -49.79
CA ASP I 65 -46.78 -71.14 -50.52
C ASP I 65 -47.74 -71.82 -51.49
N ARG I 66 -47.51 -73.09 -51.82
CA ARG I 66 -48.42 -73.79 -52.72
C ARG I 66 -49.82 -73.87 -52.13
N PHE I 67 -49.93 -74.08 -50.82
CA PHE I 67 -51.22 -74.11 -50.15
C PHE I 67 -51.79 -72.70 -50.12
N SER I 68 -52.93 -72.50 -50.79
CA SER I 68 -53.61 -71.21 -50.82
C SER I 68 -55.08 -71.41 -50.48
N GLY I 69 -55.60 -70.56 -49.60
CA GLY I 69 -56.96 -70.72 -49.12
C GLY I 69 -57.97 -69.85 -49.83
N SER I 70 -58.76 -70.45 -50.73
CA SER I 70 -59.86 -69.76 -51.39
C SER I 70 -61.11 -69.95 -50.52
N GLY I 71 -61.52 -68.87 -49.86
CA GLY I 71 -62.58 -68.96 -48.87
C GLY I 71 -63.95 -68.69 -49.45
N ALA I 72 -64.97 -69.24 -48.78
CA ALA I 72 -66.36 -69.02 -49.13
C ALA I 72 -67.18 -68.96 -47.85
N GLY I 73 -68.38 -68.39 -47.96
CA GLY I 73 -69.22 -68.22 -46.78
C GLY I 73 -69.61 -69.54 -46.16
N THR I 74 -70.46 -70.31 -46.85
CA THR I 74 -70.87 -71.61 -46.35
C THR I 74 -69.79 -72.66 -46.56
N ASP I 75 -69.07 -72.60 -47.67
CA ASP I 75 -68.08 -73.58 -48.06
C ASP I 75 -66.68 -73.02 -47.89
N PHE I 76 -65.68 -73.83 -48.25
CA PHE I 76 -64.29 -73.41 -48.25
C PHE I 76 -63.54 -74.23 -49.29
N THR I 77 -62.35 -73.76 -49.65
CA THR I 77 -61.54 -74.42 -50.66
C THR I 77 -60.08 -74.12 -50.43
N LEU I 78 -59.23 -75.08 -50.82
CA LEU I 78 -57.79 -74.89 -50.81
C LEU I 78 -57.25 -75.30 -52.17
N LYS I 79 -56.10 -74.75 -52.52
CA LYS I 79 -55.44 -75.02 -53.79
C LYS I 79 -53.96 -75.28 -53.55
N ILE I 80 -53.44 -76.33 -54.18
CA ILE I 80 -52.05 -76.74 -54.00
C ILE I 80 -51.44 -76.93 -55.38
N SER I 81 -50.29 -76.28 -55.61
CA SER I 81 -49.60 -76.45 -56.87
C SER I 81 -49.11 -77.89 -57.03
N ARG I 82 -48.54 -78.47 -55.97
CA ARG I 82 -48.04 -79.82 -55.99
C ARG I 82 -48.42 -80.51 -54.68
N VAL I 83 -48.55 -81.83 -54.73
CA VAL I 83 -48.96 -82.63 -53.57
C VAL I 83 -47.74 -83.34 -53.01
N GLU I 84 -47.58 -83.28 -51.69
CA GLU I 84 -46.47 -83.90 -51.01
C GLU I 84 -46.98 -85.03 -50.13
N ALA I 85 -46.19 -86.11 -50.05
CA ALA I 85 -46.64 -87.31 -49.34
C ALA I 85 -46.89 -87.02 -47.86
N GLU I 86 -45.97 -86.32 -47.21
CA GLU I 86 -46.11 -86.11 -45.78
C GLU I 86 -47.32 -85.27 -45.43
N ASP I 87 -47.84 -84.49 -46.37
CA ASP I 87 -48.99 -83.63 -46.07
C ASP I 87 -50.16 -84.43 -45.55
N VAL I 88 -50.24 -85.71 -45.91
CA VAL I 88 -51.28 -86.57 -45.36
C VAL I 88 -51.21 -86.56 -43.84
N GLY I 89 -52.38 -86.52 -43.21
CA GLY I 89 -52.44 -86.47 -41.77
C GLY I 89 -53.81 -86.00 -41.31
N VAL I 90 -53.86 -85.58 -40.05
CA VAL I 90 -55.11 -85.18 -39.42
C VAL I 90 -55.36 -83.70 -39.71
N TYR I 91 -56.50 -83.39 -40.32
CA TYR I 91 -56.81 -82.04 -40.74
C TYR I 91 -58.01 -81.49 -39.98
N TYR I 92 -57.92 -80.23 -39.58
CA TYR I 92 -58.98 -79.55 -38.87
C TYR I 92 -59.19 -78.16 -39.48
N CYS I 93 -60.40 -77.64 -39.35
CA CYS I 93 -60.71 -76.25 -39.64
C CYS I 93 -61.39 -75.63 -38.43
N MET I 94 -61.08 -74.36 -38.15
CA MET I 94 -61.53 -73.71 -36.93
C MET I 94 -61.67 -72.22 -37.19
N GLN I 95 -62.89 -71.71 -37.07
CA GLN I 95 -63.08 -70.26 -37.07
C GLN I 95 -62.40 -69.66 -35.85
N VAL I 96 -61.75 -68.51 -36.03
CA VAL I 96 -61.05 -67.84 -34.95
C VAL I 96 -61.80 -66.56 -34.60
N THR I 97 -63.12 -66.59 -34.79
CA THR I 97 -63.93 -65.40 -34.56
C THR I 97 -64.22 -65.21 -33.07
N GLN I 98 -64.79 -66.24 -32.43
CA GLN I 98 -65.23 -66.14 -31.04
C GLN I 98 -64.61 -67.28 -30.23
N PHE I 99 -64.51 -67.05 -28.92
CA PHE I 99 -63.77 -67.92 -28.00
C PHE I 99 -64.39 -69.29 -27.78
N PRO I 100 -65.72 -69.47 -27.89
CA PRO I 100 -66.27 -70.81 -27.58
C PRO I 100 -65.62 -71.93 -28.38
N TYR I 101 -65.34 -71.69 -29.66
CA TYR I 101 -64.58 -72.64 -30.48
C TYR I 101 -65.22 -74.03 -30.47
N THR I 102 -66.42 -74.08 -31.03
CA THR I 102 -67.08 -75.37 -31.27
C THR I 102 -66.28 -76.13 -32.32
N PHE I 103 -65.66 -77.24 -31.90
CA PHE I 103 -64.70 -77.98 -32.76
C PHE I 103 -65.30 -79.24 -33.40
N GLY I 104 -65.12 -79.39 -34.71
CA GLY I 104 -65.49 -80.61 -35.41
C GLY I 104 -64.41 -81.68 -35.28
N GLN I 105 -64.71 -82.85 -35.85
CA GLN I 105 -63.77 -83.97 -35.75
C GLN I 105 -62.57 -83.79 -36.67
N GLY I 106 -62.79 -83.31 -37.90
CA GLY I 106 -61.71 -83.07 -38.84
C GLY I 106 -61.69 -84.10 -39.95
N THR I 107 -60.74 -83.90 -40.86
CA THR I 107 -60.58 -84.73 -42.05
C THR I 107 -59.23 -85.46 -42.00
N LYS I 108 -59.17 -86.58 -42.70
CA LYS I 108 -57.96 -87.40 -42.80
C LYS I 108 -57.72 -87.72 -44.27
N LEU I 109 -56.78 -87.02 -44.89
CA LEU I 109 -56.44 -87.27 -46.28
C LEU I 109 -55.75 -88.62 -46.44
N GLU I 110 -55.77 -89.14 -47.66
CA GLU I 110 -55.20 -90.44 -47.96
C GLU I 110 -54.46 -90.38 -49.29
N ILE I 111 -53.61 -91.38 -49.52
CA ILE I 111 -52.87 -91.52 -50.77
C ILE I 111 -53.63 -92.47 -51.69
N LYS I 112 -53.64 -92.15 -52.98
CA LYS I 112 -54.29 -93.03 -53.95
C LYS I 112 -53.47 -94.30 -54.12
N ARG I 113 -54.15 -95.44 -54.05
CA ARG I 113 -53.48 -96.74 -54.16
C ARG I 113 -54.32 -97.72 -54.97
#